data_8YB6
#
_entry.id   8YB6
#
_cell.length_a   1.00
_cell.length_b   1.00
_cell.length_c   1.00
_cell.angle_alpha   90.00
_cell.angle_beta   90.00
_cell.angle_gamma   90.00
#
_symmetry.space_group_name_H-M   'P 1'
#
loop_
_entity.id
_entity.type
_entity.pdbx_description
1 polymer 'CRISPR system Cascade subunit CasD'
2 polymer 'CRISPR-associated endoribonuclease Cse3'
3 polymer '61-nt crRNA'
4 polymer 'CRISPR system Cascade subunit CasC'
5 polymer 'CRISPR-associated protein Cse1 (CRISPR_cse1)'
6 polymer 'CRISPR-associated protein Cse2 (CRISPR_cse2)'
7 non-polymer 'ZINC ION'
#
loop_
_entity_poly.entity_id
_entity_poly.type
_entity_poly.pdbx_seq_one_letter_code
_entity_poly.pdbx_strand_id
1 'polypeptide(L)'
;MSAPPNTLFLRLEGALQSWGSNEAKFALRRTADAPTKSGVLGLLCAAMGIGRAEAADSWLPKLANLRMGVRIDRPGIRWW
DFHTVGAGQRMRMAELKAPKKPSMVGAALAETLTPSKVKTRAETLLSRREYLADASFLVALQGEPELVAKLSAALAKPVW
AIYLGRKSCPPSRPVCEHPPGFYNTLEEALSAVPLQKRWHNEPLPQILPCVMDWIPGYDGEHAPDDAEIHYDLPVSFQPP
RHLPRFVIRRELVVGEDVQVSRETGTSVWRPKGTRADYNNSEYKKVRAERLVMDHAACMVCKAPATTVQHVNYRRAGGKE
IPEDLRALCRLCHDACTMLEYGSGMTTNRIDPCDPIWRERILAKRKEIVEFRSRGQRFRKMKPEEENG
;
A
2 'polypeptide(L)'
;MIYLSRLLIDTGGNPDRPRPGRKWLDNIYNVHRRLSMAFPSGLRREQDPHFLKPFSPNDFQKTPFLFRVDNNIDGNDKRA
IIIVQSVLEPDWDYCFQNALDFLAAPPETKEYNPEFKAGQLLRFRLRVNASVRRHIPEMVQQDGQTIETGKILHKRVSLT
WDASSTPDQALADWLAAKSPKLGFTLQRCELLQLGWVYGSKPEPKNVKVKEQGQGYWREHKYNPLRFRAALLEGVLEVDD
PKLFLKTLSSGIGKAKSFGFGLLSVLPIRNDG
;
B
3 'polyribonucleotide' GUGAACCGGAGAAGUCAUUUAAUAAGGCCACUGUUAAAAAGUAUUCCCCACGCAUGUGGGG C
4 'polypeptide(L)'
;MLIEIHMIQNHSPANLNRDDLGAPKTCYFGGVLRSRISSQCIKRSIRTSNDFKALLGGVRTRRLADLIQQEAGETECWKK
AQEILNKCGFKNKDDNTKMLVFMSKDKIKDLARIVLDNSLGLTEAAQQVANVIAQATLAPDIALCGRMLEPNDKDKDKKV
KWSNTTVEAALQVAHAISTHIARPEIDYFVAADDVPGEDAGAGHIGESMFASACFYKYFSIDWEQLVKNLKGDTNLAAHT
VGAFLLAAAKTNPSGKQNSFAAHNYPDGILVEFKNSPISYANAFVRPVSVVKESDLVEQSIGQLSNYVNDIRLGYYDEQS
PVIGFWFSPNNRYPLGYKHSKLASRNIGNLNELVGAVLDYIGGFKWEEVQKSKAYIGG
;
D,E,F,G,H,I
5 'polypeptide(L)'
;MYCAAVCFPQTKYQQRGTALKKPLVGLRKMGVEAAAWNTLKVTRDRPKLTFPDLITPQSKFLDNDLWLKYKVPIEQKEHV
MYNLLCDNWVNVVYLSGKPDRISLVQTLKDAHCLQLAYSNPMDRFTVFRFLLALGYWCFANTNVEPEPDKPLPVSWIPWL
EENKEYFELFGDGKRFFQADPSSRIRAITDLIHEIPTAHNLCHFKHVTDYIDGLCEACCIKGLLRLPVFTTVGGRGIGAG
INNTPPFYLLWHANDLAGMLAQNWQPWDNMGIPAWLGSFQKESREVGLLAGMTWLPRKVYLHDPVPGQAACCSCGLPSEA
LVYSCSIEVEPVPKGLEWKDPHGVYTDQGKSLQSKIKLMSNDRYTFADRDWYSPLFSYLHAEGNSRQGKLWLVGFASDKA
KSIDIWDKIIELEGTDTNDELLAQLANRATALNAMRKKPLRGDFKKSVGTPQIADIIPHAENRIAINAGKMTENRGYSWQ
DADTEYGELLTKVAYSLEPAQTVDARLKRGNFISRKPWPIIPESKTKPAEGDQNE
;
J
6 'polypeptide(L)'
;MNRGTVDFIASLENLKEGDLGILRKLRGARLDEKLPGFDLFSALWWPLRQKNQRAPKREVAWLIAKLFAEFRFEQREGAT
LPILMGGICRKLEPKKELPRVLARFDQLASLDIMQMEEPLSVIMGILRKHQQVCLDWVGLTDVLSFWEQEPVKREWSDSF
IKAYKINKEDSDVD
;
K
#
# COMPACT_ATOMS: atom_id res chain seq x y z
N ALA A 3 66.07 5.08 -23.11
CA ALA A 3 66.71 4.15 -22.19
C ALA A 3 66.13 2.75 -22.34
N PRO A 4 67.00 1.74 -22.42
CA PRO A 4 66.53 0.35 -22.51
C PRO A 4 65.81 -0.05 -21.24
N PRO A 5 64.75 -0.86 -21.35
CA PRO A 5 64.05 -1.32 -20.14
C PRO A 5 64.93 -2.20 -19.27
N ASN A 6 64.68 -2.15 -17.96
CA ASN A 6 65.43 -2.92 -16.99
C ASN A 6 64.57 -3.91 -16.23
N THR A 7 63.42 -3.46 -15.72
CA THR A 7 62.52 -4.30 -14.96
C THR A 7 61.26 -4.58 -15.75
N LEU A 8 60.50 -5.55 -15.26
CA LEU A 8 59.24 -5.98 -15.86
C LEU A 8 58.21 -6.13 -14.75
N PHE A 9 56.99 -5.68 -15.03
CA PHE A 9 55.91 -5.66 -14.05
C PHE A 9 54.84 -6.66 -14.42
N LEU A 10 54.38 -7.42 -13.42
CA LEU A 10 53.31 -8.39 -13.58
C LEU A 10 52.26 -8.12 -12.52
N ARG A 11 50.99 -8.05 -12.93
CA ARG A 11 49.87 -7.87 -12.02
C ARG A 11 49.14 -9.20 -11.90
N LEU A 12 49.06 -9.72 -10.67
CA LEU A 12 48.39 -10.98 -10.41
C LEU A 12 47.21 -10.73 -9.47
N GLU A 13 46.00 -10.78 -10.02
CA GLU A 13 44.80 -10.51 -9.25
C GLU A 13 43.63 -11.27 -9.86
N GLY A 14 42.92 -12.02 -9.04
CA GLY A 14 41.75 -12.75 -9.48
C GLY A 14 40.82 -12.99 -8.33
N ALA A 15 39.66 -13.55 -8.64
CA ALA A 15 38.70 -13.90 -7.60
C ALA A 15 39.25 -14.99 -6.68
N LEU A 16 39.92 -15.99 -7.27
CA LEU A 16 40.60 -17.03 -6.50
C LEU A 16 41.97 -17.26 -7.13
N GLN A 17 42.96 -17.57 -6.29
CA GLN A 17 44.29 -17.92 -6.75
C GLN A 17 44.99 -18.69 -5.65
N SER A 18 46.02 -19.45 -6.03
CA SER A 18 46.70 -20.31 -5.06
C SER A 18 48.11 -20.59 -5.56
N TRP A 19 49.10 -20.21 -4.76
CA TRP A 19 50.50 -20.47 -5.06
C TRP A 19 51.01 -21.50 -4.04
N GLY A 20 51.09 -22.75 -4.46
CA GLY A 20 51.37 -23.84 -3.54
C GLY A 20 52.78 -23.78 -2.96
N SER A 21 52.96 -24.49 -1.85
CA SER A 21 54.20 -24.50 -1.10
C SER A 21 54.67 -25.94 -0.92
N ASN A 22 55.83 -26.11 -0.29
CA ASN A 22 56.41 -27.44 -0.11
C ASN A 22 55.75 -28.24 0.99
N GLU A 23 55.01 -27.60 1.89
CA GLU A 23 54.33 -28.32 2.96
C GLU A 23 53.13 -29.11 2.46
N ALA A 24 52.72 -28.92 1.21
CA ALA A 24 51.65 -29.70 0.60
C ALA A 24 52.25 -31.00 0.07
N LYS A 25 52.07 -32.09 0.80
CA LYS A 25 52.74 -33.33 0.44
C LYS A 25 51.80 -34.48 0.12
N PHE A 26 50.71 -34.67 0.89
CA PHE A 26 49.85 -35.82 0.67
C PHE A 26 48.46 -35.45 0.16
N ALA A 27 47.69 -34.70 0.94
CA ALA A 27 46.33 -34.36 0.53
C ALA A 27 46.03 -32.88 0.68
N LEU A 28 46.52 -32.28 1.76
CA LEU A 28 46.24 -30.87 2.04
C LEU A 28 47.19 -29.99 1.24
N ARG A 29 46.64 -29.14 0.38
CA ARG A 29 47.42 -28.26 -0.47
C ARG A 29 47.24 -26.83 -0.01
N ARG A 30 48.34 -26.15 0.29
CA ARG A 30 48.31 -24.86 0.94
C ARG A 30 49.05 -23.82 0.09
N THR A 31 48.46 -22.63 -0.01
CA THR A 31 49.16 -21.48 -0.56
C THR A 31 50.11 -20.92 0.50
N ALA A 32 51.19 -20.29 0.06
CA ALA A 32 52.11 -19.83 1.09
C ALA A 32 51.67 -18.49 1.67
N ASP A 33 51.94 -17.38 0.96
CA ASP A 33 51.23 -16.13 1.19
C ASP A 33 51.21 -15.23 -0.03
N ALA A 34 51.85 -15.62 -1.12
CA ALA A 34 52.31 -14.69 -2.14
C ALA A 34 52.92 -15.49 -3.29
N PRO A 35 52.99 -14.93 -4.49
CA PRO A 35 53.62 -15.65 -5.60
C PRO A 35 55.08 -15.96 -5.32
N THR A 36 55.50 -17.14 -5.76
CA THR A 36 56.87 -17.61 -5.61
C THR A 36 57.62 -17.45 -6.93
N LYS A 37 58.95 -17.58 -6.86
CA LYS A 37 59.75 -17.47 -8.07
C LYS A 37 59.47 -18.61 -9.04
N SER A 38 59.33 -19.83 -8.53
CA SER A 38 59.01 -20.96 -9.38
C SER A 38 57.61 -20.84 -9.96
N GLY A 39 56.69 -20.19 -9.23
CA GLY A 39 55.35 -20.01 -9.75
C GLY A 39 55.29 -19.06 -10.92
N VAL A 40 55.91 -17.88 -10.79
CA VAL A 40 55.89 -16.90 -11.87
C VAL A 40 56.75 -17.35 -13.03
N LEU A 41 57.81 -18.11 -12.77
CA LEU A 41 58.59 -18.71 -13.86
C LEU A 41 58.04 -20.06 -14.26
N GLY A 42 56.72 -20.18 -14.31
CA GLY A 42 56.04 -21.17 -15.11
C GLY A 42 55.03 -20.42 -15.93
N LEU A 43 54.58 -19.29 -15.36
CA LEU A 43 53.72 -18.37 -16.10
C LEU A 43 54.47 -17.75 -17.27
N LEU A 44 55.71 -17.31 -17.03
CA LEU A 44 56.51 -16.78 -18.12
C LEU A 44 56.86 -17.85 -19.14
N CYS A 45 57.12 -19.08 -18.68
CA CYS A 45 57.45 -20.16 -19.60
C CYS A 45 56.25 -20.55 -20.45
N ALA A 46 55.05 -20.56 -19.88
CA ALA A 46 53.84 -20.82 -20.64
C ALA A 46 53.46 -19.63 -21.52
N ALA A 47 53.96 -18.44 -21.21
CA ALA A 47 53.72 -17.30 -22.09
C ALA A 47 54.48 -17.43 -23.40
N MET A 48 55.73 -17.89 -23.35
CA MET A 48 56.51 -18.08 -24.58
C MET A 48 56.44 -19.51 -25.10
N GLY A 49 55.52 -20.32 -24.60
CA GLY A 49 55.26 -21.62 -25.17
C GLY A 49 56.38 -22.63 -25.07
N ILE A 50 57.02 -22.71 -23.91
CA ILE A 50 58.09 -23.68 -23.66
C ILE A 50 57.51 -24.81 -22.82
N GLY A 51 57.61 -26.03 -23.31
CA GLY A 51 57.04 -27.17 -22.64
C GLY A 51 57.80 -27.54 -21.36
N ARG A 52 57.28 -28.55 -20.68
CA ARG A 52 57.92 -29.01 -19.44
C ARG A 52 59.31 -29.58 -19.72
N ALA A 53 59.45 -30.38 -20.77
CA ALA A 53 60.77 -30.71 -21.28
C ALA A 53 61.29 -29.55 -22.12
N GLU A 54 62.60 -29.57 -22.36
CA GLU A 54 63.36 -28.59 -23.13
C GLU A 54 63.45 -27.23 -22.43
N ALA A 55 62.78 -27.06 -21.29
CA ALA A 55 62.87 -25.81 -20.54
C ALA A 55 63.92 -25.87 -19.44
N ALA A 56 64.17 -27.05 -18.89
CA ALA A 56 65.13 -27.18 -17.79
C ALA A 56 66.55 -26.91 -18.27
N ASP A 57 66.92 -27.42 -19.44
CA ASP A 57 68.30 -27.35 -19.89
C ASP A 57 68.68 -25.96 -20.42
N SER A 58 67.73 -25.27 -21.05
CA SER A 58 68.03 -24.01 -21.73
C SER A 58 67.33 -22.80 -21.10
N TRP A 59 66.00 -22.84 -21.00
CA TRP A 59 65.25 -21.62 -20.71
C TRP A 59 65.22 -21.30 -19.22
N LEU A 60 65.16 -22.32 -18.37
CA LEU A 60 65.12 -22.09 -16.93
C LEU A 60 66.38 -21.45 -16.35
N PRO A 61 67.61 -21.87 -16.69
CA PRO A 61 68.78 -21.20 -16.06
C PRO A 61 68.90 -19.72 -16.36
N LYS A 62 68.50 -19.29 -17.55
CA LYS A 62 68.54 -17.86 -17.86
C LYS A 62 67.43 -17.10 -17.15
N LEU A 63 66.24 -17.72 -17.05
CA LEU A 63 65.12 -17.06 -16.39
C LEU A 63 65.29 -17.03 -14.87
N ALA A 64 65.93 -18.05 -14.30
CA ALA A 64 66.16 -18.06 -12.86
C ALA A 64 67.20 -17.03 -12.44
N ASN A 65 67.98 -16.51 -13.38
CA ASN A 65 68.96 -15.45 -13.09
C ASN A 65 68.26 -14.09 -13.13
N LEU A 66 67.39 -13.88 -12.16
CA LEU A 66 66.61 -12.66 -12.05
C LEU A 66 66.41 -12.32 -10.58
N ARG A 67 66.10 -11.06 -10.32
CA ARG A 67 65.73 -10.60 -8.98
C ARG A 67 64.28 -10.11 -9.04
N MET A 68 63.43 -10.67 -8.20
CA MET A 68 62.01 -10.36 -8.23
C MET A 68 61.51 -10.03 -6.84
N GLY A 69 60.51 -9.16 -6.78
CA GLY A 69 59.89 -8.78 -5.53
C GLY A 69 58.41 -8.61 -5.69
N VAL A 70 57.67 -8.95 -4.65
CA VAL A 70 56.21 -8.96 -4.68
C VAL A 70 55.69 -7.98 -3.64
N ARG A 71 54.86 -7.04 -4.09
CA ARG A 71 54.11 -6.15 -3.21
C ARG A 71 52.68 -6.65 -3.09
N ILE A 72 52.15 -6.63 -1.87
CA ILE A 72 50.88 -7.27 -1.55
C ILE A 72 49.87 -6.19 -1.19
N ASP A 73 48.75 -6.14 -1.93
CA ASP A 73 47.60 -5.35 -1.53
C ASP A 73 46.36 -6.23 -1.58
N ARG A 74 45.41 -5.96 -0.68
CA ARG A 74 44.32 -6.87 -0.35
C ARG A 74 44.94 -8.22 0.00
N PRO A 75 45.49 -8.38 1.21
CA PRO A 75 46.33 -9.57 1.51
C PRO A 75 45.63 -10.90 1.34
N GLY A 76 44.32 -10.94 1.17
CA GLY A 76 43.64 -12.17 0.83
C GLY A 76 43.14 -12.92 2.05
N ILE A 77 42.04 -13.62 1.87
CA ILE A 77 41.44 -14.44 2.91
C ILE A 77 41.51 -15.89 2.45
N ARG A 78 42.13 -16.74 3.25
CA ARG A 78 42.30 -18.13 2.87
C ARG A 78 40.97 -18.87 2.97
N TRP A 79 40.59 -19.52 1.88
CA TRP A 79 39.37 -20.31 1.83
C TRP A 79 39.73 -21.74 1.46
N TRP A 80 39.11 -22.70 2.14
CA TRP A 80 39.40 -24.10 1.91
C TRP A 80 38.28 -24.76 1.12
N ASP A 81 38.66 -25.76 0.33
CA ASP A 81 37.77 -26.43 -0.61
C ASP A 81 37.90 -27.93 -0.43
N PHE A 82 36.76 -28.61 -0.28
CA PHE A 82 36.72 -30.06 -0.12
C PHE A 82 36.66 -30.68 -1.51
N HIS A 83 37.79 -31.16 -1.99
CA HIS A 83 37.93 -31.69 -3.34
C HIS A 83 38.00 -33.21 -3.29
N THR A 84 37.09 -33.88 -3.98
CA THR A 84 37.06 -35.33 -4.05
C THR A 84 37.40 -35.78 -5.46
N VAL A 85 38.27 -36.77 -5.56
CA VAL A 85 38.63 -37.39 -6.84
C VAL A 85 38.09 -38.81 -6.83
N GLY A 86 37.20 -39.10 -7.77
CA GLY A 86 36.57 -40.40 -7.83
C GLY A 86 37.40 -41.44 -8.55
N ALA A 87 38.01 -42.34 -7.79
CA ALA A 87 38.72 -43.47 -8.39
C ALA A 87 37.70 -44.46 -8.95
N GLY A 88 37.93 -44.92 -10.17
CA GLY A 88 36.93 -45.72 -10.85
C GLY A 88 36.05 -44.87 -11.74
N GLN A 89 34.90 -44.46 -11.22
CA GLN A 89 33.99 -43.57 -11.94
C GLN A 89 34.65 -42.23 -12.26
N LYS A 119 44.69 -51.33 -11.31
CA LYS A 119 43.85 -51.15 -10.14
C LYS A 119 42.46 -50.64 -10.53
N THR A 120 41.44 -51.07 -9.78
CA THR A 120 40.07 -50.66 -10.06
C THR A 120 39.26 -50.82 -8.78
N ARG A 121 38.62 -49.74 -8.34
CA ARG A 121 37.82 -49.76 -7.13
C ARG A 121 36.76 -48.67 -7.24
N ALA A 122 35.74 -48.77 -6.38
CA ALA A 122 34.71 -47.76 -6.28
C ALA A 122 35.04 -46.70 -5.23
N GLU A 123 36.29 -46.64 -4.78
CA GLU A 123 36.69 -45.74 -3.72
C GLU A 123 36.72 -44.30 -4.21
N THR A 124 36.60 -43.37 -3.27
CA THR A 124 36.70 -41.95 -3.52
C THR A 124 37.80 -41.36 -2.65
N LEU A 125 38.73 -40.65 -3.28
CA LEU A 125 39.80 -39.98 -2.56
C LEU A 125 39.36 -38.59 -2.15
N LEU A 126 39.66 -38.21 -0.92
CA LEU A 126 39.31 -36.90 -0.39
C LEU A 126 40.57 -36.07 -0.19
N SER A 127 40.43 -34.77 -0.39
CA SER A 127 41.53 -33.84 -0.16
C SER A 127 40.95 -32.46 0.10
N ARG A 128 41.79 -31.58 0.61
CA ARG A 128 41.42 -30.19 0.83
C ARG A 128 42.43 -29.29 0.15
N ARG A 129 41.94 -28.25 -0.51
CA ARG A 129 42.79 -27.33 -1.24
C ARG A 129 42.52 -25.90 -0.79
N GLU A 130 43.59 -25.12 -0.63
CA GLU A 130 43.49 -23.76 -0.12
C GLU A 130 43.62 -22.76 -1.28
N TYR A 131 42.83 -21.69 -1.20
CA TYR A 131 42.84 -20.64 -2.19
C TYR A 131 42.94 -19.30 -1.49
N LEU A 132 43.46 -18.31 -2.21
CA LEU A 132 43.55 -16.94 -1.71
C LEU A 132 42.46 -16.14 -2.37
N ALA A 133 41.47 -15.71 -1.60
CA ALA A 133 40.31 -15.00 -2.13
C ALA A 133 40.52 -13.50 -1.95
N ASP A 134 40.24 -12.74 -3.02
CA ASP A 134 40.33 -11.28 -3.04
C ASP A 134 41.75 -10.79 -2.68
N ALA A 135 42.69 -11.13 -3.56
CA ALA A 135 44.09 -10.79 -3.35
C ALA A 135 44.65 -10.07 -4.58
N SER A 136 45.70 -9.26 -4.37
CA SER A 136 46.39 -8.61 -5.47
C SER A 136 47.88 -8.55 -5.18
N PHE A 137 48.69 -8.94 -6.15
CA PHE A 137 50.13 -8.95 -6.03
C PHE A 137 50.76 -8.27 -7.22
N LEU A 138 51.79 -7.47 -6.96
CA LEU A 138 52.57 -6.82 -7.99
C LEU A 138 53.97 -7.41 -7.97
N VAL A 139 54.36 -8.06 -9.05
CA VAL A 139 55.66 -8.72 -9.16
C VAL A 139 56.55 -7.88 -10.05
N ALA A 140 57.77 -7.61 -9.59
CA ALA A 140 58.78 -6.91 -10.38
C ALA A 140 59.96 -7.83 -10.57
N LEU A 141 60.32 -8.08 -11.83
CA LEU A 141 61.48 -8.91 -12.17
C LEU A 141 62.49 -8.06 -12.91
N GLN A 142 63.70 -8.00 -12.38
CA GLN A 142 64.74 -7.12 -12.88
C GLN A 142 65.90 -7.95 -13.41
N GLY A 143 66.43 -7.56 -14.56
CA GLY A 143 67.58 -8.25 -15.13
C GLY A 143 68.12 -7.63 -16.40
N GLU A 144 68.48 -8.47 -17.35
CA GLU A 144 69.05 -8.01 -18.60
C GLU A 144 67.99 -7.28 -19.44
N PRO A 145 68.40 -6.24 -20.19
CA PRO A 145 67.40 -5.49 -20.98
C PRO A 145 66.70 -6.27 -22.08
N GLU A 146 67.43 -6.96 -22.96
CA GLU A 146 66.76 -7.60 -24.10
C GLU A 146 65.95 -8.81 -23.66
N LEU A 147 66.36 -9.49 -22.59
CA LEU A 147 65.55 -10.55 -22.02
C LEU A 147 64.23 -10.01 -21.50
N VAL A 148 64.26 -8.86 -20.83
CA VAL A 148 63.05 -8.22 -20.34
C VAL A 148 62.16 -7.81 -21.52
N ALA A 149 62.77 -7.28 -22.58
CA ALA A 149 62.00 -6.90 -23.76
C ALA A 149 61.33 -8.10 -24.41
N LYS A 150 62.04 -9.21 -24.52
CA LYS A 150 61.46 -10.44 -25.06
C LYS A 150 60.32 -10.94 -24.19
N LEU A 151 60.50 -10.90 -22.85
CA LEU A 151 59.45 -11.34 -21.94
C LEU A 151 58.21 -10.46 -22.06
N SER A 152 58.39 -9.14 -22.18
CA SER A 152 57.25 -8.25 -22.30
C SER A 152 56.56 -8.40 -23.65
N ALA A 153 57.32 -8.70 -24.70
CA ALA A 153 56.72 -8.95 -26.00
C ALA A 153 55.93 -10.24 -26.00
N ALA A 154 56.39 -11.25 -25.24
CA ALA A 154 55.67 -12.52 -25.17
C ALA A 154 54.37 -12.38 -24.37
N LEU A 155 54.35 -11.52 -23.36
CA LEU A 155 53.20 -11.43 -22.47
C LEU A 155 51.99 -10.73 -23.10
N ALA A 156 52.19 -9.95 -24.16
CA ALA A 156 51.06 -9.27 -24.80
C ALA A 156 50.16 -10.23 -25.57
N LYS A 157 50.69 -11.38 -25.98
CA LYS A 157 49.89 -12.41 -26.63
C LYS A 157 50.49 -13.75 -26.26
N PRO A 158 50.08 -14.33 -25.13
CA PRO A 158 50.67 -15.59 -24.67
C PRO A 158 50.35 -16.75 -25.60
N VAL A 159 51.31 -17.67 -25.70
CA VAL A 159 51.14 -18.84 -26.57
C VAL A 159 50.07 -19.77 -26.00
N TRP A 160 50.16 -20.06 -24.70
CA TRP A 160 49.26 -20.98 -24.03
C TRP A 160 48.40 -20.22 -23.02
N ALA A 161 47.49 -20.96 -22.37
CA ALA A 161 46.61 -20.34 -21.40
C ALA A 161 47.37 -19.94 -20.14
N ILE A 162 47.01 -18.79 -19.59
CA ILE A 162 47.70 -18.22 -18.44
C ILE A 162 46.73 -18.22 -17.26
N TYR A 163 47.13 -18.87 -16.16
CA TYR A 163 46.30 -18.87 -14.96
C TYR A 163 47.12 -18.41 -13.75
N LEU A 164 46.55 -18.52 -12.56
CA LEU A 164 47.22 -18.08 -11.34
C LEU A 164 47.40 -19.29 -10.43
N GLY A 165 48.50 -20.01 -10.63
CA GLY A 165 48.81 -21.17 -9.81
C GLY A 165 48.15 -22.44 -10.28
N ARG A 166 46.83 -22.49 -10.22
CA ARG A 166 46.06 -23.64 -10.67
C ARG A 166 45.17 -23.24 -11.84
N LYS A 167 44.90 -24.20 -12.72
CA LYS A 167 44.22 -23.91 -13.97
C LYS A 167 42.79 -23.45 -13.78
N SER A 168 42.21 -23.65 -12.59
CA SER A 168 40.86 -23.19 -12.29
C SER A 168 40.83 -21.76 -11.75
N CYS A 169 41.84 -20.95 -12.08
CA CYS A 169 41.96 -19.60 -11.53
C CYS A 169 42.48 -18.66 -12.60
N PRO A 170 41.58 -18.00 -13.33
CA PRO A 170 42.01 -17.06 -14.36
C PRO A 170 42.18 -15.66 -13.78
N PRO A 171 43.00 -14.82 -14.39
CA PRO A 171 43.18 -13.46 -13.88
C PRO A 171 41.95 -12.59 -14.09
N SER A 172 41.79 -11.61 -13.21
CA SER A 172 40.72 -10.62 -13.34
C SER A 172 41.19 -9.29 -13.92
N ARG A 173 42.49 -9.04 -13.91
CA ARG A 173 43.11 -7.90 -14.55
C ARG A 173 44.23 -8.39 -15.45
N PRO A 174 44.50 -7.69 -16.55
CA PRO A 174 45.55 -8.16 -17.47
C PRO A 174 46.92 -8.19 -16.81
N VAL A 175 47.69 -9.23 -17.12
CA VAL A 175 49.01 -9.37 -16.53
C VAL A 175 49.95 -8.31 -17.08
N CYS A 176 49.91 -8.05 -18.39
CA CYS A 176 50.69 -6.99 -19.00
C CYS A 176 49.88 -5.70 -18.92
N GLU A 177 49.91 -5.08 -17.73
CA GLU A 177 49.18 -3.86 -17.47
C GLU A 177 50.08 -2.66 -17.21
N HIS A 178 51.33 -2.87 -16.83
CA HIS A 178 52.23 -1.77 -16.49
C HIS A 178 53.46 -1.81 -17.39
N PRO A 179 53.95 -0.65 -17.83
CA PRO A 179 55.07 -0.64 -18.78
C PRO A 179 56.40 -0.82 -18.09
N PRO A 180 57.39 -1.34 -18.79
CA PRO A 180 58.75 -1.49 -18.21
C PRO A 180 59.47 -0.14 -18.14
N GLY A 181 60.74 -0.19 -17.77
CA GLY A 181 61.56 1.00 -17.74
C GLY A 181 62.94 0.71 -17.18
N PHE A 182 63.82 1.69 -17.33
CA PHE A 182 65.18 1.61 -16.81
C PHE A 182 65.21 2.12 -15.37
N TYR A 183 64.59 1.32 -14.50
CA TYR A 183 64.53 1.65 -13.08
C TYR A 183 65.77 1.11 -12.37
N ASN A 184 65.74 1.13 -11.05
CA ASN A 184 66.83 0.71 -10.19
C ASN A 184 66.38 -0.50 -9.38
N THR A 185 67.14 -0.81 -8.33
CA THR A 185 66.91 -1.97 -7.47
C THR A 185 65.47 -2.07 -6.97
N LEU A 186 65.08 -3.28 -6.55
CA LEU A 186 63.69 -3.71 -6.51
C LEU A 186 62.81 -2.81 -5.67
N GLU A 187 63.36 -2.17 -4.63
CA GLU A 187 62.58 -1.22 -3.84
C GLU A 187 62.18 -0.01 -4.67
N GLU A 188 63.05 0.42 -5.58
CA GLU A 188 62.70 1.50 -6.50
C GLU A 188 61.74 1.03 -7.58
N ALA A 189 61.84 -0.22 -8.01
CA ALA A 189 60.95 -0.74 -9.04
C ALA A 189 59.54 -1.01 -8.51
N LEU A 190 59.40 -1.25 -7.20
CA LEU A 190 58.10 -1.48 -6.59
C LEU A 190 57.49 -0.20 -6.03
N SER A 191 57.80 0.95 -6.64
CA SER A 191 57.24 2.22 -6.24
C SER A 191 56.63 3.03 -7.38
N ALA A 192 56.85 2.62 -8.63
CA ALA A 192 56.37 3.35 -9.80
C ALA A 192 55.02 2.84 -10.30
N VAL A 193 54.25 2.17 -9.44
CA VAL A 193 52.94 1.65 -9.80
C VAL A 193 51.94 2.22 -8.80
N PRO A 194 50.83 2.81 -9.25
CA PRO A 194 49.81 3.29 -8.32
C PRO A 194 49.00 2.15 -7.72
N LEU A 195 48.44 2.42 -6.55
CA LEU A 195 47.59 1.45 -5.85
C LEU A 195 46.14 1.69 -6.29
N GLN A 196 45.62 0.81 -7.14
CA GLN A 196 44.29 0.98 -7.69
C GLN A 196 43.22 0.69 -6.64
N LYS A 197 42.10 1.41 -6.74
CA LYS A 197 40.93 1.21 -5.91
C LYS A 197 39.77 0.73 -6.78
N ARG A 198 38.66 0.39 -6.13
CA ARG A 198 37.53 -0.18 -6.87
C ARG A 198 36.22 0.55 -6.64
N TRP A 199 35.94 1.01 -5.42
CA TRP A 199 34.74 1.79 -5.17
C TRP A 199 35.07 2.87 -4.14
N HIS A 200 34.06 3.67 -3.82
CA HIS A 200 34.29 4.93 -3.09
C HIS A 200 34.79 4.68 -1.67
N ASN A 201 34.10 3.83 -0.91
CA ASN A 201 34.42 3.61 0.49
C ASN A 201 35.29 2.38 0.70
N GLU A 202 36.07 1.98 -0.30
CA GLU A 202 37.01 0.86 -0.28
C GLU A 202 38.02 1.03 0.84
N PRO A 203 37.98 0.19 1.88
CA PRO A 203 38.99 0.30 2.95
C PRO A 203 40.38 -0.03 2.44
N LEU A 204 41.36 0.64 3.03
CA LEU A 204 42.74 0.56 2.57
C LEU A 204 43.67 0.23 3.74
N PRO A 205 44.78 -0.44 3.48
CA PRO A 205 45.80 -0.63 4.52
C PRO A 205 46.84 0.49 4.50
N GLN A 206 47.27 0.88 5.70
CA GLN A 206 48.33 1.87 5.80
C GLN A 206 49.69 1.29 5.46
N ILE A 207 49.87 -0.02 5.66
CA ILE A 207 51.13 -0.70 5.43
C ILE A 207 50.96 -1.68 4.28
N LEU A 208 51.95 -1.72 3.39
CA LEU A 208 52.00 -2.70 2.31
C LEU A 208 53.22 -3.58 2.50
N PRO A 209 53.08 -4.78 3.07
CA PRO A 209 54.24 -5.68 3.18
C PRO A 209 54.72 -6.11 1.82
N CYS A 210 56.04 -6.27 1.69
CA CYS A 210 56.64 -6.72 0.44
C CYS A 210 57.67 -7.79 0.74
N VAL A 211 57.79 -8.74 -0.19
CA VAL A 211 58.71 -9.86 -0.07
C VAL A 211 59.69 -9.80 -1.24
N MET A 212 60.99 -9.79 -0.92
CA MET A 212 62.02 -9.56 -1.91
C MET A 212 63.09 -10.63 -1.82
N ASP A 213 63.70 -10.93 -2.96
CA ASP A 213 64.84 -11.83 -2.99
C ASP A 213 66.06 -11.15 -2.35
N TRP A 214 66.90 -11.95 -1.71
CA TRP A 214 68.11 -11.43 -1.10
C TRP A 214 69.12 -11.03 -2.17
N ILE A 215 69.96 -10.05 -1.85
CA ILE A 215 70.86 -9.42 -2.80
C ILE A 215 72.30 -9.64 -2.33
N PRO A 216 73.18 -10.19 -3.15
CA PRO A 216 74.60 -10.29 -2.79
C PRO A 216 75.34 -8.96 -2.90
N GLY A 217 76.67 -9.00 -2.82
CA GLY A 217 77.45 -7.77 -2.88
C GLY A 217 78.72 -7.79 -2.05
N TYR A 218 78.99 -8.91 -1.39
CA TYR A 218 80.23 -9.26 -0.71
C TYR A 218 80.53 -8.42 0.53
N ASP A 219 79.74 -7.41 0.84
CA ASP A 219 79.82 -6.73 2.13
C ASP A 219 79.01 -7.48 3.17
N GLY A 220 77.72 -7.63 2.91
CA GLY A 220 76.91 -8.61 3.61
C GLY A 220 76.84 -9.90 2.83
N GLU A 221 77.99 -10.57 2.66
CA GLU A 221 78.04 -11.80 1.87
C GLU A 221 77.29 -12.94 2.54
N HIS A 222 77.24 -12.96 3.87
CA HIS A 222 76.49 -13.96 4.59
C HIS A 222 75.04 -13.51 4.75
N ALA A 223 74.15 -14.49 4.83
CA ALA A 223 72.73 -14.20 4.92
C ALA A 223 72.40 -13.52 6.25
N PRO A 224 71.53 -12.51 6.25
CA PRO A 224 71.22 -11.80 7.49
C PRO A 224 70.36 -12.61 8.45
N ASP A 225 70.11 -12.05 9.63
CA ASP A 225 69.35 -12.76 10.65
C ASP A 225 67.86 -12.81 10.34
N ASP A 226 67.32 -11.78 9.70
CA ASP A 226 65.89 -11.68 9.42
C ASP A 226 65.52 -12.25 8.06
N ALA A 227 66.30 -13.20 7.55
CA ALA A 227 66.05 -13.80 6.24
C ALA A 227 65.53 -15.21 6.41
N GLU A 228 64.38 -15.49 5.80
CA GLU A 228 63.80 -16.82 5.77
C GLU A 228 64.21 -17.54 4.49
N ILE A 229 63.94 -18.84 4.46
CA ILE A 229 64.36 -19.71 3.37
C ILE A 229 63.11 -20.27 2.69
N HIS A 230 63.04 -20.12 1.37
CA HIS A 230 61.93 -20.58 0.56
C HIS A 230 62.41 -21.57 -0.48
N TYR A 231 61.61 -22.61 -0.73
CA TYR A 231 62.00 -23.66 -1.67
C TYR A 231 61.34 -23.43 -3.04
N ASP A 232 61.74 -22.34 -3.69
CA ASP A 232 61.11 -21.93 -4.93
C ASP A 232 62.13 -21.51 -5.98
N LEU A 233 63.25 -22.22 -6.05
CA LEU A 233 64.18 -21.98 -7.15
C LEU A 233 64.02 -23.12 -8.15
N PRO A 234 63.34 -22.90 -9.27
CA PRO A 234 63.06 -24.03 -10.18
C PRO A 234 64.29 -24.42 -10.99
N VAL A 235 64.45 -25.73 -11.18
CA VAL A 235 65.46 -26.29 -12.07
C VAL A 235 64.82 -27.07 -13.21
N SER A 236 63.89 -27.96 -12.88
CA SER A 236 63.19 -28.77 -13.87
C SER A 236 61.72 -28.83 -13.51
N PHE A 237 60.90 -29.19 -14.51
CA PHE A 237 59.45 -29.15 -14.33
C PHE A 237 58.76 -30.49 -14.49
N GLN A 238 59.24 -31.37 -15.38
CA GLN A 238 58.51 -32.61 -15.55
C GLN A 238 58.84 -33.61 -14.44
N PRO A 239 60.10 -33.88 -14.10
CA PRO A 239 60.40 -34.37 -12.75
C PRO A 239 60.71 -33.20 -11.83
N PRO A 240 59.69 -32.55 -11.27
CA PRO A 240 59.85 -31.18 -10.73
C PRO A 240 60.94 -31.08 -9.67
N ARG A 241 61.81 -30.09 -9.85
CA ARG A 241 62.98 -29.91 -9.00
C ARG A 241 63.05 -28.47 -8.53
N HIS A 242 63.12 -28.29 -7.21
CA HIS A 242 63.19 -26.97 -6.62
C HIS A 242 64.34 -26.92 -5.62
N LEU A 243 64.94 -25.73 -5.52
CA LEU A 243 66.11 -25.46 -4.72
C LEU A 243 65.82 -24.30 -3.75
N PRO A 244 66.51 -24.27 -2.61
CA PRO A 244 66.25 -23.21 -1.63
C PRO A 244 66.69 -21.83 -2.13
N ARG A 245 66.02 -20.81 -1.62
CA ARG A 245 66.33 -19.43 -1.96
C ARG A 245 66.09 -18.56 -0.74
N PHE A 246 67.07 -17.76 -0.37
CA PHE A 246 66.94 -16.87 0.77
C PHE A 246 66.00 -15.72 0.45
N VAL A 247 65.09 -15.43 1.37
CA VAL A 247 64.00 -14.47 1.15
C VAL A 247 64.02 -13.45 2.28
N ILE A 248 63.96 -12.17 1.91
CA ILE A 248 63.90 -11.08 2.87
C ILE A 248 62.54 -10.40 2.78
N ARG A 249 62.18 -9.68 3.83
CA ARG A 249 60.89 -9.00 3.94
C ARG A 249 61.09 -7.55 4.28
N ARG A 250 60.30 -6.68 3.65
CA ARG A 250 60.31 -5.25 3.95
C ARG A 250 58.87 -4.76 3.96
N GLU A 251 58.69 -3.45 4.14
CA GLU A 251 57.37 -2.86 4.23
C GLU A 251 57.33 -1.54 3.47
N LEU A 252 56.12 -1.12 3.13
CA LEU A 252 55.88 0.15 2.47
C LEU A 252 54.66 0.81 3.08
N VAL A 253 54.57 2.13 2.95
CA VAL A 253 53.48 2.92 3.53
C VAL A 253 52.85 3.74 2.40
N VAL A 254 51.52 3.69 2.33
CA VAL A 254 50.80 4.45 1.30
C VAL A 254 50.91 5.94 1.58
N GLY A 255 51.10 6.72 0.51
CA GLY A 255 51.22 8.16 0.61
C GLY A 255 52.64 8.69 0.53
N GLU A 256 53.64 7.86 0.85
CA GLU A 256 55.03 8.27 0.76
C GLU A 256 55.81 7.52 -0.30
N ASP A 257 55.40 6.32 -0.68
CA ASP A 257 56.06 5.54 -1.71
C ASP A 257 55.13 5.17 -2.85
N VAL A 258 53.86 4.88 -2.56
CA VAL A 258 52.86 4.55 -3.56
C VAL A 258 51.68 5.50 -3.39
N GLN A 259 51.24 6.10 -4.50
CA GLN A 259 50.13 7.05 -4.48
C GLN A 259 48.85 6.33 -4.86
N VAL A 260 47.80 6.55 -4.06
CA VAL A 260 46.54 5.83 -4.26
C VAL A 260 45.84 6.37 -5.50
N SER A 261 45.48 5.46 -6.40
CA SER A 261 44.79 5.85 -7.64
C SER A 261 43.28 5.81 -7.45
N ARG A 262 42.53 5.91 -8.54
CA ARG A 262 41.08 5.92 -8.47
C ARG A 262 40.51 4.99 -9.52
N GLU A 263 39.31 4.48 -9.27
CA GLU A 263 38.67 3.57 -10.19
C GLU A 263 38.12 4.32 -11.39
N THR A 264 37.94 3.58 -12.49
CA THR A 264 37.41 4.13 -13.73
C THR A 264 36.10 3.42 -14.08
N GLY A 265 35.27 4.11 -14.85
CA GLY A 265 33.99 3.57 -15.22
C GLY A 265 32.95 3.69 -14.13
N THR A 266 31.86 2.94 -14.31
CA THR A 266 30.74 2.96 -13.37
C THR A 266 30.47 1.53 -12.89
N SER A 267 30.36 1.36 -11.58
CA SER A 267 30.15 0.03 -11.01
C SER A 267 28.67 -0.27 -10.79
N VAL A 268 27.99 0.55 -9.98
CA VAL A 268 26.59 0.29 -9.65
C VAL A 268 25.72 0.68 -10.83
N TRP A 269 24.86 -0.23 -11.27
CA TRP A 269 24.02 -0.05 -12.44
C TRP A 269 22.60 0.25 -11.99
N ARG A 270 21.99 1.29 -12.55
CA ARG A 270 20.62 1.63 -12.24
C ARG A 270 19.89 1.89 -13.55
N PRO A 271 18.59 1.58 -13.62
CA PRO A 271 17.80 1.97 -14.78
C PRO A 271 17.70 3.48 -14.88
N LYS A 272 17.54 3.96 -16.12
CA LYS A 272 17.49 5.39 -16.40
C LYS A 272 16.30 6.04 -15.70
N GLY A 273 15.09 5.67 -16.11
CA GLY A 273 13.86 6.09 -15.45
C GLY A 273 13.69 7.58 -15.28
N THR A 274 13.84 8.33 -16.37
CA THR A 274 13.88 9.79 -16.30
C THR A 274 12.46 10.31 -16.01
N ARG A 275 12.30 10.93 -14.85
CA ARG A 275 11.04 11.59 -14.52
C ARG A 275 10.84 12.79 -15.43
N ALA A 276 9.64 12.90 -16.01
CA ALA A 276 9.36 13.96 -16.96
C ALA A 276 9.35 15.32 -16.29
N ASP A 277 9.89 16.32 -16.97
CA ASP A 277 9.95 17.68 -16.48
C ASP A 277 9.19 18.59 -17.44
N TYR A 278 8.46 19.55 -16.87
CA TYR A 278 7.65 20.48 -17.65
C TYR A 278 8.12 21.92 -17.46
N ASN A 279 9.42 22.14 -17.28
CA ASN A 279 9.94 23.47 -17.06
C ASN A 279 11.16 23.83 -17.91
N ASN A 280 11.91 22.85 -18.41
CA ASN A 280 13.08 23.17 -19.22
C ASN A 280 12.67 23.60 -20.62
N SER A 281 13.60 24.26 -21.31
CA SER A 281 13.28 24.89 -22.59
C SER A 281 13.00 23.88 -23.68
N GLU A 282 13.75 22.76 -23.71
CA GLU A 282 13.62 21.80 -24.80
C GLU A 282 12.23 21.17 -24.82
N TYR A 283 11.72 20.78 -23.65
CA TYR A 283 10.37 20.23 -23.60
C TYR A 283 9.33 21.30 -23.92
N LYS A 284 9.57 22.54 -23.49
CA LYS A 284 8.62 23.61 -23.76
C LYS A 284 8.53 23.93 -25.25
N LYS A 285 9.61 23.68 -26.00
CA LYS A 285 9.54 23.85 -27.44
C LYS A 285 8.99 22.62 -28.14
N VAL A 286 9.31 21.42 -27.65
CA VAL A 286 8.77 20.20 -28.23
C VAL A 286 7.26 20.13 -28.07
N ARG A 287 6.76 20.59 -26.91
CA ARG A 287 5.33 20.59 -26.65
C ARG A 287 4.59 21.52 -27.61
N ALA A 288 5.14 22.71 -27.85
CA ALA A 288 4.53 23.64 -28.80
C ALA A 288 4.59 23.09 -30.23
N GLU A 289 5.71 22.43 -30.58
CA GLU A 289 5.81 21.81 -31.89
C GLU A 289 4.76 20.73 -32.08
N ARG A 290 4.52 19.92 -31.05
CA ARG A 290 3.45 18.92 -31.12
C ARG A 290 2.07 19.57 -31.18
N LEU A 291 1.88 20.66 -30.43
CA LEU A 291 0.59 21.37 -30.44
C LEU A 291 0.33 22.06 -31.78
N VAL A 292 1.36 22.25 -32.59
CA VAL A 292 1.12 22.69 -33.98
C VAL A 292 1.00 21.50 -34.93
N MET A 293 1.65 20.37 -34.61
CA MET A 293 1.53 19.18 -35.44
C MET A 293 0.10 18.67 -35.51
N ASP A 294 -0.61 18.70 -34.39
CA ASP A 294 -2.05 18.51 -34.35
C ASP A 294 -2.68 19.89 -34.31
N HIS A 295 -3.58 20.17 -35.26
CA HIS A 295 -3.99 21.56 -35.49
C HIS A 295 -4.89 22.10 -34.39
N ALA A 296 -4.33 22.25 -33.19
CA ALA A 296 -5.01 22.85 -32.03
C ALA A 296 -6.32 22.13 -31.70
N ALA A 297 -6.31 20.81 -31.82
CA ALA A 297 -7.49 20.00 -31.58
C ALA A 297 -7.13 18.83 -30.68
N CYS A 298 -7.98 18.58 -29.69
CA CYS A 298 -7.83 17.39 -28.85
C CYS A 298 -8.01 16.14 -29.70
N MET A 299 -7.31 15.07 -29.34
CA MET A 299 -7.25 13.93 -30.24
C MET A 299 -8.55 13.12 -30.25
N VAL A 300 -9.12 12.86 -29.09
CA VAL A 300 -10.26 11.96 -29.04
C VAL A 300 -11.59 12.70 -29.16
N CYS A 301 -11.77 13.81 -28.45
CA CYS A 301 -13.04 14.52 -28.47
C CYS A 301 -13.07 15.70 -29.44
N LYS A 302 -11.93 16.05 -30.03
CA LYS A 302 -11.81 17.11 -31.05
C LYS A 302 -12.31 18.45 -30.52
N ALA A 303 -11.65 18.94 -29.50
CA ALA A 303 -11.89 20.23 -28.88
C ALA A 303 -10.56 20.97 -28.84
N PRO A 304 -10.58 22.31 -28.69
CA PRO A 304 -9.32 23.06 -28.54
C PRO A 304 -8.40 22.51 -27.44
N ALA A 305 -7.26 21.98 -27.85
CA ALA A 305 -6.34 21.33 -26.92
C ALA A 305 -5.58 22.36 -26.11
N THR A 306 -5.44 22.09 -24.81
CA THR A 306 -4.70 22.96 -23.92
C THR A 306 -3.56 22.25 -23.20
N THR A 307 -3.38 20.95 -23.42
CA THR A 307 -2.32 20.23 -22.74
C THR A 307 -1.84 19.10 -23.63
N VAL A 308 -0.72 18.47 -23.24
CA VAL A 308 -0.13 17.38 -23.99
C VAL A 308 0.13 16.22 -23.04
N GLN A 309 -0.15 15.01 -23.49
CA GLN A 309 0.02 13.79 -22.71
C GLN A 309 1.04 12.88 -23.40
N HIS A 310 1.96 12.33 -22.61
CA HIS A 310 3.00 11.45 -23.13
C HIS A 310 2.46 10.05 -23.37
N VAL A 311 3.17 9.30 -24.21
CA VAL A 311 2.83 7.91 -24.48
C VAL A 311 4.00 7.03 -24.08
N ASN A 312 5.16 7.24 -24.69
CA ASN A 312 6.38 6.55 -24.33
C ASN A 312 7.21 7.47 -23.44
N TYR A 313 7.50 7.01 -22.22
CA TYR A 313 8.17 7.82 -21.23
C TYR A 313 9.69 7.70 -21.26
N ARG A 314 10.24 6.81 -22.10
CA ARG A 314 11.69 6.61 -22.09
C ARG A 314 12.41 7.58 -23.03
N ARG A 315 12.02 8.84 -22.97
CA ARG A 315 12.78 9.90 -23.63
C ARG A 315 12.77 11.21 -22.85
N ALA A 316 12.20 11.24 -21.65
CA ALA A 316 11.90 12.48 -20.96
C ALA A 316 13.16 13.09 -20.36
N GLY A 317 12.98 14.20 -19.64
CA GLY A 317 14.08 14.98 -19.13
C GLY A 317 14.57 16.08 -20.04
N GLY A 318 14.06 16.16 -21.26
CA GLY A 318 14.48 17.18 -22.19
C GLY A 318 15.08 16.59 -23.46
N LYS A 319 14.74 15.34 -23.76
CA LYS A 319 15.25 14.67 -24.94
C LYS A 319 14.14 14.05 -25.79
N GLU A 320 12.87 14.37 -25.51
CA GLU A 320 11.77 13.70 -26.17
C GLU A 320 11.63 14.15 -27.62
N ILE A 321 10.89 13.35 -28.38
CA ILE A 321 10.62 13.62 -29.80
C ILE A 321 9.16 14.01 -29.93
N PRO A 322 8.76 14.77 -30.96
CA PRO A 322 7.34 15.13 -31.10
C PRO A 322 6.41 13.96 -31.35
N GLU A 323 6.93 12.80 -31.79
CA GLU A 323 6.07 11.64 -32.00
C GLU A 323 5.72 10.91 -30.71
N ASP A 324 6.34 11.29 -29.59
CA ASP A 324 6.06 10.67 -28.31
C ASP A 324 4.90 11.33 -27.57
N LEU A 325 4.35 12.42 -28.09
CA LEU A 325 3.44 13.27 -27.37
C LEU A 325 2.13 13.41 -28.15
N ARG A 326 1.02 13.49 -27.42
CA ARG A 326 -0.30 13.60 -28.04
C ARG A 326 -1.08 14.75 -27.40
N ALA A 327 -1.71 15.59 -28.22
CA ALA A 327 -2.42 16.76 -27.73
C ALA A 327 -3.80 16.39 -27.20
N LEU A 328 -4.18 16.99 -26.08
CA LEU A 328 -5.47 16.72 -25.43
C LEU A 328 -5.98 17.99 -24.76
N CYS A 329 -7.27 17.97 -24.43
CA CYS A 329 -7.89 19.06 -23.68
C CYS A 329 -7.88 18.71 -22.19
N ARG A 330 -8.55 19.54 -21.39
CA ARG A 330 -8.50 19.35 -19.93
C ARG A 330 -9.30 18.13 -19.50
N LEU A 331 -10.51 17.97 -20.05
CA LEU A 331 -11.39 16.87 -19.64
C LEU A 331 -10.78 15.52 -20.02
N CYS A 332 -10.30 15.39 -21.25
CA CYS A 332 -9.77 14.12 -21.72
C CYS A 332 -8.46 13.78 -21.04
N HIS A 333 -7.62 14.78 -20.75
CA HIS A 333 -6.38 14.48 -20.04
C HIS A 333 -6.63 14.14 -18.58
N ASP A 334 -7.64 14.76 -17.95
CA ASP A 334 -8.02 14.36 -16.61
C ASP A 334 -8.56 12.94 -16.58
N ALA A 335 -9.35 12.57 -17.60
CA ALA A 335 -9.81 11.19 -17.72
C ALA A 335 -8.65 10.22 -17.91
N CYS A 336 -7.68 10.59 -18.74
CA CYS A 336 -6.52 9.74 -18.96
C CYS A 336 -5.67 9.61 -17.69
N THR A 337 -5.53 10.70 -16.94
CA THR A 337 -4.82 10.64 -15.67
C THR A 337 -5.53 9.71 -14.68
N MET A 338 -6.87 9.78 -14.65
CA MET A 338 -7.63 8.88 -13.80
C MET A 338 -7.45 7.43 -14.22
N LEU A 339 -7.38 7.18 -15.53
CA LEU A 339 -7.33 5.82 -16.05
C LEU A 339 -5.97 5.15 -15.87
N GLU A 340 -4.93 5.87 -15.45
CA GLU A 340 -3.61 5.28 -15.29
C GLU A 340 -2.99 5.62 -13.94
N TYR A 341 -3.83 5.83 -12.92
CA TYR A 341 -3.32 6.18 -11.60
C TYR A 341 -2.56 5.02 -10.98
N GLY A 342 -3.22 3.88 -10.78
CA GLY A 342 -2.58 2.74 -10.16
C GLY A 342 -2.55 1.53 -11.06
N SER A 343 -2.32 1.75 -12.35
CA SER A 343 -2.31 0.67 -13.33
C SER A 343 -0.94 0.03 -13.50
N GLY A 344 0.10 0.57 -12.88
CA GLY A 344 1.43 -0.01 -12.98
C GLY A 344 2.04 0.03 -14.37
N MET A 345 1.89 1.13 -15.08
CA MET A 345 2.50 1.32 -16.39
C MET A 345 3.77 2.14 -16.22
N THR A 346 4.89 1.59 -16.66
CA THR A 346 6.19 2.23 -16.44
C THR A 346 6.61 3.10 -17.63
N THR A 347 6.74 2.50 -18.80
CA THR A 347 7.22 3.20 -19.98
C THR A 347 6.18 3.38 -21.06
N ASN A 348 5.24 2.45 -21.20
CA ASN A 348 4.19 2.52 -22.22
C ASN A 348 2.89 2.92 -21.55
N ARG A 349 2.55 4.21 -21.64
CA ARG A 349 1.36 4.75 -21.00
C ARG A 349 0.18 4.69 -21.98
N ILE A 350 -0.89 5.41 -21.64
CA ILE A 350 -2.12 5.36 -22.43
C ILE A 350 -1.94 6.10 -23.74
N ASP A 351 -2.33 5.47 -24.84
CA ASP A 351 -2.33 6.11 -26.15
C ASP A 351 -3.77 6.43 -26.53
N PRO A 352 -4.17 7.71 -26.53
CA PRO A 352 -5.57 8.04 -26.85
C PRO A 352 -5.97 7.74 -28.28
N CYS A 353 -5.03 7.70 -29.22
CA CYS A 353 -5.37 7.34 -30.59
C CYS A 353 -5.69 5.85 -30.74
N ASP A 354 -5.35 5.03 -29.75
CA ASP A 354 -5.69 3.62 -29.80
C ASP A 354 -7.20 3.44 -29.67
N PRO A 355 -7.83 2.70 -30.56
CA PRO A 355 -9.29 2.51 -30.51
C PRO A 355 -9.76 1.48 -29.50
N ILE A 356 -8.91 1.04 -28.58
CA ILE A 356 -9.29 0.10 -27.54
C ILE A 356 -9.55 0.88 -26.25
N TRP A 357 -8.88 2.02 -26.09
CA TRP A 357 -9.04 2.87 -24.92
C TRP A 357 -10.16 3.90 -25.08
N ARG A 358 -10.93 3.83 -26.18
CA ARG A 358 -11.94 4.85 -26.43
C ARG A 358 -13.10 4.75 -25.44
N GLU A 359 -13.57 3.54 -25.17
CA GLU A 359 -14.76 3.36 -24.34
C GLU A 359 -14.53 3.82 -22.90
N ARG A 360 -13.38 3.43 -22.32
CA ARG A 360 -13.09 3.82 -20.95
C ARG A 360 -12.88 5.33 -20.83
N ILE A 361 -12.24 5.94 -21.82
CA ILE A 361 -12.05 7.39 -21.82
C ILE A 361 -13.39 8.10 -21.91
N LEU A 362 -14.30 7.61 -22.76
CA LEU A 362 -15.62 8.21 -22.89
C LEU A 362 -16.42 8.06 -21.60
N ALA A 363 -16.35 6.90 -20.96
CA ALA A 363 -17.07 6.69 -19.71
C ALA A 363 -16.54 7.59 -18.60
N LYS A 364 -15.21 7.72 -18.51
CA LYS A 364 -14.63 8.61 -17.52
C LYS A 364 -14.99 10.08 -17.80
N ARG A 365 -15.05 10.45 -19.08
CA ARG A 365 -15.47 11.80 -19.44
C ARG A 365 -16.92 12.05 -19.04
N LYS A 366 -17.78 11.07 -19.23
CA LYS A 366 -19.18 11.20 -18.81
C LYS A 366 -19.28 11.36 -17.30
N GLU A 367 -18.47 10.58 -16.55
CA GLU A 367 -18.45 10.71 -15.10
C GLU A 367 -17.98 12.09 -14.66
N ILE A 368 -16.94 12.62 -15.32
CA ILE A 368 -16.44 13.95 -15.00
C ILE A 368 -17.49 15.01 -15.29
N VAL A 369 -18.17 14.91 -16.44
CA VAL A 369 -19.20 15.87 -16.78
C VAL A 369 -20.35 15.82 -15.78
N GLU A 370 -20.70 14.62 -15.32
CA GLU A 370 -21.83 14.47 -14.41
C GLU A 370 -21.51 14.95 -12.99
N PHE A 371 -20.28 14.73 -12.52
CA PHE A 371 -20.01 14.88 -11.09
C PHE A 371 -19.08 16.03 -10.72
N ARG A 372 -18.46 16.71 -11.68
CA ARG A 372 -17.50 17.75 -11.32
C ARG A 372 -18.22 19.01 -10.83
N SER A 373 -17.52 19.80 -10.02
CA SER A 373 -17.99 21.08 -9.54
C SER A 373 -16.97 22.15 -9.91
N ARG A 374 -17.38 23.10 -10.74
CA ARG A 374 -16.47 24.16 -11.17
C ARG A 374 -16.10 25.08 -10.02
N GLY A 375 -16.97 25.20 -9.01
CA GLY A 375 -16.72 26.11 -7.91
C GLY A 375 -15.51 25.73 -7.08
N GLN A 376 -15.32 24.42 -6.85
CA GLN A 376 -14.17 23.97 -6.08
C GLN A 376 -12.85 24.29 -6.77
N ARG A 377 -12.79 23.99 -8.08
CA ARG A 377 -11.58 24.28 -8.85
C ARG A 377 -11.33 25.78 -8.95
N PHE A 378 -12.38 26.57 -9.12
CA PHE A 378 -12.22 28.02 -9.15
C PHE A 378 -11.79 28.56 -7.80
N ARG A 379 -12.21 27.93 -6.71
CA ARG A 379 -11.84 28.39 -5.38
C ARG A 379 -10.41 28.02 -5.02
N LYS A 380 -9.92 26.88 -5.52
CA LYS A 380 -8.56 26.45 -5.16
C LYS A 380 -7.51 27.30 -5.84
N MET A 381 -7.81 27.87 -7.00
CA MET A 381 -6.86 28.73 -7.70
C MET A 381 -7.47 30.11 -7.92
N ILE B 2 -30.99 21.06 -52.06
CA ILE B 2 -30.04 21.25 -50.96
C ILE B 2 -30.67 20.79 -49.64
N TYR B 3 -29.87 20.78 -48.57
CA TYR B 3 -30.28 20.23 -47.30
C TYR B 3 -30.19 21.30 -46.21
N LEU B 4 -31.12 21.23 -45.25
CA LEU B 4 -31.05 22.03 -44.04
C LEU B 4 -30.93 21.10 -42.84
N SER B 5 -29.94 21.37 -41.99
CA SER B 5 -29.68 20.58 -40.80
C SER B 5 -29.97 21.42 -39.56
N ARG B 6 -30.39 20.73 -38.50
CA ARG B 6 -30.74 21.37 -37.24
C ARG B 6 -29.97 20.72 -36.10
N LEU B 7 -29.32 21.55 -35.29
CA LEU B 7 -28.64 21.11 -34.07
C LEU B 7 -29.24 21.85 -32.89
N LEU B 8 -29.51 21.13 -31.80
CA LEU B 8 -30.03 21.70 -30.58
C LEU B 8 -28.99 21.59 -29.47
N ILE B 9 -28.71 22.71 -28.81
CA ILE B 9 -27.74 22.77 -27.72
C ILE B 9 -28.44 23.28 -26.48
N ASP B 10 -28.13 22.68 -25.33
CA ASP B 10 -28.69 23.14 -24.07
C ASP B 10 -27.99 24.42 -23.61
N THR B 11 -28.79 25.43 -23.28
CA THR B 11 -28.28 26.70 -22.80
C THR B 11 -28.42 26.86 -21.29
N GLY B 12 -29.46 26.30 -20.70
CA GLY B 12 -29.65 26.40 -19.26
C GLY B 12 -28.95 25.27 -18.53
N GLY B 13 -29.70 24.48 -17.76
CA GLY B 13 -29.11 23.41 -16.99
C GLY B 13 -28.45 23.92 -15.72
N ASN B 14 -27.75 23.00 -15.06
CA ASN B 14 -27.04 23.34 -13.83
C ASN B 14 -25.79 24.13 -14.18
N PRO B 15 -25.65 25.36 -13.71
CA PRO B 15 -24.48 26.18 -14.09
C PRO B 15 -23.21 25.86 -13.31
N ASP B 16 -23.24 24.91 -12.39
CA ASP B 16 -22.05 24.51 -11.65
C ASP B 16 -21.46 23.21 -12.18
N ARG B 17 -21.90 22.75 -13.34
CA ARG B 17 -21.39 21.56 -13.98
C ARG B 17 -20.64 21.94 -15.25
N PRO B 18 -19.73 21.11 -15.72
CA PRO B 18 -19.14 21.34 -17.04
C PRO B 18 -20.20 21.22 -18.13
N ARG B 19 -20.29 22.25 -18.97
CA ARG B 19 -21.25 22.29 -20.07
C ARG B 19 -20.47 22.55 -21.35
N PRO B 20 -19.82 21.53 -21.90
CA PRO B 20 -18.98 21.75 -23.10
C PRO B 20 -19.79 22.11 -24.34
N GLY B 21 -21.06 21.74 -24.40
CA GLY B 21 -21.88 22.15 -25.52
C GLY B 21 -22.14 23.65 -25.53
N ARG B 22 -22.35 24.23 -24.35
CA ARG B 22 -22.56 25.67 -24.26
C ARG B 22 -21.26 26.43 -24.43
N LYS B 23 -20.15 25.89 -23.91
CA LYS B 23 -18.85 26.53 -24.04
C LYS B 23 -18.36 26.52 -25.49
N TRP B 24 -18.87 25.62 -26.32
CA TRP B 24 -18.44 25.54 -27.71
C TRP B 24 -18.86 26.77 -28.50
N LEU B 25 -19.95 27.42 -28.11
CA LEU B 25 -20.46 28.58 -28.83
C LEU B 25 -19.77 29.87 -28.43
N ASP B 26 -18.69 29.81 -27.66
CA ASP B 26 -17.95 31.01 -27.29
C ASP B 26 -17.09 31.54 -28.43
N ASN B 27 -16.52 30.64 -29.20
CA ASN B 27 -15.65 30.99 -30.32
C ASN B 27 -16.32 30.56 -31.62
N ILE B 28 -16.51 31.52 -32.54
CA ILE B 28 -17.18 31.18 -33.79
C ILE B 28 -16.24 30.47 -34.75
N TYR B 29 -14.92 30.63 -34.61
CA TYR B 29 -14.00 29.83 -35.39
C TYR B 29 -14.08 28.36 -35.01
N ASN B 30 -14.30 28.08 -33.72
CA ASN B 30 -14.50 26.71 -33.27
C ASN B 30 -15.77 26.11 -33.89
N VAL B 31 -16.83 26.90 -33.96
CA VAL B 31 -18.08 26.45 -34.57
C VAL B 31 -17.86 26.13 -36.05
N HIS B 32 -17.17 27.03 -36.75
CA HIS B 32 -16.89 26.80 -38.17
C HIS B 32 -16.02 25.57 -38.38
N ARG B 33 -15.01 25.39 -37.53
CA ARG B 33 -14.13 24.23 -37.66
C ARG B 33 -14.88 22.93 -37.40
N ARG B 34 -15.76 22.92 -36.39
CA ARG B 34 -16.54 21.71 -36.12
C ARG B 34 -17.49 21.39 -37.27
N LEU B 35 -18.16 22.40 -37.81
CA LEU B 35 -19.03 22.16 -38.96
C LEU B 35 -18.24 21.72 -40.19
N SER B 36 -16.98 22.15 -40.31
CA SER B 36 -16.13 21.65 -41.39
C SER B 36 -15.74 20.21 -41.15
N MET B 37 -15.44 19.84 -39.91
CA MET B 37 -15.19 18.44 -39.55
C MET B 37 -16.42 17.56 -39.75
N ALA B 38 -17.60 18.16 -39.84
CA ALA B 38 -18.80 17.39 -40.19
C ALA B 38 -18.88 17.05 -41.67
N PHE B 39 -17.81 17.25 -42.44
CA PHE B 39 -17.79 16.96 -43.87
C PHE B 39 -16.60 16.05 -44.17
N PRO B 40 -16.73 14.75 -43.92
CA PRO B 40 -15.63 13.82 -44.24
C PRO B 40 -15.44 13.69 -45.74
N SER B 41 -14.23 13.26 -46.11
CA SER B 41 -13.78 13.28 -47.50
C SER B 41 -13.45 11.89 -48.02
N GLY B 42 -14.32 10.91 -47.75
CA GLY B 42 -14.16 9.61 -48.38
C GLY B 42 -13.27 8.65 -47.63
N LEU B 43 -11.99 8.59 -48.02
CA LEU B 43 -11.06 7.65 -47.41
C LEU B 43 -10.78 7.97 -45.95
N ARG B 44 -11.09 9.17 -45.49
CA ARG B 44 -10.94 9.49 -44.08
C ARG B 44 -11.86 8.63 -43.21
N ARG B 45 -13.09 8.38 -43.69
CA ARG B 45 -13.99 7.50 -42.97
C ARG B 45 -13.46 6.07 -42.93
N GLU B 46 -12.88 5.59 -44.02
CA GLU B 46 -12.38 4.23 -44.05
C GLU B 46 -11.09 4.09 -43.24
N GLN B 47 -10.19 5.07 -43.33
CA GLN B 47 -8.97 5.03 -42.55
C GLN B 47 -9.25 5.23 -41.07
N ASP B 48 -10.09 6.21 -40.73
CA ASP B 48 -10.48 6.50 -39.36
C ASP B 48 -12.01 6.49 -39.24
N PRO B 49 -12.60 5.34 -38.93
CA PRO B 49 -14.05 5.33 -38.69
C PRO B 49 -14.44 5.95 -37.35
N HIS B 50 -13.55 5.92 -36.36
CA HIS B 50 -13.87 6.42 -35.04
C HIS B 50 -13.34 7.83 -34.77
N PHE B 51 -12.69 8.45 -35.76
CA PHE B 51 -12.21 9.83 -35.68
C PHE B 51 -11.22 10.02 -34.53
N LEU B 52 -10.12 9.27 -34.59
CA LEU B 52 -9.09 9.34 -33.56
C LEU B 52 -7.72 9.75 -34.08
N LYS B 53 -7.47 9.63 -35.39
CA LYS B 53 -6.23 10.11 -35.96
C LYS B 53 -6.21 11.64 -35.94
N PRO B 54 -5.02 12.26 -36.02
CA PRO B 54 -4.96 13.72 -35.92
C PRO B 54 -5.76 14.45 -36.99
N PHE B 55 -6.35 15.58 -36.60
CA PHE B 55 -7.18 16.36 -37.49
C PHE B 55 -6.32 17.11 -38.49
N SER B 56 -6.70 17.03 -39.78
CA SER B 56 -5.98 17.71 -40.85
C SER B 56 -6.99 18.42 -41.73
N PRO B 57 -6.85 19.73 -41.96
CA PRO B 57 -7.78 20.43 -42.85
C PRO B 57 -7.74 19.94 -44.28
N ASN B 58 -6.59 19.48 -44.75
CA ASN B 58 -6.47 18.96 -46.11
C ASN B 58 -7.13 17.60 -46.29
N ASP B 59 -7.51 16.93 -45.21
CA ASP B 59 -8.19 15.66 -45.28
C ASP B 59 -9.71 15.79 -45.31
N PHE B 60 -10.23 17.01 -45.33
CA PHE B 60 -11.66 17.26 -45.35
C PHE B 60 -12.01 18.14 -46.55
N GLN B 61 -13.25 17.99 -47.02
CA GLN B 61 -13.72 18.79 -48.14
C GLN B 61 -13.88 20.25 -47.74
N LYS B 62 -13.61 21.15 -48.69
CA LYS B 62 -13.67 22.59 -48.46
C LYS B 62 -14.89 23.22 -49.13
N THR B 63 -15.98 22.46 -49.26
CA THR B 63 -17.19 23.00 -49.85
C THR B 63 -17.81 24.04 -48.90
N PRO B 64 -18.33 25.14 -49.44
CA PRO B 64 -18.92 26.17 -48.57
C PRO B 64 -20.25 25.73 -48.00
N PHE B 65 -20.59 26.32 -46.85
CA PHE B 65 -21.89 26.10 -46.21
C PHE B 65 -22.26 27.36 -45.44
N LEU B 66 -23.54 27.49 -45.14
CA LEU B 66 -24.07 28.62 -44.39
C LEU B 66 -24.79 28.11 -43.15
N PHE B 67 -24.56 28.78 -42.03
CA PHE B 67 -25.22 28.41 -40.78
C PHE B 67 -25.62 29.67 -40.01
N ARG B 68 -26.63 29.50 -39.17
CA ARG B 68 -27.11 30.58 -38.30
C ARG B 68 -27.38 30.01 -36.92
N VAL B 69 -26.94 30.73 -35.90
CA VAL B 69 -27.12 30.32 -34.51
C VAL B 69 -28.10 31.29 -33.87
N ASP B 70 -29.30 30.80 -33.54
CA ASP B 70 -30.30 31.60 -32.84
C ASP B 70 -30.73 30.86 -31.57
N ASN B 71 -31.68 31.44 -30.85
CA ASN B 71 -32.08 30.93 -29.55
C ASN B 71 -33.59 30.84 -29.46
N ASN B 72 -34.07 29.92 -28.63
CA ASN B 72 -35.50 29.67 -28.54
C ASN B 72 -35.83 29.08 -27.17
N ILE B 73 -37.13 28.90 -26.94
CA ILE B 73 -37.65 28.30 -25.71
C ILE B 73 -38.57 27.15 -26.10
N ASP B 74 -38.32 25.98 -25.52
CA ASP B 74 -39.09 24.76 -25.83
C ASP B 74 -39.86 24.36 -24.58
N GLY B 75 -41.06 24.92 -24.43
CA GLY B 75 -41.91 24.60 -23.30
C GLY B 75 -41.51 25.29 -22.02
N ASN B 76 -40.45 24.80 -21.37
CA ASN B 76 -39.96 25.43 -20.14
C ASN B 76 -38.43 25.46 -20.09
N ASP B 77 -37.75 25.26 -21.21
CA ASP B 77 -36.30 25.20 -21.24
C ASP B 77 -35.75 26.09 -22.36
N LYS B 78 -34.58 26.68 -22.09
CA LYS B 78 -33.89 27.50 -23.07
C LYS B 78 -33.01 26.62 -23.94
N ARG B 79 -33.03 26.88 -25.25
CA ARG B 79 -32.24 26.09 -26.19
C ARG B 79 -31.59 27.01 -27.20
N ALA B 80 -30.46 26.56 -27.74
CA ALA B 80 -29.78 27.22 -28.85
C ALA B 80 -29.90 26.35 -30.09
N ILE B 81 -30.42 26.94 -31.16
CA ILE B 81 -30.66 26.23 -32.41
C ILE B 81 -29.61 26.67 -33.42
N ILE B 82 -29.01 25.70 -34.10
CA ILE B 82 -28.08 25.96 -35.19
C ILE B 82 -28.70 25.39 -36.45
N ILE B 83 -28.91 26.25 -37.44
CA ILE B 83 -29.47 25.86 -38.73
C ILE B 83 -28.33 25.91 -39.75
N VAL B 84 -28.03 24.77 -40.36
CA VAL B 84 -26.92 24.63 -41.28
C VAL B 84 -27.48 24.42 -42.68
N GLN B 85 -27.15 25.33 -43.59
CA GLN B 85 -27.55 25.21 -44.99
C GLN B 85 -26.30 24.96 -45.82
N SER B 86 -26.32 23.89 -46.61
CA SER B 86 -25.14 23.47 -47.36
C SER B 86 -25.59 23.04 -48.75
N VAL B 87 -24.65 22.44 -49.49
CA VAL B 87 -24.96 21.92 -50.82
C VAL B 87 -24.67 20.43 -50.95
N LEU B 88 -23.87 19.84 -50.07
CA LEU B 88 -23.68 18.40 -50.00
C LEU B 88 -24.29 17.87 -48.72
N GLU B 89 -24.57 16.57 -48.71
CA GLU B 89 -25.23 15.95 -47.57
C GLU B 89 -24.27 15.89 -46.38
N PRO B 90 -24.58 16.54 -45.26
CA PRO B 90 -23.68 16.50 -44.12
C PRO B 90 -23.77 15.17 -43.37
N ASP B 91 -22.71 14.88 -42.62
CA ASP B 91 -22.60 13.66 -41.83
C ASP B 91 -22.40 14.06 -40.38
N TRP B 92 -23.51 14.24 -39.66
CA TRP B 92 -23.44 14.58 -38.24
C TRP B 92 -23.15 13.36 -37.37
N ASP B 93 -23.30 12.15 -37.92
CA ASP B 93 -22.92 10.96 -37.18
C ASP B 93 -21.42 10.88 -37.00
N TYR B 94 -20.65 11.23 -38.04
CA TYR B 94 -19.20 11.17 -37.97
C TYR B 94 -18.60 12.29 -37.15
N CYS B 95 -19.31 13.41 -36.97
CA CYS B 95 -18.74 14.60 -36.38
C CYS B 95 -18.77 14.59 -34.86
N PHE B 96 -19.92 14.27 -34.27
CA PHE B 96 -20.12 14.34 -32.83
C PHE B 96 -20.07 12.97 -32.16
N GLN B 97 -19.53 11.95 -32.84
CA GLN B 97 -19.58 10.59 -32.31
C GLN B 97 -18.74 10.41 -31.05
N ASN B 98 -17.78 11.30 -30.80
CA ASN B 98 -17.05 11.33 -29.55
C ASN B 98 -17.52 12.46 -28.64
N ALA B 99 -18.52 13.23 -29.07
CA ALA B 99 -19.02 14.39 -28.35
C ALA B 99 -20.54 14.39 -28.32
N LEU B 100 -21.13 13.24 -27.94
CA LEU B 100 -22.58 13.16 -27.83
C LEU B 100 -23.14 14.09 -26.77
N ASP B 101 -22.33 14.52 -25.82
CA ASP B 101 -22.78 15.45 -24.79
C ASP B 101 -22.79 16.90 -25.26
N PHE B 102 -22.33 17.18 -26.49
CA PHE B 102 -22.43 18.53 -27.03
C PHE B 102 -23.87 18.90 -27.32
N LEU B 103 -24.65 17.96 -27.83
CA LEU B 103 -26.02 18.22 -28.27
C LEU B 103 -27.02 17.67 -27.27
N ALA B 104 -27.96 18.52 -26.86
CA ALA B 104 -29.04 18.06 -25.98
C ALA B 104 -29.99 17.12 -26.71
N ALA B 105 -30.21 17.34 -28.00
CA ALA B 105 -31.09 16.52 -28.81
C ALA B 105 -30.34 16.06 -30.05
N PRO B 106 -30.72 14.91 -30.62
CA PRO B 106 -30.04 14.44 -31.82
C PRO B 106 -30.28 15.37 -32.98
N PRO B 107 -29.33 15.45 -33.91
CA PRO B 107 -29.47 16.37 -35.06
C PRO B 107 -30.55 15.89 -36.02
N GLU B 108 -31.06 16.84 -36.81
CA GLU B 108 -32.06 16.54 -37.81
C GLU B 108 -31.61 17.09 -39.16
N THR B 109 -32.13 16.49 -40.23
CA THR B 109 -31.81 16.93 -41.58
C THR B 109 -33.03 16.77 -42.47
N LYS B 110 -33.30 17.80 -43.29
CA LYS B 110 -34.43 17.80 -44.19
C LYS B 110 -34.00 18.31 -45.56
N GLU B 111 -34.53 17.68 -46.60
CA GLU B 111 -34.24 18.11 -47.97
C GLU B 111 -35.02 19.38 -48.29
N TYR B 112 -34.34 20.35 -48.88
CA TYR B 112 -34.94 21.63 -49.24
C TYR B 112 -35.00 21.76 -50.75
N ASN B 113 -36.19 22.06 -51.28
CA ASN B 113 -36.40 22.27 -52.71
C ASN B 113 -37.13 23.60 -52.88
N PRO B 114 -36.42 24.72 -52.72
CA PRO B 114 -37.09 26.03 -52.77
C PRO B 114 -37.18 26.62 -54.17
N GLU B 115 -38.39 26.97 -54.59
CA GLU B 115 -38.60 27.75 -55.79
C GLU B 115 -39.89 28.54 -55.62
N PHE B 116 -39.84 29.81 -55.99
CA PHE B 116 -40.98 30.71 -55.82
C PHE B 116 -41.09 31.59 -57.06
N LYS B 117 -42.18 31.46 -57.79
CA LYS B 117 -42.43 32.33 -58.93
C LYS B 117 -42.82 33.72 -58.45
N ALA B 118 -42.92 34.65 -59.39
CA ALA B 118 -43.26 36.03 -59.06
C ALA B 118 -44.66 36.11 -58.47
N GLY B 119 -44.76 36.81 -57.35
CA GLY B 119 -46.00 36.90 -56.60
C GLY B 119 -46.00 36.19 -55.26
N GLN B 120 -44.85 36.00 -54.63
CA GLN B 120 -44.74 35.37 -53.33
C GLN B 120 -44.28 36.42 -52.32
N LEU B 121 -45.05 36.59 -51.24
CA LEU B 121 -44.72 37.54 -50.19
C LEU B 121 -44.08 36.78 -49.04
N LEU B 122 -42.81 36.42 -49.23
CA LEU B 122 -42.08 35.63 -48.25
C LEU B 122 -41.81 36.43 -46.98
N ARG B 123 -41.81 35.72 -45.85
CA ARG B 123 -41.40 36.29 -44.57
C ARG B 123 -39.98 35.84 -44.28
N PHE B 124 -39.06 36.79 -44.16
CA PHE B 124 -37.64 36.46 -44.11
C PHE B 124 -37.02 36.93 -42.80
N ARG B 125 -36.00 36.17 -42.39
CA ARG B 125 -35.11 36.50 -41.29
C ARG B 125 -33.68 36.34 -41.76
N LEU B 126 -32.80 37.27 -41.38
CA LEU B 126 -31.46 37.30 -41.93
C LEU B 126 -30.53 38.05 -40.99
N ARG B 127 -29.34 37.49 -40.77
CA ARG B 127 -28.30 38.13 -39.99
C ARG B 127 -27.14 38.47 -40.92
N VAL B 128 -26.93 39.75 -41.16
CA VAL B 128 -25.88 40.21 -42.06
C VAL B 128 -24.70 40.73 -41.25
N ASN B 129 -23.58 40.86 -41.93
CA ASN B 129 -22.39 41.53 -41.39
C ASN B 129 -22.40 42.96 -41.91
N ALA B 130 -22.63 43.91 -41.01
CA ALA B 130 -22.69 45.33 -41.38
C ALA B 130 -21.27 45.83 -41.60
N SER B 131 -20.72 45.49 -42.77
CA SER B 131 -19.35 45.79 -43.12
C SER B 131 -19.30 46.71 -44.32
N VAL B 132 -18.24 47.52 -44.37
CA VAL B 132 -18.05 48.47 -45.46
C VAL B 132 -16.56 48.80 -45.53
N ARG B 133 -16.07 49.01 -46.75
CA ARG B 133 -14.67 49.40 -46.98
C ARG B 133 -14.62 50.90 -47.21
N ARG B 134 -14.07 51.63 -46.24
CA ARG B 134 -14.02 53.08 -46.33
C ARG B 134 -12.86 53.54 -47.18
N HIS B 135 -13.04 54.70 -47.84
CA HIS B 135 -11.96 55.27 -48.64
C HIS B 135 -10.87 55.86 -47.75
N ILE B 136 -11.26 56.40 -46.59
CA ILE B 136 -10.29 56.95 -45.64
C ILE B 136 -10.49 56.34 -44.24
N PRO B 137 -10.26 55.05 -44.06
CA PRO B 137 -10.44 54.43 -42.74
C PRO B 137 -9.18 54.43 -41.88
N GLU B 138 -8.10 55.08 -42.32
CA GLU B 138 -6.82 55.06 -41.63
C GLU B 138 -6.43 56.49 -41.28
N MET B 139 -6.93 56.98 -40.15
CA MET B 139 -6.43 58.21 -39.57
C MET B 139 -5.23 57.98 -38.66
N VAL B 140 -4.94 56.72 -38.34
CA VAL B 140 -3.91 56.30 -37.39
C VAL B 140 -4.10 57.06 -36.08
N GLN B 141 -5.21 56.79 -35.39
CA GLN B 141 -5.47 57.41 -34.10
C GLN B 141 -4.61 56.70 -33.06
N GLN B 142 -3.38 57.18 -32.90
CA GLN B 142 -2.47 56.58 -31.93
C GLN B 142 -2.92 56.90 -30.52
N ASP B 143 -2.49 56.06 -29.58
CA ASP B 143 -2.87 56.16 -28.18
C ASP B 143 -1.69 56.63 -27.35
N GLY B 144 -1.94 56.83 -26.05
CA GLY B 144 -0.90 57.33 -25.18
C GLY B 144 -0.65 58.81 -25.41
N GLN B 145 0.62 59.22 -25.33
CA GLN B 145 1.00 60.59 -25.62
C GLN B 145 0.75 60.93 -27.09
N THR B 146 1.07 59.99 -27.99
CA THR B 146 0.83 60.20 -29.41
C THR B 146 -0.66 60.18 -29.70
N ILE B 147 -1.10 61.09 -30.57
CA ILE B 147 -2.52 61.18 -30.92
C ILE B 147 -2.76 61.23 -32.43
N GLU B 148 -1.79 61.58 -33.27
CA GLU B 148 -2.05 61.77 -34.69
C GLU B 148 -0.76 61.57 -35.47
N THR B 149 -0.60 60.42 -36.11
CA THR B 149 0.49 60.19 -37.06
C THR B 149 -0.13 59.84 -38.41
N GLY B 150 0.71 59.86 -39.45
CA GLY B 150 0.21 59.76 -40.81
C GLY B 150 0.51 58.47 -41.55
N LYS B 151 -0.54 57.73 -41.87
CA LYS B 151 -0.46 56.58 -42.77
C LYS B 151 -1.85 56.34 -43.36
N ILE B 152 -1.89 55.66 -44.50
CA ILE B 152 -3.13 55.44 -45.22
C ILE B 152 -3.18 53.99 -45.71
N LEU B 153 -4.36 53.38 -45.55
CA LEU B 153 -4.64 52.06 -46.10
C LEU B 153 -6.16 51.92 -46.21
N HIS B 154 -6.58 50.91 -46.98
CA HIS B 154 -8.00 50.63 -47.18
C HIS B 154 -8.35 49.34 -46.43
N LYS B 155 -9.33 49.42 -45.54
CA LYS B 155 -9.67 48.32 -44.65
C LYS B 155 -11.18 48.23 -44.49
N ARG B 156 -11.63 47.06 -44.05
CA ARG B 156 -13.04 46.81 -43.80
C ARG B 156 -13.38 47.16 -42.36
N VAL B 157 -14.46 47.90 -42.16
CA VAL B 157 -14.91 48.36 -40.85
C VAL B 157 -16.42 48.23 -40.78
N SER B 158 -16.97 48.63 -39.63
CA SER B 158 -18.40 48.50 -39.40
C SER B 158 -19.17 49.66 -40.02
N LEU B 159 -20.44 49.39 -40.35
CA LEU B 159 -21.29 50.40 -40.94
C LEU B 159 -21.67 51.46 -39.91
N THR B 160 -21.66 52.73 -40.33
CA THR B 160 -22.03 53.85 -39.49
C THR B 160 -23.21 54.60 -40.12
N TRP B 161 -23.99 55.25 -39.26
CA TRP B 161 -25.18 55.99 -39.69
C TRP B 161 -25.10 57.43 -39.21
N ASP B 162 -25.89 58.29 -39.84
CA ASP B 162 -25.91 59.70 -39.49
C ASP B 162 -26.55 59.91 -38.12
N ALA B 163 -26.04 60.92 -37.41
CA ALA B 163 -26.51 61.19 -36.05
C ALA B 163 -27.93 61.71 -36.02
N SER B 164 -28.44 62.23 -37.13
CA SER B 164 -29.82 62.69 -37.22
C SER B 164 -30.77 61.61 -37.73
N SER B 165 -30.26 60.43 -38.05
CA SER B 165 -31.06 59.32 -38.56
C SER B 165 -31.10 58.20 -37.53
N THR B 166 -31.86 57.15 -37.86
CA THR B 166 -32.02 56.00 -36.99
C THR B 166 -31.29 54.79 -37.55
N PRO B 167 -30.79 53.90 -36.69
CA PRO B 167 -30.14 52.68 -37.20
C PRO B 167 -31.09 51.77 -37.98
N ASP B 168 -32.37 51.76 -37.61
CA ASP B 168 -33.34 50.93 -38.32
C ASP B 168 -33.50 51.39 -39.77
N GLN B 169 -33.73 52.68 -39.97
CA GLN B 169 -33.89 53.20 -41.33
C GLN B 169 -32.59 53.13 -42.10
N ALA B 170 -31.46 53.34 -41.42
CA ALA B 170 -30.16 53.29 -42.08
C ALA B 170 -29.87 51.89 -42.60
N LEU B 171 -30.11 50.87 -41.78
CA LEU B 171 -29.91 49.50 -42.23
C LEU B 171 -30.94 49.11 -43.29
N ALA B 172 -32.16 49.65 -43.20
CA ALA B 172 -33.16 49.39 -44.22
C ALA B 172 -32.72 49.93 -45.58
N ASP B 173 -32.20 51.16 -45.62
CA ASP B 173 -31.76 51.69 -46.90
C ASP B 173 -30.45 51.06 -47.36
N TRP B 174 -29.61 50.61 -46.42
CA TRP B 174 -28.40 49.88 -46.79
C TRP B 174 -28.74 48.55 -47.46
N LEU B 175 -29.77 47.87 -46.96
CA LEU B 175 -30.18 46.63 -47.62
C LEU B 175 -30.94 46.90 -48.91
N ALA B 176 -31.74 47.97 -48.95
CA ALA B 176 -32.53 48.26 -50.14
C ALA B 176 -31.69 48.82 -51.27
N ALA B 177 -30.54 49.42 -50.94
CA ALA B 177 -29.68 50.00 -51.97
C ALA B 177 -29.10 48.93 -52.89
N LYS B 178 -28.69 47.80 -52.31
CA LYS B 178 -28.16 46.68 -53.08
C LYS B 178 -29.23 45.67 -53.45
N SER B 179 -30.47 45.88 -53.01
CA SER B 179 -31.53 44.86 -53.13
C SER B 179 -31.85 44.42 -54.56
N PRO B 180 -32.02 45.31 -55.56
CA PRO B 180 -32.40 44.81 -56.90
C PRO B 180 -31.33 43.95 -57.56
N LYS B 181 -30.08 44.02 -57.11
CA LYS B 181 -29.04 43.14 -57.66
C LYS B 181 -29.30 41.69 -57.28
N LEU B 182 -29.76 41.43 -56.05
CA LEU B 182 -30.01 40.05 -55.64
C LEU B 182 -31.45 39.60 -55.89
N GLY B 183 -32.33 40.49 -56.34
CA GLY B 183 -33.63 40.07 -56.84
C GLY B 183 -34.75 39.94 -55.82
N PHE B 184 -34.98 40.98 -55.02
CA PHE B 184 -36.15 41.02 -54.15
C PHE B 184 -36.49 42.47 -53.84
N THR B 185 -37.74 42.69 -53.44
CA THR B 185 -38.22 43.99 -52.99
C THR B 185 -38.72 43.86 -51.56
N LEU B 186 -38.22 44.73 -50.69
CA LEU B 186 -38.56 44.69 -49.27
C LEU B 186 -39.75 45.60 -48.98
N GLN B 187 -40.76 45.06 -48.29
CA GLN B 187 -41.86 45.90 -47.85
C GLN B 187 -41.63 46.44 -46.44
N ARG B 188 -41.38 45.55 -45.48
CA ARG B 188 -41.07 45.95 -44.12
C ARG B 188 -39.68 45.43 -43.75
N CYS B 189 -38.90 46.27 -43.07
CA CYS B 189 -37.59 45.89 -42.57
C CYS B 189 -37.49 46.35 -41.13
N GLU B 190 -37.52 45.40 -40.20
CA GLU B 190 -37.48 45.70 -38.77
C GLU B 190 -36.17 45.19 -38.19
N LEU B 191 -35.44 46.08 -37.52
CA LEU B 191 -34.18 45.72 -36.90
C LEU B 191 -34.44 45.08 -35.54
N LEU B 192 -33.89 43.89 -35.32
CA LEU B 192 -34.08 43.16 -34.08
C LEU B 192 -32.85 43.10 -33.20
N GLN B 193 -31.65 43.17 -33.79
CA GLN B 193 -30.43 43.08 -33.00
C GLN B 193 -29.34 43.87 -33.70
N LEU B 194 -28.35 44.31 -32.91
CA LEU B 194 -27.22 45.06 -33.44
C LEU B 194 -26.06 44.84 -32.46
N GLY B 195 -25.13 43.97 -32.83
CA GLY B 195 -24.06 43.63 -31.92
C GLY B 195 -22.77 43.19 -32.58
N TRP B 196 -21.94 42.46 -31.84
CA TRP B 196 -20.66 41.98 -32.34
C TRP B 196 -20.58 40.47 -32.22
N VAL B 197 -19.68 39.90 -33.00
CA VAL B 197 -19.37 38.48 -32.98
C VAL B 197 -17.85 38.33 -32.84
N TYR B 198 -17.41 37.57 -31.84
CA TYR B 198 -16.01 37.49 -31.48
C TYR B 198 -15.49 36.08 -31.71
N GLY B 199 -14.19 35.97 -31.93
CA GLY B 199 -13.54 34.67 -32.09
C GLY B 199 -12.04 34.82 -32.04
N SER B 200 -11.38 33.66 -32.02
CA SER B 200 -9.92 33.61 -32.03
C SER B 200 -9.46 32.53 -33.01
N LYS B 201 -8.27 32.73 -33.58
CA LYS B 201 -7.75 31.77 -34.55
C LYS B 201 -6.27 31.54 -34.33
N PRO B 202 -5.82 30.29 -34.27
CA PRO B 202 -4.38 30.02 -34.23
C PRO B 202 -3.73 30.22 -35.59
N GLU B 203 -2.44 30.53 -35.56
CA GLU B 203 -1.65 30.64 -36.76
C GLU B 203 -0.26 30.14 -36.42
N PRO B 204 0.31 29.26 -37.24
CA PRO B 204 1.68 28.80 -36.98
C PRO B 204 2.70 29.91 -37.21
N LYS B 205 3.76 29.87 -36.43
CA LYS B 205 4.85 30.83 -36.52
C LYS B 205 6.17 30.05 -36.41
N ASN B 206 7.13 30.42 -37.26
CA ASN B 206 8.40 29.69 -37.36
C ASN B 206 9.42 30.33 -36.42
N VAL B 207 9.52 29.80 -35.21
CA VAL B 207 10.62 30.13 -34.31
C VAL B 207 11.80 29.25 -34.71
N LYS B 208 12.98 29.56 -34.16
CA LYS B 208 14.26 29.16 -34.74
C LYS B 208 14.41 27.65 -34.84
N VAL B 209 15.21 27.22 -35.82
CA VAL B 209 15.43 25.80 -36.09
C VAL B 209 16.27 25.19 -34.97
N LYS B 210 15.88 24.00 -34.54
CA LYS B 210 16.67 23.22 -33.59
C LYS B 210 17.75 22.46 -34.35
N GLU B 211 18.39 21.50 -33.68
CA GLU B 211 19.35 20.63 -34.34
C GLU B 211 18.61 19.73 -35.33
N GLN B 212 18.74 20.04 -36.62
CA GLN B 212 18.00 19.38 -37.70
C GLN B 212 16.49 19.47 -37.45
N GLY B 213 16.01 20.71 -37.40
CA GLY B 213 14.59 20.93 -37.11
C GLY B 213 13.68 20.58 -38.27
N GLN B 214 14.23 20.56 -39.49
CA GLN B 214 13.51 20.17 -40.71
C GLN B 214 12.27 21.05 -40.95
N GLY B 215 12.54 22.34 -41.16
CA GLY B 215 11.48 23.28 -41.48
C GLY B 215 11.04 24.12 -40.29
N TYR B 216 12.00 24.56 -39.50
CA TYR B 216 11.82 25.45 -38.35
C TYR B 216 10.98 24.82 -37.24
N TRP B 217 10.89 25.49 -36.10
CA TRP B 217 10.07 25.03 -34.98
C TRP B 217 8.78 25.82 -34.99
N ARG B 218 7.64 25.13 -35.11
CA ARG B 218 6.37 25.80 -35.27
C ARG B 218 5.70 26.00 -33.92
N GLU B 219 5.22 27.22 -33.68
CA GLU B 219 4.53 27.59 -32.45
C GLU B 219 3.24 28.32 -32.79
N HIS B 220 2.17 28.03 -32.06
CA HIS B 220 0.88 28.65 -32.33
C HIS B 220 0.82 30.06 -31.73
N LYS B 221 0.28 30.99 -32.50
CA LYS B 221 0.01 32.35 -32.04
C LYS B 221 -1.43 32.69 -32.38
N TYR B 222 -2.17 33.20 -31.40
CA TYR B 222 -3.60 33.42 -31.54
C TYR B 222 -3.89 34.85 -31.94
N ASN B 223 -4.69 35.02 -32.99
CA ASN B 223 -5.09 36.35 -33.44
C ASN B 223 -6.61 36.48 -33.33
N PRO B 224 -7.11 37.67 -33.01
CA PRO B 224 -8.54 37.84 -32.77
C PRO B 224 -9.33 37.94 -34.08
N LEU B 225 -10.65 37.85 -33.93
CA LEU B 225 -11.59 38.02 -35.03
C LEU B 225 -12.80 38.75 -34.50
N ARG B 226 -13.12 39.89 -35.10
CA ARG B 226 -14.25 40.72 -34.68
C ARG B 226 -15.13 41.01 -35.89
N PHE B 227 -16.44 40.84 -35.72
CA PHE B 227 -17.40 41.15 -36.76
C PHE B 227 -18.54 41.96 -36.16
N ARG B 228 -19.17 42.80 -36.98
CA ARG B 228 -20.35 43.54 -36.58
C ARG B 228 -21.56 42.90 -37.23
N ALA B 229 -22.50 42.43 -36.42
CA ALA B 229 -23.63 41.64 -36.87
C ALA B 229 -24.93 42.39 -36.65
N ALA B 230 -25.84 42.27 -37.61
CA ALA B 230 -27.16 42.87 -37.52
C ALA B 230 -28.20 41.84 -37.98
N LEU B 231 -29.11 41.49 -37.07
CA LEU B 231 -30.16 40.53 -37.36
C LEU B 231 -31.47 41.28 -37.59
N LEU B 232 -32.20 40.89 -38.63
CA LEU B 232 -33.42 41.61 -38.98
C LEU B 232 -34.39 40.68 -39.71
N GLU B 233 -35.68 40.92 -39.47
CA GLU B 233 -36.76 40.21 -40.14
C GLU B 233 -37.54 41.16 -41.03
N GLY B 234 -38.50 40.60 -41.74
CA GLY B 234 -39.39 41.42 -42.55
C GLY B 234 -40.12 40.58 -43.58
N VAL B 235 -40.71 41.29 -44.54
CA VAL B 235 -41.47 40.70 -45.63
C VAL B 235 -40.87 41.18 -46.95
N LEU B 236 -40.64 40.24 -47.86
CA LEU B 236 -40.10 40.60 -49.16
C LEU B 236 -40.73 39.85 -50.31
N GLU B 237 -40.92 40.52 -51.43
CA GLU B 237 -41.47 39.91 -52.63
C GLU B 237 -40.33 39.31 -53.44
N VAL B 238 -40.61 38.83 -54.65
CA VAL B 238 -39.60 38.23 -55.50
C VAL B 238 -39.78 38.72 -56.93
N ASP B 239 -38.67 38.67 -57.67
CA ASP B 239 -38.64 38.94 -59.11
C ASP B 239 -37.36 38.33 -59.65
N ASP B 240 -37.44 37.80 -60.88
CA ASP B 240 -36.35 37.06 -61.54
C ASP B 240 -35.92 35.89 -60.67
N PRO B 241 -36.73 34.82 -60.60
CA PRO B 241 -36.39 33.70 -59.69
C PRO B 241 -35.10 32.98 -60.03
N LYS B 242 -34.61 33.09 -61.26
CA LYS B 242 -33.27 32.59 -61.59
C LYS B 242 -32.18 33.33 -60.82
N LEU B 243 -32.45 34.56 -60.39
CA LEU B 243 -31.54 35.32 -59.53
C LEU B 243 -31.78 35.03 -58.06
N PHE B 244 -33.04 34.84 -57.66
CA PHE B 244 -33.34 34.54 -56.27
C PHE B 244 -32.85 33.16 -55.86
N LEU B 245 -32.86 32.20 -56.79
CA LEU B 245 -32.33 30.87 -56.48
C LEU B 245 -30.83 30.92 -56.25
N LYS B 246 -30.11 31.72 -57.03
CA LYS B 246 -28.68 31.90 -56.79
C LYS B 246 -28.43 32.70 -55.51
N THR B 247 -29.35 33.61 -55.15
CA THR B 247 -29.26 34.29 -53.88
C THR B 247 -29.44 33.32 -52.72
N LEU B 248 -30.34 32.36 -52.86
CA LEU B 248 -30.55 31.37 -51.82
C LEU B 248 -29.39 30.38 -51.73
N SER B 249 -28.80 30.04 -52.88
CA SER B 249 -27.69 29.09 -52.88
C SER B 249 -26.47 29.67 -52.20
N SER B 250 -26.15 30.93 -52.47
CA SER B 250 -25.03 31.61 -51.84
C SER B 250 -25.53 32.42 -50.65
N GLY B 251 -24.67 33.28 -50.11
CA GLY B 251 -25.02 34.15 -49.01
C GLY B 251 -25.10 35.61 -49.46
N ILE B 252 -25.36 36.47 -48.46
CA ILE B 252 -25.44 37.91 -48.65
C ILE B 252 -24.44 38.56 -47.72
N GLY B 253 -23.60 39.43 -48.27
CA GLY B 253 -22.59 40.12 -47.49
C GLY B 253 -21.36 39.26 -47.26
N LYS B 254 -20.31 39.90 -46.76
CA LYS B 254 -19.04 39.23 -46.58
C LYS B 254 -19.05 38.39 -45.29
N ALA B 255 -17.91 37.74 -45.02
CA ALA B 255 -17.73 36.85 -43.87
C ALA B 255 -18.79 35.74 -43.84
N LYS B 256 -19.05 35.15 -45.01
CA LYS B 256 -20.10 34.13 -45.13
C LYS B 256 -19.77 32.86 -44.37
N SER B 257 -18.50 32.60 -44.06
CA SER B 257 -18.09 31.35 -43.45
C SER B 257 -18.15 31.38 -41.93
N PHE B 258 -18.61 32.46 -41.33
CA PHE B 258 -18.65 32.60 -39.88
C PHE B 258 -20.06 32.99 -39.42
N GLY B 259 -21.06 32.30 -39.95
CA GLY B 259 -22.41 32.43 -39.45
C GLY B 259 -23.26 33.49 -40.11
N PHE B 260 -22.71 34.29 -41.01
CA PHE B 260 -23.44 35.39 -41.61
C PHE B 260 -23.97 35.01 -42.98
N GLY B 261 -24.93 35.80 -43.46
CA GLY B 261 -25.43 35.71 -44.81
C GLY B 261 -26.53 34.70 -45.04
N LEU B 262 -26.91 33.92 -44.04
CA LEU B 262 -27.96 32.92 -44.25
C LEU B 262 -29.32 33.62 -44.31
N LEU B 263 -30.04 33.41 -45.40
CA LEU B 263 -31.36 33.99 -45.61
C LEU B 263 -32.40 32.92 -45.37
N SER B 264 -33.24 33.12 -44.35
CA SER B 264 -34.33 32.20 -44.06
C SER B 264 -35.64 32.79 -44.55
N VAL B 265 -36.35 32.03 -45.38
CA VAL B 265 -37.57 32.50 -46.01
C VAL B 265 -38.69 31.50 -45.76
N LEU B 266 -39.85 32.01 -45.36
CA LEU B 266 -41.06 31.22 -45.17
C LEU B 266 -42.10 31.68 -46.17
N PRO B 267 -42.59 30.80 -47.04
CA PRO B 267 -43.58 31.22 -48.04
C PRO B 267 -44.91 31.58 -47.41
N ILE B 268 -45.58 32.56 -48.03
CA ILE B 268 -46.87 33.03 -47.57
C ILE B 268 -47.75 33.37 -48.75
N MET D 1 -42.10 58.00 3.18
CA MET D 1 -40.64 58.02 3.13
C MET D 1 -40.13 57.32 1.86
N LEU D 2 -41.03 56.68 1.14
CA LEU D 2 -40.68 55.94 -0.07
C LEU D 2 -41.55 56.40 -1.22
N ILE D 3 -40.98 56.36 -2.43
CA ILE D 3 -41.66 56.80 -3.63
C ILE D 3 -41.84 55.58 -4.52
N GLU D 4 -42.15 54.44 -3.88
CA GLU D 4 -42.49 53.16 -4.50
C GLU D 4 -43.31 53.32 -5.78
N ILE D 5 -42.83 52.67 -6.85
CA ILE D 5 -43.45 52.78 -8.17
C ILE D 5 -43.63 51.37 -8.74
N HIS D 6 -44.85 51.05 -9.16
CA HIS D 6 -45.16 49.79 -9.83
C HIS D 6 -45.71 50.10 -11.21
N MET D 7 -45.14 49.47 -12.23
CA MET D 7 -45.48 49.76 -13.62
C MET D 7 -45.85 48.49 -14.37
N ILE D 8 -46.73 48.63 -15.35
CA ILE D 8 -47.06 47.56 -16.28
C ILE D 8 -46.91 48.11 -17.69
N GLN D 9 -46.07 47.46 -18.50
CA GLN D 9 -45.65 47.98 -19.79
C GLN D 9 -45.70 46.89 -20.85
N ASN D 10 -45.39 47.28 -22.08
CA ASN D 10 -45.26 46.36 -23.20
C ASN D 10 -43.95 46.65 -23.91
N HIS D 11 -43.37 45.61 -24.52
CA HIS D 11 -42.08 45.76 -25.20
C HIS D 11 -42.02 44.79 -26.36
N SER D 12 -41.83 45.33 -27.56
CA SER D 12 -41.68 44.53 -28.77
C SER D 12 -40.35 43.78 -28.72
N PRO D 13 -40.25 42.65 -29.44
CA PRO D 13 -38.97 41.92 -29.47
C PRO D 13 -37.79 42.70 -30.04
N ALA D 14 -38.05 43.79 -30.77
CA ALA D 14 -36.95 44.67 -31.18
C ALA D 14 -36.28 45.30 -29.96
N ASN D 15 -37.05 45.68 -28.95
CA ASN D 15 -36.53 46.30 -27.74
C ASN D 15 -36.57 45.28 -26.61
N LEU D 16 -35.43 44.67 -26.32
CA LEU D 16 -35.32 43.73 -25.21
C LEU D 16 -33.89 43.72 -24.69
N ASN D 17 -33.60 42.78 -23.82
CA ASN D 17 -32.28 42.61 -23.22
C ASN D 17 -31.75 41.24 -23.58
N ARG D 18 -30.48 41.15 -23.95
CA ARG D 18 -29.87 39.93 -24.43
C ARG D 18 -28.67 39.55 -23.58
N ASP D 19 -28.13 38.37 -23.83
CA ASP D 19 -27.02 37.81 -23.08
C ASP D 19 -25.82 37.60 -24.00
N ASP D 20 -24.81 36.90 -23.50
CA ASP D 20 -23.58 36.70 -24.25
C ASP D 20 -23.80 35.88 -25.51
N LEU D 21 -24.83 35.05 -25.56
CA LEU D 21 -25.15 34.28 -26.75
C LEU D 21 -26.19 34.95 -27.64
N GLY D 22 -26.68 36.13 -27.26
CA GLY D 22 -27.72 36.81 -28.02
C GLY D 22 -29.13 36.42 -27.66
N ALA D 23 -29.32 35.47 -26.75
CA ALA D 23 -30.65 35.07 -26.34
C ALA D 23 -31.28 36.15 -25.46
N PRO D 24 -32.60 36.35 -25.57
CA PRO D 24 -33.28 37.23 -24.61
C PRO D 24 -33.21 36.65 -23.21
N LYS D 25 -33.10 37.55 -22.22
CA LYS D 25 -32.98 37.14 -20.84
C LYS D 25 -34.29 36.54 -20.35
N THR D 26 -34.19 35.53 -19.47
CA THR D 26 -35.35 34.85 -18.93
C THR D 26 -35.15 34.64 -17.43
N CYS D 27 -36.20 34.12 -16.79
CA CYS D 27 -36.16 33.79 -15.37
C CYS D 27 -37.32 32.85 -15.07
N TYR D 28 -37.23 32.20 -13.92
CA TYR D 28 -38.31 31.34 -13.41
C TYR D 28 -38.94 32.03 -12.21
N PHE D 29 -40.24 32.31 -12.30
CA PHE D 29 -40.98 32.92 -11.21
C PHE D 29 -42.28 32.14 -11.04
N GLY D 30 -42.44 31.52 -9.87
CA GLY D 30 -43.59 30.67 -9.65
C GLY D 30 -43.52 29.34 -10.36
N GLY D 31 -42.32 28.90 -10.72
CA GLY D 31 -42.14 27.61 -11.37
C GLY D 31 -42.28 27.61 -12.88
N VAL D 32 -42.64 28.74 -13.48
CA VAL D 32 -42.84 28.82 -14.92
C VAL D 32 -41.80 29.77 -15.50
N LEU D 33 -41.45 29.53 -16.77
CA LEU D 33 -40.48 30.36 -17.45
C LEU D 33 -41.09 31.71 -17.81
N ARG D 34 -40.30 32.77 -17.66
CA ARG D 34 -40.79 34.12 -17.92
C ARG D 34 -39.85 34.89 -18.84
N SER D 35 -40.09 36.18 -19.00
CA SER D 35 -39.18 37.08 -19.71
C SER D 35 -38.66 38.11 -18.71
N ARG D 36 -37.39 38.47 -18.86
CA ARG D 36 -36.71 39.29 -17.88
C ARG D 36 -35.91 40.39 -18.56
N ILE D 37 -35.99 41.59 -17.99
CA ILE D 37 -35.09 42.69 -18.32
C ILE D 37 -34.30 43.00 -17.06
N SER D 38 -32.97 42.98 -17.17
CA SER D 38 -32.13 43.12 -15.99
C SER D 38 -32.25 44.53 -15.41
N SER D 39 -31.88 44.65 -14.13
CA SER D 39 -31.97 45.93 -13.45
C SER D 39 -30.93 46.91 -13.95
N GLN D 40 -29.73 46.42 -14.27
CA GLN D 40 -28.68 47.31 -14.76
C GLN D 40 -28.99 47.84 -16.15
N CYS D 41 -29.79 47.11 -16.92
CA CYS D 41 -30.22 47.61 -18.23
C CYS D 41 -31.22 48.74 -18.07
N ILE D 42 -32.19 48.57 -17.16
CA ILE D 42 -33.17 49.62 -16.91
C ILE D 42 -32.53 50.81 -16.20
N LYS D 43 -31.58 50.54 -15.30
CA LYS D 43 -30.91 51.61 -14.58
C LYS D 43 -30.10 52.51 -15.51
N ARG D 44 -29.39 51.91 -16.47
CA ARG D 44 -28.57 52.71 -17.37
C ARG D 44 -29.39 53.41 -18.43
N SER D 45 -30.47 52.78 -18.90
CA SER D 45 -31.32 53.39 -19.91
C SER D 45 -32.03 54.63 -19.40
N ILE D 46 -32.18 54.76 -18.08
CA ILE D 46 -32.65 56.02 -17.52
C ILE D 46 -31.59 57.10 -17.65
N ARG D 47 -30.33 56.75 -17.39
CA ARG D 47 -29.24 57.71 -17.49
C ARG D 47 -29.05 58.21 -18.92
N THR D 48 -29.11 57.30 -19.89
CA THR D 48 -28.94 57.67 -21.28
C THR D 48 -30.23 58.14 -21.94
N SER D 49 -31.32 58.24 -21.18
CA SER D 49 -32.57 58.74 -21.72
C SER D 49 -32.48 60.24 -21.99
N ASN D 50 -33.32 60.70 -22.92
CA ASN D 50 -33.36 62.12 -23.25
C ASN D 50 -33.97 62.97 -22.15
N ASP D 51 -34.80 62.37 -21.28
CA ASP D 51 -35.41 63.12 -20.19
C ASP D 51 -34.40 63.41 -19.08
N PHE D 52 -33.43 62.53 -18.88
CA PHE D 52 -32.41 62.71 -17.87
C PHE D 52 -31.19 63.46 -18.40
N LYS D 53 -31.25 63.97 -19.63
CA LYS D 53 -30.14 64.71 -20.22
C LYS D 53 -29.85 65.99 -19.44
N ALA D 54 -30.87 66.54 -18.77
CA ALA D 54 -30.71 67.80 -18.05
C ALA D 54 -29.70 67.67 -16.91
N LEU D 55 -29.74 66.56 -16.17
CA LEU D 55 -28.83 66.41 -15.03
C LEU D 55 -27.55 65.68 -15.44
N LEU D 56 -27.67 64.39 -15.78
CA LEU D 56 -26.65 63.53 -16.39
C LEU D 56 -25.22 63.81 -15.91
N GLY D 57 -25.03 63.69 -14.60
CA GLY D 57 -23.73 63.96 -14.04
C GLY D 57 -22.96 62.71 -13.67
N GLY D 58 -21.95 62.35 -14.45
CA GLY D 58 -21.15 61.19 -14.09
C GLY D 58 -20.76 60.31 -15.25
N VAL D 59 -19.52 59.82 -15.21
CA VAL D 59 -19.00 58.93 -16.24
C VAL D 59 -18.37 57.72 -15.55
N ARG D 60 -18.72 56.53 -16.02
CA ARG D 60 -18.11 55.29 -15.55
C ARG D 60 -17.13 54.84 -16.64
N THR D 61 -15.90 55.31 -16.55
CA THR D 61 -14.92 55.19 -17.63
C THR D 61 -13.76 54.31 -17.20
N ARG D 62 -13.42 53.33 -18.05
CA ARG D 62 -12.22 52.55 -17.81
C ARG D 62 -10.97 53.35 -18.16
N ARG D 63 -11.04 54.18 -19.19
CA ARG D 63 -9.91 54.96 -19.68
C ARG D 63 -10.08 56.40 -19.18
N LEU D 64 -9.62 56.64 -17.95
CA LEU D 64 -9.62 58.00 -17.43
C LEU D 64 -8.58 58.87 -18.12
N ALA D 65 -7.55 58.25 -18.69
CA ALA D 65 -6.49 58.98 -19.38
C ALA D 65 -7.02 59.69 -20.62
N ASP D 66 -7.84 59.00 -21.43
CA ASP D 66 -8.37 59.63 -22.63
C ASP D 66 -9.42 60.68 -22.30
N LEU D 67 -10.16 60.49 -21.21
CA LEU D 67 -11.13 61.50 -20.79
C LEU D 67 -10.44 62.75 -20.27
N ILE D 68 -9.35 62.58 -19.53
CA ILE D 68 -8.62 63.73 -19.00
C ILE D 68 -7.71 64.36 -20.05
N GLN D 69 -7.44 63.66 -21.16
CA GLN D 69 -6.50 64.16 -22.16
C GLN D 69 -7.01 65.42 -22.84
N GLN D 70 -8.28 65.43 -23.24
CA GLN D 70 -8.82 66.62 -23.89
C GLN D 70 -9.17 67.72 -22.91
N GLU D 71 -9.17 67.44 -21.61
CA GLU D 71 -9.31 68.48 -20.59
C GLU D 71 -7.97 69.07 -20.18
N ALA D 72 -6.89 68.31 -20.33
CA ALA D 72 -5.56 68.79 -19.96
C ALA D 72 -4.94 69.64 -21.07
N GLY D 73 -4.89 69.10 -22.28
CA GLY D 73 -4.29 69.82 -23.40
C GLY D 73 -2.79 70.03 -23.30
N GLU D 74 -2.04 69.01 -22.88
CA GLU D 74 -0.60 69.13 -22.75
C GLU D 74 0.02 67.74 -22.86
N THR D 75 1.33 67.72 -23.06
CA THR D 75 2.08 66.46 -23.19
C THR D 75 2.01 65.64 -21.90
N GLU D 76 1.82 66.30 -20.75
CA GLU D 76 1.75 65.64 -19.45
C GLU D 76 0.47 64.84 -19.23
N CYS D 77 -0.37 64.65 -20.23
CA CYS D 77 -1.61 63.90 -20.09
C CYS D 77 -1.42 62.39 -20.15
N TRP D 78 -0.19 61.91 -20.21
CA TRP D 78 0.06 60.48 -20.30
C TRP D 78 1.40 60.18 -19.62
N LYS D 79 1.96 59.02 -19.93
CA LYS D 79 3.17 58.44 -19.31
C LYS D 79 2.84 58.16 -17.85
N LYS D 80 3.83 58.29 -16.96
CA LYS D 80 3.59 58.06 -15.54
C LYS D 80 2.77 59.17 -14.91
N ALA D 81 2.65 60.32 -15.59
CA ALA D 81 1.77 61.39 -15.09
C ALA D 81 0.30 60.97 -15.13
N GLN D 82 -0.07 60.09 -16.06
CA GLN D 82 -1.41 59.52 -16.08
C GLN D 82 -1.44 58.05 -15.69
N GLU D 83 -0.29 57.42 -15.51
CA GLU D 83 -0.19 56.18 -14.75
C GLU D 83 -0.02 56.45 -13.26
N ILE D 84 -0.38 57.66 -12.82
CA ILE D 84 -0.33 58.05 -11.42
C ILE D 84 -1.29 57.22 -10.58
N LEU D 85 -2.37 56.73 -11.20
CA LEU D 85 -3.37 55.95 -10.47
C LEU D 85 -2.83 54.62 -9.96
N ASN D 86 -1.78 54.09 -10.59
CA ASN D 86 -1.16 52.88 -10.09
C ASN D 86 -0.45 53.12 -8.77
N LYS D 87 0.19 54.28 -8.63
CA LYS D 87 0.75 54.66 -7.32
C LYS D 87 -0.34 55.08 -6.36
N CYS D 88 -1.45 55.61 -6.88
CA CYS D 88 -2.64 55.82 -6.04
C CYS D 88 -3.22 54.49 -5.60
N GLY D 89 -3.08 53.46 -6.42
CA GLY D 89 -3.52 52.13 -6.09
C GLY D 89 -4.68 51.65 -6.94
N PHE D 90 -4.36 50.88 -7.98
CA PHE D 90 -5.33 50.34 -8.91
C PHE D 90 -4.99 48.88 -9.17
N LYS D 91 -6.00 48.09 -9.51
CA LYS D 91 -5.78 46.69 -9.89
C LYS D 91 -5.60 46.64 -11.41
N ASN D 92 -4.37 46.95 -11.83
CA ASN D 92 -4.09 47.12 -13.27
C ASN D 92 -4.04 45.77 -13.98
N LYS D 93 -3.41 44.77 -13.36
CA LYS D 93 -3.22 43.48 -14.02
C LYS D 93 -4.15 42.39 -13.51
N ASP D 94 -4.73 42.56 -12.32
CA ASP D 94 -5.76 41.63 -11.85
C ASP D 94 -7.13 41.97 -12.40
N ASP D 95 -7.30 43.15 -12.99
CA ASP D 95 -8.53 43.53 -13.68
C ASP D 95 -8.20 43.91 -15.12
N ASN D 96 -9.15 43.65 -16.02
CA ASN D 96 -8.95 43.93 -17.43
C ASN D 96 -9.03 45.43 -17.68
N THR D 97 -7.89 46.03 -18.04
CA THR D 97 -7.75 47.46 -18.31
C THR D 97 -8.20 48.28 -17.09
N LYS D 98 -7.44 48.11 -16.00
CA LYS D 98 -7.66 48.79 -14.72
C LYS D 98 -9.06 48.51 -14.17
N MET D 99 -9.52 49.35 -13.25
CA MET D 99 -10.85 49.23 -12.68
C MET D 99 -11.68 50.46 -13.03
N LEU D 100 -12.99 50.25 -13.16
CA LEU D 100 -13.88 51.34 -13.53
C LEU D 100 -14.09 52.29 -12.36
N VAL D 101 -14.21 53.57 -12.67
CA VAL D 101 -14.45 54.62 -11.68
C VAL D 101 -15.74 55.32 -12.03
N PHE D 102 -16.64 55.42 -11.06
CA PHE D 102 -17.90 56.16 -11.23
C PHE D 102 -17.67 57.61 -10.85
N MET D 103 -16.96 58.31 -11.73
CA MET D 103 -16.56 59.69 -11.51
C MET D 103 -17.59 60.65 -12.11
N SER D 104 -17.84 61.74 -11.38
CA SER D 104 -18.69 62.80 -11.91
C SER D 104 -18.01 63.49 -13.08
N LYS D 105 -18.79 63.76 -14.14
CA LYS D 105 -18.21 64.36 -15.34
C LYS D 105 -17.79 65.81 -15.12
N ASP D 106 -18.47 66.52 -14.22
CA ASP D 106 -18.10 67.90 -13.91
C ASP D 106 -17.13 67.96 -12.73
N LYS D 107 -16.11 67.11 -12.79
CA LYS D 107 -14.99 67.16 -11.85
C LYS D 107 -13.67 66.85 -12.52
N ILE D 108 -13.65 66.65 -13.84
CA ILE D 108 -12.42 66.35 -14.57
C ILE D 108 -11.50 67.58 -14.59
N LYS D 109 -12.04 68.78 -14.36
CA LYS D 109 -11.21 69.98 -14.32
C LYS D 109 -10.22 69.92 -13.15
N ASP D 110 -10.61 69.31 -12.02
CA ASP D 110 -9.68 69.16 -10.91
C ASP D 110 -8.59 68.16 -11.23
N LEU D 111 -8.95 67.06 -11.89
CA LEU D 111 -7.94 66.08 -12.30
C LEU D 111 -6.98 66.68 -13.32
N ALA D 112 -7.50 67.52 -14.22
CA ALA D 112 -6.63 68.25 -15.14
C ALA D 112 -5.71 69.21 -14.38
N ARG D 113 -6.24 69.86 -13.35
CA ARG D 113 -5.44 70.80 -12.57
C ARG D 113 -4.28 70.09 -11.87
N ILE D 114 -4.53 68.91 -11.29
CA ILE D 114 -3.44 68.22 -10.62
C ILE D 114 -2.45 67.66 -11.64
N VAL D 115 -2.92 67.10 -12.75
CA VAL D 115 -1.96 66.47 -13.66
C VAL D 115 -1.14 67.52 -14.43
N LEU D 116 -1.68 68.72 -14.63
CA LEU D 116 -0.98 69.74 -15.39
C LEU D 116 0.13 70.43 -14.60
N ASP D 117 0.28 70.12 -13.32
CA ASP D 117 1.40 70.61 -12.53
C ASP D 117 2.28 69.42 -12.14
N ASN D 118 3.55 69.46 -12.57
CA ASN D 118 4.51 68.42 -12.27
C ASN D 118 5.65 68.92 -11.39
N SER D 119 5.51 70.10 -10.79
CA SER D 119 6.54 70.60 -9.89
C SER D 119 6.68 69.72 -8.66
N LEU D 120 5.56 69.24 -8.12
CA LEU D 120 5.57 68.30 -7.01
C LEU D 120 5.80 66.85 -7.47
N GLY D 121 5.76 66.60 -8.78
CA GLY D 121 6.00 65.27 -9.30
C GLY D 121 4.87 64.30 -8.97
N LEU D 122 5.23 63.02 -8.94
CA LEU D 122 4.26 62.00 -8.53
C LEU D 122 4.07 62.00 -7.02
N THR D 123 5.10 62.41 -6.27
CA THR D 123 5.02 62.48 -4.82
C THR D 123 4.03 63.56 -4.40
N GLU D 124 3.12 63.20 -3.50
CA GLU D 124 2.01 63.99 -2.97
C GLU D 124 0.93 64.28 -4.02
N ALA D 125 1.14 63.88 -5.28
CA ALA D 125 0.10 63.95 -6.29
C ALA D 125 -0.60 62.61 -6.49
N ALA D 126 0.09 61.50 -6.21
CA ALA D 126 -0.57 60.21 -6.25
C ALA D 126 -1.53 59.99 -5.08
N GLN D 127 -1.53 60.87 -4.08
CA GLN D 127 -2.41 60.73 -2.94
C GLN D 127 -3.41 61.86 -2.79
N GLN D 128 -3.09 63.07 -3.21
CA GLN D 128 -4.07 64.15 -3.19
C GLN D 128 -5.16 63.94 -4.24
N VAL D 129 -4.87 63.15 -5.29
CA VAL D 129 -5.89 62.75 -6.26
C VAL D 129 -6.95 61.87 -5.59
N ALA D 130 -6.57 61.13 -4.55
CA ALA D 130 -7.52 60.23 -3.90
C ALA D 130 -8.65 61.00 -3.21
N ASN D 131 -8.34 62.14 -2.61
CA ASN D 131 -9.37 62.96 -1.98
C ASN D 131 -10.36 63.47 -3.01
N VAL D 132 -9.87 63.90 -4.17
CA VAL D 132 -10.76 64.39 -5.23
C VAL D 132 -11.60 63.26 -5.80
N ILE D 133 -11.01 62.06 -5.91
CA ILE D 133 -11.76 60.90 -6.37
C ILE D 133 -12.88 60.57 -5.39
N ALA D 134 -12.57 60.58 -4.08
CA ALA D 134 -13.56 60.23 -3.08
C ALA D 134 -14.66 61.28 -2.97
N GLN D 135 -14.31 62.55 -3.14
CA GLN D 135 -15.28 63.63 -3.03
C GLN D 135 -16.13 63.82 -4.27
N ALA D 136 -15.83 63.10 -5.36
CA ALA D 136 -16.55 63.26 -6.61
C ALA D 136 -17.83 62.41 -6.64
N THR D 137 -18.74 62.74 -5.70
CA THR D 137 -20.01 62.03 -5.59
C THR D 137 -21.22 62.93 -5.70
N LEU D 138 -21.05 64.25 -5.71
CA LEU D 138 -22.16 65.17 -5.83
C LEU D 138 -22.68 65.11 -7.27
N ALA D 139 -23.69 64.28 -7.50
CA ALA D 139 -24.25 64.04 -8.82
C ALA D 139 -25.58 63.32 -8.69
N PRO D 140 -26.56 63.62 -9.55
CA PRO D 140 -27.89 62.99 -9.42
C PRO D 140 -27.89 61.48 -9.59
N ASP D 141 -27.37 60.99 -10.72
CA ASP D 141 -27.36 59.55 -10.95
C ASP D 141 -26.30 58.82 -10.14
N ILE D 142 -25.31 59.53 -9.61
CA ILE D 142 -24.44 58.91 -8.61
C ILE D 142 -25.20 58.71 -7.31
N ALA D 143 -26.04 59.68 -6.94
CA ALA D 143 -26.85 59.55 -5.74
C ALA D 143 -27.87 58.42 -5.87
N LEU D 144 -28.48 58.29 -7.05
CA LEU D 144 -29.48 57.25 -7.24
C LEU D 144 -28.84 55.87 -7.34
N CYS D 145 -27.94 55.68 -8.31
CA CYS D 145 -27.35 54.37 -8.55
C CYS D 145 -26.43 53.95 -7.42
N GLY D 146 -25.60 54.88 -6.94
CA GLY D 146 -24.66 54.56 -5.88
C GLY D 146 -23.42 53.85 -6.38
N ARG D 147 -22.26 54.23 -5.87
CA ARG D 147 -21.00 53.64 -6.30
C ARG D 147 -20.35 52.90 -5.13
N MET D 148 -19.37 52.07 -5.46
CA MET D 148 -18.70 51.23 -4.48
C MET D 148 -17.18 51.22 -4.56
N LEU D 149 -16.59 52.00 -5.48
CA LEU D 149 -15.19 51.91 -5.91
C LEU D 149 -14.22 51.71 -4.75
N GLU D 150 -13.47 50.62 -4.82
CA GLU D 150 -12.60 50.17 -3.75
C GLU D 150 -11.15 50.17 -4.21
N PRO D 151 -10.20 50.33 -3.29
CA PRO D 151 -8.78 50.26 -3.68
C PRO D 151 -8.35 48.83 -3.98
N ASN D 152 -7.14 48.67 -4.49
CA ASN D 152 -6.64 47.36 -4.88
C ASN D 152 -6.12 46.60 -3.65
N ASP D 153 -5.47 45.47 -3.88
CA ASP D 153 -4.96 44.64 -2.78
C ASP D 153 -3.47 44.78 -2.56
N LYS D 154 -2.71 45.25 -3.55
CA LYS D 154 -1.25 45.27 -3.46
C LYS D 154 -0.61 46.64 -3.62
N ASP D 155 -1.26 47.56 -4.34
CA ASP D 155 -0.66 48.85 -4.65
C ASP D 155 -1.23 49.98 -3.80
N LYS D 156 -1.97 49.67 -2.74
CA LYS D 156 -2.56 50.68 -1.87
C LYS D 156 -1.75 50.90 -0.60
N ASP D 157 -0.48 50.51 -0.59
CA ASP D 157 0.35 50.60 0.60
C ASP D 157 1.53 51.55 0.45
N LYS D 158 1.64 52.27 -0.66
CA LYS D 158 2.73 53.21 -0.86
C LYS D 158 2.37 54.58 -0.27
N LYS D 159 2.28 54.60 1.06
CA LYS D 159 1.87 55.77 1.83
C LYS D 159 0.52 56.28 1.32
N VAL D 160 -0.43 55.34 1.23
CA VAL D 160 -1.72 55.59 0.59
C VAL D 160 -2.80 55.56 1.65
N LYS D 161 -3.59 56.63 1.72
CA LYS D 161 -4.75 56.68 2.58
C LYS D 161 -6.01 56.79 1.72
N TRP D 162 -7.08 56.15 2.18
CA TRP D 162 -8.36 56.18 1.47
C TRP D 162 -9.49 56.36 2.47
N SER D 163 -10.45 57.19 2.11
CA SER D 163 -11.63 57.40 2.91
C SER D 163 -12.75 56.49 2.43
N ASN D 164 -13.96 56.69 2.95
CA ASN D 164 -15.11 55.90 2.54
C ASN D 164 -15.59 56.41 1.18
N THR D 165 -15.10 55.77 0.12
CA THR D 165 -15.52 56.14 -1.23
C THR D 165 -16.92 55.66 -1.55
N THR D 166 -17.39 54.61 -0.88
CA THR D 166 -18.70 54.05 -1.16
C THR D 166 -19.80 54.99 -0.70
N VAL D 167 -20.75 55.26 -1.57
CA VAL D 167 -21.96 56.00 -1.24
C VAL D 167 -23.14 55.04 -1.32
N GLU D 168 -24.05 55.15 -0.38
CA GLU D 168 -25.18 54.23 -0.32
C GLU D 168 -26.19 54.55 -1.39
N ALA D 169 -26.73 53.51 -2.02
CA ALA D 169 -27.72 53.70 -3.06
C ALA D 169 -29.03 54.20 -2.49
N ALA D 170 -29.70 55.08 -3.23
CA ALA D 170 -31.02 55.57 -2.85
C ALA D 170 -32.10 55.07 -3.80
N LEU D 171 -31.81 54.06 -4.62
CA LEU D 171 -32.77 53.54 -5.58
C LEU D 171 -32.56 52.05 -5.73
N GLN D 172 -33.64 51.29 -5.64
CA GLN D 172 -33.61 49.85 -5.84
C GLN D 172 -34.52 49.51 -7.02
N VAL D 173 -33.98 48.80 -8.00
CA VAL D 173 -34.73 48.42 -9.20
C VAL D 173 -34.73 46.90 -9.28
N ALA D 174 -35.92 46.34 -9.49
CA ALA D 174 -36.07 44.90 -9.62
C ALA D 174 -35.91 44.47 -11.08
N HIS D 175 -35.54 43.21 -11.26
CA HIS D 175 -35.47 42.63 -12.60
C HIS D 175 -36.90 42.51 -13.13
N ALA D 176 -37.22 43.28 -14.16
CA ALA D 176 -38.58 43.35 -14.66
C ALA D 176 -39.03 42.02 -15.24
N ILE D 177 -40.05 41.43 -14.62
CA ILE D 177 -40.54 40.12 -15.02
C ILE D 177 -41.87 40.28 -15.75
N SER D 178 -42.12 39.37 -16.68
CA SER D 178 -43.38 39.36 -17.39
C SER D 178 -44.50 38.84 -16.50
N THR D 179 -45.73 39.04 -16.95
CA THR D 179 -46.90 38.54 -16.26
C THR D 179 -47.48 37.28 -16.90
N HIS D 180 -46.78 36.71 -17.87
CA HIS D 180 -47.25 35.51 -18.57
C HIS D 180 -46.05 34.66 -18.94
N ILE D 181 -46.34 33.47 -19.48
CA ILE D 181 -45.27 32.59 -19.92
C ILE D 181 -44.58 33.17 -21.16
N ALA D 182 -43.33 32.74 -21.38
CA ALA D 182 -42.54 33.24 -22.48
C ALA D 182 -42.99 32.61 -23.78
N ARG D 183 -43.38 33.44 -24.75
CA ARG D 183 -43.86 32.95 -26.02
C ARG D 183 -42.70 32.50 -26.90
N PRO D 184 -42.72 31.29 -27.44
CA PRO D 184 -41.65 30.86 -28.33
C PRO D 184 -41.69 31.61 -29.65
N GLU D 185 -40.51 31.76 -30.25
CA GLU D 185 -40.40 32.45 -31.53
C GLU D 185 -40.83 31.53 -32.66
N ILE D 186 -40.87 32.08 -33.87
CA ILE D 186 -41.33 31.34 -35.03
C ILE D 186 -40.24 30.39 -35.50
N ASP D 187 -40.59 29.12 -35.64
CA ASP D 187 -39.66 28.13 -36.15
C ASP D 187 -39.40 28.40 -37.63
N TYR D 188 -38.17 28.17 -38.07
CA TYR D 188 -37.80 28.34 -39.47
C TYR D 188 -37.28 27.08 -40.13
N PHE D 189 -37.10 25.99 -39.37
CA PHE D 189 -36.74 24.69 -39.93
C PHE D 189 -37.93 23.99 -40.58
N VAL D 190 -39.16 24.46 -40.32
CA VAL D 190 -40.35 23.83 -40.87
C VAL D 190 -40.64 24.25 -42.31
N ALA D 191 -39.89 25.22 -42.84
CA ALA D 191 -40.15 25.72 -44.19
C ALA D 191 -39.83 24.70 -45.27
N ALA D 192 -38.96 23.73 -44.98
CA ALA D 192 -38.61 22.72 -45.98
C ALA D 192 -39.63 21.60 -46.09
N ASP D 193 -40.56 21.49 -45.14
CA ASP D 193 -41.49 20.38 -45.11
C ASP D 193 -42.93 20.79 -45.42
N ASP D 194 -43.34 22.00 -45.09
CA ASP D 194 -44.72 22.42 -45.31
C ASP D 194 -44.77 23.94 -45.44
N VAL D 195 -45.96 24.45 -45.66
CA VAL D 195 -46.19 25.88 -45.88
C VAL D 195 -47.39 26.32 -45.03
N PRO D 196 -47.33 27.48 -44.39
CA PRO D 196 -48.51 27.96 -43.64
C PRO D 196 -49.73 28.22 -44.51
N GLY D 197 -49.56 28.41 -45.81
CA GLY D 197 -50.68 28.63 -46.70
C GLY D 197 -50.51 29.87 -47.55
N GLU D 198 -51.63 30.45 -48.00
CA GLU D 198 -51.63 31.69 -48.76
C GLU D 198 -52.19 32.78 -47.85
N ASP D 199 -51.29 33.57 -47.27
CA ASP D 199 -51.55 34.58 -46.23
C ASP D 199 -52.60 34.11 -45.22
N ALA D 200 -52.27 33.00 -44.56
CA ALA D 200 -53.13 32.38 -43.55
C ALA D 200 -52.40 32.39 -42.20
N GLY D 201 -52.99 31.69 -41.23
CA GLY D 201 -52.45 31.66 -39.89
C GLY D 201 -51.12 30.94 -39.80
N ALA D 202 -50.49 31.06 -38.63
CA ALA D 202 -49.10 30.63 -38.39
C ALA D 202 -48.17 31.24 -39.44
N GLY D 203 -48.34 32.54 -39.65
CA GLY D 203 -47.77 33.23 -40.80
C GLY D 203 -48.32 34.63 -40.92
N HIS D 204 -48.83 34.98 -42.10
CA HIS D 204 -49.37 36.32 -42.36
C HIS D 204 -50.67 36.51 -41.61
N ILE D 205 -50.54 36.76 -40.30
CA ILE D 205 -51.66 37.18 -39.47
C ILE D 205 -51.67 38.71 -39.31
N GLY D 206 -50.53 39.37 -39.47
CA GLY D 206 -50.42 40.79 -39.23
C GLY D 206 -50.16 41.09 -37.77
N GLU D 207 -51.21 41.03 -36.94
CA GLU D 207 -51.14 41.31 -35.51
C GLU D 207 -50.49 42.66 -35.24
N SER D 208 -51.05 43.69 -35.85
CA SER D 208 -50.48 45.04 -35.91
C SER D 208 -49.08 44.98 -36.51
N MET D 209 -48.06 44.93 -35.67
CA MET D 209 -46.68 44.87 -36.12
C MET D 209 -45.96 43.61 -35.69
N PHE D 210 -46.09 43.21 -34.43
CA PHE D 210 -45.36 42.06 -33.90
C PHE D 210 -46.13 41.52 -32.69
N ALA D 211 -45.48 40.64 -31.94
CA ALA D 211 -46.06 40.07 -30.72
C ALA D 211 -45.36 40.70 -29.52
N SER D 212 -46.08 41.55 -28.80
CA SER D 212 -45.51 42.26 -27.66
C SER D 212 -45.47 41.34 -26.44
N ALA D 213 -45.10 41.89 -25.30
CA ALA D 213 -45.01 41.11 -24.07
C ALA D 213 -45.24 42.04 -22.89
N CYS D 214 -46.20 41.72 -22.04
CA CYS D 214 -46.46 42.53 -20.85
C CYS D 214 -45.33 42.34 -19.85
N PHE D 215 -44.96 43.44 -19.18
CA PHE D 215 -43.87 43.43 -18.21
C PHE D 215 -44.29 44.18 -16.96
N TYR D 216 -43.88 43.66 -15.81
CA TYR D 216 -44.13 44.29 -14.51
C TYR D 216 -42.82 44.83 -13.98
N LYS D 217 -42.76 46.14 -13.76
CA LYS D 217 -41.54 46.80 -13.32
C LYS D 217 -41.74 47.42 -11.95
N TYR D 218 -40.64 47.53 -11.20
CA TYR D 218 -40.70 47.89 -9.79
C TYR D 218 -39.53 48.78 -9.43
N PHE D 219 -39.82 49.94 -8.83
CA PHE D 219 -38.80 50.89 -8.41
C PHE D 219 -39.09 51.32 -6.98
N SER D 220 -38.03 51.63 -6.23
CA SER D 220 -38.19 52.00 -4.82
C SER D 220 -37.14 53.06 -4.48
N ILE D 221 -37.55 54.33 -4.56
CA ILE D 221 -36.68 55.45 -4.23
C ILE D 221 -36.93 55.86 -2.78
N ASP D 222 -35.85 56.02 -2.03
CA ASP D 222 -35.92 56.45 -0.63
C ASP D 222 -35.55 57.93 -0.57
N TRP D 223 -36.44 58.75 -0.02
CA TRP D 223 -36.26 60.19 -0.07
C TRP D 223 -35.13 60.65 0.85
N GLU D 224 -35.02 60.05 2.03
CA GLU D 224 -34.03 60.50 3.00
C GLU D 224 -32.60 60.22 2.52
N GLN D 225 -32.36 59.02 1.99
CA GLN D 225 -31.02 58.69 1.50
C GLN D 225 -30.67 59.52 0.28
N LEU D 226 -31.66 59.79 -0.58
CA LEU D 226 -31.42 60.65 -1.74
C LEU D 226 -31.07 62.07 -1.32
N VAL D 227 -31.77 62.60 -0.30
CA VAL D 227 -31.47 63.94 0.17
C VAL D 227 -30.09 64.00 0.82
N LYS D 228 -29.76 63.02 1.67
CA LYS D 228 -28.46 63.02 2.33
C LYS D 228 -27.32 62.73 1.37
N ASN D 229 -27.59 62.08 0.24
CA ASN D 229 -26.54 61.84 -0.75
C ASN D 229 -26.09 63.14 -1.40
N LEU D 230 -27.03 64.05 -1.67
CA LEU D 230 -26.74 65.30 -2.35
C LEU D 230 -26.31 66.41 -1.41
N LYS D 231 -26.23 66.13 -0.11
CA LYS D 231 -25.84 67.11 0.92
C LYS D 231 -26.78 68.32 0.91
N GLY D 232 -28.05 68.06 1.21
CA GLY D 232 -29.07 69.09 1.13
C GLY D 232 -29.61 69.23 -0.28
N ASP D 233 -29.94 70.46 -0.68
CA ASP D 233 -30.47 70.78 -2.01
C ASP D 233 -31.73 69.96 -2.31
N THR D 234 -32.76 70.21 -1.50
CA THR D 234 -33.97 69.39 -1.54
C THR D 234 -34.72 69.54 -2.87
N ASN D 235 -34.70 70.74 -3.45
CA ASN D 235 -35.36 70.95 -4.73
C ASN D 235 -34.69 70.19 -5.86
N LEU D 236 -33.36 70.06 -5.81
CA LEU D 236 -32.64 69.30 -6.82
C LEU D 236 -33.00 67.82 -6.75
N ALA D 237 -33.16 67.28 -5.55
CA ALA D 237 -33.59 65.90 -5.40
C ALA D 237 -35.01 65.71 -5.92
N ALA D 238 -35.87 66.70 -5.71
CA ALA D 238 -37.22 66.65 -6.26
C ALA D 238 -37.20 66.66 -7.79
N HIS D 239 -36.34 67.50 -8.37
CA HIS D 239 -36.17 67.52 -9.82
C HIS D 239 -35.66 66.18 -10.32
N THR D 240 -34.72 65.56 -9.58
CA THR D 240 -34.22 64.25 -9.95
C THR D 240 -35.32 63.19 -9.91
N VAL D 241 -36.17 63.24 -8.89
CA VAL D 241 -37.26 62.27 -8.77
C VAL D 241 -38.23 62.43 -9.94
N GLY D 242 -38.61 63.67 -10.24
CA GLY D 242 -39.54 63.90 -11.34
C GLY D 242 -38.96 63.51 -12.68
N ALA D 243 -37.68 63.85 -12.92
CA ALA D 243 -37.03 63.48 -14.16
C ALA D 243 -36.89 61.96 -14.29
N PHE D 244 -36.59 61.28 -13.18
CA PHE D 244 -36.47 59.83 -13.23
C PHE D 244 -37.82 59.19 -13.54
N LEU D 245 -38.90 59.69 -12.93
CA LEU D 245 -40.22 59.14 -13.19
C LEU D 245 -40.62 59.35 -14.65
N LEU D 246 -40.40 60.56 -15.17
CA LEU D 246 -40.73 60.84 -16.57
C LEU D 246 -39.87 60.01 -17.52
N ALA D 247 -38.60 59.81 -17.18
CA ALA D 247 -37.72 58.99 -18.02
C ALA D 247 -38.16 57.54 -18.00
N ALA D 248 -38.48 57.00 -16.82
CA ALA D 248 -38.86 55.60 -16.71
C ALA D 248 -40.20 55.32 -17.36
N ALA D 249 -41.06 56.33 -17.46
CA ALA D 249 -42.34 56.13 -18.14
C ALA D 249 -42.17 55.83 -19.63
N LYS D 250 -41.29 56.55 -20.31
CA LYS D 250 -41.27 56.56 -21.77
C LYS D 250 -39.86 56.33 -22.32
N THR D 251 -39.17 55.31 -21.82
CA THR D 251 -37.86 54.95 -22.35
C THR D 251 -37.81 53.45 -22.63
N ASN D 252 -37.40 53.09 -23.84
CA ASN D 252 -37.14 51.69 -24.17
C ASN D 252 -35.74 51.31 -23.72
N PRO D 253 -35.56 50.12 -23.15
CA PRO D 253 -34.23 49.73 -22.64
C PRO D 253 -33.14 49.67 -23.71
N SER D 254 -33.47 49.21 -24.91
CA SER D 254 -32.52 49.16 -26.01
C SER D 254 -32.64 50.44 -26.84
N GLY D 255 -32.07 50.42 -28.04
CA GLY D 255 -32.18 51.53 -28.97
C GLY D 255 -33.55 51.72 -29.59
N LYS D 256 -33.58 52.33 -30.78
CA LYS D 256 -34.81 52.72 -31.47
C LYS D 256 -35.66 53.63 -30.58
N GLN D 257 -35.11 54.80 -30.30
CA GLN D 257 -35.77 55.77 -29.42
C GLN D 257 -37.07 56.27 -30.04
N ASN D 258 -38.10 56.36 -29.22
CA ASN D 258 -39.38 56.89 -29.68
C ASN D 258 -39.30 58.41 -29.81
N SER D 259 -39.90 58.93 -30.88
CA SER D 259 -40.06 60.37 -31.01
C SER D 259 -41.38 60.82 -30.40
N PHE D 260 -42.51 60.35 -30.95
CA PHE D 260 -43.81 60.54 -30.33
C PHE D 260 -44.74 59.45 -30.88
N ALA D 261 -44.98 58.42 -30.08
CA ALA D 261 -45.85 57.33 -30.48
C ALA D 261 -47.01 57.07 -29.52
N ALA D 262 -46.88 57.48 -28.25
CA ALA D 262 -47.86 57.32 -27.17
C ALA D 262 -48.10 55.87 -26.78
N HIS D 263 -47.48 54.90 -27.44
CA HIS D 263 -47.50 53.52 -26.99
C HIS D 263 -46.37 53.20 -26.04
N ASN D 264 -45.34 54.04 -26.00
CA ASN D 264 -44.28 53.91 -25.01
C ASN D 264 -44.73 54.30 -23.61
N TYR D 265 -45.87 54.99 -23.49
CA TYR D 265 -46.42 55.31 -22.19
C TYR D 265 -46.87 54.03 -21.49
N PRO D 266 -46.61 53.88 -20.19
CA PRO D 266 -47.07 52.69 -19.48
C PRO D 266 -48.57 52.74 -19.27
N ASP D 267 -49.17 51.56 -19.18
CA ASP D 267 -50.61 51.50 -19.00
C ASP D 267 -51.04 51.65 -17.54
N GLY D 268 -50.11 51.52 -16.61
CA GLY D 268 -50.43 51.69 -15.21
C GLY D 268 -49.25 52.06 -14.34
N ILE D 269 -49.40 53.12 -13.56
CA ILE D 269 -48.43 53.55 -12.57
C ILE D 269 -49.12 53.53 -11.21
N LEU D 270 -48.41 53.08 -10.19
CA LEU D 270 -48.94 53.07 -8.83
C LEU D 270 -47.90 53.70 -7.91
N VAL D 271 -47.94 55.02 -7.80
CA VAL D 271 -47.03 55.74 -6.91
C VAL D 271 -47.59 55.67 -5.50
N GLU D 272 -46.80 55.10 -4.58
CA GLU D 272 -47.22 54.88 -3.20
C GLU D 272 -46.19 55.49 -2.26
N PHE D 273 -46.63 55.81 -1.05
CA PHE D 273 -45.83 56.60 -0.11
C PHE D 273 -45.68 55.88 1.22
N LYS D 274 -45.32 54.60 1.17
CA LYS D 274 -45.13 53.82 2.39
C LYS D 274 -43.86 54.24 3.12
N ASN D 275 -43.63 53.64 4.27
CA ASN D 275 -42.35 53.71 4.96
C ASN D 275 -41.65 52.35 5.02
N SER D 276 -42.27 51.31 4.48
CA SER D 276 -41.68 49.99 4.37
C SER D 276 -41.92 49.48 2.95
N PRO D 277 -40.88 49.05 2.24
CA PRO D 277 -41.06 48.65 0.83
C PRO D 277 -41.84 47.35 0.72
N ILE D 278 -42.86 47.37 -0.11
CA ILE D 278 -43.69 46.20 -0.40
C ILE D 278 -43.74 46.00 -1.91
N SER D 279 -43.44 44.78 -2.35
CA SER D 279 -43.54 44.44 -3.76
C SER D 279 -44.82 43.64 -4.01
N TYR D 280 -45.50 43.97 -5.11
CA TYR D 280 -46.69 43.25 -5.54
C TYR D 280 -46.38 42.27 -6.66
N ALA D 281 -45.14 41.79 -6.73
CA ALA D 281 -44.76 40.84 -7.76
C ALA D 281 -45.46 39.49 -7.59
N ASN D 282 -45.96 39.19 -6.39
CA ASN D 282 -46.67 37.96 -6.12
C ASN D 282 -48.09 37.95 -6.68
N ALA D 283 -48.51 39.02 -7.37
CA ALA D 283 -49.80 39.01 -8.03
C ALA D 283 -49.80 38.07 -9.24
N PHE D 284 -48.65 37.87 -9.86
CA PHE D 284 -48.53 37.10 -11.09
C PHE D 284 -47.82 35.77 -10.90
N VAL D 285 -47.82 35.23 -9.67
CA VAL D 285 -47.36 33.86 -9.47
C VAL D 285 -48.25 32.91 -10.25
N ARG D 286 -49.55 33.12 -10.21
CA ARG D 286 -50.45 32.47 -11.15
C ARG D 286 -50.31 33.14 -12.50
N PRO D 287 -49.92 32.42 -13.55
CA PRO D 287 -49.69 33.05 -14.85
C PRO D 287 -50.97 33.59 -15.46
N VAL D 288 -50.83 34.66 -16.24
CA VAL D 288 -51.96 35.34 -16.87
C VAL D 288 -52.05 34.78 -18.28
N SER D 289 -52.83 33.72 -18.44
CA SER D 289 -52.99 33.05 -19.73
C SER D 289 -54.20 33.62 -20.46
N VAL D 290 -54.03 33.86 -21.77
CA VAL D 290 -55.08 34.42 -22.59
C VAL D 290 -54.74 34.16 -24.05
N VAL D 291 -55.75 34.17 -24.91
CA VAL D 291 -55.57 33.97 -26.34
C VAL D 291 -55.55 35.33 -27.04
N LYS D 292 -56.34 36.28 -26.54
CA LYS D 292 -56.43 37.61 -27.11
C LYS D 292 -55.50 38.55 -26.38
N GLU D 293 -54.64 39.24 -27.13
CA GLU D 293 -53.66 40.15 -26.55
C GLU D 293 -54.23 41.54 -26.29
N SER D 294 -55.48 41.80 -26.67
CA SER D 294 -56.07 43.11 -26.41
C SER D 294 -56.42 43.29 -24.94
N ASP D 295 -56.99 42.25 -24.31
CA ASP D 295 -57.40 42.30 -22.91
C ASP D 295 -56.38 41.67 -21.98
N LEU D 296 -55.22 41.28 -22.49
CA LEU D 296 -54.16 40.72 -21.64
C LEU D 296 -53.69 41.75 -20.62
N VAL D 297 -53.47 42.98 -21.07
CA VAL D 297 -53.10 44.06 -20.16
C VAL D 297 -54.23 44.33 -19.17
N GLU D 298 -55.47 44.26 -19.63
CA GLU D 298 -56.62 44.55 -18.77
C GLU D 298 -56.73 43.54 -17.63
N GLN D 299 -56.62 42.25 -17.94
CA GLN D 299 -56.67 41.27 -16.87
C GLN D 299 -55.40 41.28 -16.02
N SER D 300 -54.27 41.74 -16.57
CA SER D 300 -53.10 41.93 -15.72
C SER D 300 -53.34 43.02 -14.68
N ILE D 301 -53.95 44.14 -15.08
CA ILE D 301 -54.34 45.16 -14.12
C ILE D 301 -55.36 44.63 -13.13
N GLY D 302 -56.27 43.76 -13.59
CA GLY D 302 -57.24 43.17 -12.67
C GLY D 302 -56.60 42.33 -11.58
N GLN D 303 -55.63 41.49 -11.98
CA GLN D 303 -54.90 40.68 -11.00
C GLN D 303 -54.10 41.54 -10.04
N LEU D 304 -53.43 42.58 -10.56
CA LEU D 304 -52.68 43.49 -9.70
C LEU D 304 -53.60 44.20 -8.72
N SER D 305 -54.80 44.60 -9.18
CA SER D 305 -55.76 45.27 -8.32
C SER D 305 -56.23 44.36 -7.19
N ASN D 306 -56.55 43.10 -7.53
CA ASN D 306 -56.97 42.15 -6.51
C ASN D 306 -55.90 41.95 -5.46
N TYR D 307 -54.65 41.76 -5.89
CA TYR D 307 -53.58 41.51 -4.93
C TYR D 307 -53.26 42.74 -4.10
N VAL D 308 -53.31 43.93 -4.70
CA VAL D 308 -52.99 45.13 -3.93
C VAL D 308 -54.09 45.41 -2.91
N ASN D 309 -55.35 45.13 -3.25
CA ASN D 309 -56.42 45.26 -2.28
C ASN D 309 -56.23 44.30 -1.12
N ASP D 310 -55.90 43.03 -1.45
CA ASP D 310 -55.68 42.02 -0.42
C ASP D 310 -54.55 42.42 0.52
N ILE D 311 -53.42 42.84 -0.03
CA ILE D 311 -52.27 43.18 0.81
C ILE D 311 -52.53 44.44 1.62
N ARG D 312 -53.12 45.46 0.99
CA ARG D 312 -53.27 46.74 1.67
C ARG D 312 -54.35 46.72 2.74
N LEU D 313 -55.30 45.77 2.70
CA LEU D 313 -56.21 45.63 3.82
C LEU D 313 -55.89 44.41 4.69
N GLY D 314 -54.86 43.64 4.36
CA GLY D 314 -54.45 42.55 5.22
C GLY D 314 -53.27 42.88 6.12
N TYR D 315 -52.27 43.57 5.58
CA TYR D 315 -51.09 43.97 6.35
C TYR D 315 -51.20 45.41 6.83
N TYR D 316 -52.42 45.86 7.11
CA TYR D 316 -52.69 47.27 7.37
C TYR D 316 -52.51 47.59 8.85
N ASP D 317 -51.76 48.66 9.13
CA ASP D 317 -51.58 49.15 10.49
C ASP D 317 -52.12 50.57 10.60
N GLU D 318 -52.61 50.91 11.79
CA GLU D 318 -53.27 52.19 11.99
C GLU D 318 -52.30 53.36 12.13
N GLN D 319 -51.01 53.09 12.37
CA GLN D 319 -50.08 54.17 12.68
C GLN D 319 -49.81 55.03 11.45
N SER D 320 -49.61 54.43 10.29
CA SER D 320 -49.31 55.15 9.05
C SER D 320 -50.21 54.66 7.93
N PRO D 321 -51.50 55.06 7.93
CA PRO D 321 -52.38 54.73 6.80
C PRO D 321 -52.17 55.70 5.66
N VAL D 322 -51.53 55.22 4.59
CA VAL D 322 -51.12 56.07 3.48
C VAL D 322 -51.89 55.64 2.24
N ILE D 323 -52.03 56.57 1.29
CA ILE D 323 -52.71 56.31 0.02
C ILE D 323 -51.83 56.78 -1.12
N GLY D 324 -52.16 56.34 -2.33
CA GLY D 324 -51.35 56.68 -3.49
C GLY D 324 -52.13 57.18 -4.69
N PHE D 325 -51.43 57.32 -5.82
CA PHE D 325 -52.01 57.79 -7.07
C PHE D 325 -51.98 56.65 -8.10
N TRP D 326 -52.55 56.93 -9.27
CA TRP D 326 -52.63 55.92 -10.32
C TRP D 326 -52.82 56.60 -11.66
N PHE D 327 -52.18 56.08 -12.71
CA PHE D 327 -52.32 56.60 -14.06
C PHE D 327 -52.76 55.49 -15.01
N SER D 328 -53.67 55.81 -15.92
CA SER D 328 -53.95 54.99 -17.09
C SER D 328 -54.52 55.89 -18.17
N PRO D 329 -54.58 55.39 -19.44
CA PRO D 329 -55.25 56.19 -20.51
C PRO D 329 -56.76 56.02 -20.43
N ASN D 330 -57.33 56.12 -19.24
CA ASN D 330 -58.76 55.97 -18.99
C ASN D 330 -59.39 54.85 -19.82
N ASN D 331 -58.66 53.75 -19.97
CA ASN D 331 -59.05 52.69 -20.88
C ASN D 331 -59.28 51.35 -20.17
N ARG D 332 -58.33 50.89 -19.37
CA ARG D 332 -58.39 49.55 -18.81
C ARG D 332 -59.05 49.53 -17.44
N TYR D 333 -60.27 50.06 -17.38
CA TYR D 333 -61.08 50.11 -16.17
C TYR D 333 -60.35 50.73 -14.96
N PRO D 334 -59.92 51.99 -15.05
CA PRO D 334 -59.28 52.61 -13.88
C PRO D 334 -60.27 53.00 -12.81
N LEU D 335 -61.52 53.23 -13.18
CA LEU D 335 -62.60 53.49 -12.24
C LEU D 335 -63.46 52.23 -12.19
N GLY D 336 -63.28 51.43 -11.14
CA GLY D 336 -64.03 50.19 -11.01
C GLY D 336 -63.23 49.04 -10.45
N TYR D 337 -61.95 49.24 -10.19
CA TYR D 337 -61.13 48.26 -9.50
C TYR D 337 -60.94 48.71 -8.06
N LYS D 338 -61.12 47.77 -7.12
CA LYS D 338 -60.94 47.94 -5.67
C LYS D 338 -61.72 49.12 -5.09
N HIS D 339 -62.73 49.62 -5.82
CA HIS D 339 -63.62 50.70 -5.38
C HIS D 339 -62.85 51.98 -5.03
N SER D 340 -61.70 52.19 -5.67
CA SER D 340 -60.90 53.42 -5.54
C SER D 340 -60.52 53.71 -4.10
N LYS D 341 -60.23 52.66 -3.33
CA LYS D 341 -59.79 52.86 -1.95
C LYS D 341 -58.37 53.41 -1.91
N LEU D 342 -57.48 52.86 -2.73
CA LEU D 342 -56.12 53.35 -2.85
C LEU D 342 -55.96 54.42 -3.92
N ALA D 343 -56.85 54.44 -4.91
CA ALA D 343 -56.64 55.24 -6.12
C ALA D 343 -56.59 56.73 -5.81
N SER D 344 -57.51 57.21 -4.97
CA SER D 344 -57.64 58.62 -4.60
C SER D 344 -57.73 59.51 -5.84
N ARG D 345 -56.61 60.07 -6.25
CA ARG D 345 -56.54 60.88 -7.46
C ARG D 345 -56.31 59.98 -8.67
N ASN D 346 -57.27 59.95 -9.58
CA ASN D 346 -57.14 59.20 -10.82
C ASN D 346 -56.73 60.18 -11.92
N ILE D 347 -55.60 59.89 -12.57
CA ILE D 347 -54.92 60.83 -13.45
C ILE D 347 -54.76 60.19 -14.82
N GLY D 348 -55.08 60.94 -15.88
CA GLY D 348 -54.82 60.52 -17.24
C GLY D 348 -53.71 61.26 -17.95
N ASN D 349 -52.92 62.08 -17.25
CA ASN D 349 -51.87 62.88 -17.84
C ASN D 349 -50.56 62.62 -17.11
N LEU D 350 -49.46 62.53 -17.86
CA LEU D 350 -48.16 62.28 -17.24
C LEU D 350 -47.70 63.47 -16.42
N ASN D 351 -47.77 64.67 -16.99
CA ASN D 351 -47.28 65.86 -16.30
C ASN D 351 -48.13 66.18 -15.08
N GLU D 352 -49.44 65.93 -15.16
CA GLU D 352 -50.30 66.13 -14.00
C GLU D 352 -49.98 65.14 -12.89
N LEU D 353 -49.65 63.90 -13.25
CA LEU D 353 -49.24 62.93 -12.25
C LEU D 353 -47.93 63.33 -11.59
N VAL D 354 -46.97 63.81 -12.37
CA VAL D 354 -45.70 64.28 -11.79
C VAL D 354 -45.95 65.46 -10.87
N GLY D 355 -46.84 66.38 -11.28
CA GLY D 355 -47.19 67.50 -10.40
C GLY D 355 -47.84 67.04 -9.11
N ALA D 356 -48.71 66.02 -9.18
CA ALA D 356 -49.34 65.49 -7.98
C ALA D 356 -48.33 64.84 -7.05
N VAL D 357 -47.37 64.09 -7.62
CA VAL D 357 -46.34 63.45 -6.81
C VAL D 357 -45.47 64.50 -6.12
N LEU D 358 -45.07 65.54 -6.88
CA LEU D 358 -44.27 66.61 -6.31
C LEU D 358 -45.05 67.41 -5.28
N ASP D 359 -46.38 67.52 -5.44
CA ASP D 359 -47.20 68.17 -4.44
C ASP D 359 -47.29 67.36 -3.15
N TYR D 360 -47.40 66.04 -3.28
CA TYR D 360 -47.49 65.20 -2.09
C TYR D 360 -46.16 65.15 -1.35
N ILE D 361 -45.04 65.15 -2.08
CA ILE D 361 -43.74 65.01 -1.43
C ILE D 361 -43.41 66.26 -0.61
N GLY D 362 -43.34 67.41 -1.28
CA GLY D 362 -42.94 68.63 -0.59
C GLY D 362 -43.83 69.82 -0.90
N GLY D 363 -44.72 69.66 -1.87
CA GLY D 363 -45.58 70.75 -2.29
C GLY D 363 -45.15 71.50 -3.53
N PHE D 364 -44.08 71.06 -4.19
CA PHE D 364 -43.61 71.73 -5.39
C PHE D 364 -44.45 71.33 -6.59
N LYS D 365 -44.08 71.84 -7.76
CA LYS D 365 -44.69 71.44 -9.02
C LYS D 365 -43.61 71.24 -10.07
N TRP D 366 -43.93 70.40 -11.05
CA TRP D 366 -42.95 69.99 -12.05
C TRP D 366 -42.50 71.14 -12.93
N GLU D 367 -43.44 71.99 -13.35
CA GLU D 367 -43.13 73.08 -14.27
C GLU D 367 -42.35 74.21 -13.62
N GLU D 368 -42.24 74.23 -12.28
CA GLU D 368 -41.56 75.32 -11.60
C GLU D 368 -40.05 75.12 -11.60
N VAL D 369 -39.59 74.01 -11.04
CA VAL D 369 -38.17 73.77 -10.84
C VAL D 369 -37.64 72.89 -11.97
N GLN D 370 -36.70 73.44 -12.73
CA GLN D 370 -36.00 72.69 -13.77
C GLN D 370 -34.50 72.96 -13.77
N LYS D 371 -33.99 73.73 -12.81
CA LYS D 371 -32.59 74.12 -12.77
C LYS D 371 -31.97 73.73 -11.44
N SER D 372 -30.76 74.20 -11.18
CA SER D 372 -30.07 73.92 -9.92
C SER D 372 -30.75 74.58 -8.74
N MET E 1 -44.77 25.67 27.95
CA MET E 1 -45.49 25.84 26.70
C MET E 1 -44.58 26.46 25.64
N LEU E 2 -44.64 25.92 24.43
CA LEU E 2 -43.79 26.32 23.32
C LEU E 2 -44.63 27.01 22.24
N ILE E 3 -44.13 28.13 21.75
CA ILE E 3 -44.78 28.92 20.70
C ILE E 3 -44.04 28.65 19.39
N GLU E 4 -44.78 28.21 18.38
CA GLU E 4 -44.18 27.81 17.11
C GLU E 4 -44.76 28.65 15.98
N ILE E 5 -43.88 29.10 15.08
CA ILE E 5 -44.25 29.91 13.92
C ILE E 5 -43.75 29.20 12.67
N HIS E 6 -44.66 28.95 11.73
CA HIS E 6 -44.31 28.39 10.43
C HIS E 6 -44.77 29.34 9.34
N MET E 7 -43.87 29.72 8.45
CA MET E 7 -44.17 30.69 7.41
C MET E 7 -43.93 30.07 6.04
N ILE E 8 -44.70 30.53 5.06
CA ILE E 8 -44.48 30.21 3.66
C ILE E 8 -44.36 31.52 2.90
N GLN E 9 -43.26 31.69 2.17
CA GLN E 9 -42.99 32.92 1.45
C GLN E 9 -42.65 32.58 0.00
N ASN E 10 -42.88 33.54 -0.89
CA ASN E 10 -42.49 33.39 -2.29
C ASN E 10 -41.67 34.61 -2.68
N HIS E 11 -40.58 34.38 -3.41
CA HIS E 11 -39.65 35.46 -3.71
C HIS E 11 -39.46 35.60 -5.22
N SER E 12 -39.43 36.85 -5.67
CA SER E 12 -38.96 37.18 -7.00
C SER E 12 -37.46 36.92 -7.07
N PRO E 13 -36.87 36.76 -8.30
CA PRO E 13 -35.43 36.49 -8.43
C PRO E 13 -34.54 37.42 -7.63
N ALA E 14 -33.85 36.87 -6.61
CA ALA E 14 -33.31 37.75 -5.59
C ALA E 14 -31.83 37.57 -5.27
N ASN E 15 -31.35 36.33 -5.21
CA ASN E 15 -30.02 36.01 -4.63
C ASN E 15 -29.89 36.63 -3.23
N LEU E 16 -30.70 36.12 -2.31
CA LEU E 16 -30.77 36.72 -0.97
C LEU E 16 -29.58 36.33 -0.12
N ASN E 17 -29.21 35.05 -0.13
CA ASN E 17 -28.09 34.55 0.66
C ASN E 17 -27.03 34.02 -0.30
N ARG E 18 -25.78 34.44 -0.10
CA ARG E 18 -24.71 34.19 -1.05
C ARG E 18 -23.62 33.34 -0.45
N ASP E 19 -22.97 32.56 -1.31
CA ASP E 19 -21.82 31.75 -0.94
C ASP E 19 -20.57 32.63 -0.86
N ASP E 20 -19.41 32.01 -0.64
CA ASP E 20 -18.18 32.77 -0.63
C ASP E 20 -17.72 33.13 -2.04
N LEU E 21 -18.01 32.28 -3.04
CA LEU E 21 -17.70 32.63 -4.41
C LEU E 21 -18.66 33.66 -4.99
N GLY E 22 -19.96 33.49 -4.72
CA GLY E 22 -20.95 34.38 -5.25
C GLY E 22 -22.25 33.70 -5.65
N ALA E 23 -22.26 32.38 -5.61
CA ALA E 23 -23.44 31.61 -5.94
C ALA E 23 -24.45 31.65 -4.79
N PRO E 24 -25.74 31.47 -5.07
CA PRO E 24 -26.71 31.33 -3.98
C PRO E 24 -26.50 30.04 -3.21
N LYS E 25 -26.86 30.05 -1.94
CA LYS E 25 -26.72 28.88 -1.10
C LYS E 25 -27.78 27.85 -1.44
N THR E 26 -27.37 26.61 -1.64
CA THR E 26 -28.28 25.51 -1.91
C THR E 26 -28.06 24.38 -0.91
N CYS E 27 -28.91 23.38 -1.00
CA CYS E 27 -28.84 22.21 -0.14
C CYS E 27 -29.57 21.06 -0.82
N TYR E 28 -29.59 19.90 -0.17
CA TYR E 28 -30.31 18.74 -0.64
C TYR E 28 -31.33 18.32 0.40
N PHE E 29 -32.57 18.16 -0.02
CA PHE E 29 -33.65 17.74 0.88
C PHE E 29 -34.57 16.81 0.10
N GLY E 30 -34.60 15.54 0.49
CA GLY E 30 -35.37 14.56 -0.23
C GLY E 30 -34.70 14.04 -1.48
N GLY E 31 -33.40 14.26 -1.63
CA GLY E 31 -32.68 13.82 -2.80
C GLY E 31 -32.68 14.77 -3.98
N VAL E 32 -33.21 15.98 -3.80
CA VAL E 32 -33.27 16.98 -4.86
C VAL E 32 -32.66 18.27 -4.35
N LEU E 33 -32.24 19.12 -5.27
CA LEU E 33 -31.55 20.36 -4.93
C LEU E 33 -32.56 21.45 -4.62
N ARG E 34 -32.34 22.16 -3.51
CA ARG E 34 -33.23 23.22 -3.07
C ARG E 34 -32.44 24.47 -2.74
N SER E 35 -33.05 25.63 -2.99
CA SER E 35 -32.47 26.89 -2.54
C SER E 35 -32.62 27.01 -1.03
N ARG E 36 -31.61 27.58 -0.38
CA ARG E 36 -31.58 27.60 1.07
C ARG E 36 -31.09 28.95 1.58
N ILE E 37 -31.75 29.46 2.61
CA ILE E 37 -31.33 30.64 3.34
C ILE E 37 -30.93 30.20 4.74
N SER E 38 -29.71 30.56 5.15
CA SER E 38 -29.14 30.06 6.40
C SER E 38 -29.85 30.64 7.61
N SER E 39 -29.79 29.90 8.72
CA SER E 39 -30.44 30.33 9.95
C SER E 39 -29.82 31.60 10.51
N GLN E 40 -28.48 31.70 10.48
CA GLN E 40 -27.82 32.89 11.03
C GLN E 40 -28.14 34.13 10.21
N CYS E 41 -28.30 33.98 8.89
CA CYS E 41 -28.69 35.12 8.05
C CYS E 41 -30.08 35.62 8.42
N ILE E 42 -31.03 34.71 8.63
CA ILE E 42 -32.38 35.09 9.02
C ILE E 42 -32.37 35.75 10.40
N LYS E 43 -31.61 35.17 11.33
CA LYS E 43 -31.54 35.73 12.68
C LYS E 43 -30.92 37.12 12.68
N ARG E 44 -29.90 37.34 11.84
CA ARG E 44 -29.29 38.67 11.78
C ARG E 44 -30.18 39.67 11.04
N SER E 45 -30.97 39.19 10.07
CA SER E 45 -31.92 40.08 9.40
C SER E 45 -33.01 40.53 10.36
N ILE E 46 -33.51 39.61 11.19
CA ILE E 46 -34.51 39.99 12.18
C ILE E 46 -33.89 40.86 13.28
N ARG E 47 -32.64 40.57 13.65
CA ARG E 47 -32.02 41.23 14.80
C ARG E 47 -31.82 42.72 14.57
N THR E 48 -31.33 43.10 13.40
CA THR E 48 -31.07 44.49 13.07
C THR E 48 -32.17 45.10 12.20
N SER E 49 -33.40 44.60 12.35
CA SER E 49 -34.51 45.06 11.53
C SER E 49 -35.04 46.39 12.07
N ASN E 50 -36.15 46.86 11.51
CA ASN E 50 -36.74 48.12 11.93
C ASN E 50 -37.69 47.96 13.11
N ASP E 51 -38.54 46.93 13.09
CA ASP E 51 -39.47 46.73 14.18
C ASP E 51 -38.78 46.24 15.44
N PHE E 52 -37.63 45.59 15.30
CA PHE E 52 -36.85 45.10 16.43
C PHE E 52 -35.85 46.14 16.93
N LYS E 53 -35.89 47.36 16.41
CA LYS E 53 -34.94 48.39 16.82
C LYS E 53 -35.18 48.88 18.24
N ALA E 54 -36.37 48.64 18.79
CA ALA E 54 -36.66 49.10 20.15
C ALA E 54 -35.94 48.25 21.19
N LEU E 55 -35.88 46.94 20.97
CA LEU E 55 -35.31 46.02 21.94
C LEU E 55 -33.85 45.70 21.69
N LEU E 56 -33.23 46.29 20.66
CA LEU E 56 -31.83 45.99 20.36
C LEU E 56 -30.96 46.57 21.47
N GLY E 57 -30.32 45.70 22.24
CA GLY E 57 -29.48 46.13 23.32
C GLY E 57 -28.20 45.35 23.44
N GLY E 58 -27.68 44.86 22.32
CA GLY E 58 -26.45 44.09 22.34
C GLY E 58 -25.65 44.32 21.07
N VAL E 59 -24.35 44.08 21.18
CA VAL E 59 -23.43 44.24 20.05
C VAL E 59 -22.58 42.98 19.88
N ARG E 60 -22.42 42.55 18.64
CA ARG E 60 -21.47 41.50 18.28
C ARG E 60 -20.15 42.11 17.80
N THR E 61 -19.57 42.98 18.63
CA THR E 61 -18.44 43.78 18.22
C THR E 61 -17.15 42.97 18.26
N ARG E 62 -16.39 43.04 17.16
CA ARG E 62 -15.08 42.39 17.06
C ARG E 62 -13.93 43.31 17.46
N ARG E 63 -14.22 44.58 17.75
CA ARG E 63 -13.22 45.61 18.04
C ARG E 63 -13.65 46.41 19.27
N LEU E 64 -13.92 45.70 20.37
CA LEU E 64 -14.58 46.28 21.55
C LEU E 64 -13.85 47.50 22.11
N ALA E 65 -12.53 47.59 21.93
CA ALA E 65 -11.80 48.76 22.41
C ALA E 65 -12.18 50.02 21.63
N ASP E 66 -12.52 49.87 20.34
CA ASP E 66 -13.01 51.01 19.57
C ASP E 66 -14.32 51.54 20.14
N LEU E 67 -15.22 50.63 20.53
CA LEU E 67 -16.45 51.05 21.19
C LEU E 67 -16.17 51.62 22.58
N ILE E 68 -15.12 51.15 23.25
CA ILE E 68 -14.77 51.66 24.57
C ILE E 68 -14.32 53.11 24.48
N GLN E 69 -13.44 53.41 23.53
CA GLN E 69 -12.99 54.78 23.32
C GLN E 69 -13.96 55.60 22.48
N GLN E 70 -15.02 54.97 21.96
CA GLN E 70 -16.02 55.66 21.16
C GLN E 70 -17.09 56.36 21.99
N GLU E 71 -17.14 56.10 23.29
CA GLU E 71 -18.12 56.72 24.17
C GLU E 71 -17.49 57.59 25.24
N ALA E 72 -16.44 57.12 25.90
CA ALA E 72 -15.81 57.86 26.98
C ALA E 72 -14.79 58.88 26.49
N GLY E 73 -14.57 58.98 25.18
CA GLY E 73 -13.56 59.88 24.66
C GLY E 73 -12.17 59.35 24.97
N GLU E 74 -11.18 60.23 24.75
CA GLU E 74 -9.78 59.97 25.05
C GLU E 74 -9.29 58.71 24.32
N THR E 75 -9.21 58.86 22.99
CA THR E 75 -8.88 57.73 22.10
C THR E 75 -7.53 57.12 22.41
N GLU E 76 -6.61 57.87 23.04
CA GLU E 76 -5.33 57.31 23.47
C GLU E 76 -5.52 56.16 24.46
N CYS E 77 -6.66 56.10 25.15
CA CYS E 77 -6.93 54.99 26.06
C CYS E 77 -7.08 53.67 25.32
N TRP E 78 -7.17 53.69 23.98
CA TRP E 78 -7.02 52.48 23.20
C TRP E 78 -5.72 51.76 23.56
N LYS E 79 -4.59 52.48 23.50
CA LYS E 79 -3.34 51.83 23.90
C LYS E 79 -3.18 51.77 25.41
N LYS E 80 -4.24 52.09 26.16
CA LYS E 80 -4.36 51.73 27.56
C LYS E 80 -5.23 50.51 27.77
N ALA E 81 -6.21 50.27 26.90
CA ALA E 81 -7.23 49.25 27.15
C ALA E 81 -7.08 48.00 26.29
N GLN E 82 -6.59 48.14 25.05
CA GLN E 82 -6.57 47.02 24.11
C GLN E 82 -5.72 45.86 24.64
N GLU E 83 -4.53 46.18 25.16
CA GLU E 83 -3.68 45.14 25.76
C GLU E 83 -4.36 44.52 26.97
N ILE E 84 -5.15 45.31 27.71
CA ILE E 84 -5.95 44.76 28.80
C ILE E 84 -6.93 43.72 28.25
N LEU E 85 -7.56 44.03 27.12
CA LEU E 85 -8.41 43.03 26.46
C LEU E 85 -7.59 41.82 26.02
N ASN E 86 -6.32 42.02 25.70
CA ASN E 86 -5.46 40.89 25.35
C ASN E 86 -5.13 40.01 26.54
N LYS E 87 -5.40 40.48 27.77
CA LYS E 87 -5.10 39.68 28.95
C LYS E 87 -6.29 38.88 29.46
N CYS E 88 -7.51 39.25 29.05
CA CYS E 88 -8.70 38.57 29.55
C CYS E 88 -9.00 37.26 28.83
N GLY E 89 -8.24 36.92 27.79
CA GLY E 89 -8.46 35.67 27.09
C GLY E 89 -8.74 35.86 25.62
N PHE E 90 -8.41 37.04 25.10
CA PHE E 90 -8.67 37.37 23.70
C PHE E 90 -7.48 37.08 22.80
N LYS E 91 -6.36 36.62 23.36
CA LYS E 91 -5.19 36.05 22.69
C LYS E 91 -4.38 37.05 21.86
N ASN E 92 -4.82 38.30 21.73
CA ASN E 92 -4.18 39.32 20.89
C ASN E 92 -3.99 38.79 19.46
N LYS E 93 -5.12 38.47 18.84
CA LYS E 93 -5.12 37.76 17.56
C LYS E 93 -4.87 38.76 16.42
N ASP E 94 -5.16 38.32 15.18
CA ASP E 94 -4.80 39.08 13.99
C ASP E 94 -5.52 40.42 13.94
N ASP E 95 -6.80 40.46 14.29
CA ASP E 95 -7.55 41.70 14.37
C ASP E 95 -7.34 42.33 15.74
N ASN E 96 -8.18 43.30 16.10
CA ASN E 96 -8.20 43.79 17.48
C ASN E 96 -8.48 42.64 18.44
N THR E 97 -9.45 41.80 18.12
CA THR E 97 -9.70 40.54 18.81
C THR E 97 -10.54 39.67 17.89
N LYS E 98 -10.00 38.53 17.47
CA LYS E 98 -10.75 37.65 16.57
C LYS E 98 -11.85 36.88 17.27
N MET E 99 -11.91 36.94 18.60
CA MET E 99 -12.99 36.33 19.36
C MET E 99 -14.12 37.34 19.48
N LEU E 100 -15.18 37.13 18.71
CA LEU E 100 -16.34 38.02 18.77
C LEU E 100 -16.99 37.93 20.13
N VAL E 101 -17.31 39.10 20.70
CA VAL E 101 -17.95 39.18 22.02
C VAL E 101 -19.40 39.61 21.81
N PHE E 102 -20.29 38.94 22.53
CA PHE E 102 -21.72 39.28 22.55
C PHE E 102 -22.02 39.83 23.93
N MET E 103 -22.46 41.09 23.98
CA MET E 103 -22.54 41.77 25.26
C MET E 103 -23.59 42.87 25.18
N SER E 104 -24.25 43.13 26.32
CA SER E 104 -25.28 44.16 26.39
C SER E 104 -24.71 45.54 26.06
N LYS E 105 -25.56 46.40 25.52
CA LYS E 105 -25.13 47.70 24.99
C LYS E 105 -24.86 48.74 26.06
N ASP E 106 -25.32 48.53 27.29
CA ASP E 106 -25.14 49.55 28.33
C ASP E 106 -23.81 49.37 29.04
N LYS E 107 -23.38 48.13 29.27
CA LYS E 107 -22.24 47.85 30.13
C LYS E 107 -20.91 48.35 29.58
N ILE E 108 -20.87 48.74 28.30
CA ILE E 108 -19.68 49.42 27.75
C ILE E 108 -19.37 50.66 28.57
N LYS E 109 -20.41 51.39 28.98
CA LYS E 109 -20.23 52.55 29.84
C LYS E 109 -19.56 52.17 31.15
N ASP E 110 -19.93 51.00 31.71
CA ASP E 110 -19.27 50.52 32.92
C ASP E 110 -17.79 50.23 32.65
N LEU E 111 -17.48 49.71 31.45
CA LEU E 111 -16.09 49.50 31.08
C LEU E 111 -15.32 50.82 31.03
N ALA E 112 -16.04 51.92 30.76
CA ALA E 112 -15.42 53.25 30.79
C ALA E 112 -14.84 53.56 32.17
N ARG E 113 -15.45 53.04 33.24
CA ARG E 113 -14.88 53.21 34.57
C ARG E 113 -13.53 52.52 34.67
N ILE E 114 -13.40 51.35 34.04
CA ILE E 114 -12.11 50.66 33.98
C ILE E 114 -11.09 51.53 33.26
N VAL E 115 -11.55 52.36 32.32
CA VAL E 115 -10.66 53.30 31.64
C VAL E 115 -10.07 54.29 32.62
N LEU E 116 -10.87 54.78 33.57
CA LEU E 116 -10.39 55.81 34.49
C LEU E 116 -9.82 55.22 35.77
N ASP E 117 -9.70 53.90 35.87
CA ASP E 117 -9.11 53.26 37.04
C ASP E 117 -7.64 52.95 36.76
N ASN E 118 -6.86 54.02 36.62
CA ASN E 118 -5.42 53.87 36.37
C ASN E 118 -4.68 53.39 37.62
N SER E 119 -5.21 53.71 38.80
CA SER E 119 -4.60 53.25 40.04
C SER E 119 -4.81 51.75 40.24
N LEU E 120 -5.94 51.22 39.76
CA LEU E 120 -6.32 49.83 39.93
C LEU E 120 -6.28 49.06 38.62
N GLY E 121 -5.24 49.30 37.82
CA GLY E 121 -5.09 48.65 36.52
C GLY E 121 -4.48 47.27 36.63
N LEU E 122 -3.84 46.85 35.53
CA LEU E 122 -3.18 45.56 35.39
C LEU E 122 -4.14 44.40 35.64
N THR E 123 -3.90 43.65 36.72
CA THR E 123 -4.70 42.45 36.97
C THR E 123 -6.10 42.79 37.48
N GLU E 124 -6.21 43.83 38.33
CA GLU E 124 -7.51 44.22 38.85
C GLU E 124 -8.42 44.71 37.73
N ALA E 125 -7.88 45.50 36.80
CA ALA E 125 -8.67 45.97 35.67
C ALA E 125 -9.14 44.81 34.81
N ALA E 126 -8.26 43.84 34.55
CA ALA E 126 -8.65 42.69 33.73
C ALA E 126 -9.71 41.85 34.42
N GLN E 127 -9.58 41.63 35.74
CA GLN E 127 -10.57 40.84 36.46
C GLN E 127 -11.92 41.56 36.50
N GLN E 128 -11.90 42.88 36.74
CA GLN E 128 -13.15 43.63 36.73
C GLN E 128 -13.79 43.63 35.35
N VAL E 129 -12.98 43.75 34.29
CA VAL E 129 -13.49 43.67 32.93
C VAL E 129 -14.13 42.32 32.68
N ALA E 130 -13.48 41.24 33.13
CA ALA E 130 -14.05 39.90 32.99
C ALA E 130 -15.38 39.79 33.74
N ASN E 131 -15.48 40.42 34.91
CA ASN E 131 -16.74 40.41 35.65
C ASN E 131 -17.85 41.11 34.87
N VAL E 132 -17.54 42.27 34.26
CA VAL E 132 -18.56 42.96 33.45
C VAL E 132 -18.94 42.13 32.23
N ILE E 133 -17.96 41.52 31.56
CA ILE E 133 -18.27 40.73 30.37
C ILE E 133 -19.14 39.53 30.74
N ALA E 134 -18.85 38.90 31.87
CA ALA E 134 -19.61 37.73 32.30
C ALA E 134 -21.01 38.10 32.78
N GLN E 135 -21.17 39.30 33.36
CA GLN E 135 -22.46 39.71 33.91
C GLN E 135 -23.15 40.76 33.06
N ALA E 136 -23.05 40.66 31.74
CA ALA E 136 -23.74 41.55 30.80
C ALA E 136 -24.53 40.67 29.83
N THR E 137 -25.75 40.29 30.22
CA THR E 137 -26.57 39.45 29.37
C THR E 137 -28.02 39.89 29.29
N LEU E 138 -28.48 40.76 30.18
CA LEU E 138 -29.89 41.16 30.22
C LEU E 138 -30.20 42.07 29.03
N ALA E 139 -30.45 41.43 27.89
CA ALA E 139 -30.79 42.11 26.65
C ALA E 139 -31.78 41.24 25.89
N PRO E 140 -32.79 41.83 25.26
CA PRO E 140 -33.84 41.01 24.62
C PRO E 140 -33.36 40.17 23.44
N ASP E 141 -32.20 40.47 22.86
CA ASP E 141 -31.67 39.65 21.79
C ASP E 141 -30.66 38.61 22.27
N ILE E 142 -29.82 38.96 23.25
CA ILE E 142 -28.91 37.97 23.83
C ILE E 142 -29.68 36.93 24.62
N ALA E 143 -30.79 37.32 25.23
CA ALA E 143 -31.68 36.33 25.85
C ALA E 143 -32.37 35.49 24.79
N LEU E 144 -32.73 36.11 23.66
CA LEU E 144 -33.37 35.37 22.58
C LEU E 144 -32.43 34.36 21.95
N CYS E 145 -31.23 34.81 21.58
CA CYS E 145 -30.23 33.94 20.98
C CYS E 145 -29.35 33.34 22.08
N GLY E 146 -28.23 32.75 21.69
CA GLY E 146 -27.28 32.23 22.65
C GLY E 146 -26.04 33.10 22.77
N ARG E 147 -25.12 32.65 23.63
CA ARG E 147 -23.83 33.32 23.78
C ARG E 147 -22.86 32.30 24.36
N MET E 148 -21.94 31.82 23.53
CA MET E 148 -20.94 30.87 24.03
C MET E 148 -19.80 31.60 24.73
N LEU E 149 -19.06 32.41 23.97
CA LEU E 149 -17.95 33.24 24.44
C LEU E 149 -16.99 32.42 25.31
N GLU E 150 -16.35 31.46 24.64
CA GLU E 150 -15.28 30.70 25.27
C GLU E 150 -13.97 31.42 24.98
N PRO E 151 -13.33 32.02 25.97
CA PRO E 151 -12.14 32.84 25.69
C PRO E 151 -10.99 32.00 25.14
N ASN E 152 -10.21 32.60 24.24
CA ASN E 152 -9.07 31.91 23.67
C ASN E 152 -8.02 31.67 24.74
N ASP E 153 -7.28 30.57 24.57
CA ASP E 153 -6.26 30.19 25.53
C ASP E 153 -5.01 31.05 25.30
N LYS E 154 -3.89 30.65 25.94
CA LYS E 154 -2.66 31.44 25.97
C LYS E 154 -2.92 32.85 26.54
N ASP E 155 -3.79 32.91 27.55
CA ASP E 155 -4.06 34.13 28.27
C ASP E 155 -3.12 34.23 29.46
N LYS E 156 -3.39 35.14 30.39
CA LYS E 156 -2.62 35.21 31.63
C LYS E 156 -2.83 33.93 32.43
N ASP E 157 -1.74 33.37 32.94
CA ASP E 157 -1.80 32.13 33.69
C ASP E 157 -1.90 32.36 35.20
N LYS E 158 -2.10 33.61 35.62
CA LYS E 158 -2.13 33.93 37.05
C LYS E 158 -3.56 33.94 37.60
N LYS E 159 -4.40 34.83 37.10
CA LYS E 159 -5.72 35.08 37.69
C LYS E 159 -6.78 35.23 36.60
N VAL E 160 -6.78 34.33 35.62
CA VAL E 160 -7.82 34.34 34.59
C VAL E 160 -9.07 33.73 35.24
N LYS E 161 -9.99 34.60 35.64
CA LYS E 161 -11.18 34.19 36.37
C LYS E 161 -12.41 34.48 35.52
N TRP E 162 -13.21 33.45 35.28
CA TRP E 162 -14.36 33.54 34.41
C TRP E 162 -15.54 32.82 35.04
N SER E 163 -16.72 33.41 34.93
CA SER E 163 -17.94 32.77 35.37
C SER E 163 -18.50 31.94 34.22
N ASN E 164 -19.73 31.44 34.37
CA ASN E 164 -20.38 30.69 33.31
C ASN E 164 -20.97 31.70 32.32
N THR E 165 -20.18 32.06 31.31
CA THR E 165 -20.62 33.01 30.30
C THR E 165 -21.63 32.41 29.33
N THR E 166 -21.82 31.10 29.36
CA THR E 166 -22.73 30.43 28.42
C THR E 166 -24.18 30.68 28.84
N VAL E 167 -24.95 31.25 27.92
CA VAL E 167 -26.40 31.39 28.07
C VAL E 167 -27.05 30.54 27.00
N GLU E 168 -27.97 29.65 27.43
CA GLU E 168 -28.33 28.50 26.62
C GLU E 168 -29.00 28.86 25.30
N ALA E 169 -30.25 29.31 25.35
CA ALA E 169 -31.06 29.60 24.17
C ALA E 169 -32.43 30.07 24.62
N ALA E 170 -33.13 30.72 23.69
CA ALA E 170 -34.58 30.84 23.79
C ALA E 170 -35.26 30.65 22.44
N LEU E 171 -34.54 30.66 21.34
CA LEU E 171 -35.12 30.65 20.00
C LEU E 171 -34.32 29.72 19.11
N GLN E 172 -35.01 28.86 18.38
CA GLN E 172 -34.40 27.97 17.39
C GLN E 172 -34.96 28.33 16.02
N VAL E 173 -34.06 28.49 15.05
CA VAL E 173 -34.45 28.81 13.67
C VAL E 173 -33.83 27.77 12.75
N ALA E 174 -34.64 27.19 11.88
CA ALA E 174 -34.16 26.22 10.91
C ALA E 174 -33.78 26.90 9.61
N HIS E 175 -32.90 26.24 8.86
CA HIS E 175 -32.52 26.72 7.53
C HIS E 175 -33.72 26.71 6.61
N ALA E 176 -34.11 27.90 6.13
CA ALA E 176 -35.25 27.99 5.23
C ALA E 176 -34.92 27.32 3.91
N ILE E 177 -35.79 26.41 3.46
CA ILE E 177 -35.56 25.65 2.24
C ILE E 177 -36.77 25.82 1.33
N SER E 178 -36.52 25.73 0.03
CA SER E 178 -37.59 25.80 -0.95
C SER E 178 -38.43 24.54 -0.92
N THR E 179 -39.64 24.64 -1.47
CA THR E 179 -40.55 23.50 -1.56
C THR E 179 -40.52 22.84 -2.93
N HIS E 180 -39.55 23.19 -3.77
CA HIS E 180 -39.46 22.67 -5.13
C HIS E 180 -37.99 22.60 -5.51
N ILE E 181 -37.74 21.99 -6.67
CA ILE E 181 -36.38 21.89 -7.18
C ILE E 181 -35.89 23.26 -7.62
N ALA E 182 -34.74 23.68 -7.10
CA ALA E 182 -34.19 24.99 -7.42
C ALA E 182 -33.61 25.00 -8.83
N ARG E 183 -33.72 26.15 -9.49
CA ARG E 183 -33.19 26.36 -10.83
C ARG E 183 -32.34 27.62 -10.82
N PRO E 184 -31.06 27.50 -10.41
CA PRO E 184 -30.20 28.69 -10.38
C PRO E 184 -29.88 29.19 -11.77
N GLU E 185 -29.67 30.50 -11.87
CA GLU E 185 -29.42 31.17 -13.13
C GLU E 185 -28.17 32.02 -13.04
N ILE E 186 -27.66 32.42 -14.19
CA ILE E 186 -26.54 33.35 -14.31
C ILE E 186 -27.05 34.60 -15.03
N ASP E 187 -26.80 35.76 -14.43
CA ASP E 187 -27.07 37.04 -15.05
C ASP E 187 -25.77 37.52 -15.67
N TYR E 188 -25.66 37.38 -16.99
CA TYR E 188 -24.45 37.77 -17.72
C TYR E 188 -24.39 39.29 -17.77
N PHE E 189 -23.59 39.88 -16.89
CA PHE E 189 -23.44 41.32 -16.83
C PHE E 189 -22.18 41.75 -17.56
N VAL E 190 -22.22 42.95 -18.11
CA VAL E 190 -21.06 43.57 -18.74
C VAL E 190 -20.97 45.01 -18.24
N ALA E 191 -19.77 45.56 -18.28
CA ALA E 191 -19.50 46.91 -17.79
C ALA E 191 -19.27 47.81 -18.99
N ALA E 192 -20.33 48.53 -19.40
CA ALA E 192 -20.24 49.37 -20.58
C ALA E 192 -19.44 50.63 -20.28
N ASP E 193 -18.46 50.91 -21.12
CA ASP E 193 -17.67 52.12 -20.98
C ASP E 193 -18.44 53.34 -21.46
N ASP E 194 -18.11 54.49 -20.90
CA ASP E 194 -18.83 55.72 -21.22
C ASP E 194 -18.25 56.46 -22.41
N VAL E 195 -16.93 56.45 -22.58
CA VAL E 195 -16.28 57.16 -23.67
C VAL E 195 -16.01 56.16 -24.80
N PRO E 196 -16.38 56.51 -26.04
CA PRO E 196 -16.01 55.61 -27.13
C PRO E 196 -14.50 55.64 -27.30
N GLY E 197 -13.92 54.53 -27.69
CA GLY E 197 -12.48 54.44 -27.85
C GLY E 197 -11.86 53.45 -26.88
N GLU E 198 -12.65 52.45 -26.48
CA GLU E 198 -12.14 51.40 -25.60
C GLU E 198 -11.07 50.58 -26.31
N ASP E 199 -11.27 50.27 -27.59
CA ASP E 199 -10.33 49.53 -28.43
C ASP E 199 -10.00 48.17 -27.82
N ALA E 200 -11.00 47.53 -27.23
CA ALA E 200 -10.84 46.23 -26.59
C ALA E 200 -11.93 45.29 -27.11
N GLY E 201 -11.53 44.34 -27.96
CA GLY E 201 -12.45 43.32 -28.42
C GLY E 201 -12.06 41.94 -27.94
N ALA E 202 -12.79 41.43 -26.95
CA ALA E 202 -12.53 40.12 -26.37
C ALA E 202 -13.78 39.70 -25.59
N GLY E 203 -13.66 38.66 -24.78
CA GLY E 203 -14.74 38.28 -23.90
C GLY E 203 -14.66 39.00 -22.57
N HIS E 204 -15.40 40.10 -22.43
CA HIS E 204 -15.46 40.86 -21.19
C HIS E 204 -16.74 40.60 -20.42
N ILE E 205 -17.48 39.54 -20.76
CA ILE E 205 -18.73 39.25 -20.08
C ILE E 205 -18.43 38.76 -18.67
N GLY E 206 -19.42 38.91 -17.78
CA GLY E 206 -19.30 38.49 -16.40
C GLY E 206 -20.39 37.49 -16.03
N GLU E 207 -20.23 36.91 -14.85
CA GLU E 207 -21.17 35.91 -14.34
C GLU E 207 -21.62 36.31 -12.94
N SER E 208 -22.90 36.63 -12.80
CA SER E 208 -23.52 36.87 -11.51
C SER E 208 -24.77 36.01 -11.41
N MET E 209 -25.00 35.43 -10.24
CA MET E 209 -25.99 34.37 -10.10
C MET E 209 -27.15 34.80 -9.21
N PHE E 210 -28.30 34.17 -9.44
CA PHE E 210 -29.52 34.44 -8.69
C PHE E 210 -30.47 33.25 -8.85
N ALA E 211 -31.50 33.24 -8.01
CA ALA E 211 -32.55 32.23 -8.11
C ALA E 211 -33.81 32.74 -7.43
N SER E 212 -34.95 32.15 -7.79
CA SER E 212 -36.24 32.47 -7.20
C SER E 212 -36.88 31.19 -6.66
N ALA E 213 -37.52 31.30 -5.50
CA ALA E 213 -38.08 30.13 -4.84
C ALA E 213 -39.15 30.54 -3.85
N CYS E 214 -39.90 29.54 -3.39
CA CYS E 214 -40.90 29.67 -2.33
C CYS E 214 -40.36 28.93 -1.10
N PHE E 215 -40.06 29.68 -0.06
CA PHE E 215 -39.36 29.17 1.12
C PHE E 215 -40.33 28.82 2.23
N TYR E 216 -39.92 27.85 3.05
CA TYR E 216 -40.61 27.45 4.27
C TYR E 216 -39.70 27.75 5.45
N LYS E 217 -40.10 28.70 6.29
CA LYS E 217 -39.36 29.06 7.47
C LYS E 217 -40.02 28.45 8.70
N TYR E 218 -39.22 28.23 9.75
CA TYR E 218 -39.72 27.60 10.97
C TYR E 218 -38.99 28.18 12.17
N PHE E 219 -39.70 28.97 12.97
CA PHE E 219 -39.19 29.48 14.23
C PHE E 219 -39.82 28.73 15.38
N SER E 220 -39.26 28.93 16.58
CA SER E 220 -39.80 28.30 17.78
C SER E 220 -39.32 29.09 18.99
N ILE E 221 -40.25 29.62 19.77
CA ILE E 221 -39.94 30.41 20.96
C ILE E 221 -40.38 29.61 22.18
N ASP E 222 -39.46 29.40 23.11
CA ASP E 222 -39.76 28.74 24.37
C ASP E 222 -40.22 29.80 25.35
N TRP E 223 -41.46 29.68 25.83
CA TRP E 223 -42.02 30.73 26.68
C TRP E 223 -41.33 30.78 28.03
N GLU E 224 -41.19 29.64 28.68
CA GLU E 224 -40.24 29.54 29.78
C GLU E 224 -38.83 29.55 29.21
N GLN E 225 -37.84 29.83 30.07
CA GLN E 225 -36.41 29.88 29.75
C GLN E 225 -36.09 31.14 28.92
N LEU E 226 -37.13 31.84 28.45
CA LEU E 226 -37.00 33.20 27.95
C LEU E 226 -37.33 34.21 29.05
N VAL E 227 -38.39 33.95 29.81
CA VAL E 227 -38.65 34.73 31.02
C VAL E 227 -37.55 34.49 32.04
N LYS E 228 -37.04 33.26 32.10
CA LYS E 228 -35.93 32.95 33.00
C LYS E 228 -34.67 33.70 32.63
N ASN E 229 -34.38 33.81 31.32
CA ASN E 229 -33.23 34.61 30.90
C ASN E 229 -33.47 36.10 31.10
N LEU E 230 -34.73 36.53 31.06
CA LEU E 230 -35.08 37.93 31.28
C LEU E 230 -35.34 38.24 32.75
N LYS E 231 -35.09 37.28 33.65
CA LYS E 231 -35.19 37.47 35.09
C LYS E 231 -36.59 37.87 35.53
N GLY E 232 -37.58 37.12 35.05
CA GLY E 232 -38.95 37.28 35.49
C GLY E 232 -39.73 38.40 34.85
N ASP E 233 -39.14 39.12 33.89
CA ASP E 233 -39.83 40.24 33.24
C ASP E 233 -40.80 39.68 32.22
N THR E 234 -42.05 39.45 32.67
CA THR E 234 -43.04 38.85 31.80
C THR E 234 -43.50 39.82 30.72
N ASN E 235 -43.58 41.11 31.05
CA ASN E 235 -44.01 42.09 30.06
C ASN E 235 -42.95 42.30 28.98
N LEU E 236 -41.68 42.32 29.37
CA LEU E 236 -40.60 42.42 28.38
C LEU E 236 -40.56 41.19 27.49
N ALA E 237 -40.81 40.01 28.07
CA ALA E 237 -40.88 38.78 27.27
C ALA E 237 -42.05 38.84 26.29
N ALA E 238 -43.20 39.35 26.73
CA ALA E 238 -44.35 39.48 25.84
C ALA E 238 -44.07 40.46 24.71
N HIS E 239 -43.41 41.57 25.02
CA HIS E 239 -43.01 42.53 24.00
C HIS E 239 -42.02 41.92 23.03
N THR E 240 -41.09 41.10 23.54
CA THR E 240 -40.13 40.43 22.68
C THR E 240 -40.83 39.47 21.72
N VAL E 241 -41.80 38.70 22.21
CA VAL E 241 -42.55 37.79 21.36
C VAL E 241 -43.31 38.55 20.28
N GLY E 242 -43.99 39.63 20.68
CA GLY E 242 -44.77 40.39 19.71
C GLY E 242 -43.92 41.06 18.65
N ALA E 243 -42.83 41.72 19.07
CA ALA E 243 -41.97 42.39 18.11
C ALA E 243 -41.20 41.40 17.25
N PHE E 244 -40.88 40.22 17.80
CA PHE E 244 -40.28 39.18 16.97
C PHE E 244 -41.25 38.70 15.91
N LEU E 245 -42.53 38.56 16.26
CA LEU E 245 -43.54 38.22 15.27
C LEU E 245 -43.61 39.27 14.17
N LEU E 246 -43.61 40.54 14.58
CA LEU E 246 -43.66 41.65 13.61
C LEU E 246 -42.45 41.63 12.68
N ALA E 247 -41.25 41.54 13.24
CA ALA E 247 -40.03 41.60 12.44
C ALA E 247 -39.89 40.38 11.54
N ALA E 248 -40.18 39.19 12.06
CA ALA E 248 -40.09 37.99 11.24
C ALA E 248 -41.14 37.99 10.13
N ALA E 249 -42.28 38.64 10.36
CA ALA E 249 -43.28 38.75 9.29
C ALA E 249 -42.90 39.79 8.25
N LYS E 250 -42.22 40.86 8.64
CA LYS E 250 -41.99 41.98 7.74
C LYS E 250 -40.51 42.38 7.68
N THR E 251 -39.62 41.40 7.51
CA THR E 251 -38.22 41.70 7.21
C THR E 251 -37.66 40.58 6.35
N ASN E 252 -36.84 40.96 5.36
CA ASN E 252 -36.15 40.06 4.47
C ASN E 252 -34.66 40.38 4.51
N PRO E 253 -33.80 39.39 4.22
CA PRO E 253 -32.36 39.66 4.26
C PRO E 253 -31.95 40.72 3.24
N SER E 254 -30.99 41.55 3.64
CA SER E 254 -30.53 42.65 2.80
C SER E 254 -29.36 42.24 1.93
N GLY E 255 -29.52 41.14 1.19
CA GLY E 255 -28.46 40.67 0.33
C GLY E 255 -28.76 40.89 -1.14
N LYS E 256 -28.01 41.81 -1.76
CA LYS E 256 -28.21 42.21 -3.16
C LYS E 256 -29.64 42.71 -3.40
N GLN E 257 -30.17 43.47 -2.44
CA GLN E 257 -31.49 44.05 -2.62
C GLN E 257 -31.48 45.30 -3.48
N ASN E 258 -30.32 45.95 -3.62
CA ASN E 258 -30.21 47.13 -4.47
C ASN E 258 -30.26 46.78 -5.95
N SER E 259 -30.14 45.51 -6.31
CA SER E 259 -30.15 45.09 -7.70
C SER E 259 -31.24 44.09 -8.04
N PHE E 260 -31.94 43.55 -7.05
CA PHE E 260 -33.00 42.58 -7.29
C PHE E 260 -34.33 42.98 -6.68
N ALA E 261 -34.32 43.60 -5.50
CA ALA E 261 -35.48 44.30 -4.91
C ALA E 261 -36.68 43.36 -4.75
N ALA E 262 -36.50 42.39 -3.85
CA ALA E 262 -37.48 41.32 -3.68
C ALA E 262 -38.20 41.40 -2.34
N HIS E 263 -38.62 42.60 -1.95
CA HIS E 263 -39.32 42.80 -0.68
C HIS E 263 -40.73 42.23 -0.80
N ASN E 264 -40.81 40.90 -0.71
CA ASN E 264 -42.06 40.17 -0.78
C ASN E 264 -42.55 39.80 0.61
N TYR E 265 -43.87 39.73 0.77
CA TYR E 265 -44.45 39.46 2.07
C TYR E 265 -45.00 38.05 2.12
N PRO E 266 -44.93 37.39 3.28
CA PRO E 266 -45.45 36.01 3.37
C PRO E 266 -46.96 35.94 3.17
N ASP E 267 -47.40 34.87 2.53
CA ASP E 267 -48.81 34.65 2.24
C ASP E 267 -49.45 33.66 3.18
N GLY E 268 -48.78 33.28 4.26
CA GLY E 268 -49.36 32.41 5.25
C GLY E 268 -48.47 32.21 6.46
N ILE E 269 -49.04 32.37 7.65
CA ILE E 269 -48.32 32.17 8.92
C ILE E 269 -49.20 31.29 9.80
N LEU E 270 -48.59 30.25 10.36
CA LEU E 270 -49.27 29.30 11.23
C LEU E 270 -48.59 29.30 12.59
N VAL E 271 -49.31 29.73 13.62
CA VAL E 271 -48.78 29.83 14.97
C VAL E 271 -49.46 28.78 15.84
N GLU E 272 -48.65 27.98 16.52
CA GLU E 272 -49.14 26.90 17.35
C GLU E 272 -48.60 27.03 18.77
N PHE E 273 -49.31 26.42 19.71
CA PHE E 273 -48.89 26.37 21.11
C PHE E 273 -48.90 24.90 21.54
N LYS E 274 -47.72 24.38 21.85
CA LYS E 274 -47.63 22.95 22.19
C LYS E 274 -46.42 22.72 23.08
N ASN E 275 -46.46 21.58 23.79
CA ASN E 275 -45.43 21.27 24.78
C ASN E 275 -44.17 20.65 24.17
N SER E 276 -44.22 20.21 22.91
CA SER E 276 -43.04 19.65 22.27
C SER E 276 -42.92 20.21 20.85
N PRO E 277 -41.71 20.52 20.39
CA PRO E 277 -41.55 21.15 19.08
C PRO E 277 -41.68 20.14 17.95
N ILE E 278 -42.47 20.49 16.95
CA ILE E 278 -42.63 19.69 15.74
C ILE E 278 -42.37 20.59 14.53
N SER E 279 -41.64 20.06 13.56
CA SER E 279 -41.32 20.78 12.34
C SER E 279 -42.05 20.11 11.18
N TYR E 280 -42.86 20.89 10.45
CA TYR E 280 -43.62 20.37 9.33
C TYR E 280 -42.86 20.43 8.02
N ALA E 281 -41.53 20.47 8.06
CA ALA E 281 -40.73 20.54 6.85
C ALA E 281 -40.76 19.24 6.05
N ASN E 282 -41.24 18.15 6.66
CA ASN E 282 -41.35 16.88 5.96
C ASN E 282 -42.55 16.83 5.02
N ALA E 283 -43.37 17.88 4.99
CA ALA E 283 -44.45 17.96 4.02
C ALA E 283 -43.90 18.02 2.61
N PHE E 284 -42.83 18.77 2.40
CA PHE E 284 -42.25 19.02 1.10
C PHE E 284 -41.09 18.09 0.78
N VAL E 285 -41.11 16.87 1.31
CA VAL E 285 -40.15 15.86 0.89
C VAL E 285 -40.36 15.55 -0.59
N ARG E 286 -41.60 15.38 -0.99
CA ARG E 286 -41.95 15.37 -2.41
C ARG E 286 -41.90 16.80 -2.94
N PRO E 287 -41.20 17.05 -4.05
CA PRO E 287 -41.19 18.41 -4.61
C PRO E 287 -42.58 18.82 -5.08
N VAL E 288 -42.90 20.10 -4.88
CA VAL E 288 -44.21 20.63 -5.25
C VAL E 288 -44.14 20.99 -6.74
N SER E 289 -44.62 20.09 -7.59
CA SER E 289 -44.74 20.40 -9.00
C SER E 289 -45.95 21.31 -9.22
N VAL E 290 -45.82 22.21 -10.18
CA VAL E 290 -46.82 23.25 -10.44
C VAL E 290 -47.76 22.76 -11.52
N VAL E 291 -49.06 22.87 -11.27
CA VAL E 291 -50.08 22.55 -12.26
C VAL E 291 -50.55 23.84 -12.90
N LYS E 292 -51.28 23.72 -14.02
CA LYS E 292 -51.76 24.90 -14.74
C LYS E 292 -52.88 25.60 -14.00
N GLU E 293 -53.70 24.85 -13.27
CA GLU E 293 -54.90 25.43 -12.64
C GLU E 293 -54.56 26.28 -11.43
N SER E 294 -53.56 25.88 -10.66
CA SER E 294 -53.17 26.58 -9.44
C SER E 294 -51.80 27.23 -9.63
N ASP E 295 -51.31 27.81 -8.55
CA ASP E 295 -49.97 28.41 -8.51
C ASP E 295 -49.14 27.67 -7.47
N LEU E 296 -47.93 28.20 -7.22
CA LEU E 296 -47.02 27.55 -6.31
C LEU E 296 -47.46 27.69 -4.87
N VAL E 297 -47.90 28.90 -4.48
CA VAL E 297 -48.21 29.17 -3.08
C VAL E 297 -49.43 28.37 -2.63
N GLU E 298 -50.45 28.27 -3.49
CA GLU E 298 -51.65 27.53 -3.11
C GLU E 298 -51.37 26.05 -2.92
N GLN E 299 -50.56 25.47 -3.82
CA GLN E 299 -50.19 24.06 -3.66
C GLN E 299 -49.33 23.85 -2.42
N SER E 300 -48.43 24.79 -2.13
CA SER E 300 -47.61 24.69 -0.93
C SER E 300 -48.47 24.72 0.33
N ILE E 301 -49.44 25.64 0.38
CA ILE E 301 -50.33 25.72 1.54
C ILE E 301 -51.19 24.46 1.63
N GLY E 302 -51.59 23.89 0.50
CA GLY E 302 -52.36 22.66 0.53
C GLY E 302 -51.59 21.48 1.10
N GLN E 303 -50.34 21.32 0.66
CA GLN E 303 -49.52 20.23 1.20
C GLN E 303 -49.18 20.45 2.66
N LEU E 304 -48.95 21.71 3.06
CA LEU E 304 -48.73 22.00 4.47
C LEU E 304 -49.95 21.66 5.32
N SER E 305 -51.15 21.98 4.82
CA SER E 305 -52.37 21.63 5.53
C SER E 305 -52.55 20.13 5.64
N ASN E 306 -52.22 19.40 4.56
CA ASN E 306 -52.28 17.95 4.59
C ASN E 306 -51.40 17.37 5.69
N TYR E 307 -50.13 17.81 5.74
CA TYR E 307 -49.21 17.29 6.73
C TYR E 307 -49.60 17.71 8.14
N VAL E 308 -50.11 18.94 8.30
CA VAL E 308 -50.51 19.42 9.63
C VAL E 308 -51.66 18.59 10.16
N ASN E 309 -52.66 18.31 9.32
CA ASN E 309 -53.77 17.47 9.76
C ASN E 309 -53.33 16.05 10.09
N ASP E 310 -52.45 15.47 9.26
CA ASP E 310 -51.97 14.12 9.53
C ASP E 310 -51.16 14.04 10.81
N ILE E 311 -50.39 15.08 11.13
CA ILE E 311 -49.69 15.12 12.40
C ILE E 311 -50.68 15.29 13.54
N ARG E 312 -51.72 16.11 13.33
CA ARG E 312 -52.69 16.39 14.40
C ARG E 312 -53.45 15.13 14.79
N LEU E 313 -53.88 14.33 13.82
CA LEU E 313 -54.60 13.11 14.11
C LEU E 313 -53.68 11.92 14.32
N GLY E 314 -52.36 12.13 14.30
CA GLY E 314 -51.38 11.08 14.48
C GLY E 314 -50.83 11.11 15.89
N TYR E 315 -49.68 11.77 16.07
CA TYR E 315 -49.05 11.91 17.37
C TYR E 315 -49.90 12.86 18.21
N TYR E 316 -50.99 12.31 18.75
CA TYR E 316 -52.02 13.07 19.44
C TYR E 316 -52.14 12.53 20.86
N ASP E 317 -52.09 13.44 21.83
CA ASP E 317 -52.19 13.09 23.24
C ASP E 317 -53.38 13.80 23.87
N GLU E 318 -53.87 13.21 24.96
CA GLU E 318 -55.06 13.73 25.63
C GLU E 318 -54.74 14.77 26.69
N GLN E 319 -53.59 14.66 27.36
CA GLN E 319 -53.25 15.64 28.38
C GLN E 319 -52.79 16.95 27.75
N SER E 320 -52.17 16.89 26.57
CA SER E 320 -51.59 18.06 25.93
C SER E 320 -52.49 18.54 24.80
N PRO E 321 -53.20 19.66 24.97
CA PRO E 321 -53.99 20.19 23.86
C PRO E 321 -53.14 21.07 22.96
N VAL E 322 -53.58 21.18 21.71
CA VAL E 322 -52.93 22.02 20.72
C VAL E 322 -53.94 23.03 20.20
N ILE E 323 -53.56 24.30 20.20
CA ILE E 323 -54.39 25.38 19.68
C ILE E 323 -53.56 26.17 18.69
N GLY E 324 -54.10 26.37 17.50
CA GLY E 324 -53.36 27.05 16.45
C GLY E 324 -54.23 28.07 15.74
N PHE E 325 -53.58 29.14 15.31
CA PHE E 325 -54.20 30.15 14.47
C PHE E 325 -53.81 29.89 13.02
N TRP E 326 -54.25 30.77 12.12
CA TRP E 326 -53.87 30.67 10.71
C TRP E 326 -54.03 32.04 10.08
N PHE E 327 -52.92 32.63 9.65
CA PHE E 327 -52.92 33.96 9.06
C PHE E 327 -52.81 33.86 7.54
N SER E 328 -53.57 34.71 6.85
CA SER E 328 -53.47 34.89 5.42
C SER E 328 -54.04 36.27 5.14
N PRO E 329 -53.48 37.03 4.20
CA PRO E 329 -54.00 38.38 3.94
C PRO E 329 -55.40 38.36 3.35
N ASN E 330 -56.37 38.85 4.11
CA ASN E 330 -57.78 38.94 3.70
C ASN E 330 -58.35 37.57 3.33
N ASN E 331 -57.86 36.52 3.99
CA ASN E 331 -58.27 35.14 3.75
C ASN E 331 -58.10 34.72 2.30
N ARG E 332 -57.06 35.25 1.64
CA ARG E 332 -56.79 34.89 0.25
C ARG E 332 -56.41 33.42 0.13
N TYR E 333 -55.59 32.92 1.06
CA TYR E 333 -55.14 31.53 1.07
C TYR E 333 -55.56 30.88 2.38
N PRO E 334 -56.75 30.28 2.43
CA PRO E 334 -57.13 29.50 3.61
C PRO E 334 -56.30 28.23 3.69
N LEU E 335 -56.28 27.64 4.89
CA LEU E 335 -55.50 26.44 5.14
C LEU E 335 -56.20 25.29 4.43
N GLY E 336 -55.93 25.19 3.12
CA GLY E 336 -56.71 24.35 2.23
C GLY E 336 -56.54 22.88 2.44
N TYR E 337 -57.58 22.24 2.99
CA TYR E 337 -57.63 20.79 3.13
C TYR E 337 -59.09 20.38 3.13
N LYS E 338 -59.58 19.95 1.96
CA LYS E 338 -60.98 19.65 1.65
C LYS E 338 -61.97 20.54 2.41
N HIS E 339 -62.92 19.93 3.10
CA HIS E 339 -63.86 20.64 3.94
C HIS E 339 -63.40 20.72 5.39
N SER E 340 -62.18 20.26 5.68
CA SER E 340 -61.68 20.21 7.05
C SER E 340 -60.95 21.51 7.37
N LYS E 341 -61.44 22.23 8.38
CA LYS E 341 -60.77 23.41 8.91
C LYS E 341 -59.90 22.96 10.08
N LEU E 342 -58.61 23.30 10.02
CA LEU E 342 -57.64 22.79 10.98
C LEU E 342 -57.46 23.72 12.17
N ALA E 343 -57.04 24.95 11.90
CA ALA E 343 -56.80 25.92 12.96
C ALA E 343 -58.11 26.34 13.62
N SER E 344 -58.03 26.69 14.90
CA SER E 344 -59.21 27.04 15.67
C SER E 344 -59.71 28.45 15.41
N ARG E 345 -58.90 29.30 14.78
CA ARG E 345 -59.29 30.70 14.59
C ARG E 345 -58.54 31.25 13.39
N ASN E 346 -59.23 31.35 12.25
CA ASN E 346 -58.66 31.99 11.08
C ASN E 346 -58.61 33.51 11.30
N ILE E 347 -57.49 34.12 10.92
CA ILE E 347 -57.26 35.54 11.13
C ILE E 347 -56.81 36.16 9.81
N GLY E 348 -57.39 37.30 9.46
CA GLY E 348 -57.05 38.00 8.22
C GLY E 348 -56.22 39.26 8.35
N ASN E 349 -55.70 39.57 9.53
CA ASN E 349 -54.87 40.77 9.72
C ASN E 349 -53.69 40.42 10.59
N LEU E 350 -52.61 41.18 10.46
CA LEU E 350 -51.37 40.85 11.15
C LEU E 350 -51.39 41.30 12.60
N ASN E 351 -51.68 42.58 12.84
CA ASN E 351 -51.69 43.11 14.21
C ASN E 351 -52.78 42.45 15.04
N GLU E 352 -53.89 42.05 14.42
CA GLU E 352 -54.92 41.31 15.12
C GLU E 352 -54.40 39.97 15.62
N LEU E 353 -53.63 39.26 14.80
CA LEU E 353 -53.07 37.99 15.23
C LEU E 353 -51.99 38.19 16.29
N VAL E 354 -51.22 39.28 16.19
CA VAL E 354 -50.23 39.56 17.23
C VAL E 354 -50.93 39.80 18.57
N GLY E 355 -52.02 40.56 18.56
CA GLY E 355 -52.80 40.75 19.78
C GLY E 355 -53.42 39.47 20.28
N ALA E 356 -53.88 38.60 19.37
CA ALA E 356 -54.48 37.34 19.77
C ALA E 356 -53.47 36.41 20.43
N VAL E 357 -52.28 36.30 19.86
CA VAL E 357 -51.22 35.51 20.48
C VAL E 357 -50.84 36.12 21.84
N LEU E 358 -50.73 37.45 21.90
CA LEU E 358 -50.32 38.10 23.13
C LEU E 358 -51.34 37.92 24.25
N ASP E 359 -52.63 37.94 23.92
CA ASP E 359 -53.63 37.79 24.99
C ASP E 359 -53.91 36.32 25.28
N TYR E 360 -53.49 35.41 24.39
CA TYR E 360 -53.45 34.00 24.79
C TYR E 360 -52.33 33.76 25.79
N ILE E 361 -51.20 34.45 25.62
CA ILE E 361 -50.01 34.23 26.45
C ILE E 361 -50.29 34.43 27.95
N GLY E 362 -51.39 35.09 28.29
CA GLY E 362 -51.67 35.37 29.69
C GLY E 362 -52.13 36.79 29.96
N GLY E 363 -52.64 37.46 28.94
CA GLY E 363 -53.24 38.76 29.13
C GLY E 363 -52.30 39.93 28.90
N PHE E 364 -51.69 39.96 27.73
CA PHE E 364 -50.81 41.06 27.33
C PHE E 364 -51.37 41.73 26.09
N LYS E 365 -51.19 43.04 26.01
CA LYS E 365 -51.72 43.83 24.91
C LYS E 365 -50.60 44.63 24.26
N TRP E 366 -50.82 44.99 23.00
CA TRP E 366 -49.82 45.64 22.16
C TRP E 366 -49.72 47.15 22.38
N GLU E 367 -50.19 47.64 23.54
CA GLU E 367 -50.18 49.07 23.81
C GLU E 367 -49.26 49.44 24.97
N GLU E 368 -49.39 48.78 26.11
CA GLU E 368 -48.64 49.14 27.31
C GLU E 368 -47.30 48.41 27.44
N VAL E 369 -47.09 47.34 26.68
CA VAL E 369 -45.84 46.59 26.80
C VAL E 369 -44.69 47.28 26.09
N GLN E 370 -44.97 48.21 25.17
CA GLN E 370 -43.92 48.92 24.46
C GLN E 370 -43.50 50.18 25.21
N MET F 1 -38.79 -13.60 25.09
CA MET F 1 -39.56 -12.63 24.32
C MET F 1 -38.74 -11.37 24.06
N LEU F 2 -38.79 -10.89 22.83
CA LEU F 2 -38.03 -9.72 22.39
C LEU F 2 -38.95 -8.76 21.67
N ILE F 3 -38.90 -7.49 22.06
CA ILE F 3 -39.67 -6.43 21.43
C ILE F 3 -38.73 -5.63 20.55
N GLU F 4 -39.00 -5.58 19.26
CA GLU F 4 -38.12 -4.94 18.29
C GLU F 4 -38.83 -3.76 17.65
N ILE F 5 -38.17 -2.60 17.63
CA ILE F 5 -38.74 -1.39 17.08
C ILE F 5 -37.87 -0.94 15.91
N HIS F 6 -38.47 -0.85 14.73
CA HIS F 6 -37.80 -0.39 13.52
C HIS F 6 -38.44 0.91 13.07
N MET F 7 -37.61 1.94 12.87
CA MET F 7 -38.11 3.26 12.54
C MET F 7 -37.57 3.72 11.18
N ILE F 8 -38.33 4.57 10.52
CA ILE F 8 -37.88 5.30 9.33
C ILE F 8 -38.13 6.78 9.61
N GLN F 9 -37.08 7.59 9.58
CA GLN F 9 -37.19 8.97 10.00
C GLN F 9 -36.41 9.87 9.05
N ASN F 10 -37.10 10.76 8.35
CA ASN F 10 -36.46 11.71 7.45
C ASN F 10 -36.19 13.01 8.20
N HIS F 11 -34.97 13.52 8.09
CA HIS F 11 -34.55 14.69 8.83
C HIS F 11 -34.24 15.85 7.88
N SER F 12 -34.62 17.06 8.30
CA SER F 12 -34.24 18.26 7.58
C SER F 12 -32.74 18.51 7.78
N PRO F 13 -32.11 19.34 6.90
CA PRO F 13 -30.67 19.61 7.03
C PRO F 13 -30.20 20.01 8.42
N ALA F 14 -29.35 19.19 9.02
CA ALA F 14 -28.87 19.41 10.37
C ALA F 14 -27.57 18.66 10.55
N ASN F 15 -26.94 18.85 11.71
CA ASN F 15 -25.71 18.15 12.09
C ASN F 15 -25.94 17.54 13.46
N LEU F 16 -26.55 16.36 13.48
CA LEU F 16 -26.96 15.74 14.75
C LEU F 16 -25.83 14.98 15.43
N ASN F 17 -24.76 14.66 14.72
CA ASN F 17 -23.64 13.92 15.31
C ASN F 17 -22.36 14.28 14.58
N ARG F 18 -21.38 14.78 15.30
CA ARG F 18 -20.11 15.23 14.74
C ARG F 18 -18.96 14.46 15.37
N ASP F 19 -17.85 14.39 14.64
CA ASP F 19 -16.61 13.87 15.19
C ASP F 19 -15.74 15.04 15.66
N ASP F 20 -14.47 14.75 15.97
CA ASP F 20 -13.59 15.79 16.49
C ASP F 20 -13.26 16.85 15.45
N LEU F 21 -13.38 16.54 14.17
CA LEU F 21 -13.13 17.53 13.12
C LEU F 21 -14.29 18.50 12.97
N GLY F 22 -15.52 18.04 13.19
CA GLY F 22 -16.72 18.83 12.96
C GLY F 22 -17.58 18.32 11.84
N ALA F 23 -17.13 17.35 11.08
CA ALA F 23 -17.92 16.77 10.00
C ALA F 23 -18.99 15.85 10.57
N PRO F 24 -20.11 15.70 9.87
CA PRO F 24 -21.10 14.71 10.30
C PRO F 24 -20.56 13.29 10.20
N LYS F 25 -20.99 12.44 11.12
CA LYS F 25 -20.52 11.07 11.15
C LYS F 25 -21.07 10.30 9.96
N THR F 26 -20.18 9.61 9.25
CA THR F 26 -20.55 8.82 8.09
C THR F 26 -20.04 7.40 8.25
N CYS F 27 -20.43 6.54 7.32
CA CYS F 27 -19.99 5.15 7.30
C CYS F 27 -20.11 4.63 5.88
N TYR F 28 -19.63 3.41 5.69
CA TYR F 28 -19.75 2.71 4.41
C TYR F 28 -20.61 1.48 4.60
N PHE F 29 -21.59 1.31 3.73
CA PHE F 29 -22.52 0.18 3.83
C PHE F 29 -22.99 -0.18 2.44
N GLY F 30 -22.64 -1.37 1.96
CA GLY F 30 -22.96 -1.76 0.61
C GLY F 30 -22.06 -1.16 -0.44
N GLY F 31 -20.90 -0.62 -0.04
CA GLY F 31 -19.96 -0.04 -0.97
C GLY F 31 -20.12 1.44 -1.20
N VAL F 32 -21.17 2.06 -0.67
CA VAL F 32 -21.42 3.48 -0.84
C VAL F 32 -21.35 4.16 0.52
N LEU F 33 -21.33 5.49 0.50
CA LEU F 33 -21.16 6.30 1.70
C LEU F 33 -22.52 6.75 2.21
N ARG F 34 -22.78 6.53 3.50
CA ARG F 34 -24.04 6.89 4.13
C ARG F 34 -23.78 7.75 5.36
N SER F 35 -24.78 8.54 5.73
CA SER F 35 -24.74 9.26 6.98
C SER F 35 -25.04 8.32 8.14
N ARG F 36 -24.60 8.71 9.33
CA ARG F 36 -24.69 7.80 10.47
C ARG F 36 -24.85 8.58 11.76
N ILE F 37 -25.74 8.10 12.63
CA ILE F 37 -25.85 8.55 14.01
C ILE F 37 -25.44 7.41 14.92
N SER F 38 -24.55 7.68 15.86
CA SER F 38 -24.05 6.66 16.76
C SER F 38 -25.13 6.22 17.74
N SER F 39 -25.00 4.98 18.22
CA SER F 39 -25.98 4.44 19.15
C SER F 39 -25.87 5.06 20.53
N GLN F 40 -24.67 5.55 20.90
CA GLN F 40 -24.51 6.24 22.17
C GLN F 40 -25.34 7.52 22.20
N CYS F 41 -25.37 8.25 21.09
CA CYS F 41 -26.16 9.47 21.03
C CYS F 41 -27.66 9.18 21.17
N ILE F 42 -28.14 8.14 20.48
CA ILE F 42 -29.55 7.78 20.58
C ILE F 42 -29.89 7.33 21.99
N LYS F 43 -29.04 6.51 22.60
CA LYS F 43 -29.29 6.04 23.95
C LYS F 43 -29.31 7.19 24.95
N ARG F 44 -28.37 8.14 24.83
CA ARG F 44 -28.37 9.28 25.73
C ARG F 44 -29.59 10.17 25.52
N SER F 45 -29.99 10.37 24.26
CA SER F 45 -31.16 11.18 23.98
C SER F 45 -32.43 10.57 24.56
N ILE F 46 -32.57 9.24 24.46
CA ILE F 46 -33.71 8.57 25.06
C ILE F 46 -33.65 8.66 26.58
N ARG F 47 -32.47 8.45 27.16
CA ARG F 47 -32.32 8.44 28.61
C ARG F 47 -32.56 9.81 29.22
N THR F 48 -32.29 10.88 28.48
CA THR F 48 -32.43 12.22 29.04
C THR F 48 -33.51 12.99 28.27
N SER F 49 -34.64 12.35 28.02
CA SER F 49 -35.76 12.97 27.34
C SER F 49 -36.75 13.51 28.36
N ASN F 50 -37.92 13.94 27.88
CA ASN F 50 -39.00 14.40 28.74
C ASN F 50 -40.11 13.39 28.91
N ASP F 51 -40.15 12.36 28.07
CA ASP F 51 -41.05 11.23 28.26
C ASP F 51 -40.43 10.14 29.12
N PHE F 52 -39.21 10.37 29.62
CA PHE F 52 -38.48 9.40 30.43
C PHE F 52 -38.05 10.02 31.76
N LYS F 53 -38.72 11.10 32.18
CA LYS F 53 -38.27 11.83 33.36
C LYS F 53 -38.60 11.09 34.65
N ALA F 54 -39.73 10.41 34.69
CA ALA F 54 -40.12 9.68 35.89
C ALA F 54 -39.30 8.41 36.09
N LEU F 55 -38.68 7.90 35.03
CA LEU F 55 -37.89 6.67 35.09
C LEU F 55 -36.39 6.91 35.10
N LEU F 56 -35.96 8.17 35.11
CA LEU F 56 -34.53 8.45 35.21
C LEU F 56 -34.07 8.17 36.63
N GLY F 57 -33.69 6.93 36.91
CA GLY F 57 -33.32 6.54 38.25
C GLY F 57 -31.83 6.43 38.51
N GLY F 58 -31.02 6.59 37.46
CA GLY F 58 -29.59 6.43 37.60
C GLY F 58 -28.83 7.64 37.09
N VAL F 59 -27.61 7.78 37.60
CA VAL F 59 -26.71 8.86 37.22
C VAL F 59 -25.38 8.25 36.81
N ARG F 60 -24.83 8.72 35.69
CA ARG F 60 -23.48 8.39 35.23
C ARG F 60 -22.63 9.64 35.46
N THR F 61 -21.74 9.58 36.44
CA THR F 61 -21.03 10.78 36.88
C THR F 61 -19.56 10.48 37.08
N ARG F 62 -18.75 11.56 37.01
CA ARG F 62 -17.34 11.53 37.33
C ARG F 62 -17.00 12.29 38.60
N ARG F 63 -17.84 13.23 39.01
CA ARG F 63 -17.63 14.04 40.22
C ARG F 63 -18.51 13.55 41.36
N LEU F 64 -18.59 12.23 41.53
CA LEU F 64 -19.52 11.60 42.48
C LEU F 64 -19.34 12.13 43.91
N ALA F 65 -18.11 12.52 44.27
CA ALA F 65 -17.87 13.06 45.60
C ALA F 65 -18.65 14.37 45.81
N ASP F 66 -18.77 15.19 44.76
CA ASP F 66 -19.56 16.41 44.85
C ASP F 66 -21.04 16.09 45.06
N LEU F 67 -21.56 15.05 44.40
CA LEU F 67 -22.95 14.65 44.61
C LEU F 67 -23.18 14.15 46.02
N ILE F 68 -22.24 13.36 46.55
CA ILE F 68 -22.35 12.90 47.93
C ILE F 68 -22.27 14.06 48.90
N GLN F 69 -21.45 15.07 48.60
CA GLN F 69 -21.41 16.28 49.41
C GLN F 69 -22.74 17.01 49.39
N GLN F 70 -23.34 17.15 48.20
CA GLN F 70 -24.61 17.86 48.09
C GLN F 70 -25.73 17.14 48.83
N GLU F 71 -25.74 15.80 48.77
CA GLU F 71 -26.75 15.04 49.49
C GLU F 71 -26.41 14.81 50.95
N ALA F 72 -25.21 15.16 51.38
CA ALA F 72 -24.79 14.97 52.78
C ALA F 72 -24.98 16.20 53.64
N GLY F 73 -24.78 17.40 53.07
CA GLY F 73 -24.94 18.62 53.83
C GLY F 73 -23.77 19.01 54.70
N GLU F 74 -22.70 18.20 54.73
CA GLU F 74 -21.50 18.51 55.49
C GLU F 74 -20.31 18.53 54.55
N THR F 75 -19.49 19.56 54.67
CA THR F 75 -18.39 19.78 53.72
C THR F 75 -17.24 18.81 53.93
N GLU F 76 -16.90 18.53 55.20
CA GLU F 76 -15.63 17.88 55.51
C GLU F 76 -15.53 16.49 54.91
N CYS F 77 -16.61 15.70 54.99
CA CYS F 77 -16.62 14.35 54.44
C CYS F 77 -16.34 14.36 52.95
N TRP F 78 -16.75 15.43 52.26
CA TRP F 78 -16.46 15.58 50.84
C TRP F 78 -14.97 15.45 50.55
N LYS F 79 -14.15 16.14 51.35
CA LYS F 79 -12.71 15.98 51.24
C LYS F 79 -12.32 14.52 51.42
N LYS F 80 -12.80 13.93 52.53
CA LYS F 80 -12.54 12.51 52.78
C LYS F 80 -13.14 11.65 51.69
N ALA F 81 -14.22 12.12 51.05
CA ALA F 81 -14.81 11.39 49.94
C ALA F 81 -13.80 11.14 48.85
N GLN F 82 -13.05 12.18 48.47
CA GLN F 82 -11.99 11.99 47.48
C GLN F 82 -10.95 11.00 47.99
N GLU F 83 -10.60 11.11 49.28
CA GLU F 83 -9.73 10.11 49.89
C GLU F 83 -10.34 8.72 49.78
N ILE F 84 -11.63 8.61 50.11
CA ILE F 84 -12.32 7.34 49.93
C ILE F 84 -12.35 6.96 48.46
N LEU F 85 -12.56 7.96 47.59
CA LEU F 85 -12.48 7.70 46.16
C LEU F 85 -11.08 7.25 45.78
N ASN F 86 -10.06 7.87 46.37
CA ASN F 86 -8.70 7.37 46.19
C ASN F 86 -8.58 5.96 46.76
N LYS F 87 -9.16 5.73 47.93
CA LYS F 87 -9.19 4.39 48.50
C LYS F 87 -10.08 3.47 47.68
N CYS F 88 -10.98 4.02 46.87
CA CYS F 88 -11.74 3.18 45.95
C CYS F 88 -10.90 2.72 44.77
N GLY F 89 -9.82 3.44 44.45
CA GLY F 89 -8.91 3.03 43.41
C GLY F 89 -9.52 2.95 42.02
N PHE F 90 -10.27 3.99 41.64
CA PHE F 90 -10.90 3.99 40.32
C PHE F 90 -9.87 4.25 39.23
N LYS F 91 -9.28 5.44 39.23
CA LYS F 91 -8.23 5.82 38.30
C LYS F 91 -7.60 7.12 38.78
N ASN F 92 -6.27 7.21 38.66
CA ASN F 92 -5.54 8.39 39.11
C ASN F 92 -4.58 8.90 38.05
N LYS F 93 -4.76 8.53 36.79
CA LYS F 93 -3.84 8.90 35.72
C LYS F 93 -4.66 9.22 34.46
N ASP F 94 -3.95 9.48 33.36
CA ASP F 94 -4.51 9.74 32.04
C ASP F 94 -5.51 10.90 32.07
N ASP F 95 -6.79 10.58 32.13
CA ASP F 95 -7.85 11.60 32.18
C ASP F 95 -8.17 11.99 33.62
N ASN F 96 -7.13 12.32 34.38
CA ASN F 96 -7.21 12.72 35.79
C ASN F 96 -7.99 11.72 36.63
N THR F 97 -9.25 12.04 36.92
CA THR F 97 -10.07 11.15 37.74
C THR F 97 -10.62 10.00 36.92
N LYS F 98 -11.48 10.31 35.94
CA LYS F 98 -12.07 9.36 34.99
C LYS F 98 -12.81 8.25 35.76
N MET F 99 -13.05 7.10 35.12
CA MET F 99 -13.75 5.95 35.70
C MET F 99 -15.15 6.35 36.18
N LEU F 100 -15.98 6.67 35.19
CA LEU F 100 -17.36 7.08 35.44
C LEU F 100 -18.11 6.00 36.21
N VAL F 101 -18.87 6.43 37.21
CA VAL F 101 -19.72 5.55 37.99
C VAL F 101 -21.15 5.71 37.52
N PHE F 102 -21.78 4.59 37.18
CA PHE F 102 -23.18 4.56 36.77
C PHE F 102 -23.95 3.85 37.88
N MET F 103 -24.72 4.61 38.65
CA MET F 103 -25.42 4.02 39.79
C MET F 103 -26.68 4.82 40.10
N SER F 104 -27.58 4.19 40.84
CA SER F 104 -28.87 4.79 41.16
C SER F 104 -28.70 5.95 42.15
N LYS F 105 -29.52 6.98 41.98
CA LYS F 105 -29.39 8.20 42.79
C LYS F 105 -29.88 8.02 44.22
N ASP F 106 -30.88 7.18 44.45
CA ASP F 106 -31.38 6.98 45.81
C ASP F 106 -30.30 6.42 46.73
N LYS F 107 -29.54 5.44 46.25
CA LYS F 107 -28.42 4.92 47.01
C LYS F 107 -27.30 5.94 47.21
N ILE F 108 -27.32 7.04 46.44
CA ILE F 108 -26.47 8.20 46.74
C ILE F 108 -26.65 8.62 48.19
N LYS F 109 -27.91 8.69 48.65
CA LYS F 109 -28.17 9.00 50.04
C LYS F 109 -27.49 8.00 50.97
N ASP F 110 -27.57 6.71 50.61
CA ASP F 110 -26.87 5.68 51.39
C ASP F 110 -25.37 5.95 51.41
N LEU F 111 -24.81 6.37 50.28
CA LEU F 111 -23.40 6.73 50.21
C LEU F 111 -23.06 7.78 51.23
N ALA F 112 -23.95 8.76 51.42
CA ALA F 112 -23.70 9.83 52.38
C ALA F 112 -23.52 9.28 53.78
N ARG F 113 -24.33 8.28 54.16
CA ARG F 113 -24.18 7.68 55.48
C ARG F 113 -22.80 7.06 55.64
N ILE F 114 -22.30 6.42 54.59
CA ILE F 114 -21.00 5.76 54.70
C ILE F 114 -19.88 6.79 54.82
N VAL F 115 -20.09 8.02 54.33
CA VAL F 115 -19.10 9.06 54.56
C VAL F 115 -19.45 9.93 55.74
N LEU F 116 -20.62 9.73 56.36
CA LEU F 116 -20.96 10.44 57.58
C LEU F 116 -20.63 9.65 58.84
N ASP F 117 -20.14 8.42 58.68
CA ASP F 117 -19.71 7.60 59.80
C ASP F 117 -18.19 7.70 59.91
N ASN F 118 -17.73 8.83 60.45
CA ASN F 118 -16.30 9.02 60.66
C ASN F 118 -15.75 8.14 61.78
N SER F 119 -16.63 7.57 62.62
CA SER F 119 -16.17 6.64 63.65
C SER F 119 -15.68 5.34 63.05
N LEU F 120 -16.22 4.94 61.90
CA LEU F 120 -15.75 3.75 61.22
C LEU F 120 -14.37 4.00 60.60
N GLY F 121 -13.65 2.90 60.36
CA GLY F 121 -12.34 3.00 59.74
C GLY F 121 -12.44 3.44 58.29
N LEU F 122 -11.39 4.14 57.84
CA LEU F 122 -11.36 4.63 56.46
C LEU F 122 -11.33 3.48 55.47
N THR F 123 -10.58 2.43 55.76
CA THR F 123 -10.57 1.25 54.90
C THR F 123 -11.93 0.56 54.90
N GLU F 124 -12.57 0.45 56.07
CA GLU F 124 -13.89 -0.15 56.15
C GLU F 124 -14.93 0.73 55.47
N ALA F 125 -14.78 2.05 55.60
CA ALA F 125 -15.67 2.97 54.89
C ALA F 125 -15.54 2.82 53.38
N ALA F 126 -14.30 2.68 52.89
CA ALA F 126 -14.09 2.48 51.46
C ALA F 126 -14.65 1.14 51.00
N GLN F 127 -14.51 0.10 51.82
CA GLN F 127 -15.07 -1.20 51.48
C GLN F 127 -16.58 -1.16 51.41
N GLN F 128 -17.23 -0.48 52.37
CA GLN F 128 -18.68 -0.36 52.34
C GLN F 128 -19.14 0.51 51.18
N VAL F 129 -18.36 1.53 50.82
CA VAL F 129 -18.68 2.37 49.66
C VAL F 129 -18.64 1.54 48.38
N ALA F 130 -17.59 0.73 48.23
CA ALA F 130 -17.49 -0.15 47.07
C ALA F 130 -18.62 -1.16 47.04
N ASN F 131 -18.99 -1.69 48.21
CA ASN F 131 -20.08 -2.65 48.29
C ASN F 131 -21.41 -2.01 47.87
N VAL F 132 -21.74 -0.85 48.45
CA VAL F 132 -23.02 -0.23 48.15
C VAL F 132 -23.06 0.30 46.73
N ILE F 133 -21.90 0.59 46.14
CA ILE F 133 -21.87 0.91 44.72
C ILE F 133 -22.14 -0.33 43.89
N ALA F 134 -21.60 -1.49 44.31
CA ALA F 134 -21.83 -2.73 43.57
C ALA F 134 -23.28 -3.17 43.62
N GLN F 135 -23.98 -2.92 44.73
CA GLN F 135 -25.41 -3.22 44.77
C GLN F 135 -26.29 -2.17 44.09
N ALA F 136 -25.75 -1.01 43.71
CA ALA F 136 -26.59 0.08 43.22
C ALA F 136 -26.99 -0.19 41.76
N THR F 137 -27.95 -1.09 41.60
CA THR F 137 -28.49 -1.46 40.30
C THR F 137 -30.01 -1.58 40.37
N LEU F 138 -30.67 -0.58 40.94
CA LEU F 138 -32.13 -0.53 40.97
C LEU F 138 -32.55 0.77 40.30
N ALA F 139 -32.66 0.72 38.96
CA ALA F 139 -33.02 1.87 38.15
C ALA F 139 -33.43 1.39 36.77
N PRO F 140 -34.55 1.88 36.23
CA PRO F 140 -34.98 1.44 34.89
C PRO F 140 -34.00 1.76 33.78
N ASP F 141 -33.22 2.83 33.91
CA ASP F 141 -32.24 3.15 32.87
C ASP F 141 -31.03 2.24 32.93
N ILE F 142 -30.57 1.91 34.13
CA ILE F 142 -29.43 1.00 34.28
C ILE F 142 -29.82 -0.41 33.85
N ALA F 143 -31.06 -0.80 34.11
CA ALA F 143 -31.53 -2.12 33.69
C ALA F 143 -31.53 -2.25 32.18
N LEU F 144 -31.91 -1.19 31.47
CA LEU F 144 -31.95 -1.25 30.01
C LEU F 144 -30.54 -1.16 29.41
N CYS F 145 -29.73 -0.22 29.90
CA CYS F 145 -28.50 0.18 29.22
C CYS F 145 -27.25 -0.50 29.74
N GLY F 146 -27.35 -1.40 30.72
CA GLY F 146 -26.19 -2.10 31.21
C GLY F 146 -25.29 -1.24 32.09
N ARG F 147 -24.18 -1.83 32.52
CA ARG F 147 -23.32 -1.17 33.49
C ARG F 147 -21.89 -1.64 33.31
N MET F 148 -20.94 -0.71 33.39
CA MET F 148 -19.51 -1.00 33.42
C MET F 148 -18.89 -0.52 34.73
N LEU F 149 -18.12 -1.40 35.36
CA LEU F 149 -17.33 -0.99 36.53
C LEU F 149 -16.15 -1.97 36.65
N GLU F 150 -14.98 -1.51 36.19
CA GLU F 150 -13.75 -2.27 36.32
C GLU F 150 -12.65 -1.34 36.79
N PRO F 151 -12.57 -1.08 38.12
CA PRO F 151 -11.56 -0.10 38.55
C PRO F 151 -10.10 -0.51 38.34
N ASN F 152 -9.17 0.31 38.82
CA ASN F 152 -7.75 0.06 38.62
C ASN F 152 -7.17 -0.69 39.80
N ASP F 153 -6.39 -1.72 39.51
CA ASP F 153 -5.74 -2.52 40.52
C ASP F 153 -4.44 -1.89 41.01
N LYS F 154 -4.05 -0.76 40.46
CA LYS F 154 -2.82 -0.08 40.85
C LYS F 154 -3.00 0.80 42.09
N ASP F 155 -4.23 0.99 42.56
CA ASP F 155 -4.50 1.73 43.80
C ASP F 155 -5.45 0.89 44.66
N LYS F 156 -4.88 -0.03 45.43
CA LYS F 156 -5.63 -0.86 46.37
C LYS F 156 -4.77 -1.12 47.59
N ASP F 157 -5.42 -1.45 48.71
CA ASP F 157 -4.69 -1.85 49.91
C ASP F 157 -5.03 -3.26 50.38
N LYS F 158 -6.31 -3.59 50.55
CA LYS F 158 -6.69 -4.93 51.02
C LYS F 158 -7.05 -5.83 49.84
N LYS F 159 -6.10 -5.97 48.92
CA LYS F 159 -6.26 -6.68 47.63
C LYS F 159 -7.46 -6.05 46.92
N VAL F 160 -8.35 -6.81 46.30
CA VAL F 160 -9.43 -6.23 45.51
C VAL F 160 -10.68 -6.04 46.37
N LYS F 161 -11.18 -7.12 46.99
CA LYS F 161 -12.33 -7.10 47.90
C LYS F 161 -13.53 -6.42 47.25
N TRP F 162 -13.79 -6.73 45.99
CA TRP F 162 -14.89 -6.16 45.24
C TRP F 162 -16.04 -7.15 45.18
N SER F 163 -17.04 -6.84 44.36
CA SER F 163 -18.19 -7.70 44.17
C SER F 163 -18.47 -7.76 42.67
N ASN F 164 -19.63 -8.32 42.32
CA ASN F 164 -20.02 -8.42 40.92
C ASN F 164 -20.75 -7.14 40.52
N THR F 165 -20.16 -6.40 39.58
CA THR F 165 -20.72 -5.16 39.07
C THR F 165 -21.25 -5.26 37.66
N THR F 166 -20.97 -6.35 36.95
CA THR F 166 -21.38 -6.49 35.57
C THR F 166 -22.88 -6.75 35.50
N VAL F 167 -23.58 -5.94 34.71
CA VAL F 167 -25.02 -6.09 34.48
C VAL F 167 -25.21 -6.29 32.98
N GLU F 168 -25.86 -7.39 32.61
CA GLU F 168 -26.11 -7.66 31.21
C GLU F 168 -27.20 -6.73 30.70
N ALA F 169 -26.87 -5.92 29.70
CA ALA F 169 -27.81 -4.95 29.17
C ALA F 169 -28.99 -5.64 28.50
N ALA F 170 -30.19 -5.12 28.76
CA ALA F 170 -31.40 -5.66 28.18
C ALA F 170 -31.80 -4.97 26.88
N LEU F 171 -31.04 -3.97 26.44
CA LEU F 171 -31.38 -3.18 25.27
C LEU F 171 -30.20 -3.12 24.31
N GLN F 172 -30.45 -3.44 23.04
CA GLN F 172 -29.48 -3.31 21.97
C GLN F 172 -29.95 -2.26 20.98
N VAL F 173 -29.11 -1.27 20.71
CA VAL F 173 -29.43 -0.20 19.78
C VAL F 173 -28.39 -0.19 18.68
N ALA F 174 -28.83 -0.24 17.43
CA ALA F 174 -27.94 -0.18 16.28
C ALA F 174 -27.59 1.26 15.95
N HIS F 175 -26.48 1.43 15.25
CA HIS F 175 -26.16 2.72 14.67
C HIS F 175 -27.14 3.02 13.54
N ALA F 176 -27.72 4.23 13.56
CA ALA F 176 -28.64 4.61 12.51
C ALA F 176 -27.87 4.89 11.23
N ILE F 177 -28.35 4.34 10.12
CA ILE F 177 -27.71 4.54 8.81
C ILE F 177 -28.74 5.09 7.84
N SER F 178 -28.30 5.99 6.97
CA SER F 178 -29.19 6.56 5.98
C SER F 178 -29.57 5.51 4.94
N THR F 179 -30.75 5.67 4.36
CA THR F 179 -31.27 4.73 3.38
C THR F 179 -30.78 5.02 1.97
N HIS F 180 -30.00 6.08 1.78
CA HIS F 180 -29.53 6.50 0.46
C HIS F 180 -28.08 6.92 0.59
N ILE F 181 -27.47 7.25 -0.55
CA ILE F 181 -26.07 7.69 -0.56
C ILE F 181 -26.00 9.12 -0.04
N ALA F 182 -25.14 9.34 0.95
CA ALA F 182 -25.05 10.64 1.60
C ALA F 182 -24.43 11.67 0.67
N ARG F 183 -24.85 12.92 0.85
CA ARG F 183 -24.36 14.05 0.06
C ARG F 183 -23.90 15.13 1.03
N PRO F 184 -22.69 15.00 1.58
CA PRO F 184 -22.22 15.98 2.56
C PRO F 184 -21.89 17.30 1.90
N GLU F 185 -22.33 18.39 2.53
CA GLU F 185 -22.21 19.73 1.99
C GLU F 185 -21.50 20.62 3.00
N ILE F 186 -21.00 21.75 2.52
CA ILE F 186 -20.30 22.72 3.36
C ILE F 186 -21.07 24.03 3.32
N ASP F 187 -21.19 24.67 4.48
CA ASP F 187 -21.85 25.96 4.61
C ASP F 187 -20.77 27.00 4.94
N TYR F 188 -20.56 27.93 4.03
CA TYR F 188 -19.53 28.96 4.19
C TYR F 188 -20.14 30.16 4.90
N PHE F 189 -19.67 30.42 6.13
CA PHE F 189 -20.22 31.48 6.95
C PHE F 189 -19.14 32.50 7.27
N VAL F 190 -19.53 33.77 7.31
CA VAL F 190 -18.65 34.86 7.71
C VAL F 190 -19.34 35.64 8.82
N ALA F 191 -18.66 35.81 9.95
CA ALA F 191 -19.20 36.62 11.02
C ALA F 191 -19.20 38.09 10.63
N ALA F 192 -20.28 38.79 10.97
CA ALA F 192 -20.47 40.18 10.58
C ALA F 192 -20.24 41.09 11.78
N ASP F 193 -19.38 42.09 11.60
CA ASP F 193 -19.12 43.09 12.63
C ASP F 193 -20.11 44.23 12.46
N ASP F 194 -20.97 44.42 13.46
CA ASP F 194 -22.01 45.45 13.35
C ASP F 194 -21.43 46.85 13.42
N VAL F 195 -20.36 47.05 14.17
CA VAL F 195 -19.66 48.34 14.18
C VAL F 195 -18.96 48.53 12.84
N PRO F 196 -19.10 49.70 12.19
CA PRO F 196 -18.41 49.89 10.91
C PRO F 196 -16.90 50.07 11.08
N GLY F 197 -16.14 49.05 10.72
CA GLY F 197 -14.70 49.13 10.77
C GLY F 197 -14.09 49.32 9.39
N GLU F 198 -14.90 49.07 8.36
CA GLU F 198 -14.53 49.24 6.96
C GLU F 198 -13.31 48.40 6.58
N ASP F 199 -13.17 47.23 7.19
CA ASP F 199 -12.03 46.35 6.95
C ASP F 199 -12.53 44.92 6.95
N ALA F 200 -11.58 43.97 6.99
CA ALA F 200 -11.84 42.54 7.08
C ALA F 200 -12.75 42.05 5.93
N GLY F 201 -12.37 42.43 4.71
CA GLY F 201 -13.13 42.00 3.54
C GLY F 201 -13.08 40.49 3.35
N ALA F 202 -11.88 39.91 3.44
CA ALA F 202 -11.71 38.46 3.43
C ALA F 202 -11.62 37.94 4.87
N GLY F 203 -12.67 38.23 5.64
CA GLY F 203 -12.65 38.00 7.07
C GLY F 203 -12.78 36.56 7.53
N HIS F 204 -11.88 35.70 7.07
CA HIS F 204 -11.78 34.30 7.51
C HIS F 204 -13.09 33.54 7.27
N ILE F 205 -13.36 33.33 5.98
CA ILE F 205 -14.51 32.52 5.57
C ILE F 205 -14.40 31.14 6.20
N GLY F 206 -15.35 30.80 7.06
CA GLY F 206 -15.34 29.54 7.75
C GLY F 206 -15.86 28.40 6.90
N GLU F 207 -15.92 27.22 7.51
CA GLU F 207 -16.38 26.03 6.79
C GLU F 207 -17.08 25.13 7.81
N SER F 208 -18.41 25.21 7.84
CA SER F 208 -19.24 24.35 8.67
C SER F 208 -19.99 23.39 7.78
N MET F 209 -20.01 22.11 8.16
CA MET F 209 -20.61 21.06 7.36
C MET F 209 -21.93 20.62 7.95
N PHE F 210 -22.77 20.03 7.09
CA PHE F 210 -24.07 19.52 7.47
C PHE F 210 -24.54 18.55 6.40
N ALA F 211 -25.65 17.88 6.68
CA ALA F 211 -26.23 16.93 5.75
C ALA F 211 -27.69 16.70 6.11
N SER F 212 -28.42 16.08 5.18
CA SER F 212 -29.79 15.66 5.40
C SER F 212 -29.96 14.24 4.92
N ALA F 213 -30.75 13.43 5.64
CA ALA F 213 -30.88 12.03 5.30
C ALA F 213 -32.17 11.46 5.86
N CYS F 214 -32.54 10.29 5.34
CA CYS F 214 -33.68 9.51 5.82
C CYS F 214 -33.10 8.28 6.52
N PHE F 215 -32.98 8.35 7.84
CA PHE F 215 -32.34 7.32 8.63
C PHE F 215 -33.28 6.15 8.91
N TYR F 216 -32.66 5.00 9.15
CA TYR F 216 -33.33 3.80 9.63
C TYR F 216 -32.75 3.48 11.01
N LYS F 217 -33.61 3.42 12.03
CA LYS F 217 -33.18 3.18 13.39
C LYS F 217 -33.76 1.88 13.92
N TYR F 218 -32.98 1.17 14.74
CA TYR F 218 -33.33 -0.17 15.19
C TYR F 218 -33.07 -0.28 16.67
N PHE F 219 -34.08 -0.76 17.42
CA PHE F 219 -33.96 -1.00 18.85
C PHE F 219 -34.48 -2.39 19.16
N SER F 220 -33.85 -3.05 20.14
CA SER F 220 -34.29 -4.36 20.59
C SER F 220 -34.29 -4.40 22.10
N ILE F 221 -35.37 -4.92 22.69
CA ILE F 221 -35.53 -5.01 24.13
C ILE F 221 -35.82 -6.45 24.51
N ASP F 222 -35.11 -6.96 25.52
CA ASP F 222 -35.32 -8.30 26.02
C ASP F 222 -36.22 -8.23 27.25
N TRP F 223 -37.39 -8.85 27.16
CA TRP F 223 -38.38 -8.75 28.23
C TRP F 223 -37.95 -9.52 29.47
N GLU F 224 -37.52 -10.78 29.28
CA GLU F 224 -37.15 -11.61 30.41
C GLU F 224 -35.89 -11.08 31.10
N GLN F 225 -34.94 -10.56 30.32
CA GLN F 225 -33.72 -10.00 30.91
C GLN F 225 -34.04 -8.71 31.65
N LEU F 226 -34.96 -7.89 31.13
CA LEU F 226 -35.36 -6.68 31.83
C LEU F 226 -36.07 -7.00 33.14
N VAL F 227 -36.94 -8.00 33.13
CA VAL F 227 -37.63 -8.43 34.35
C VAL F 227 -36.63 -8.95 35.38
N LYS F 228 -35.66 -9.76 34.93
CA LYS F 228 -34.63 -10.25 35.82
C LYS F 228 -33.74 -9.11 36.34
N ASN F 229 -33.55 -8.07 35.54
CA ASN F 229 -32.76 -6.93 35.98
C ASN F 229 -33.52 -6.08 37.00
N LEU F 230 -34.85 -6.09 36.93
CA LEU F 230 -35.67 -5.28 37.82
C LEU F 230 -36.20 -6.07 39.02
N LYS F 231 -35.54 -7.17 39.37
CA LYS F 231 -35.91 -8.01 40.51
C LYS F 231 -37.34 -8.54 40.39
N GLY F 232 -37.76 -8.82 39.16
CA GLY F 232 -39.09 -9.37 38.95
C GLY F 232 -40.23 -8.39 39.12
N ASP F 233 -39.96 -7.09 39.02
CA ASP F 233 -40.99 -6.06 39.19
C ASP F 233 -41.60 -5.79 37.82
N THR F 234 -42.68 -6.51 37.51
CA THR F 234 -43.32 -6.39 36.20
C THR F 234 -44.05 -5.06 36.04
N ASN F 235 -44.43 -4.41 37.15
CA ASN F 235 -45.08 -3.10 37.05
C ASN F 235 -44.12 -2.06 36.49
N LEU F 236 -42.85 -2.09 36.92
CA LEU F 236 -41.87 -1.14 36.42
C LEU F 236 -41.40 -1.48 35.02
N ALA F 237 -41.40 -2.76 34.65
CA ALA F 237 -40.89 -3.17 33.34
C ALA F 237 -41.84 -2.74 32.22
N ALA F 238 -43.14 -2.94 32.41
CA ALA F 238 -44.11 -2.51 31.40
C ALA F 238 -44.11 -1.00 31.23
N HIS F 239 -44.02 -0.26 32.34
CA HIS F 239 -43.94 1.19 32.27
C HIS F 239 -42.65 1.63 31.57
N THR F 240 -41.54 0.94 31.84
CA THR F 240 -40.28 1.26 31.19
C THR F 240 -40.36 1.05 29.69
N VAL F 241 -40.96 -0.06 29.26
CA VAL F 241 -41.08 -0.35 27.83
C VAL F 241 -42.00 0.68 27.16
N GLY F 242 -43.13 1.00 27.79
CA GLY F 242 -44.03 1.98 27.21
C GLY F 242 -43.43 3.36 27.11
N ALA F 243 -42.75 3.81 28.17
CA ALA F 243 -42.13 5.13 28.13
C ALA F 243 -40.93 5.15 27.21
N PHE F 244 -40.25 4.02 27.02
CA PHE F 244 -39.18 3.95 26.03
C PHE F 244 -39.75 4.10 24.63
N LEU F 245 -40.83 3.38 24.31
CA LEU F 245 -41.44 3.49 22.99
C LEU F 245 -42.01 4.88 22.74
N LEU F 246 -42.49 5.54 23.79
CA LEU F 246 -42.96 6.92 23.64
C LEU F 246 -41.80 7.88 23.44
N ALA F 247 -40.72 7.71 24.21
CA ALA F 247 -39.60 8.65 24.13
C ALA F 247 -38.74 8.43 22.89
N ALA F 248 -38.71 7.22 22.35
CA ALA F 248 -37.91 6.96 21.16
C ALA F 248 -38.52 7.54 19.89
N ALA F 249 -39.82 7.85 19.91
CA ALA F 249 -40.51 8.37 18.74
C ALA F 249 -40.75 9.88 18.82
N LYS F 250 -40.28 10.54 19.87
CA LYS F 250 -40.53 11.96 20.03
C LYS F 250 -39.30 12.73 20.47
N THR F 251 -38.14 12.10 20.56
CA THR F 251 -36.91 12.75 20.97
C THR F 251 -35.87 12.63 19.86
N ASN F 252 -35.11 13.69 19.66
CA ASN F 252 -34.06 13.78 18.66
C ASN F 252 -32.79 14.23 19.37
N PRO F 253 -31.63 13.91 18.80
CA PRO F 253 -30.36 14.38 19.40
C PRO F 253 -30.29 15.90 19.42
N SER F 254 -29.69 16.43 20.48
CA SER F 254 -29.64 17.87 20.71
C SER F 254 -28.45 18.54 20.06
N GLY F 255 -27.63 17.81 19.34
CA GLY F 255 -26.44 18.39 18.74
C GLY F 255 -26.75 19.35 17.60
N LYS F 256 -26.46 20.63 17.82
CA LYS F 256 -26.64 21.69 16.83
C LYS F 256 -28.09 21.77 16.35
N GLN F 257 -28.97 22.11 17.29
CA GLN F 257 -30.37 22.33 16.98
C GLN F 257 -30.81 23.77 17.13
N ASN F 258 -30.01 24.62 17.78
CA ASN F 258 -30.34 26.03 17.86
C ASN F 258 -30.06 26.76 16.56
N SER F 259 -29.38 26.13 15.60
CA SER F 259 -29.12 26.71 14.30
C SER F 259 -29.54 25.80 13.16
N PHE F 260 -29.94 24.56 13.45
CA PHE F 260 -30.31 23.57 12.44
C PHE F 260 -31.56 22.85 12.89
N ALA F 261 -32.57 23.59 13.34
CA ALA F 261 -33.68 23.01 14.11
C ALA F 261 -34.47 21.98 13.31
N ALA F 262 -34.24 20.71 13.62
CA ALA F 262 -34.72 19.61 12.80
C ALA F 262 -35.61 18.67 13.60
N HIS F 263 -36.55 19.22 14.37
CA HIS F 263 -37.41 18.41 15.22
C HIS F 263 -38.47 17.73 14.35
N ASN F 264 -38.06 16.66 13.69
CA ASN F 264 -38.95 15.87 12.86
C ASN F 264 -39.47 14.66 13.63
N TYR F 265 -40.53 14.05 13.09
CA TYR F 265 -41.16 12.89 13.70
C TYR F 265 -41.06 11.70 12.76
N PRO F 266 -41.05 10.48 13.30
CA PRO F 266 -40.98 9.29 12.44
C PRO F 266 -42.18 9.18 11.52
N ASP F 267 -41.94 8.68 10.32
CA ASP F 267 -43.02 8.48 9.35
C ASP F 267 -43.60 7.08 9.41
N GLY F 268 -42.85 6.10 9.91
CA GLY F 268 -43.36 4.76 10.06
C GLY F 268 -42.60 3.96 11.10
N ILE F 269 -43.34 3.36 12.04
CA ILE F 269 -42.76 2.58 13.13
C ILE F 269 -43.33 1.18 13.09
N LEU F 270 -42.45 0.18 13.08
CA LEU F 270 -42.85 -1.22 13.12
C LEU F 270 -42.39 -1.81 14.44
N VAL F 271 -43.33 -2.39 15.20
CA VAL F 271 -43.03 -2.97 16.50
C VAL F 271 -43.41 -4.44 16.45
N GLU F 272 -42.42 -5.32 16.57
CA GLU F 272 -42.62 -6.75 16.44
C GLU F 272 -42.27 -7.46 17.74
N PHE F 273 -42.93 -8.60 17.97
CA PHE F 273 -42.70 -9.43 19.15
C PHE F 273 -42.19 -10.79 18.68
N LYS F 274 -40.92 -11.09 18.94
CA LYS F 274 -40.36 -12.36 18.52
C LYS F 274 -39.18 -12.72 19.43
N ASN F 275 -38.81 -14.00 19.39
CA ASN F 275 -37.84 -14.56 20.32
C ASN F 275 -36.39 -14.45 19.86
N SER F 276 -36.14 -14.00 18.63
CA SER F 276 -34.77 -13.85 18.15
C SER F 276 -34.62 -12.50 17.45
N PRO F 277 -33.52 -11.79 17.71
CA PRO F 277 -33.35 -10.46 17.10
C PRO F 277 -33.02 -10.54 15.61
N ILE F 278 -33.74 -9.76 14.81
CA ILE F 278 -33.48 -9.61 13.39
C ILE F 278 -33.29 -8.12 13.11
N SER F 279 -32.50 -7.81 12.09
CA SER F 279 -32.27 -6.44 11.67
C SER F 279 -32.56 -6.32 10.19
N TYR F 280 -33.36 -5.33 9.82
CA TYR F 280 -33.77 -5.13 8.44
C TYR F 280 -32.95 -4.08 7.72
N ALA F 281 -31.71 -3.84 8.17
CA ALA F 281 -30.85 -2.86 7.52
C ALA F 281 -30.36 -3.33 6.16
N ASN F 282 -30.53 -4.60 5.82
CA ASN F 282 -30.13 -5.10 4.52
C ASN F 282 -31.15 -4.77 3.43
N ALA F 283 -32.27 -4.15 3.79
CA ALA F 283 -33.19 -3.64 2.78
C ALA F 283 -32.51 -2.57 1.92
N PHE F 284 -31.84 -1.64 2.58
CA PHE F 284 -31.16 -0.53 1.90
C PHE F 284 -29.69 -0.83 1.66
N VAL F 285 -29.38 -1.98 1.08
CA VAL F 285 -28.01 -2.23 0.64
C VAL F 285 -27.79 -1.62 -0.73
N ARG F 286 -28.82 -1.69 -1.59
CA ARG F 286 -28.86 -0.87 -2.80
C ARG F 286 -29.50 0.46 -2.45
N PRO F 287 -28.80 1.58 -2.60
CA PRO F 287 -29.32 2.85 -2.10
C PRO F 287 -30.58 3.28 -2.83
N VAL F 288 -31.43 4.01 -2.11
CA VAL F 288 -32.67 4.51 -2.67
C VAL F 288 -32.37 5.61 -3.67
N SER F 289 -32.80 5.42 -4.91
CA SER F 289 -32.66 6.43 -5.96
C SER F 289 -33.99 7.12 -6.14
N VAL F 290 -33.99 8.44 -6.03
CA VAL F 290 -35.22 9.21 -6.11
C VAL F 290 -35.71 9.28 -7.54
N VAL F 291 -36.99 8.99 -7.75
CA VAL F 291 -37.62 9.15 -9.04
C VAL F 291 -38.48 10.40 -9.00
N LYS F 292 -38.91 10.86 -10.17
CA LYS F 292 -39.70 12.08 -10.26
C LYS F 292 -41.13 11.89 -9.77
N GLU F 293 -41.60 10.65 -9.66
CA GLU F 293 -42.98 10.41 -9.26
C GLU F 293 -43.14 10.46 -7.74
N SER F 294 -42.46 9.57 -7.03
CA SER F 294 -42.62 9.46 -5.59
C SER F 294 -41.53 10.27 -4.88
N ASP F 295 -41.44 10.12 -3.57
CA ASP F 295 -40.48 10.86 -2.75
C ASP F 295 -39.52 9.88 -2.08
N LEU F 296 -38.70 10.41 -1.17
CA LEU F 296 -37.70 9.60 -0.51
C LEU F 296 -38.33 8.65 0.51
N VAL F 297 -39.25 9.15 1.33
CA VAL F 297 -39.77 8.37 2.44
C VAL F 297 -40.65 7.23 1.94
N GLU F 298 -41.46 7.48 0.92
CA GLU F 298 -42.32 6.44 0.38
C GLU F 298 -41.52 5.30 -0.22
N GLN F 299 -40.43 5.62 -0.94
CA GLN F 299 -39.58 4.57 -1.51
C GLN F 299 -38.86 3.81 -0.40
N SER F 300 -38.41 4.50 0.64
CA SER F 300 -37.75 3.83 1.76
C SER F 300 -38.70 2.87 2.46
N ILE F 301 -39.94 3.29 2.70
CA ILE F 301 -40.91 2.42 3.34
C ILE F 301 -41.30 1.26 2.43
N GLY F 302 -41.34 1.51 1.11
CA GLY F 302 -41.61 0.41 0.19
C GLY F 302 -40.52 -0.64 0.19
N GLN F 303 -39.26 -0.20 0.21
CA GLN F 303 -38.14 -1.14 0.28
C GLN F 303 -38.14 -1.89 1.61
N LEU F 304 -38.44 -1.20 2.71
CA LEU F 304 -38.52 -1.85 4.01
C LEU F 304 -39.63 -2.89 4.03
N SER F 305 -40.79 -2.56 3.45
CA SER F 305 -41.90 -3.52 3.37
C SER F 305 -41.52 -4.74 2.54
N ASN F 306 -40.84 -4.51 1.42
CA ASN F 306 -40.42 -5.63 0.57
C ASN F 306 -39.46 -6.55 1.32
N TYR F 307 -38.48 -5.98 2.01
CA TYR F 307 -37.52 -6.83 2.72
C TYR F 307 -38.15 -7.54 3.92
N VAL F 308 -39.06 -6.86 4.62
CA VAL F 308 -39.72 -7.49 5.77
C VAL F 308 -40.58 -8.65 5.29
N ASN F 309 -41.27 -8.49 4.15
CA ASN F 309 -42.04 -9.59 3.59
C ASN F 309 -41.15 -10.75 3.19
N ASP F 310 -40.00 -10.45 2.56
CA ASP F 310 -39.07 -11.50 2.16
C ASP F 310 -38.52 -12.26 3.37
N ILE F 311 -38.16 -11.54 4.43
CA ILE F 311 -37.65 -12.17 5.64
C ILE F 311 -38.73 -13.04 6.29
N ARG F 312 -39.96 -12.50 6.37
CA ARG F 312 -41.05 -13.24 7.02
C ARG F 312 -41.40 -14.50 6.27
N LEU F 313 -41.42 -14.45 4.94
CA LEU F 313 -41.71 -15.65 4.16
C LEU F 313 -40.49 -16.52 3.92
N GLY F 314 -39.31 -16.09 4.33
CA GLY F 314 -38.10 -16.85 4.08
C GLY F 314 -37.58 -17.61 5.29
N TYR F 315 -37.76 -17.04 6.48
CA TYR F 315 -37.30 -17.66 7.72
C TYR F 315 -38.48 -17.98 8.62
N TYR F 316 -39.53 -18.53 8.03
CA TYR F 316 -40.72 -18.95 8.77
C TYR F 316 -40.38 -20.12 9.69
N ASP F 317 -40.94 -20.10 10.89
CA ASP F 317 -40.76 -21.16 11.87
C ASP F 317 -42.10 -21.52 12.49
N GLU F 318 -42.10 -22.56 13.31
CA GLU F 318 -43.32 -23.08 13.92
C GLU F 318 -43.79 -22.26 15.11
N GLN F 319 -42.94 -21.37 15.64
CA GLN F 319 -43.35 -20.56 16.79
C GLN F 319 -44.38 -19.51 16.40
N SER F 320 -44.39 -19.11 15.13
CA SER F 320 -45.17 -18.01 14.57
C SER F 320 -45.08 -16.73 15.41
N PRO F 321 -43.86 -16.17 15.63
CA PRO F 321 -43.74 -14.91 16.38
C PRO F 321 -43.76 -13.69 15.46
N VAL F 322 -44.78 -13.60 14.61
CA VAL F 322 -44.87 -12.52 13.64
C VAL F 322 -45.83 -11.44 14.10
N ILE F 323 -46.16 -11.41 15.39
CA ILE F 323 -47.12 -10.42 15.90
C ILE F 323 -46.45 -9.06 15.90
N GLY F 324 -46.84 -8.21 14.96
CA GLY F 324 -46.27 -6.90 14.83
C GLY F 324 -47.28 -5.85 14.44
N PHE F 325 -47.14 -4.65 14.99
CA PHE F 325 -48.01 -3.53 14.71
C PHE F 325 -47.24 -2.50 13.90
N TRP F 326 -47.84 -2.02 12.83
CA TRP F 326 -47.27 -0.97 11.99
C TRP F 326 -47.99 0.34 12.27
N PHE F 327 -47.21 1.39 12.53
CA PHE F 327 -47.76 2.69 12.85
C PHE F 327 -47.33 3.68 11.78
N SER F 328 -48.27 4.55 11.38
CA SER F 328 -48.03 5.65 10.46
C SER F 328 -49.03 6.72 10.83
N PRO F 329 -48.64 7.99 10.84
CA PRO F 329 -49.54 9.04 11.35
C PRO F 329 -50.79 9.21 10.49
N ASN F 330 -51.93 8.82 11.06
CA ASN F 330 -53.23 8.82 10.36
C ASN F 330 -53.16 8.01 9.07
N ASN F 331 -52.41 6.91 9.11
CA ASN F 331 -52.25 5.99 7.97
C ASN F 331 -51.77 6.72 6.71
N ARG F 332 -50.78 7.60 6.90
CA ARG F 332 -50.26 8.37 5.78
C ARG F 332 -49.40 7.52 4.86
N TYR F 333 -48.59 6.62 5.43
CA TYR F 333 -47.68 5.76 4.68
C TYR F 333 -47.99 4.32 5.03
N PRO F 334 -48.84 3.65 4.24
CA PRO F 334 -49.05 2.21 4.46
C PRO F 334 -47.83 1.40 4.08
N LEU F 335 -47.76 0.19 4.63
CA LEU F 335 -46.59 -0.68 4.48
C LEU F 335 -46.57 -1.30 3.09
N GLY F 336 -46.38 -0.43 2.10
CA GLY F 336 -46.21 -0.88 0.73
C GLY F 336 -47.50 -1.19 0.00
N TYR F 337 -47.65 -0.67 -1.21
CA TYR F 337 -48.78 -1.00 -2.06
C TYR F 337 -48.46 -2.17 -2.99
N LYS F 338 -47.94 -3.24 -2.43
CA LYS F 338 -47.58 -4.40 -3.24
C LYS F 338 -48.14 -5.71 -2.71
N HIS F 339 -48.16 -5.88 -1.39
CA HIS F 339 -48.58 -7.13 -0.78
C HIS F 339 -49.88 -6.93 -0.01
N SER F 340 -50.33 -7.99 0.66
CA SER F 340 -51.47 -7.93 1.53
C SER F 340 -51.05 -7.34 2.87
N LYS F 341 -51.92 -7.43 3.87
CA LYS F 341 -51.53 -6.97 5.20
C LYS F 341 -50.50 -7.92 5.79
N LEU F 342 -49.39 -7.37 6.27
CA LEU F 342 -48.36 -8.13 6.95
C LEU F 342 -48.22 -7.74 8.41
N ALA F 343 -48.88 -6.67 8.83
CA ALA F 343 -48.93 -6.26 10.23
C ALA F 343 -50.30 -6.57 10.80
N SER F 344 -50.33 -7.10 12.02
CA SER F 344 -51.58 -7.56 12.61
C SER F 344 -52.55 -6.40 12.85
N ARG F 345 -52.03 -5.23 13.20
CA ARG F 345 -52.86 -4.07 13.48
C ARG F 345 -52.21 -2.85 12.84
N ASN F 346 -52.81 -2.36 11.76
CA ASN F 346 -52.38 -1.10 11.14
C ASN F 346 -52.92 0.04 11.98
N ILE F 347 -52.10 0.53 12.89
CA ILE F 347 -52.50 1.55 13.84
C ILE F 347 -52.13 2.92 13.29
N GLY F 348 -53.00 3.90 13.54
CA GLY F 348 -52.78 5.25 13.05
C GLY F 348 -52.55 6.28 14.14
N ASN F 349 -52.51 5.83 15.40
CA ASN F 349 -52.27 6.72 16.53
C ASN F 349 -51.13 6.17 17.36
N LEU F 350 -50.49 7.05 18.12
CA LEU F 350 -49.30 6.66 18.88
C LEU F 350 -49.68 6.02 20.21
N ASN F 351 -50.54 6.68 20.99
CA ASN F 351 -50.90 6.15 22.29
C ASN F 351 -51.74 4.89 22.18
N GLU F 352 -52.52 4.75 21.10
CA GLU F 352 -53.21 3.50 20.85
C GLU F 352 -52.21 2.38 20.58
N LEU F 353 -51.13 2.68 19.86
CA LEU F 353 -50.09 1.70 19.63
C LEU F 353 -49.39 1.31 20.93
N VAL F 354 -49.14 2.28 21.80
CA VAL F 354 -48.53 1.99 23.10
C VAL F 354 -49.46 1.13 23.95
N GLY F 355 -50.75 1.44 23.95
CA GLY F 355 -51.72 0.63 24.68
C GLY F 355 -51.81 -0.79 24.16
N ALA F 356 -51.78 -0.96 22.83
CA ALA F 356 -51.78 -2.29 22.25
C ALA F 356 -50.51 -3.05 22.61
N VAL F 357 -49.37 -2.35 22.65
CA VAL F 357 -48.10 -2.98 23.02
C VAL F 357 -48.16 -3.49 24.45
N LEU F 358 -48.68 -2.67 25.37
CA LEU F 358 -48.78 -3.11 26.76
C LEU F 358 -49.80 -4.23 26.91
N ASP F 359 -50.90 -4.17 26.15
CA ASP F 359 -51.90 -5.24 26.20
C ASP F 359 -51.32 -6.56 25.73
N TYR F 360 -50.48 -6.55 24.69
CA TYR F 360 -49.81 -7.78 24.30
C TYR F 360 -48.77 -8.21 25.31
N ILE F 361 -48.11 -7.24 25.97
CA ILE F 361 -47.06 -7.58 26.93
C ILE F 361 -47.65 -8.34 28.12
N GLY F 362 -48.68 -7.79 28.74
CA GLY F 362 -49.30 -8.53 29.82
C GLY F 362 -50.78 -8.28 29.98
N GLY F 363 -51.38 -7.55 29.07
CA GLY F 363 -52.74 -7.11 29.26
C GLY F 363 -52.89 -5.90 30.16
N PHE F 364 -51.80 -5.26 30.54
CA PHE F 364 -51.91 -4.05 31.33
C PHE F 364 -52.35 -2.88 30.46
N LYS F 365 -52.87 -1.86 31.12
CA LYS F 365 -53.26 -0.62 30.47
C LYS F 365 -52.14 0.42 30.61
N TRP F 366 -52.15 1.38 29.68
CA TRP F 366 -51.14 2.43 29.73
C TRP F 366 -51.36 3.37 30.90
N GLU F 367 -52.61 3.60 31.29
CA GLU F 367 -52.92 4.37 32.48
C GLU F 367 -52.83 3.55 33.76
N GLU F 368 -52.56 2.25 33.64
CA GLU F 368 -52.47 1.36 34.79
C GLU F 368 -51.04 1.19 35.30
N VAL F 369 -50.05 1.25 34.41
CA VAL F 369 -48.66 1.08 34.80
C VAL F 369 -47.92 2.40 34.97
N GLN F 370 -48.54 3.53 34.61
CA GLN F 370 -47.89 4.82 34.74
C GLN F 370 -47.73 5.29 36.17
N LYS F 371 -48.35 4.59 37.13
CA LYS F 371 -48.30 4.98 38.53
C LYS F 371 -47.05 4.46 39.25
N SER F 372 -46.26 3.62 38.60
CA SER F 372 -45.03 3.08 39.20
C SER F 372 -43.86 3.92 38.71
N LYS F 373 -43.38 4.81 39.57
CA LYS F 373 -42.28 5.70 39.25
C LYS F 373 -40.95 5.00 39.56
N ALA F 374 -39.86 5.75 39.54
CA ALA F 374 -38.54 5.21 39.84
C ALA F 374 -37.89 5.97 40.99
N MET G 1 -18.45 -38.98 1.99
CA MET G 1 -19.41 -37.94 1.70
C MET G 1 -19.16 -36.72 2.59
N LEU G 2 -19.08 -35.54 1.98
CA LEU G 2 -18.89 -34.31 2.71
C LEU G 2 -19.99 -33.31 2.37
N ILE G 3 -20.49 -32.65 3.42
CA ILE G 3 -21.52 -31.63 3.31
C ILE G 3 -20.83 -30.28 3.40
N GLU G 4 -20.88 -29.50 2.33
CA GLU G 4 -20.24 -28.20 2.26
C GLU G 4 -21.30 -27.11 2.29
N ILE G 5 -21.14 -26.14 3.19
CA ILE G 5 -22.07 -25.04 3.33
C ILE G 5 -21.32 -23.75 3.06
N HIS G 6 -21.73 -23.03 2.02
CA HIS G 6 -21.19 -21.73 1.68
C HIS G 6 -22.23 -20.66 1.95
N MET G 7 -21.80 -19.54 2.51
CA MET G 7 -22.69 -18.46 2.88
C MET G 7 -22.14 -17.13 2.40
N ILE G 8 -23.02 -16.31 1.84
CA ILE G 8 -22.74 -14.91 1.58
C ILE G 8 -23.58 -14.10 2.55
N GLN G 9 -22.94 -13.28 3.38
CA GLN G 9 -23.64 -12.61 4.45
C GLN G 9 -23.17 -11.17 4.57
N ASN G 10 -24.07 -10.22 4.39
CA ASN G 10 -23.74 -8.81 4.52
C ASN G 10 -24.05 -8.34 5.93
N HIS G 11 -23.20 -7.46 6.46
CA HIS G 11 -23.32 -7.02 7.84
C HIS G 11 -23.38 -5.50 7.91
N SER G 12 -24.06 -5.01 8.95
CA SER G 12 -24.11 -3.59 9.25
C SER G 12 -22.75 -3.16 9.80
N PRO G 13 -22.51 -1.85 9.98
CA PRO G 13 -21.31 -1.41 10.72
C PRO G 13 -21.19 -2.09 12.07
N ALA G 14 -20.15 -2.90 12.25
CA ALA G 14 -20.02 -3.73 13.43
C ALA G 14 -18.56 -4.00 13.72
N ASN G 15 -18.31 -4.59 14.88
CA ASN G 15 -16.98 -4.95 15.36
C ASN G 15 -17.01 -6.36 15.94
N LEU G 16 -17.51 -7.32 15.15
CA LEU G 16 -17.83 -8.65 15.66
C LEU G 16 -16.60 -9.37 16.21
N ASN G 17 -15.47 -9.27 15.53
CA ASN G 17 -14.24 -9.93 15.98
C ASN G 17 -13.12 -8.91 16.01
N ARG G 18 -12.38 -8.86 17.13
CA ARG G 18 -11.32 -7.90 17.33
C ARG G 18 -9.99 -8.62 17.55
N ASP G 19 -8.94 -7.82 17.74
CA ASP G 19 -7.65 -8.32 18.18
C ASP G 19 -7.20 -7.55 19.42
N ASP G 20 -5.94 -7.69 19.80
CA ASP G 20 -5.45 -7.10 21.04
C ASP G 20 -5.51 -5.58 21.04
N LEU G 21 -5.45 -4.96 19.88
CA LEU G 21 -5.47 -3.50 19.80
C LEU G 21 -6.87 -2.92 19.60
N GLY G 22 -7.88 -3.75 19.38
CA GLY G 22 -9.24 -3.29 19.19
C GLY G 22 -9.68 -3.17 17.76
N ALA G 23 -8.73 -3.15 16.81
CA ALA G 23 -9.09 -3.11 15.41
C ALA G 23 -9.73 -4.42 14.97
N PRO G 24 -10.64 -4.40 14.01
CA PRO G 24 -11.20 -5.65 13.50
C PRO G 24 -10.14 -6.47 12.78
N LYS G 25 -10.32 -7.78 12.83
CA LYS G 25 -9.35 -8.69 12.23
C LYS G 25 -9.35 -8.54 10.72
N THR G 26 -8.16 -8.48 10.14
CA THR G 26 -7.99 -8.30 8.70
C THR G 26 -6.97 -9.31 8.19
N CYS G 27 -6.92 -9.45 6.87
CA CYS G 27 -5.97 -10.34 6.22
C CYS G 27 -5.69 -9.80 4.83
N TYR G 28 -4.76 -10.45 4.14
CA TYR G 28 -4.41 -10.10 2.76
C TYR G 28 -4.73 -11.29 1.89
N PHE G 29 -5.71 -11.14 1.01
CA PHE G 29 -6.12 -12.18 0.08
C PHE G 29 -6.12 -11.59 -1.32
N GLY G 30 -5.39 -12.20 -2.24
CA GLY G 30 -5.31 -11.68 -3.58
C GLY G 30 -4.48 -10.44 -3.73
N GLY G 31 -3.70 -10.07 -2.71
CA GLY G 31 -2.87 -8.89 -2.74
C GLY G 31 -3.47 -7.66 -2.08
N VAL G 32 -4.76 -7.69 -1.76
CA VAL G 32 -5.45 -6.54 -1.20
C VAL G 32 -5.96 -6.91 0.20
N LEU G 33 -6.37 -5.89 0.94
CA LEU G 33 -6.76 -6.05 2.33
C LEU G 33 -8.24 -6.42 2.42
N ARG G 34 -8.54 -7.47 3.19
CA ARG G 34 -9.90 -7.92 3.41
C ARG G 34 -10.17 -8.00 4.90
N SER G 35 -11.45 -7.88 5.26
CA SER G 35 -11.88 -8.07 6.65
C SER G 35 -12.01 -9.56 6.94
N ARG G 36 -11.74 -9.93 8.19
CA ARG G 36 -11.68 -11.33 8.56
C ARG G 36 -12.44 -11.59 9.86
N ILE G 37 -13.01 -12.78 9.96
CA ILE G 37 -13.60 -13.31 11.18
C ILE G 37 -13.01 -14.70 11.39
N SER G 38 -12.47 -14.96 12.58
CA SER G 38 -11.73 -16.19 12.82
C SER G 38 -12.66 -17.40 12.88
N SER G 39 -12.06 -18.58 12.73
CA SER G 39 -12.84 -19.82 12.79
C SER G 39 -13.26 -20.15 14.21
N GLN G 40 -12.42 -19.83 15.20
CA GLN G 40 -12.77 -20.12 16.58
C GLN G 40 -13.95 -19.28 17.02
N CYS G 41 -14.05 -18.05 16.52
CA CYS G 41 -15.20 -17.19 16.84
C CYS G 41 -16.50 -17.80 16.33
N ILE G 42 -16.51 -18.27 15.09
CA ILE G 42 -17.71 -18.87 14.51
C ILE G 42 -18.06 -20.16 15.24
N LYS G 43 -17.06 -20.99 15.54
CA LYS G 43 -17.32 -22.26 16.22
C LYS G 43 -17.86 -22.03 17.62
N ARG G 44 -17.31 -21.05 18.35
CA ARG G 44 -17.80 -20.73 19.68
C ARG G 44 -19.22 -20.17 19.63
N SER G 45 -19.51 -19.31 18.66
CA SER G 45 -20.85 -18.75 18.53
C SER G 45 -21.87 -19.83 18.20
N ILE G 46 -21.50 -20.79 17.36
CA ILE G 46 -22.39 -21.90 17.05
C ILE G 46 -22.59 -22.78 18.27
N ARG G 47 -21.52 -23.03 19.03
CA ARG G 47 -21.58 -23.93 20.18
C ARG G 47 -22.52 -23.41 21.25
N THR G 48 -22.43 -22.12 21.56
CA THR G 48 -23.29 -21.49 22.58
C THR G 48 -24.36 -20.68 21.86
N SER G 49 -25.44 -21.35 21.48
CA SER G 49 -26.51 -20.72 20.72
C SER G 49 -27.83 -21.38 21.05
N ASN G 50 -28.91 -20.66 20.76
CA ASN G 50 -30.25 -21.13 21.09
C ASN G 50 -30.63 -22.39 20.31
N ASP G 51 -30.29 -22.43 19.03
CA ASP G 51 -30.65 -23.57 18.19
C ASP G 51 -29.73 -24.77 18.40
N PHE G 52 -28.66 -24.62 19.16
CA PHE G 52 -27.76 -25.72 19.50
C PHE G 52 -27.78 -26.04 20.99
N LYS G 53 -28.78 -25.54 21.72
CA LYS G 53 -28.83 -25.75 23.16
C LYS G 53 -29.14 -27.21 23.50
N ALA G 54 -29.94 -27.89 22.68
CA ALA G 54 -30.33 -29.26 22.96
C ALA G 54 -29.24 -30.27 22.68
N LEU G 55 -28.16 -29.87 22.01
CA LEU G 55 -27.03 -30.78 21.76
C LEU G 55 -25.75 -30.35 22.46
N LEU G 56 -25.77 -29.26 23.22
CA LEU G 56 -24.57 -28.86 23.94
C LEU G 56 -24.34 -29.81 25.09
N GLY G 57 -23.54 -30.84 24.87
CA GLY G 57 -23.27 -31.84 25.89
C GLY G 57 -21.81 -31.92 26.28
N GLY G 58 -21.13 -30.79 26.26
CA GLY G 58 -19.72 -30.76 26.61
C GLY G 58 -19.35 -29.41 27.20
N VAL G 59 -18.31 -29.41 28.03
CA VAL G 59 -17.84 -28.21 28.71
C VAL G 59 -16.34 -28.12 28.53
N ARG G 60 -15.85 -26.90 28.29
CA ARG G 60 -14.43 -26.62 28.07
C ARG G 60 -14.02 -25.60 29.12
N THR G 61 -13.62 -26.08 30.29
CA THR G 61 -13.41 -25.23 31.45
C THR G 61 -12.03 -25.43 32.05
N ARG G 62 -11.55 -24.39 32.74
CA ARG G 62 -10.29 -24.42 33.46
C ARG G 62 -10.49 -24.59 34.97
N ARG G 63 -11.73 -24.80 35.41
CA ARG G 63 -12.07 -24.86 36.83
C ARG G 63 -12.94 -26.09 37.11
N LEU G 64 -12.48 -27.24 36.65
CA LEU G 64 -13.18 -28.50 36.87
C LEU G 64 -13.34 -28.81 38.35
N ALA G 65 -12.39 -28.38 39.19
CA ALA G 65 -12.51 -28.56 40.63
C ALA G 65 -13.71 -27.82 41.19
N ASP G 66 -13.92 -26.58 40.74
CA ASP G 66 -15.10 -25.83 41.20
C ASP G 66 -16.38 -26.43 40.65
N LEU G 67 -16.35 -26.97 39.44
CA LEU G 67 -17.53 -27.64 38.89
C LEU G 67 -17.91 -28.87 39.70
N ILE G 68 -16.91 -29.68 40.09
CA ILE G 68 -17.23 -30.88 40.86
C ILE G 68 -17.59 -30.52 42.30
N GLN G 69 -17.06 -29.39 42.81
CA GLN G 69 -17.49 -28.91 44.13
C GLN G 69 -18.93 -28.46 44.10
N GLN G 70 -19.35 -27.79 43.02
CA GLN G 70 -20.76 -27.46 42.85
C GLN G 70 -21.61 -28.72 42.67
N GLU G 71 -21.05 -29.74 42.03
CA GLU G 71 -21.82 -30.95 41.75
C GLU G 71 -22.06 -31.76 43.03
N ALA G 72 -21.00 -32.24 43.67
CA ALA G 72 -21.18 -33.08 44.85
C ALA G 72 -21.36 -32.23 46.10
N GLY G 73 -20.30 -31.51 46.49
CA GLY G 73 -20.33 -30.54 47.58
C GLY G 73 -20.88 -31.01 48.91
N GLU G 74 -20.18 -31.90 49.61
CA GLU G 74 -20.66 -32.34 50.93
C GLU G 74 -20.03 -31.51 52.04
N THR G 75 -18.73 -31.65 52.25
CA THR G 75 -18.04 -30.81 53.23
C THR G 75 -16.82 -30.10 52.66
N GLU G 76 -15.90 -30.87 52.05
CA GLU G 76 -14.60 -30.33 51.71
C GLU G 76 -14.06 -30.85 50.37
N CYS G 77 -14.93 -31.33 49.49
CA CYS G 77 -14.49 -32.07 48.29
C CYS G 77 -13.71 -31.21 47.31
N TRP G 78 -13.77 -29.87 47.44
CA TRP G 78 -13.08 -29.00 46.49
C TRP G 78 -11.58 -29.16 46.56
N LYS G 79 -11.01 -29.11 47.78
CA LYS G 79 -9.56 -29.18 47.94
C LYS G 79 -9.01 -30.53 47.53
N LYS G 80 -9.67 -31.62 47.96
CA LYS G 80 -9.20 -32.95 47.62
C LYS G 80 -9.34 -33.24 46.13
N ALA G 81 -10.44 -32.80 45.52
CA ALA G 81 -10.61 -32.98 44.08
C ALA G 81 -9.59 -32.18 43.30
N GLN G 82 -9.29 -30.95 43.74
CA GLN G 82 -8.26 -30.14 43.09
C GLN G 82 -6.90 -30.80 43.20
N GLU G 83 -6.58 -31.37 44.37
CA GLU G 83 -5.30 -32.06 44.54
C GLU G 83 -5.23 -33.30 43.64
N ILE G 84 -6.33 -34.05 43.53
CA ILE G 84 -6.36 -35.25 42.70
C ILE G 84 -6.14 -34.88 41.23
N LEU G 85 -6.84 -33.86 40.75
CA LEU G 85 -6.68 -33.49 39.35
C LEU G 85 -5.33 -32.81 39.09
N ASN G 86 -4.74 -32.19 40.11
CA ASN G 86 -3.41 -31.61 39.93
C ASN G 86 -2.35 -32.69 39.87
N LYS G 87 -2.51 -33.76 40.67
CA LYS G 87 -1.62 -34.91 40.56
C LYS G 87 -1.93 -35.78 39.36
N CYS G 88 -3.06 -35.55 38.69
CA CYS G 88 -3.38 -36.28 37.46
C CYS G 88 -2.38 -35.95 36.35
N GLY G 89 -1.97 -34.69 36.26
CA GLY G 89 -1.02 -34.30 35.23
C GLY G 89 -1.29 -32.93 34.64
N PHE G 90 -2.36 -32.29 35.08
CA PHE G 90 -2.69 -30.94 34.60
C PHE G 90 -1.70 -29.97 35.20
N LYS G 91 -0.66 -29.64 34.43
CA LYS G 91 0.48 -28.89 34.95
C LYS G 91 0.11 -27.45 35.26
N ASN G 92 0.60 -26.97 36.40
CA ASN G 92 0.49 -25.56 36.77
C ASN G 92 1.73 -24.79 36.31
N LYS G 93 1.84 -24.64 34.99
CA LYS G 93 2.95 -23.93 34.39
C LYS G 93 2.78 -22.43 34.57
N ASP G 94 3.81 -21.78 35.12
CA ASP G 94 3.81 -20.34 35.40
C ASP G 94 2.62 -19.93 36.28
N ASP G 95 2.24 -20.80 37.21
CA ASP G 95 1.12 -20.65 38.13
C ASP G 95 -0.22 -20.54 37.42
N ASN G 96 -0.25 -20.79 36.11
CA ASN G 96 -1.51 -20.86 35.38
C ASN G 96 -2.17 -22.21 35.62
N THR G 97 -3.50 -22.21 35.74
CA THR G 97 -4.22 -23.46 35.92
C THR G 97 -4.05 -24.36 34.71
N LYS G 98 -4.23 -23.80 33.51
CA LYS G 98 -3.90 -24.41 32.22
C LYS G 98 -4.65 -25.72 31.94
N MET G 99 -4.37 -26.32 30.78
CA MET G 99 -4.87 -27.63 30.39
C MET G 99 -6.41 -27.68 30.41
N LEU G 100 -6.99 -26.89 29.51
CA LEU G 100 -8.44 -26.86 29.33
C LEU G 100 -8.97 -28.24 28.96
N VAL G 101 -9.76 -28.83 29.83
CA VAL G 101 -10.32 -30.15 29.58
C VAL G 101 -11.64 -29.97 28.83
N PHE G 102 -11.94 -30.92 27.94
CA PHE G 102 -13.09 -30.84 27.05
C PHE G 102 -13.88 -32.14 27.06
N MET G 103 -14.19 -32.65 28.25
CA MET G 103 -14.98 -33.86 28.36
C MET G 103 -16.47 -33.52 28.37
N SER G 104 -17.29 -34.55 28.13
CA SER G 104 -18.73 -34.38 28.20
C SER G 104 -19.17 -34.15 29.64
N LYS G 105 -20.09 -33.21 29.83
CA LYS G 105 -20.50 -32.81 31.17
C LYS G 105 -21.48 -33.78 31.82
N ASP G 106 -21.98 -34.79 31.10
CA ASP G 106 -22.85 -35.77 31.71
C ASP G 106 -22.11 -36.76 32.59
N LYS G 107 -20.80 -36.92 32.40
CA LYS G 107 -20.00 -37.83 33.20
C LYS G 107 -19.43 -37.17 34.45
N ILE G 108 -19.64 -35.86 34.63
CA ILE G 108 -18.99 -35.12 35.71
C ILE G 108 -19.41 -35.66 37.07
N LYS G 109 -20.71 -35.92 37.24
CA LYS G 109 -21.20 -36.47 38.49
C LYS G 109 -20.58 -37.84 38.78
N ASP G 110 -20.27 -38.61 37.73
CA ASP G 110 -19.58 -39.87 37.93
C ASP G 110 -18.19 -39.64 38.51
N LEU G 111 -17.51 -38.59 38.05
CA LEU G 111 -16.25 -38.19 38.66
C LEU G 111 -16.42 -37.84 40.13
N ALA G 112 -17.61 -37.35 40.52
CA ALA G 112 -17.90 -37.12 41.93
C ALA G 112 -17.79 -38.41 42.72
N ARG G 113 -18.27 -39.52 42.16
CA ARG G 113 -18.19 -40.80 42.83
C ARG G 113 -16.76 -41.30 42.97
N ILE G 114 -15.80 -40.67 42.30
CA ILE G 114 -14.40 -41.00 42.51
C ILE G 114 -13.76 -40.09 43.56
N VAL G 115 -14.32 -38.89 43.80
CA VAL G 115 -13.73 -37.94 44.73
C VAL G 115 -14.51 -37.88 46.04
N LEU G 116 -15.40 -38.85 46.29
CA LEU G 116 -16.21 -38.88 47.50
C LEU G 116 -15.85 -40.06 48.40
N ASP G 117 -14.59 -40.47 48.42
CA ASP G 117 -14.12 -41.50 49.32
C ASP G 117 -12.84 -41.03 49.99
N ASN G 118 -12.76 -41.22 51.30
CA ASN G 118 -11.61 -40.82 52.10
C ASN G 118 -10.61 -41.95 52.33
N SER G 119 -10.84 -43.13 51.76
CA SER G 119 -9.95 -44.27 51.90
C SER G 119 -9.32 -44.69 50.58
N LEU G 120 -9.61 -43.99 49.48
CA LEU G 120 -9.09 -44.40 48.18
C LEU G 120 -7.60 -44.12 48.06
N GLY G 121 -7.16 -42.94 48.48
CA GLY G 121 -5.77 -42.56 48.34
C GLY G 121 -5.58 -41.40 47.39
N LEU G 122 -4.38 -41.27 46.81
CA LEU G 122 -4.08 -40.18 45.90
C LEU G 122 -3.78 -40.67 44.49
N THR G 123 -2.82 -41.58 44.32
CA THR G 123 -2.42 -42.02 42.99
C THR G 123 -3.50 -42.87 42.34
N GLU G 124 -4.14 -43.76 43.10
CA GLU G 124 -5.21 -44.58 42.53
C GLU G 124 -6.42 -43.74 42.15
N ALA G 125 -6.76 -42.76 43.00
CA ALA G 125 -7.85 -41.85 42.66
C ALA G 125 -7.53 -41.02 41.43
N ALA G 126 -6.29 -40.57 41.31
CA ALA G 126 -5.88 -39.82 40.12
C ALA G 126 -5.94 -40.69 38.87
N GLN G 127 -5.51 -41.95 38.99
CA GLN G 127 -5.59 -42.86 37.85
C GLN G 127 -7.04 -43.10 37.42
N GLN G 128 -7.93 -43.29 38.38
CA GLN G 128 -9.35 -43.49 38.05
C GLN G 128 -9.96 -42.24 37.43
N VAL G 129 -9.58 -41.06 37.94
CA VAL G 129 -10.10 -39.81 37.39
C VAL G 129 -9.61 -39.62 35.95
N ALA G 130 -8.33 -39.91 35.70
CA ALA G 130 -7.78 -39.80 34.35
C ALA G 130 -8.46 -40.81 33.41
N ASN G 131 -8.72 -42.03 33.89
CA ASN G 131 -9.38 -43.02 33.07
C ASN G 131 -10.81 -42.61 32.72
N VAL G 132 -11.52 -42.00 33.67
CA VAL G 132 -12.89 -41.59 33.38
C VAL G 132 -12.91 -40.32 32.54
N ILE G 133 -11.86 -39.51 32.59
CA ILE G 133 -11.79 -38.31 31.76
C ILE G 133 -11.48 -38.69 30.31
N ALA G 134 -10.56 -39.64 30.13
CA ALA G 134 -10.08 -39.96 28.79
C ALA G 134 -11.18 -40.54 27.91
N GLN G 135 -11.91 -41.53 28.40
CA GLN G 135 -12.99 -42.15 27.63
C GLN G 135 -14.34 -41.51 27.91
N ALA G 136 -14.42 -40.18 27.79
CA ALA G 136 -15.67 -39.44 27.94
C ALA G 136 -15.71 -38.42 26.81
N THR G 137 -16.25 -38.84 25.66
CA THR G 137 -16.23 -38.00 24.47
C THR G 137 -17.54 -38.05 23.69
N LEU G 138 -18.57 -38.73 24.19
CA LEU G 138 -19.83 -38.82 23.47
C LEU G 138 -20.60 -37.53 23.68
N ALA G 139 -20.47 -36.62 22.70
CA ALA G 139 -21.18 -35.36 22.71
C ALA G 139 -21.24 -34.84 21.28
N PRO G 140 -22.36 -34.27 20.84
CA PRO G 140 -22.41 -33.73 19.47
C PRO G 140 -21.41 -32.60 19.21
N ASP G 141 -21.14 -31.75 20.20
CA ASP G 141 -20.19 -30.67 19.97
C ASP G 141 -18.74 -31.15 20.03
N ILE G 142 -18.45 -32.17 20.84
CA ILE G 142 -17.10 -32.73 20.88
C ILE G 142 -16.79 -33.49 19.59
N ALA G 143 -17.77 -34.21 19.06
CA ALA G 143 -17.58 -34.93 17.81
C ALA G 143 -17.33 -34.00 16.63
N LEU G 144 -17.75 -32.74 16.72
CA LEU G 144 -17.53 -31.77 15.65
C LEU G 144 -16.18 -31.09 15.80
N CYS G 145 -15.93 -30.45 16.94
CA CYS G 145 -14.76 -29.59 17.11
C CYS G 145 -13.50 -30.36 17.48
N GLY G 146 -13.61 -31.62 17.88
CA GLY G 146 -12.43 -32.40 18.24
C GLY G 146 -11.85 -31.98 19.58
N ARG G 147 -10.83 -32.71 20.01
CA ARG G 147 -10.21 -32.47 21.30
C ARG G 147 -8.82 -33.10 21.33
N MET G 148 -7.85 -32.34 21.83
CA MET G 148 -6.52 -32.84 22.10
C MET G 148 -6.19 -32.60 23.57
N LEU G 149 -5.72 -33.65 24.25
CA LEU G 149 -5.42 -33.55 25.68
C LEU G 149 -4.09 -34.26 25.91
N GLU G 150 -3.02 -33.49 26.01
CA GLU G 150 -1.67 -34.01 26.23
C GLU G 150 -1.05 -33.30 27.42
N PRO G 151 -1.22 -33.84 28.63
CA PRO G 151 -0.61 -33.22 29.81
C PRO G 151 0.91 -33.34 29.79
N ASN G 152 1.56 -32.33 30.38
CA ASN G 152 3.01 -32.30 30.40
C ASN G 152 3.56 -33.32 31.39
N ASP G 153 4.72 -33.88 31.08
CA ASP G 153 5.31 -34.96 31.87
C ASP G 153 6.23 -34.44 32.97
N LYS G 154 5.74 -33.51 33.78
CA LYS G 154 6.44 -33.05 34.97
C LYS G 154 5.64 -33.28 36.24
N ASP G 155 4.37 -32.88 36.25
CA ASP G 155 3.49 -33.13 37.39
C ASP G 155 2.91 -34.53 37.40
N LYS G 156 3.12 -35.31 36.32
CA LYS G 156 2.68 -36.69 36.29
C LYS G 156 3.47 -37.53 37.30
N ASP G 157 2.76 -38.39 38.02
CA ASP G 157 3.35 -39.18 39.09
C ASP G 157 4.05 -40.45 38.59
N LYS G 158 4.11 -40.65 37.28
CA LYS G 158 4.68 -41.82 36.61
C LYS G 158 4.00 -43.12 37.00
N LYS G 159 2.83 -43.06 37.65
CA LYS G 159 2.04 -44.24 37.98
C LYS G 159 0.69 -44.25 37.28
N VAL G 160 0.13 -43.09 36.96
CA VAL G 160 -1.08 -43.00 36.15
C VAL G 160 -0.69 -42.99 34.68
N LYS G 161 -1.29 -43.88 33.90
CA LYS G 161 -1.05 -43.96 32.47
C LYS G 161 -2.20 -43.28 31.74
N TRP G 162 -1.87 -42.41 30.79
CA TRP G 162 -2.87 -41.69 30.03
C TRP G 162 -3.14 -42.44 28.74
N SER G 163 -4.40 -42.80 28.50
CA SER G 163 -4.80 -43.48 27.29
C SER G 163 -4.96 -42.44 26.16
N ASN G 164 -5.53 -42.86 25.05
CA ASN G 164 -5.72 -41.97 23.90
C ASN G 164 -6.79 -40.93 24.22
N THR G 165 -6.40 -39.66 24.25
CA THR G 165 -7.31 -38.56 24.50
C THR G 165 -7.44 -37.66 23.28
N THR G 166 -7.22 -38.21 22.09
CA THR G 166 -7.25 -37.46 20.85
C THR G 166 -8.43 -37.94 20.01
N VAL G 167 -9.30 -37.02 19.62
CA VAL G 167 -10.44 -37.30 18.76
C VAL G 167 -10.32 -36.44 17.51
N GLU G 168 -10.41 -37.07 16.34
CA GLU G 168 -10.33 -36.32 15.09
C GLU G 168 -11.60 -35.52 14.88
N ALA G 169 -11.44 -34.22 14.65
CA ALA G 169 -12.58 -33.36 14.42
C ALA G 169 -13.24 -33.67 13.10
N ALA G 170 -14.58 -33.67 13.10
CA ALA G 170 -15.36 -33.95 11.89
C ALA G 170 -15.89 -32.69 11.24
N LEU G 171 -15.50 -31.51 11.71
CA LEU G 171 -15.99 -30.24 11.18
C LEU G 171 -14.80 -29.36 10.84
N GLN G 172 -14.79 -28.86 9.61
CA GLN G 172 -13.78 -27.92 9.14
C GLN G 172 -14.43 -26.58 8.89
N VAL G 173 -13.91 -25.53 9.52
CA VAL G 173 -14.45 -24.18 9.40
C VAL G 173 -13.35 -23.26 8.91
N ALA G 174 -13.60 -22.57 7.81
CA ALA G 174 -12.64 -21.61 7.28
C ALA G 174 -12.90 -20.22 7.85
N HIS G 175 -11.85 -19.41 7.87
CA HIS G 175 -12.02 -18.01 8.23
C HIS G 175 -12.92 -17.31 7.22
N ALA G 176 -13.73 -16.38 7.71
CA ALA G 176 -14.66 -15.65 6.85
C ALA G 176 -13.97 -14.39 6.34
N ILE G 177 -13.76 -14.31 5.03
CA ILE G 177 -13.12 -13.17 4.41
C ILE G 177 -14.15 -12.40 3.59
N SER G 178 -13.96 -11.09 3.52
CA SER G 178 -14.86 -10.24 2.75
C SER G 178 -14.64 -10.44 1.25
N THR G 179 -15.66 -10.10 0.46
CA THR G 179 -15.60 -10.21 -0.98
C THR G 179 -15.17 -8.92 -1.64
N HIS G 180 -14.66 -7.96 -0.88
CA HIS G 180 -14.23 -6.67 -1.43
C HIS G 180 -13.09 -6.14 -0.58
N ILE G 181 -12.53 -5.01 -1.03
CA ILE G 181 -11.46 -4.38 -0.28
C ILE G 181 -12.02 -3.81 1.02
N ALA G 182 -11.38 -4.14 2.14
CA ALA G 182 -11.85 -3.67 3.44
C ALA G 182 -11.68 -2.17 3.55
N ARG G 183 -12.64 -1.55 4.26
CA ARG G 183 -12.65 -0.11 4.48
C ARG G 183 -12.88 0.14 5.97
N PRO G 184 -11.84 0.04 6.78
CA PRO G 184 -12.00 0.30 8.22
C PRO G 184 -12.34 1.75 8.50
N GLU G 185 -13.14 1.96 9.55
CA GLU G 185 -13.60 3.27 9.94
C GLU G 185 -13.40 3.46 11.44
N ILE G 186 -13.28 4.72 11.84
CA ILE G 186 -12.98 5.10 13.21
C ILE G 186 -14.12 5.94 13.76
N ASP G 187 -14.59 5.60 14.95
CA ASP G 187 -15.64 6.33 15.65
C ASP G 187 -15.03 7.06 16.84
N TYR G 188 -15.31 8.34 16.95
CA TYR G 188 -14.74 9.21 17.98
C TYR G 188 -15.80 9.48 19.06
N PHE G 189 -15.88 8.57 20.04
CA PHE G 189 -16.82 8.75 21.13
C PHE G 189 -16.27 9.71 22.16
N VAL G 190 -17.18 10.35 22.89
CA VAL G 190 -16.84 11.19 24.05
C VAL G 190 -17.90 10.96 25.11
N ALA G 191 -17.46 10.58 26.31
CA ALA G 191 -18.40 10.37 27.40
C ALA G 191 -18.90 11.70 27.96
N ALA G 192 -20.17 11.72 28.36
CA ALA G 192 -20.81 12.92 28.85
C ALA G 192 -21.14 12.79 30.33
N ASP G 193 -20.88 13.86 31.08
CA ASP G 193 -21.16 13.89 32.51
C ASP G 193 -22.61 14.34 32.71
N ASP G 194 -23.41 13.47 33.36
CA ASP G 194 -24.82 13.78 33.58
C ASP G 194 -24.98 14.97 34.50
N VAL G 195 -24.24 15.01 35.59
CA VAL G 195 -24.23 16.20 36.45
C VAL G 195 -23.37 17.29 35.78
N PRO G 196 -23.89 18.50 35.62
CA PRO G 196 -23.12 19.55 34.94
C PRO G 196 -21.85 19.91 35.70
N GLY G 197 -20.80 20.19 34.96
CA GLY G 197 -19.52 20.56 35.55
C GLY G 197 -18.85 21.71 34.83
N GLU G 198 -17.60 21.53 34.44
CA GLU G 198 -16.82 22.55 33.75
C GLU G 198 -16.53 22.07 32.34
N ASP G 199 -17.17 22.70 31.35
CA ASP G 199 -16.98 22.36 29.95
C ASP G 199 -15.80 23.16 29.39
N ALA G 200 -14.60 22.79 29.84
CA ALA G 200 -13.36 23.40 29.39
C ALA G 200 -12.41 22.26 29.00
N GLY G 201 -12.53 21.80 27.76
CA GLY G 201 -11.71 20.69 27.30
C GLY G 201 -12.01 19.38 28.00
N ALA G 202 -13.21 18.84 27.76
CA ALA G 202 -13.61 17.59 28.40
C ALA G 202 -12.78 16.41 27.93
N GLY G 203 -12.16 16.50 26.76
CA GLY G 203 -11.28 15.45 26.30
C GLY G 203 -12.02 14.16 25.99
N HIS G 204 -11.35 13.03 26.28
CA HIS G 204 -11.89 11.69 26.08
C HIS G 204 -12.29 11.45 24.63
N ILE G 205 -11.54 12.02 23.69
CA ILE G 205 -11.71 11.65 22.29
C ILE G 205 -11.21 10.22 22.15
N GLY G 206 -12.12 9.29 21.91
CA GLY G 206 -11.78 7.89 21.82
C GLY G 206 -11.56 7.43 20.40
N GLU G 207 -11.33 6.13 20.27
CA GLU G 207 -11.14 5.50 18.97
C GLU G 207 -11.81 4.13 19.02
N SER G 208 -12.90 3.97 18.29
CA SER G 208 -13.56 2.67 18.15
C SER G 208 -13.48 2.28 16.68
N MET G 209 -12.68 1.28 16.36
CA MET G 209 -12.56 0.84 14.99
C MET G 209 -13.67 -0.15 14.65
N PHE G 210 -14.26 0.02 13.47
CA PHE G 210 -15.33 -0.86 13.03
C PHE G 210 -15.34 -0.91 11.52
N ALA G 211 -16.05 -1.90 10.98
CA ALA G 211 -16.15 -2.05 9.53
C ALA G 211 -17.41 -2.82 9.19
N SER G 212 -17.88 -2.63 7.96
CA SER G 212 -19.00 -3.38 7.41
C SER G 212 -18.54 -4.04 6.11
N ALA G 213 -18.82 -5.33 5.98
CA ALA G 213 -18.33 -6.07 4.83
C ALA G 213 -19.28 -7.19 4.48
N CYS G 214 -19.20 -7.64 3.23
CA CYS G 214 -19.96 -8.78 2.73
C CYS G 214 -19.05 -10.00 2.80
N PHE G 215 -19.33 -10.88 3.76
CA PHE G 215 -18.45 -12.00 4.05
C PHE G 215 -18.84 -13.25 3.27
N TYR G 216 -17.83 -14.03 2.92
CA TYR G 216 -17.99 -15.39 2.42
C TYR G 216 -17.54 -16.34 3.52
N LYS G 217 -18.44 -17.22 3.96
CA LYS G 217 -18.15 -18.21 4.99
C LYS G 217 -18.28 -19.60 4.41
N TYR G 218 -17.43 -20.52 4.88
CA TYR G 218 -17.35 -21.86 4.30
C TYR G 218 -17.17 -22.88 5.42
N PHE G 219 -18.12 -23.78 5.57
CA PHE G 219 -18.06 -24.88 6.53
C PHE G 219 -18.10 -26.20 5.79
N SER G 220 -17.49 -27.22 6.39
CA SER G 220 -17.50 -28.56 5.82
C SER G 220 -17.67 -29.59 6.93
N ILE G 221 -18.51 -30.59 6.70
CA ILE G 221 -18.76 -31.65 7.66
C ILE G 221 -18.54 -33.00 6.97
N ASP G 222 -17.80 -33.88 7.63
CA ASP G 222 -17.60 -35.24 7.17
C ASP G 222 -18.61 -36.15 7.87
N TRP G 223 -19.45 -36.82 7.08
CA TRP G 223 -20.52 -37.63 7.65
C TRP G 223 -19.98 -38.91 8.29
N GLU G 224 -19.06 -39.59 7.60
CA GLU G 224 -18.52 -40.84 8.11
C GLU G 224 -17.77 -40.64 9.43
N GLN G 225 -16.93 -39.61 9.47
CA GLN G 225 -16.14 -39.34 10.67
C GLN G 225 -17.03 -38.89 11.82
N LEU G 226 -18.10 -38.14 11.53
CA LEU G 226 -19.03 -37.74 12.58
C LEU G 226 -19.76 -38.95 13.17
N VAL G 227 -20.23 -39.85 12.30
CA VAL G 227 -20.92 -41.05 12.78
C VAL G 227 -19.96 -41.92 13.60
N LYS G 228 -18.72 -42.06 13.13
CA LYS G 228 -17.73 -42.83 13.88
C LYS G 228 -17.40 -42.19 15.22
N ASN G 229 -17.31 -40.85 15.26
CA ASN G 229 -17.02 -40.17 16.52
C ASN G 229 -18.18 -40.27 17.50
N LEU G 230 -19.40 -40.40 17.03
CA LEU G 230 -20.52 -40.53 17.95
C LEU G 230 -20.72 -41.95 18.46
N LYS G 231 -20.04 -42.94 17.85
CA LYS G 231 -20.13 -44.39 18.13
C LYS G 231 -21.43 -45.00 17.62
N GLY G 232 -21.79 -44.71 16.36
CA GLY G 232 -22.92 -45.36 15.73
C GLY G 232 -24.29 -44.89 16.18
N ASP G 233 -24.51 -43.58 16.16
CA ASP G 233 -25.76 -42.91 16.53
C ASP G 233 -26.22 -42.02 15.39
N THR G 234 -26.40 -42.62 14.21
CA THR G 234 -26.88 -41.95 13.01
C THR G 234 -28.06 -41.02 13.27
N ASN G 235 -28.94 -41.36 14.21
CA ASN G 235 -30.00 -40.44 14.61
C ASN G 235 -29.43 -39.16 15.22
N LEU G 236 -28.52 -39.31 16.19
CA LEU G 236 -27.89 -38.15 16.79
C LEU G 236 -26.99 -37.41 15.80
N ALA G 237 -26.38 -38.12 14.86
CA ALA G 237 -25.58 -37.45 13.83
C ALA G 237 -26.46 -36.62 12.91
N ALA G 238 -27.62 -37.15 12.52
CA ALA G 238 -28.54 -36.38 11.68
C ALA G 238 -29.06 -35.16 12.42
N HIS G 239 -29.40 -35.34 13.71
CA HIS G 239 -29.81 -34.20 14.52
C HIS G 239 -28.69 -33.17 14.62
N THR G 240 -27.46 -33.62 14.75
CA THR G 240 -26.32 -32.71 14.84
C THR G 240 -26.15 -31.92 13.54
N VAL G 241 -26.27 -32.58 12.40
CA VAL G 241 -26.12 -31.88 11.12
C VAL G 241 -27.23 -30.85 10.93
N GLY G 242 -28.48 -31.26 11.20
CA GLY G 242 -29.60 -30.36 11.01
C GLY G 242 -29.55 -29.16 11.94
N ALA G 243 -29.29 -29.40 13.23
CA ALA G 243 -29.24 -28.29 14.18
C ALA G 243 -28.00 -27.44 13.97
N PHE G 244 -26.92 -28.02 13.44
CA PHE G 244 -25.76 -27.20 13.10
C PHE G 244 -26.08 -26.23 11.96
N LEU G 245 -26.76 -26.72 10.93
CA LEU G 245 -27.16 -25.83 9.83
C LEU G 245 -28.12 -24.76 10.33
N LEU G 246 -29.09 -25.15 11.16
CA LEU G 246 -30.07 -24.20 11.68
C LEU G 246 -29.40 -23.14 12.56
N ALA G 247 -28.44 -23.54 13.40
CA ALA G 247 -27.75 -22.58 14.25
C ALA G 247 -26.82 -21.69 13.44
N ALA G 248 -26.06 -22.26 12.51
CA ALA G 248 -25.08 -21.49 11.75
C ALA G 248 -25.75 -20.51 10.80
N ALA G 249 -26.99 -20.78 10.39
CA ALA G 249 -27.71 -19.81 9.57
C ALA G 249 -28.07 -18.56 10.38
N LYS G 250 -28.90 -18.72 11.41
CA LYS G 250 -29.39 -17.59 12.20
C LYS G 250 -28.63 -17.46 13.52
N THR G 251 -27.36 -17.07 13.41
CA THR G 251 -26.61 -16.64 14.59
C THR G 251 -25.49 -15.72 14.14
N ASN G 252 -24.95 -14.98 15.10
CA ASN G 252 -23.84 -14.07 14.86
C ASN G 252 -22.94 -14.05 16.07
N PRO G 253 -21.66 -13.71 15.91
CA PRO G 253 -20.80 -13.51 17.08
C PRO G 253 -21.33 -12.38 17.96
N SER G 254 -21.10 -12.51 19.27
CA SER G 254 -21.63 -11.58 20.25
C SER G 254 -20.68 -10.43 20.54
N GLY G 255 -19.72 -10.16 19.66
CA GLY G 255 -18.77 -9.11 19.89
C GLY G 255 -19.32 -7.72 19.63
N LYS G 256 -19.44 -6.93 20.70
CA LYS G 256 -19.92 -5.54 20.65
C LYS G 256 -21.30 -5.45 20.00
N GLN G 257 -22.19 -6.36 20.36
CA GLN G 257 -23.55 -6.38 19.83
C GLN G 257 -24.52 -5.62 20.71
N ASN G 258 -24.04 -4.90 21.72
CA ASN G 258 -24.88 -3.95 22.44
C ASN G 258 -24.70 -2.53 21.95
N SER G 259 -23.59 -2.23 21.29
CA SER G 259 -23.33 -0.92 20.70
C SER G 259 -23.72 -0.87 19.23
N PHE G 260 -23.34 -1.88 18.46
CA PHE G 260 -23.90 -2.16 17.15
C PHE G 260 -24.92 -3.28 17.28
N ALA G 261 -25.73 -3.48 16.26
CA ALA G 261 -26.73 -4.55 16.31
C ALA G 261 -26.78 -5.29 14.99
N ALA G 262 -25.63 -5.72 14.49
CA ALA G 262 -25.57 -6.39 13.20
C ALA G 262 -26.15 -7.78 13.27
N HIS G 263 -27.46 -7.88 13.46
CA HIS G 263 -28.16 -9.17 13.50
C HIS G 263 -28.75 -9.47 12.12
N ASN G 264 -27.85 -9.63 11.16
CA ASN G 264 -28.22 -9.77 9.75
C ASN G 264 -28.15 -11.22 9.33
N TYR G 265 -29.25 -11.73 8.78
CA TYR G 265 -29.32 -13.09 8.29
C TYR G 265 -28.61 -13.20 6.93
N PRO G 266 -28.07 -14.37 6.60
CA PRO G 266 -27.37 -14.52 5.32
C PRO G 266 -28.32 -14.41 4.14
N ASP G 267 -27.84 -13.75 3.08
CA ASP G 267 -28.63 -13.54 1.88
C ASP G 267 -28.53 -14.68 0.89
N GLY G 268 -27.63 -15.64 1.10
CA GLY G 268 -27.52 -16.78 0.23
C GLY G 268 -26.78 -17.93 0.88
N ILE G 269 -27.31 -19.14 0.78
CA ILE G 269 -26.70 -20.32 1.36
C ILE G 269 -26.68 -21.41 0.31
N LEU G 270 -25.50 -21.93 0.00
CA LEU G 270 -25.35 -23.06 -0.91
C LEU G 270 -24.94 -24.28 -0.11
N VAL G 271 -25.59 -25.41 -0.37
CA VAL G 271 -25.27 -26.67 0.31
C VAL G 271 -24.96 -27.70 -0.76
N GLU G 272 -23.76 -28.27 -0.72
CA GLU G 272 -23.33 -29.20 -1.73
C GLU G 272 -22.89 -30.51 -1.08
N PHE G 273 -23.10 -31.62 -1.78
CA PHE G 273 -22.71 -32.95 -1.33
C PHE G 273 -21.59 -33.45 -2.25
N LYS G 274 -20.38 -33.53 -1.71
CA LYS G 274 -19.24 -33.95 -2.54
C LYS G 274 -18.51 -35.13 -1.93
N ASN G 275 -17.39 -35.50 -2.55
CA ASN G 275 -16.47 -36.48 -1.98
C ASN G 275 -15.09 -35.90 -1.67
N SER G 276 -14.79 -34.69 -2.13
CA SER G 276 -13.58 -33.97 -1.77
C SER G 276 -13.96 -32.54 -1.40
N PRO G 277 -13.33 -31.95 -0.39
CA PRO G 277 -13.66 -30.57 -0.02
C PRO G 277 -13.18 -29.58 -1.07
N ILE G 278 -13.97 -28.54 -1.27
CA ILE G 278 -13.68 -27.52 -2.28
C ILE G 278 -14.08 -26.16 -1.71
N SER G 279 -13.15 -25.22 -1.71
CA SER G 279 -13.42 -23.87 -1.22
C SER G 279 -13.63 -22.94 -2.41
N TYR G 280 -14.70 -22.15 -2.36
CA TYR G 280 -15.01 -21.20 -3.42
C TYR G 280 -14.52 -19.80 -3.11
N ALA G 281 -13.53 -19.67 -2.24
CA ALA G 281 -12.98 -18.37 -1.91
C ALA G 281 -12.15 -17.78 -3.05
N ASN G 282 -11.74 -18.60 -4.01
CA ASN G 282 -11.00 -18.11 -5.16
C ASN G 282 -11.86 -17.33 -6.14
N ALA G 283 -13.18 -17.33 -5.95
CA ALA G 283 -14.07 -16.49 -6.74
C ALA G 283 -13.74 -15.02 -6.54
N PHE G 284 -13.56 -14.62 -5.28
CA PHE G 284 -13.30 -13.24 -4.91
C PHE G 284 -11.81 -12.98 -4.78
N VAL G 285 -11.03 -13.37 -5.79
CA VAL G 285 -9.63 -12.99 -5.85
C VAL G 285 -9.50 -11.56 -6.35
N ARG G 286 -10.16 -11.26 -7.46
CA ARG G 286 -10.38 -9.86 -7.83
C ARG G 286 -11.47 -9.29 -6.95
N PRO G 287 -11.22 -8.19 -6.24
CA PRO G 287 -12.24 -7.64 -5.35
C PRO G 287 -13.48 -7.19 -6.11
N VAL G 288 -14.64 -7.37 -5.50
CA VAL G 288 -15.90 -6.95 -6.10
C VAL G 288 -16.04 -5.45 -5.89
N SER G 289 -16.18 -4.70 -6.97
CA SER G 289 -16.34 -3.26 -6.94
C SER G 289 -17.77 -2.90 -7.31
N VAL G 290 -18.39 -2.04 -6.52
CA VAL G 290 -19.79 -1.72 -6.73
C VAL G 290 -19.94 -0.72 -7.87
N VAL G 291 -21.12 -0.70 -8.46
CA VAL G 291 -21.49 0.21 -9.52
C VAL G 291 -22.79 0.90 -9.15
N LYS G 292 -23.31 1.72 -10.06
CA LYS G 292 -24.60 2.36 -9.84
C LYS G 292 -25.76 1.52 -10.37
N GLU G 293 -25.49 0.42 -11.06
CA GLU G 293 -26.54 -0.40 -11.65
C GLU G 293 -26.95 -1.58 -10.77
N SER G 294 -26.22 -1.85 -9.69
CA SER G 294 -26.53 -2.99 -8.83
C SER G 294 -25.99 -2.69 -7.43
N ASP G 295 -26.03 -3.69 -6.57
CA ASP G 295 -25.58 -3.58 -5.18
C ASP G 295 -24.42 -4.53 -4.94
N LEU G 296 -23.96 -4.57 -3.69
CA LEU G 296 -22.82 -5.41 -3.33
C LEU G 296 -23.20 -6.89 -3.34
N VAL G 297 -24.36 -7.22 -2.76
CA VAL G 297 -24.69 -8.63 -2.55
C VAL G 297 -25.00 -9.32 -3.86
N GLU G 298 -25.69 -8.65 -4.78
CA GLU G 298 -26.00 -9.27 -6.07
C GLU G 298 -24.74 -9.52 -6.88
N GLN G 299 -23.79 -8.58 -6.86
CA GLN G 299 -22.52 -8.77 -7.54
C GLN G 299 -21.72 -9.91 -6.92
N SER G 300 -21.75 -10.02 -5.58
CA SER G 300 -21.07 -11.13 -4.92
C SER G 300 -21.67 -12.47 -5.32
N ILE G 301 -23.00 -12.56 -5.36
CA ILE G 301 -23.67 -13.79 -5.77
C ILE G 301 -23.34 -14.11 -7.23
N GLY G 302 -23.30 -13.09 -8.09
CA GLY G 302 -22.98 -13.33 -9.49
C GLY G 302 -21.56 -13.84 -9.69
N GLN G 303 -20.60 -13.25 -8.98
CA GLN G 303 -19.22 -13.73 -9.06
C GLN G 303 -19.09 -15.14 -8.54
N LEU G 304 -19.77 -15.44 -7.42
CA LEU G 304 -19.75 -16.80 -6.88
C LEU G 304 -20.35 -17.79 -7.86
N SER G 305 -21.43 -17.39 -8.54
CA SER G 305 -22.07 -18.29 -9.50
C SER G 305 -21.18 -18.53 -10.72
N ASN G 306 -20.47 -17.50 -11.18
CA ASN G 306 -19.54 -17.67 -12.29
C ASN G 306 -18.43 -18.66 -11.93
N TYR G 307 -17.86 -18.51 -10.73
CA TYR G 307 -16.80 -19.43 -10.33
C TYR G 307 -17.33 -20.83 -10.07
N VAL G 308 -18.55 -20.95 -9.53
CA VAL G 308 -19.14 -22.28 -9.33
C VAL G 308 -19.38 -22.96 -10.66
N ASN G 309 -19.80 -22.20 -11.67
CA ASN G 309 -19.95 -22.77 -13.01
C ASN G 309 -18.60 -23.22 -13.58
N ASP G 310 -17.54 -22.43 -13.34
CA ASP G 310 -16.22 -22.81 -13.82
C ASP G 310 -15.72 -24.09 -13.16
N ILE G 311 -15.92 -24.23 -11.84
CA ILE G 311 -15.51 -25.45 -11.14
C ILE G 311 -16.53 -26.56 -11.30
N ARG G 312 -17.67 -26.29 -11.94
CA ARG G 312 -18.60 -27.37 -12.25
C ARG G 312 -18.39 -27.92 -13.66
N LEU G 313 -17.90 -27.11 -14.60
CA LEU G 313 -17.55 -27.65 -15.90
C LEU G 313 -16.18 -28.31 -15.87
N GLY G 314 -15.14 -27.54 -15.52
CA GLY G 314 -13.87 -28.13 -15.18
C GLY G 314 -13.93 -28.85 -13.84
N TYR G 315 -12.99 -29.77 -13.64
CA TYR G 315 -12.91 -30.62 -12.45
C TYR G 315 -14.18 -31.42 -12.21
N TYR G 316 -14.84 -31.86 -13.27
CA TYR G 316 -16.08 -32.62 -13.16
C TYR G 316 -15.86 -34.03 -13.71
N ASP G 317 -16.30 -35.03 -12.95
CA ASP G 317 -16.29 -36.42 -13.40
C ASP G 317 -17.59 -37.07 -12.95
N GLU G 318 -18.16 -37.89 -13.84
CA GLU G 318 -19.43 -38.56 -13.52
C GLU G 318 -19.24 -39.61 -12.44
N GLN G 319 -18.01 -40.08 -12.22
CA GLN G 319 -17.73 -41.07 -11.18
C GLN G 319 -18.08 -40.55 -9.79
N SER G 320 -18.10 -39.24 -9.60
CA SER G 320 -18.54 -38.63 -8.35
C SER G 320 -19.53 -37.52 -8.66
N PRO G 321 -20.83 -37.78 -8.52
CA PRO G 321 -21.83 -36.73 -8.77
C PRO G 321 -21.82 -35.68 -7.66
N VAL G 322 -22.34 -34.50 -8.01
CA VAL G 322 -22.46 -33.38 -7.09
C VAL G 322 -23.89 -32.89 -7.11
N ILE G 323 -24.51 -32.80 -5.93
CA ILE G 323 -25.89 -32.33 -5.77
C ILE G 323 -25.89 -31.17 -4.79
N GLY G 324 -26.53 -30.07 -5.18
CA GLY G 324 -26.52 -28.88 -4.36
C GLY G 324 -27.88 -28.21 -4.32
N PHE G 325 -28.14 -27.53 -3.21
CA PHE G 325 -29.33 -26.72 -2.99
C PHE G 325 -28.92 -25.28 -2.74
N TRP G 326 -29.65 -24.35 -3.36
CA TRP G 326 -29.42 -22.93 -3.18
C TRP G 326 -30.62 -22.34 -2.45
N PHE G 327 -30.36 -21.59 -1.38
CA PHE G 327 -31.42 -20.99 -0.57
C PHE G 327 -31.18 -19.50 -0.47
N SER G 328 -32.18 -18.72 -0.87
CA SER G 328 -32.25 -17.29 -0.63
C SER G 328 -33.65 -16.97 -0.15
N PRO G 329 -33.82 -16.00 0.76
CA PRO G 329 -35.15 -15.78 1.35
C PRO G 329 -36.20 -15.35 0.35
N ASN G 330 -37.17 -16.23 0.10
CA ASN G 330 -38.23 -16.05 -0.88
C ASN G 330 -37.67 -15.78 -2.28
N ASN G 331 -36.56 -16.46 -2.60
CA ASN G 331 -35.91 -16.38 -3.91
C ASN G 331 -35.56 -14.94 -4.29
N ARG G 332 -35.11 -14.16 -3.32
CA ARG G 332 -34.81 -12.75 -3.59
C ARG G 332 -33.48 -12.57 -4.32
N TYR G 333 -32.58 -13.55 -4.24
CA TYR G 333 -31.28 -13.48 -4.91
C TYR G 333 -31.03 -14.80 -5.63
N PRO G 334 -31.39 -14.90 -6.91
CA PRO G 334 -31.11 -16.11 -7.66
C PRO G 334 -29.61 -16.28 -7.90
N LEU G 335 -29.20 -17.53 -8.12
CA LEU G 335 -27.79 -17.89 -8.21
C LEU G 335 -27.23 -17.47 -9.57
N GLY G 336 -27.06 -16.16 -9.73
CA GLY G 336 -26.31 -15.63 -10.86
C GLY G 336 -26.93 -15.88 -12.21
N TYR G 337 -28.02 -15.17 -12.53
CA TYR G 337 -28.76 -15.46 -13.74
C TYR G 337 -28.00 -15.03 -14.99
N LYS G 338 -26.95 -15.78 -15.33
CA LYS G 338 -26.31 -15.75 -16.62
C LYS G 338 -26.15 -17.14 -17.23
N HIS G 339 -26.18 -18.20 -16.43
CA HIS G 339 -26.20 -19.57 -16.92
C HIS G 339 -27.33 -20.32 -16.23
N SER G 340 -27.68 -19.88 -15.02
CA SER G 340 -28.72 -20.48 -14.17
C SER G 340 -28.43 -21.96 -13.90
N LYS G 341 -29.43 -22.67 -13.37
CA LYS G 341 -29.47 -24.14 -13.21
C LYS G 341 -28.23 -24.71 -12.49
N LEU G 342 -27.49 -23.87 -11.75
CA LEU G 342 -26.29 -24.35 -11.06
C LEU G 342 -26.66 -25.29 -9.93
N ALA G 343 -27.66 -24.93 -9.14
CA ALA G 343 -28.20 -25.81 -8.13
C ALA G 343 -29.30 -26.66 -8.78
N SER G 344 -30.07 -27.36 -7.96
CA SER G 344 -31.18 -28.16 -8.45
C SER G 344 -32.47 -27.93 -7.67
N ARG G 345 -32.41 -27.30 -6.50
CA ARG G 345 -33.56 -27.14 -5.62
C ARG G 345 -33.62 -25.71 -5.08
N ASN G 346 -33.59 -24.73 -5.98
CA ASN G 346 -33.71 -23.34 -5.59
C ASN G 346 -35.00 -23.10 -4.81
N ILE G 347 -34.88 -22.83 -3.51
CA ILE G 347 -36.02 -22.68 -2.63
C ILE G 347 -35.84 -21.43 -1.77
N GLY G 348 -36.86 -21.12 -0.97
CA GLY G 348 -36.85 -19.91 -0.21
C GLY G 348 -37.30 -20.05 1.23
N ASN G 349 -37.05 -21.20 1.85
CA ASN G 349 -37.34 -21.40 3.26
C ASN G 349 -36.18 -22.13 3.92
N LEU G 350 -35.86 -21.72 5.16
CA LEU G 350 -34.75 -22.34 5.86
C LEU G 350 -35.10 -23.74 6.36
N ASN G 351 -36.30 -23.91 6.93
CA ASN G 351 -36.68 -25.21 7.47
C ASN G 351 -36.92 -26.23 6.35
N GLU G 352 -37.43 -25.79 5.21
CA GLU G 352 -37.54 -26.68 4.06
C GLU G 352 -36.16 -27.10 3.56
N LEU G 353 -35.20 -26.18 3.61
CA LEU G 353 -33.82 -26.52 3.25
C LEU G 353 -33.25 -27.56 4.20
N VAL G 354 -33.48 -27.38 5.51
CA VAL G 354 -33.01 -28.35 6.50
C VAL G 354 -33.66 -29.72 6.27
N GLY G 355 -34.95 -29.72 5.99
CA GLY G 355 -35.65 -30.98 5.73
C GLY G 355 -35.14 -31.69 4.48
N ALA G 356 -34.96 -30.95 3.38
CA ALA G 356 -34.45 -31.55 2.16
C ALA G 356 -33.02 -32.07 2.35
N VAL G 357 -32.20 -31.33 3.10
CA VAL G 357 -30.84 -31.78 3.39
C VAL G 357 -30.86 -33.07 4.19
N LEU G 358 -31.74 -33.16 5.19
CA LEU G 358 -31.83 -34.39 5.98
C LEU G 358 -32.31 -35.57 5.16
N ASP G 359 -33.30 -35.35 4.28
CA ASP G 359 -33.77 -36.44 3.43
C ASP G 359 -32.70 -36.92 2.47
N TYR G 360 -31.90 -36.00 1.91
CA TYR G 360 -30.78 -36.44 1.09
C TYR G 360 -29.74 -37.18 1.92
N ILE G 361 -29.54 -36.75 3.17
CA ILE G 361 -28.50 -37.35 4.01
C ILE G 361 -28.84 -38.80 4.34
N GLY G 362 -30.05 -39.04 4.84
CA GLY G 362 -30.39 -40.39 5.22
C GLY G 362 -31.85 -40.78 5.04
N GLY G 363 -32.61 -39.92 4.38
CA GLY G 363 -34.05 -40.09 4.39
C GLY G 363 -34.65 -39.90 5.77
N PHE G 364 -34.06 -39.04 6.58
CA PHE G 364 -34.54 -38.77 7.92
C PHE G 364 -35.71 -37.79 7.86
N LYS G 365 -36.15 -37.33 9.03
CA LYS G 365 -37.15 -36.28 9.12
C LYS G 365 -36.78 -35.38 10.28
N TRP G 366 -37.01 -34.07 10.12
CA TRP G 366 -36.62 -33.13 11.16
C TRP G 366 -37.45 -33.30 12.43
N GLU G 367 -38.68 -33.78 12.31
CA GLU G 367 -39.53 -33.99 13.48
C GLU G 367 -39.20 -35.28 14.22
N GLU G 368 -38.39 -36.16 13.65
CA GLU G 368 -38.08 -37.45 14.27
C GLU G 368 -36.79 -37.40 15.08
N VAL G 369 -35.76 -36.69 14.59
CA VAL G 369 -34.47 -36.68 15.26
C VAL G 369 -34.41 -35.73 16.45
N GLN G 370 -35.44 -34.92 16.67
CA GLN G 370 -35.42 -33.95 17.77
C GLN G 370 -35.56 -34.62 19.13
N LYS G 371 -36.04 -35.85 19.18
CA LYS G 371 -36.15 -36.59 20.44
C LYS G 371 -34.91 -37.43 20.73
N SER G 372 -33.88 -37.33 19.89
CA SER G 372 -32.59 -37.96 20.14
C SER G 372 -31.61 -36.99 20.80
N LYS G 373 -32.13 -36.08 21.63
CA LYS G 373 -31.33 -35.01 22.21
C LYS G 373 -30.28 -35.54 23.17
N ALA G 374 -29.21 -34.76 23.31
CA ALA G 374 -28.13 -35.07 24.23
C ALA G 374 -28.53 -34.62 25.64
N TYR G 375 -27.55 -34.53 26.54
CA TYR G 375 -27.77 -34.02 27.88
C TYR G 375 -28.32 -32.60 27.83
N ILE G 376 -29.57 -32.43 28.23
CA ILE G 376 -30.30 -31.18 28.02
C ILE G 376 -30.25 -30.29 29.27
N GLY G 377 -29.32 -30.54 30.18
CA GLY G 377 -29.19 -29.71 31.37
C GLY G 377 -28.57 -28.36 31.09
N MET H 1 12.65 -39.34 -22.50
CA MET H 1 11.40 -38.57 -22.54
C MET H 1 10.96 -38.17 -21.14
N LEU H 2 10.72 -36.87 -20.95
CA LEU H 2 10.33 -36.32 -19.66
C LEU H 2 8.96 -35.67 -19.77
N ILE H 3 8.13 -35.90 -18.76
CA ILE H 3 6.81 -35.28 -18.62
C ILE H 3 6.90 -34.29 -17.48
N GLU H 4 6.73 -33.01 -17.82
CA GLU H 4 6.81 -31.97 -16.82
C GLU H 4 5.47 -31.32 -16.59
N ILE H 5 5.18 -30.98 -15.35
CA ILE H 5 3.92 -30.35 -14.98
C ILE H 5 4.24 -29.05 -14.25
N HIS H 6 3.71 -27.94 -14.77
CA HIS H 6 3.85 -26.62 -14.15
C HIS H 6 2.46 -26.13 -13.77
N MET H 7 2.28 -25.78 -12.51
CA MET H 7 0.96 -25.42 -11.99
C MET H 7 1.02 -24.06 -11.31
N ILE H 8 -0.05 -23.28 -11.48
CA ILE H 8 -0.25 -22.02 -10.78
C ILE H 8 -1.45 -22.19 -9.87
N GLN H 9 -1.26 -21.91 -8.57
CA GLN H 9 -2.31 -22.07 -7.58
C GLN H 9 -2.36 -20.82 -6.72
N ASN H 10 -3.52 -20.57 -6.12
CA ASN H 10 -3.66 -19.47 -5.16
C ASN H 10 -4.39 -20.02 -3.95
N HIS H 11 -3.90 -19.70 -2.76
CA HIS H 11 -4.43 -20.30 -1.54
C HIS H 11 -5.03 -19.25 -0.62
N SER H 12 -6.06 -19.67 0.11
CA SER H 12 -6.69 -18.85 1.12
C SER H 12 -5.74 -18.66 2.30
N PRO H 13 -5.99 -17.65 3.17
CA PRO H 13 -5.19 -17.52 4.40
C PRO H 13 -5.13 -18.80 5.21
N ALA H 14 -3.94 -19.40 5.31
CA ALA H 14 -3.79 -20.69 5.96
C ALA H 14 -2.34 -20.86 6.39
N ASN H 15 -2.00 -22.07 6.82
CA ASN H 15 -0.63 -22.42 7.22
C ASN H 15 -0.45 -23.90 6.88
N LEU H 16 0.07 -24.16 5.68
CA LEU H 16 0.18 -25.52 5.18
C LEU H 16 1.50 -26.18 5.51
N ASN H 17 2.50 -25.41 5.93
CA ASN H 17 3.81 -25.95 6.26
C ASN H 17 4.50 -24.99 7.20
N ARG H 18 4.93 -25.48 8.36
CA ARG H 18 5.55 -24.64 9.37
C ARG H 18 6.87 -25.25 9.82
N ASP H 19 7.75 -24.39 10.32
CA ASP H 19 9.04 -24.81 10.82
C ASP H 19 8.94 -25.12 12.31
N ASP H 20 10.09 -25.22 12.98
CA ASP H 20 10.09 -25.54 14.41
C ASP H 20 9.48 -24.44 15.25
N LEU H 21 9.51 -23.20 14.77
CA LEU H 21 8.94 -22.08 15.51
C LEU H 21 7.46 -21.87 15.23
N GLY H 22 6.89 -22.59 14.27
CA GLY H 22 5.48 -22.48 13.94
C GLY H 22 5.17 -21.53 12.80
N ALA H 23 6.11 -20.66 12.43
CA ALA H 23 5.90 -19.74 11.33
C ALA H 23 5.86 -20.50 10.00
N PRO H 24 5.14 -19.98 9.01
CA PRO H 24 5.13 -20.64 7.70
C PRO H 24 6.51 -20.62 7.06
N LYS H 25 6.77 -21.64 6.24
CA LYS H 25 8.08 -21.78 5.60
C LYS H 25 8.26 -20.74 4.52
N THR H 26 9.40 -20.06 4.54
CA THR H 26 9.75 -19.05 3.55
C THR H 26 11.10 -19.37 2.94
N CYS H 27 11.46 -18.60 1.91
CA CYS H 27 12.74 -18.75 1.23
C CYS H 27 13.05 -17.42 0.56
N TYR H 28 14.23 -17.36 -0.07
CA TYR H 28 14.69 -16.16 -0.76
C TYR H 28 14.86 -16.48 -2.23
N PHE H 29 14.23 -15.68 -3.09
CA PHE H 29 14.33 -15.85 -4.53
C PHE H 29 14.27 -14.48 -5.19
N GLY H 30 15.26 -14.18 -6.03
CA GLY H 30 15.29 -12.89 -6.69
C GLY H 30 15.63 -11.73 -5.77
N GLY H 31 16.21 -12.00 -4.61
CA GLY H 31 16.52 -10.97 -3.66
C GLY H 31 15.38 -10.54 -2.77
N VAL H 32 14.20 -11.13 -2.93
CA VAL H 32 13.04 -10.83 -2.10
C VAL H 32 12.59 -12.11 -1.41
N LEU H 33 11.68 -11.94 -0.46
CA LEU H 33 11.23 -13.04 0.39
C LEU H 33 9.97 -13.67 -0.18
N ARG H 34 10.02 -14.97 -0.44
CA ARG H 34 8.89 -15.72 -0.97
C ARG H 34 8.24 -16.54 0.14
N SER H 35 7.27 -17.36 -0.24
CA SER H 35 6.65 -18.32 0.65
C SER H 35 6.86 -19.72 0.07
N ARG H 36 7.17 -20.68 0.93
CA ARG H 36 7.64 -21.98 0.46
C ARG H 36 6.80 -23.11 1.04
N ILE H 37 6.56 -24.11 0.20
CA ILE H 37 6.06 -25.42 0.61
C ILE H 37 7.14 -26.43 0.26
N SER H 38 7.65 -27.15 1.26
CA SER H 38 8.75 -28.06 1.04
C SER H 38 8.34 -29.22 0.14
N SER H 39 9.30 -29.73 -0.63
CA SER H 39 9.01 -30.76 -1.62
C SER H 39 8.66 -32.09 -0.97
N GLN H 40 9.21 -32.38 0.20
CA GLN H 40 8.85 -33.60 0.90
C GLN H 40 7.43 -33.53 1.46
N CYS H 41 6.90 -32.33 1.66
CA CYS H 41 5.51 -32.18 2.05
C CYS H 41 4.58 -32.49 0.89
N ILE H 42 4.91 -31.97 -0.30
CA ILE H 42 4.09 -32.21 -1.48
C ILE H 42 4.07 -33.69 -1.84
N LYS H 43 5.24 -34.34 -1.80
CA LYS H 43 5.33 -35.76 -2.15
C LYS H 43 4.53 -36.62 -1.18
N ARG H 44 4.64 -36.35 0.12
CA ARG H 44 3.91 -37.14 1.11
C ARG H 44 2.41 -36.90 1.00
N SER H 45 2.00 -35.64 0.85
CA SER H 45 0.58 -35.32 0.74
C SER H 45 -0.02 -35.81 -0.57
N ILE H 46 0.79 -36.05 -1.59
CA ILE H 46 0.28 -36.64 -2.82
C ILE H 46 0.17 -38.15 -2.67
N ARG H 47 1.20 -38.80 -2.15
CA ARG H 47 1.20 -40.25 -2.09
C ARG H 47 0.26 -40.79 -1.02
N THR H 48 -0.15 -39.96 -0.06
CA THR H 48 -1.11 -40.37 0.97
C THR H 48 -2.39 -39.56 0.74
N SER H 49 -3.25 -40.08 -0.13
CA SER H 49 -4.47 -39.38 -0.51
C SER H 49 -5.46 -40.40 -1.04
N ASN H 50 -6.72 -39.96 -1.17
CA ASN H 50 -7.77 -40.82 -1.69
C ASN H 50 -7.66 -41.05 -3.19
N ASP H 51 -6.79 -40.31 -3.88
CA ASP H 51 -6.59 -40.49 -5.32
C ASP H 51 -5.43 -41.42 -5.63
N PHE H 52 -4.52 -41.63 -4.68
CA PHE H 52 -3.38 -42.51 -4.85
C PHE H 52 -3.53 -43.79 -4.03
N LYS H 53 -4.77 -44.17 -3.71
CA LYS H 53 -4.99 -45.28 -2.78
C LYS H 53 -4.59 -46.62 -3.39
N ALA H 54 -4.89 -46.83 -4.67
CA ALA H 54 -4.67 -48.12 -5.31
C ALA H 54 -3.19 -48.41 -5.55
N LEU H 55 -2.32 -47.41 -5.44
CA LEU H 55 -0.91 -47.57 -5.79
C LEU H 55 0.01 -47.42 -4.58
N LEU H 56 -0.55 -47.45 -3.38
CA LEU H 56 0.25 -47.28 -2.16
C LEU H 56 0.84 -48.63 -1.74
N GLY H 57 1.82 -49.07 -2.52
CA GLY H 57 2.48 -50.33 -2.30
C GLY H 57 3.70 -50.29 -1.40
N GLY H 58 4.01 -49.15 -0.78
CA GLY H 58 5.18 -49.01 0.05
C GLY H 58 4.83 -48.60 1.48
N VAL H 59 5.82 -48.71 2.35
CA VAL H 59 5.68 -48.34 3.75
C VAL H 59 7.03 -47.87 4.28
N ARG H 60 6.97 -46.95 5.23
CA ARG H 60 8.14 -46.28 5.81
C ARG H 60 7.98 -46.26 7.32
N THR H 61 8.73 -47.08 8.03
CA THR H 61 8.59 -47.15 9.47
C THR H 61 9.87 -47.68 10.10
N ARG H 62 10.02 -47.40 11.39
CA ARG H 62 11.06 -47.98 12.20
C ARG H 62 10.62 -49.23 12.95
N ARG H 63 9.31 -49.44 13.08
CA ARG H 63 8.76 -50.56 13.82
C ARG H 63 8.39 -51.69 12.87
N LEU H 64 9.41 -52.30 12.27
CA LEU H 64 9.19 -53.46 11.41
C LEU H 64 8.85 -54.70 12.22
N ALA H 65 9.38 -54.81 13.44
CA ALA H 65 9.02 -55.92 14.31
C ALA H 65 7.55 -55.86 14.71
N ASP H 66 7.00 -54.66 14.87
CA ASP H 66 5.58 -54.52 15.13
C ASP H 66 4.75 -54.95 13.93
N LEU H 67 5.23 -54.68 12.71
CA LEU H 67 4.56 -55.17 11.52
C LEU H 67 4.58 -56.69 11.45
N ILE H 68 5.73 -57.29 11.82
CA ILE H 68 5.83 -58.75 11.84
C ILE H 68 4.88 -59.33 12.88
N GLN H 69 4.81 -58.72 14.06
CA GLN H 69 3.91 -59.20 15.12
C GLN H 69 2.45 -59.06 14.71
N GLN H 70 2.07 -57.94 14.10
CA GLN H 70 0.69 -57.77 13.67
C GLN H 70 0.35 -58.61 12.45
N GLU H 71 1.36 -59.10 11.72
CA GLU H 71 1.11 -60.00 10.59
C GLU H 71 0.69 -61.39 11.02
N ALA H 72 0.81 -61.73 12.31
CA ALA H 72 0.45 -63.05 12.81
C ALA H 72 -0.63 -62.91 13.88
N GLY H 73 -1.09 -64.05 14.39
CA GLY H 73 -2.16 -64.07 15.36
C GLY H 73 -1.84 -64.89 16.60
N GLU H 74 -0.59 -64.84 17.05
CA GLU H 74 -0.16 -65.54 18.24
C GLU H 74 0.72 -64.61 19.06
N THR H 75 1.37 -65.15 20.09
CA THR H 75 2.31 -64.36 20.89
C THR H 75 3.56 -63.98 20.13
N GLU H 76 3.81 -64.61 18.98
CA GLU H 76 4.87 -64.25 18.03
C GLU H 76 6.26 -64.35 18.64
N CYS H 77 7.21 -63.63 18.04
CA CYS H 77 8.61 -63.68 18.42
C CYS H 77 9.17 -62.26 18.50
N TRP H 78 8.44 -61.40 19.23
CA TRP H 78 8.67 -59.95 19.15
C TRP H 78 10.05 -59.56 19.65
N LYS H 79 10.51 -60.16 20.74
CA LYS H 79 11.82 -59.80 21.29
C LYS H 79 12.95 -60.22 20.37
N LYS H 80 12.93 -61.47 19.91
CA LYS H 80 13.98 -61.92 19.01
C LYS H 80 13.83 -61.35 17.60
N ALA H 81 12.65 -60.85 17.25
CA ALA H 81 12.52 -60.09 16.01
C ALA H 81 13.35 -58.81 16.08
N GLN H 82 13.26 -58.08 17.20
CA GLN H 82 14.09 -56.91 17.40
C GLN H 82 15.56 -57.28 17.52
N GLU H 83 15.88 -58.44 18.12
CA GLU H 83 17.27 -58.88 18.16
C GLU H 83 17.81 -59.17 16.76
N ILE H 84 16.98 -59.80 15.92
CA ILE H 84 17.36 -60.06 14.52
C ILE H 84 17.56 -58.75 13.78
N LEU H 85 16.66 -57.80 13.98
CA LEU H 85 16.78 -56.49 13.33
C LEU H 85 18.03 -55.74 13.78
N ASN H 86 18.40 -55.88 15.06
CA ASN H 86 19.67 -55.34 15.53
C ASN H 86 20.84 -56.03 14.86
N LYS H 87 20.72 -57.34 14.61
CA LYS H 87 21.76 -58.08 13.91
C LYS H 87 21.86 -57.67 12.44
N CYS H 88 20.76 -57.15 11.88
CA CYS H 88 20.72 -56.82 10.45
C CYS H 88 21.68 -55.69 10.11
N GLY H 89 21.60 -54.59 10.84
CA GLY H 89 22.32 -53.38 10.47
C GLY H 89 21.53 -52.13 10.78
N PHE H 90 20.27 -52.30 11.17
CA PHE H 90 19.45 -51.17 11.61
C PHE H 90 19.69 -50.92 13.10
N LYS H 91 20.92 -50.51 13.40
CA LYS H 91 21.34 -50.31 14.78
C LYS H 91 20.66 -49.11 15.40
N ASN H 92 20.51 -49.13 16.71
CA ASN H 92 19.91 -48.03 17.43
C ASN H 92 20.83 -46.81 17.42
N LYS H 93 20.29 -45.67 17.02
CA LYS H 93 21.08 -44.45 16.91
C LYS H 93 21.27 -43.85 18.30
N ASP H 94 22.53 -43.82 18.75
CA ASP H 94 22.88 -43.46 20.14
C ASP H 94 22.11 -44.32 21.13
N ASP H 95 22.04 -45.63 20.84
CA ASP H 95 21.30 -46.62 21.62
C ASP H 95 19.83 -46.23 21.78
N ASN H 96 19.25 -45.66 20.71
CA ASN H 96 17.85 -45.26 20.72
C ASN H 96 17.32 -45.27 19.30
N THR H 97 16.01 -45.52 19.17
CA THR H 97 15.26 -45.54 17.92
C THR H 97 15.83 -46.52 16.89
N LYS H 98 15.31 -46.47 15.67
CA LYS H 98 15.82 -47.32 14.59
C LYS H 98 16.16 -46.46 13.38
N MET H 99 16.46 -47.12 12.26
CA MET H 99 16.74 -46.44 11.00
C MET H 99 15.57 -46.65 10.05
N LEU H 100 15.24 -45.59 9.30
CA LEU H 100 14.11 -45.61 8.38
C LEU H 100 14.36 -46.63 7.28
N VAL H 101 13.41 -47.55 7.10
CA VAL H 101 13.47 -48.52 6.02
C VAL H 101 12.20 -48.38 5.17
N PHE H 102 12.39 -48.24 3.87
CA PHE H 102 11.30 -48.16 2.91
C PHE H 102 11.14 -49.51 2.24
N MET H 103 9.96 -50.11 2.37
CA MET H 103 9.80 -51.46 1.84
C MET H 103 8.36 -51.68 1.40
N SER H 104 8.19 -52.64 0.50
CA SER H 104 6.88 -52.96 -0.03
C SER H 104 6.05 -53.69 1.03
N LYS H 105 4.74 -53.44 1.00
CA LYS H 105 3.83 -54.16 1.88
C LYS H 105 3.61 -55.61 1.46
N ASP H 106 4.04 -55.98 0.24
CA ASP H 106 3.83 -57.33 -0.24
C ASP H 106 4.77 -58.33 0.44
N LYS H 107 6.03 -57.97 0.62
CA LYS H 107 7.05 -58.93 1.00
C LYS H 107 7.17 -59.11 2.51
N ILE H 108 6.25 -58.55 3.30
CA ILE H 108 6.27 -58.77 4.73
C ILE H 108 5.91 -60.21 5.09
N LYS H 109 5.18 -60.91 4.20
CA LYS H 109 4.86 -62.31 4.45
C LYS H 109 6.12 -63.17 4.43
N ASP H 110 7.08 -62.85 3.55
CA ASP H 110 8.36 -63.55 3.56
C ASP H 110 9.11 -63.29 4.86
N LEU H 111 9.05 -62.06 5.38
CA LEU H 111 9.66 -61.77 6.66
C LEU H 111 9.03 -62.59 7.78
N ALA H 112 7.70 -62.70 7.77
CA ALA H 112 7.00 -63.49 8.78
C ALA H 112 7.36 -64.97 8.68
N ARG H 113 7.45 -65.49 7.46
CA ARG H 113 7.76 -66.90 7.26
C ARG H 113 9.24 -67.22 7.50
N ILE H 114 10.12 -66.23 7.45
CA ILE H 114 11.54 -66.47 7.63
C ILE H 114 11.96 -66.28 9.09
N VAL H 115 11.50 -65.20 9.72
CA VAL H 115 11.88 -64.92 11.11
C VAL H 115 11.33 -65.99 12.05
N LEU H 116 10.09 -66.42 11.83
CA LEU H 116 9.47 -67.43 12.69
C LEU H 116 10.07 -68.82 12.52
N ASP H 117 10.86 -69.05 11.48
CA ASP H 117 11.41 -70.38 11.24
C ASP H 117 12.48 -70.72 12.26
N ASN H 118 12.35 -71.89 12.89
CA ASN H 118 13.27 -72.32 13.94
C ASN H 118 14.38 -73.23 13.42
N SER H 119 14.37 -73.59 12.14
CA SER H 119 15.39 -74.47 11.57
C SER H 119 16.55 -73.67 10.98
N LEU H 120 17.08 -72.76 11.78
CA LEU H 120 18.14 -71.83 11.37
C LEU H 120 18.60 -71.07 12.62
N GLY H 121 19.59 -70.21 12.43
CA GLY H 121 20.13 -69.39 13.49
C GLY H 121 19.86 -67.91 13.26
N LEU H 122 20.33 -67.11 14.23
CA LEU H 122 20.11 -65.66 14.17
C LEU H 122 20.85 -65.03 13.00
N THR H 123 22.08 -65.49 12.73
CA THR H 123 22.85 -64.95 11.62
C THR H 123 22.20 -65.24 10.27
N GLU H 124 21.75 -66.48 10.06
CA GLU H 124 21.10 -66.82 8.80
C GLU H 124 19.76 -66.14 8.67
N ALA H 125 19.04 -65.97 9.79
CA ALA H 125 17.79 -65.22 9.77
C ALA H 125 18.02 -63.78 9.36
N ALA H 126 19.07 -63.14 9.92
CA ALA H 126 19.39 -61.77 9.57
C ALA H 126 19.77 -61.63 8.10
N GLN H 127 20.58 -62.57 7.61
CA GLN H 127 20.96 -62.56 6.19
C GLN H 127 19.74 -62.72 5.30
N GLN H 128 18.80 -63.59 5.67
CA GLN H 128 17.62 -63.81 4.83
C GLN H 128 16.69 -62.60 4.85
N VAL H 129 16.49 -61.95 6.00
CA VAL H 129 15.62 -60.78 6.00
C VAL H 129 16.30 -59.63 5.26
N ALA H 130 17.63 -59.54 5.33
CA ALA H 130 18.34 -58.54 4.53
C ALA H 130 18.17 -58.80 3.04
N ASN H 131 18.24 -60.07 2.62
CA ASN H 131 18.05 -60.41 1.21
C ASN H 131 16.65 -60.07 0.73
N VAL H 132 15.63 -60.35 1.56
CA VAL H 132 14.27 -60.09 1.10
C VAL H 132 13.94 -58.59 1.20
N ILE H 133 14.60 -57.86 2.10
CA ILE H 133 14.43 -56.41 2.17
C ILE H 133 15.06 -55.74 0.95
N ALA H 134 16.23 -56.22 0.53
CA ALA H 134 16.91 -55.66 -0.63
C ALA H 134 16.16 -55.92 -1.94
N GLN H 135 15.17 -56.81 -1.94
CA GLN H 135 14.38 -57.12 -3.12
C GLN H 135 12.91 -56.76 -2.91
N ALA H 136 12.66 -55.61 -2.31
CA ALA H 136 11.31 -55.11 -2.07
C ALA H 136 11.10 -53.76 -2.73
N THR H 137 11.59 -53.62 -3.97
CA THR H 137 11.60 -52.35 -4.68
C THR H 137 10.63 -52.35 -5.86
N LEU H 138 9.45 -52.96 -5.69
CA LEU H 138 8.43 -53.01 -6.72
C LEU H 138 7.14 -52.45 -6.15
N ALA H 139 7.00 -51.13 -6.23
CA ALA H 139 5.80 -50.43 -5.78
C ALA H 139 5.74 -49.10 -6.51
N PRO H 140 4.53 -48.59 -6.81
CA PRO H 140 4.44 -47.32 -7.52
C PRO H 140 5.03 -46.13 -6.78
N ASP H 141 4.92 -46.10 -5.45
CA ASP H 141 5.48 -44.99 -4.70
C ASP H 141 6.99 -45.10 -4.52
N ILE H 142 7.52 -46.33 -4.44
CA ILE H 142 8.96 -46.50 -4.36
C ILE H 142 9.63 -46.31 -5.72
N ALA H 143 8.87 -46.41 -6.81
CA ALA H 143 9.45 -46.22 -8.14
C ALA H 143 9.61 -44.76 -8.51
N LEU H 144 8.96 -43.86 -7.78
CA LEU H 144 9.04 -42.42 -8.03
C LEU H 144 9.97 -41.73 -7.05
N CYS H 145 9.75 -41.91 -5.74
CA CYS H 145 10.57 -41.23 -4.74
C CYS H 145 11.99 -41.76 -4.70
N GLY H 146 12.18 -43.05 -4.98
CA GLY H 146 13.48 -43.66 -4.90
C GLY H 146 13.84 -44.03 -3.46
N ARG H 147 14.89 -44.82 -3.33
CA ARG H 147 15.28 -45.36 -2.04
C ARG H 147 16.80 -45.32 -1.89
N MET H 148 17.24 -45.19 -0.65
CA MET H 148 18.65 -45.41 -0.32
C MET H 148 18.71 -45.94 1.10
N LEU H 149 18.96 -47.24 1.24
CA LEU H 149 19.11 -47.87 2.54
C LEU H 149 20.56 -48.33 2.68
N GLU H 150 21.22 -47.83 3.71
CA GLU H 150 22.60 -48.21 3.97
C GLU H 150 22.82 -48.33 5.47
N PRO H 151 23.14 -49.52 5.98
CA PRO H 151 23.39 -49.67 7.40
C PRO H 151 24.65 -48.93 7.83
N ASN H 152 24.69 -48.58 9.11
CA ASN H 152 25.87 -47.88 9.66
C ASN H 152 27.02 -48.84 9.80
N ASP H 153 26.77 -50.14 9.61
CA ASP H 153 27.82 -51.15 9.68
C ASP H 153 28.39 -51.36 11.09
N LYS H 154 28.17 -50.42 12.00
CA LYS H 154 28.70 -50.57 13.35
C LYS H 154 28.33 -51.94 13.90
N ASP H 155 27.30 -52.56 13.31
CA ASP H 155 26.84 -53.88 13.74
C ASP H 155 26.94 -54.90 12.61
N LYS H 156 27.79 -54.64 11.62
CA LYS H 156 28.06 -55.59 10.55
C LYS H 156 29.21 -56.48 11.01
N ASP H 157 28.90 -57.73 11.35
CA ASP H 157 29.88 -58.68 11.87
C ASP H 157 30.59 -59.44 10.77
N LYS H 158 30.60 -58.93 9.54
CA LYS H 158 31.07 -59.62 8.34
C LYS H 158 30.35 -60.95 8.16
N LYS H 159 29.09 -61.00 8.58
CA LYS H 159 28.24 -62.18 8.46
C LYS H 159 26.97 -61.94 7.67
N VAL H 160 26.50 -60.69 7.61
CA VAL H 160 25.31 -60.32 6.85
C VAL H 160 25.78 -59.66 5.58
N LYS H 161 25.48 -60.29 4.44
CA LYS H 161 25.82 -59.71 3.15
C LYS H 161 24.70 -58.82 2.66
N TRP H 162 25.06 -57.64 2.16
CA TRP H 162 24.11 -56.68 1.65
C TRP H 162 24.28 -56.57 0.13
N SER H 163 23.27 -55.97 -0.51
CA SER H 163 23.22 -55.90 -1.96
C SER H 163 22.85 -54.47 -2.36
N ASN H 164 22.51 -54.28 -3.63
CA ASN H 164 22.20 -52.97 -4.16
C ASN H 164 20.84 -52.52 -3.62
N THR H 165 20.86 -51.78 -2.52
CA THR H 165 19.64 -51.32 -1.87
C THR H 165 19.18 -49.94 -2.33
N THR H 166 19.90 -49.31 -3.24
CA THR H 166 19.57 -47.98 -3.70
C THR H 166 18.73 -48.07 -4.97
N VAL H 167 17.63 -47.32 -5.00
CA VAL H 167 16.76 -47.23 -6.17
C VAL H 167 16.82 -45.80 -6.66
N GLU H 168 17.25 -45.61 -7.91
CA GLU H 168 17.32 -44.29 -8.49
C GLU H 168 15.91 -43.72 -8.66
N ALA H 169 15.72 -42.49 -8.20
CA ALA H 169 14.40 -41.88 -8.23
C ALA H 169 14.01 -41.54 -9.67
N ALA H 170 12.70 -41.48 -9.91
CA ALA H 170 12.16 -41.08 -11.20
C ALA H 170 11.42 -39.75 -11.15
N LEU H 171 11.03 -39.30 -9.96
CA LEU H 171 10.24 -38.08 -9.81
C LEU H 171 11.05 -37.05 -9.04
N GLN H 172 11.20 -35.86 -9.62
CA GLN H 172 11.89 -34.74 -8.99
C GLN H 172 10.91 -33.61 -8.77
N VAL H 173 10.54 -33.38 -7.51
CA VAL H 173 9.61 -32.33 -7.15
C VAL H 173 10.39 -31.14 -6.61
N ALA H 174 10.13 -29.95 -7.14
CA ALA H 174 10.78 -28.74 -6.69
C ALA H 174 10.01 -28.15 -5.52
N HIS H 175 10.71 -27.32 -4.74
CA HIS H 175 10.06 -26.58 -3.68
C HIS H 175 9.13 -25.53 -4.29
N ALA H 176 7.89 -25.51 -3.84
CA ALA H 176 6.93 -24.52 -4.33
C ALA H 176 7.29 -23.14 -3.78
N ILE H 177 7.30 -22.14 -4.64
CA ILE H 177 7.63 -20.78 -4.25
C ILE H 177 6.50 -19.86 -4.68
N SER H 178 6.30 -18.80 -3.92
CA SER H 178 5.28 -17.83 -4.25
C SER H 178 5.70 -16.99 -5.45
N THR H 179 4.72 -16.59 -6.26
CA THR H 179 4.98 -15.75 -7.42
C THR H 179 5.07 -14.27 -7.08
N HIS H 180 4.82 -13.90 -5.83
CA HIS H 180 4.89 -12.51 -5.38
C HIS H 180 5.71 -12.46 -4.10
N ILE H 181 5.78 -11.27 -3.49
CA ILE H 181 6.44 -11.16 -2.21
C ILE H 181 5.59 -11.83 -1.13
N ALA H 182 6.22 -12.15 -0.01
CA ALA H 182 5.56 -12.86 1.08
C ALA H 182 5.12 -11.86 2.14
N ARG H 183 3.84 -11.95 2.54
CA ARG H 183 3.25 -11.10 3.57
C ARG H 183 2.70 -12.00 4.66
N PRO H 184 3.53 -12.42 5.61
CA PRO H 184 3.02 -13.18 6.75
C PRO H 184 2.21 -12.30 7.69
N GLU H 185 1.27 -12.92 8.40
CA GLU H 185 0.43 -12.21 9.35
C GLU H 185 0.22 -13.07 10.58
N ILE H 186 -0.17 -12.42 11.67
CA ILE H 186 -0.35 -13.06 12.96
C ILE H 186 -1.82 -13.00 13.33
N ASP H 187 -2.41 -14.16 13.58
CA ASP H 187 -3.74 -14.28 14.13
C ASP H 187 -3.64 -14.40 15.65
N TYR H 188 -4.46 -13.63 16.34
CA TYR H 188 -4.45 -13.54 17.80
C TYR H 188 -5.68 -14.24 18.36
N PHE H 189 -5.47 -15.18 19.27
CA PHE H 189 -6.57 -15.97 19.81
C PHE H 189 -6.53 -15.98 21.33
N VAL H 190 -7.70 -16.12 21.93
CA VAL H 190 -7.85 -16.24 23.38
C VAL H 190 -8.76 -17.43 23.64
N ALA H 191 -8.29 -18.36 24.46
CA ALA H 191 -9.12 -19.49 24.88
C ALA H 191 -10.04 -19.04 26.01
N ALA H 192 -11.34 -19.22 25.82
CA ALA H 192 -12.34 -18.68 26.74
C ALA H 192 -12.81 -19.75 27.70
N ASP H 193 -12.91 -19.40 28.97
CA ASP H 193 -13.45 -20.30 29.97
C ASP H 193 -14.96 -20.43 29.79
N ASP H 194 -15.45 -21.67 29.80
CA ASP H 194 -16.88 -21.90 29.57
C ASP H 194 -17.72 -21.49 30.77
N VAL H 195 -17.14 -21.47 31.96
CA VAL H 195 -17.90 -21.07 33.15
C VAL H 195 -18.13 -19.56 33.10
N PRO H 196 -19.38 -19.09 33.19
CA PRO H 196 -19.62 -17.63 33.21
C PRO H 196 -18.99 -16.93 34.40
N GLY H 197 -18.92 -17.59 35.55
CA GLY H 197 -18.31 -16.98 36.72
C GLY H 197 -16.82 -17.25 36.80
N GLU H 198 -16.02 -16.28 36.36
CA GLU H 198 -14.57 -16.44 36.37
C GLU H 198 -13.94 -15.88 37.64
N ASP H 199 -14.39 -14.70 38.10
CA ASP H 199 -13.87 -14.00 39.27
C ASP H 199 -12.36 -13.75 39.15
N ALA H 200 -11.87 -13.55 37.94
CA ALA H 200 -10.45 -13.34 37.70
C ALA H 200 -10.28 -12.64 36.35
N GLY H 201 -9.09 -12.08 36.16
CA GLY H 201 -8.76 -11.45 34.91
C GLY H 201 -7.27 -11.38 34.64
N ALA H 202 -6.86 -11.87 33.46
CA ALA H 202 -5.45 -11.86 33.06
C ALA H 202 -5.38 -12.02 31.56
N GLY H 203 -4.48 -11.27 30.93
CA GLY H 203 -4.30 -11.38 29.49
C GLY H 203 -3.66 -12.72 29.13
N HIS H 204 -4.29 -13.43 28.21
CA HIS H 204 -3.79 -14.72 27.72
C HIS H 204 -3.87 -14.77 26.21
N ILE H 205 -3.38 -13.70 25.57
CA ILE H 205 -3.37 -13.62 24.11
C ILE H 205 -2.39 -14.65 23.57
N GLY H 206 -2.88 -15.54 22.72
CA GLY H 206 -2.04 -16.51 22.06
C GLY H 206 -1.40 -15.93 20.81
N GLU H 207 -0.70 -16.80 20.09
CA GLU H 207 -0.02 -16.40 18.86
C GLU H 207 -0.14 -17.53 17.85
N SER H 208 -0.81 -17.26 16.73
CA SER H 208 -0.82 -18.15 15.59
C SER H 208 -0.36 -17.35 14.37
N MET H 209 0.27 -18.03 13.41
CA MET H 209 0.81 -17.34 12.24
C MET H 209 0.28 -17.98 10.98
N PHE H 210 -0.05 -17.14 9.99
CA PHE H 210 -0.58 -17.63 8.72
C PHE H 210 -0.13 -16.70 7.61
N ALA H 211 -0.45 -17.09 6.37
CA ALA H 211 -0.12 -16.32 5.18
C ALA H 211 -0.94 -16.86 4.02
N SER H 212 -1.15 -16.00 3.02
CA SER H 212 -1.82 -16.37 1.78
C SER H 212 -0.88 -16.08 0.62
N ALA H 213 -0.85 -16.98 -0.36
CA ALA H 213 0.12 -16.85 -1.43
C ALA H 213 -0.38 -17.51 -2.70
N CYS H 214 0.21 -17.08 -3.81
CA CYS H 214 0.03 -17.71 -5.13
C CYS H 214 1.30 -18.50 -5.42
N PHE H 215 1.17 -19.82 -5.47
CA PHE H 215 2.31 -20.72 -5.58
C PHE H 215 2.49 -21.21 -7.01
N TYR H 216 3.75 -21.32 -7.42
CA TYR H 216 4.14 -21.97 -8.66
C TYR H 216 4.76 -23.31 -8.32
N LYS H 217 4.23 -24.37 -8.93
CA LYS H 217 4.66 -25.74 -8.61
C LYS H 217 5.22 -26.41 -9.86
N TYR H 218 6.27 -27.19 -9.68
CA TYR H 218 7.01 -27.82 -10.77
C TYR H 218 7.27 -29.28 -10.43
N PHE H 219 6.96 -30.17 -11.37
CA PHE H 219 7.18 -31.61 -11.23
C PHE H 219 7.93 -32.11 -12.46
N SER H 220 8.48 -33.32 -12.34
CA SER H 220 9.20 -33.92 -13.46
C SER H 220 9.23 -35.43 -13.28
N ILE H 221 8.81 -36.16 -14.32
CA ILE H 221 8.78 -37.63 -14.29
C ILE H 221 9.61 -38.16 -15.44
N ASP H 222 10.54 -39.05 -15.14
CA ASP H 222 11.35 -39.70 -16.16
C ASP H 222 10.67 -40.98 -16.60
N TRP H 223 10.21 -41.03 -17.85
CA TRP H 223 9.46 -42.17 -18.33
C TRP H 223 10.33 -43.41 -18.47
N GLU H 224 11.55 -43.25 -18.99
CA GLU H 224 12.43 -44.40 -19.17
C GLU H 224 12.93 -44.95 -17.84
N GLN H 225 13.07 -44.09 -16.83
CA GLN H 225 13.46 -44.57 -15.51
C GLN H 225 12.32 -45.34 -14.85
N LEU H 226 11.08 -44.94 -15.10
CA LEU H 226 9.93 -45.63 -14.49
C LEU H 226 9.77 -47.04 -15.03
N VAL H 227 10.10 -47.26 -16.31
CA VAL H 227 10.03 -48.60 -16.88
C VAL H 227 11.06 -49.51 -16.22
N LYS H 228 12.29 -49.01 -16.05
CA LYS H 228 13.33 -49.79 -15.39
C LYS H 228 13.02 -49.99 -13.90
N ASN H 229 12.44 -48.97 -13.26
CA ASN H 229 12.09 -49.08 -11.85
C ASN H 229 10.99 -50.13 -11.64
N LEU H 230 10.02 -50.19 -12.55
CA LEU H 230 8.94 -51.16 -12.49
C LEU H 230 9.20 -52.39 -13.34
N LYS H 231 10.47 -52.63 -13.71
CA LYS H 231 11.00 -53.82 -14.37
C LYS H 231 10.50 -53.99 -15.81
N GLY H 232 9.69 -53.07 -16.33
CA GLY H 232 9.22 -53.19 -17.70
C GLY H 232 7.72 -53.26 -17.85
N ASP H 233 6.99 -52.67 -16.90
CA ASP H 233 5.54 -52.63 -16.95
C ASP H 233 5.11 -51.26 -17.48
N THR H 234 4.65 -51.23 -18.72
CA THR H 234 4.18 -49.97 -19.30
C THR H 234 2.80 -49.59 -18.75
N ASN H 235 1.94 -50.58 -18.51
CA ASN H 235 0.60 -50.30 -18.01
C ASN H 235 0.65 -49.74 -16.59
N LEU H 236 1.46 -50.34 -15.72
CA LEU H 236 1.58 -49.84 -14.35
C LEU H 236 2.19 -48.45 -14.32
N ALA H 237 3.18 -48.20 -15.18
CA ALA H 237 3.78 -46.87 -15.27
C ALA H 237 2.77 -45.83 -15.75
N ALA H 238 1.96 -46.18 -16.74
CA ALA H 238 0.95 -45.25 -17.23
C ALA H 238 -0.11 -44.97 -16.17
N HIS H 239 -0.54 -46.01 -15.44
CA HIS H 239 -1.50 -45.82 -14.37
C HIS H 239 -0.93 -44.94 -13.26
N THR H 240 0.34 -45.15 -12.90
CA THR H 240 0.97 -44.32 -11.89
C THR H 240 1.10 -42.87 -12.34
N VAL H 241 1.43 -42.65 -13.61
CA VAL H 241 1.54 -41.29 -14.14
C VAL H 241 0.20 -40.58 -14.10
N GLY H 242 -0.85 -41.27 -14.57
CA GLY H 242 -2.18 -40.66 -14.57
C GLY H 242 -2.71 -40.39 -13.17
N ALA H 243 -2.53 -41.34 -12.25
CA ALA H 243 -2.99 -41.15 -10.89
C ALA H 243 -2.20 -40.06 -10.19
N PHE H 244 -0.89 -39.96 -10.46
CA PHE H 244 -0.09 -38.89 -9.88
C PHE H 244 -0.55 -37.53 -10.38
N LEU H 245 -0.86 -37.43 -11.68
CA LEU H 245 -1.33 -36.14 -12.21
C LEU H 245 -2.68 -35.77 -11.61
N LEU H 246 -3.59 -36.74 -11.51
CA LEU H 246 -4.91 -36.47 -10.94
C LEU H 246 -4.84 -36.13 -9.46
N ALA H 247 -3.94 -36.78 -8.72
CA ALA H 247 -3.77 -36.47 -7.31
C ALA H 247 -3.15 -35.10 -7.12
N ALA H 248 -2.09 -34.79 -7.86
CA ALA H 248 -1.43 -33.49 -7.74
C ALA H 248 -2.34 -32.35 -8.13
N ALA H 249 -3.27 -32.58 -9.07
CA ALA H 249 -4.19 -31.53 -9.44
C ALA H 249 -5.18 -31.22 -8.32
N LYS H 250 -5.67 -32.23 -7.60
CA LYS H 250 -6.77 -32.05 -6.65
C LYS H 250 -6.39 -32.54 -5.26
N THR H 251 -5.24 -32.11 -4.75
CA THR H 251 -4.89 -32.38 -3.37
C THR H 251 -4.13 -31.18 -2.80
N ASN H 252 -4.12 -31.10 -1.48
CA ASN H 252 -3.42 -30.06 -0.76
C ASN H 252 -2.79 -30.68 0.49
N PRO H 253 -1.66 -30.17 0.95
CA PRO H 253 -1.06 -30.68 2.19
C PRO H 253 -1.97 -30.41 3.37
N SER H 254 -2.22 -31.46 4.15
CA SER H 254 -3.14 -31.40 5.29
C SER H 254 -2.42 -30.80 6.50
N GLY H 255 -2.17 -29.50 6.41
CA GLY H 255 -1.57 -28.77 7.50
C GLY H 255 -2.62 -28.39 8.52
N LYS H 256 -2.63 -27.12 8.94
CA LYS H 256 -3.65 -26.62 9.87
C LYS H 256 -4.96 -26.41 9.10
N GLN H 257 -5.58 -27.52 8.71
CA GLN H 257 -6.76 -27.46 7.85
C GLN H 257 -8.08 -27.54 8.60
N ASN H 258 -8.07 -28.02 9.84
CA ASN H 258 -9.30 -28.03 10.62
C ASN H 258 -9.66 -26.63 11.12
N SER H 259 -8.73 -25.69 11.09
CA SER H 259 -8.96 -24.33 11.54
C SER H 259 -8.88 -23.30 10.42
N PHE H 260 -8.42 -23.67 9.23
CA PHE H 260 -8.28 -22.72 8.14
C PHE H 260 -9.02 -23.14 6.89
N ALA H 261 -9.05 -24.43 6.55
CA ALA H 261 -9.89 -25.01 5.50
C ALA H 261 -9.68 -24.30 4.16
N ALA H 262 -8.48 -24.51 3.60
CA ALA H 262 -8.04 -23.80 2.41
C ALA H 262 -7.90 -24.72 1.20
N HIS H 263 -8.89 -25.58 0.98
CA HIS H 263 -8.85 -26.56 -0.11
C HIS H 263 -9.14 -25.85 -1.44
N ASN H 264 -8.11 -25.19 -1.96
CA ASN H 264 -8.22 -24.49 -3.22
C ASN H 264 -7.74 -25.37 -4.37
N TYR H 265 -7.97 -24.90 -5.59
CA TYR H 265 -7.69 -25.65 -6.81
C TYR H 265 -6.81 -24.82 -7.73
N PRO H 266 -5.99 -25.47 -8.56
CA PRO H 266 -5.14 -24.72 -9.49
C PRO H 266 -5.95 -24.05 -10.59
N ASP H 267 -5.46 -22.89 -11.02
CA ASP H 267 -6.06 -22.15 -12.13
C ASP H 267 -5.31 -22.33 -13.43
N GLY H 268 -4.30 -23.18 -13.47
CA GLY H 268 -3.58 -23.46 -14.70
C GLY H 268 -2.62 -24.62 -14.53
N ILE H 269 -2.68 -25.59 -15.44
CA ILE H 269 -1.78 -26.74 -15.45
C ILE H 269 -1.23 -26.88 -16.86
N LEU H 270 0.09 -26.79 -17.00
CA LEU H 270 0.76 -26.94 -18.28
C LEU H 270 1.61 -28.21 -18.23
N VAL H 271 1.33 -29.14 -19.14
CA VAL H 271 2.03 -30.41 -19.19
C VAL H 271 2.81 -30.47 -20.49
N GLU H 272 4.12 -30.68 -20.39
CA GLU H 272 5.00 -30.62 -21.54
C GLU H 272 5.89 -31.85 -21.61
N PHE H 273 6.09 -32.36 -22.82
CA PHE H 273 6.97 -33.50 -23.06
C PHE H 273 8.27 -32.99 -23.66
N LYS H 274 9.39 -33.32 -23.03
CA LYS H 274 10.68 -32.77 -23.40
C LYS H 274 11.74 -33.85 -23.42
N ASN H 275 12.93 -33.47 -23.89
CA ASN H 275 14.11 -34.30 -23.84
C ASN H 275 15.07 -33.93 -22.71
N SER H 276 15.07 -32.67 -22.30
CA SER H 276 15.85 -32.20 -21.17
C SER H 276 14.96 -31.34 -20.29
N PRO H 277 15.12 -31.42 -18.97
CA PRO H 277 14.20 -30.71 -18.07
C PRO H 277 14.48 -29.22 -18.03
N ILE H 278 13.41 -28.43 -18.01
CA ILE H 278 13.47 -26.97 -17.96
C ILE H 278 12.50 -26.50 -16.89
N SER H 279 12.94 -25.55 -16.07
CA SER H 279 12.09 -24.93 -15.05
C SER H 279 11.78 -23.50 -15.43
N TYR H 280 10.54 -23.07 -15.17
CA TYR H 280 10.08 -21.74 -15.50
C TYR H 280 10.02 -20.82 -14.29
N ALA H 281 10.74 -21.15 -13.22
CA ALA H 281 10.74 -20.32 -12.02
C ALA H 281 11.39 -18.97 -12.26
N ASN H 282 12.19 -18.83 -13.32
CA ASN H 282 12.80 -17.56 -13.66
C ASN H 282 11.80 -16.55 -14.21
N ALA H 283 10.56 -16.96 -14.47
CA ALA H 283 9.50 -16.02 -14.80
C ALA H 283 9.24 -15.06 -13.65
N PHE H 284 9.48 -15.48 -12.42
CA PHE H 284 9.09 -14.72 -11.23
C PHE H 284 10.28 -14.18 -10.46
N VAL H 285 11.42 -13.97 -11.12
CA VAL H 285 12.51 -13.23 -10.48
C VAL H 285 12.05 -11.81 -10.21
N ARG H 286 11.34 -11.21 -11.15
CA ARG H 286 10.57 -10.01 -10.87
C ARG H 286 9.27 -10.41 -10.20
N PRO H 287 9.01 -9.98 -8.97
CA PRO H 287 7.78 -10.37 -8.28
C PRO H 287 6.54 -9.79 -8.95
N VAL H 288 5.44 -10.52 -8.83
CA VAL H 288 4.15 -10.06 -9.34
C VAL H 288 3.57 -9.03 -8.37
N SER H 289 3.19 -7.88 -8.90
CA SER H 289 2.58 -6.81 -8.12
C SER H 289 1.20 -6.50 -8.67
N VAL H 290 0.23 -6.35 -7.77
CA VAL H 290 -1.15 -6.10 -8.18
C VAL H 290 -1.28 -4.66 -8.66
N VAL H 291 -2.24 -4.44 -9.57
CA VAL H 291 -2.49 -3.13 -10.15
C VAL H 291 -3.97 -2.79 -9.96
N LYS H 292 -4.42 -1.71 -10.59
CA LYS H 292 -5.77 -1.17 -10.37
C LYS H 292 -6.85 -2.22 -10.66
N GLU H 293 -6.77 -2.89 -11.81
CA GLU H 293 -7.62 -4.03 -12.09
C GLU H 293 -6.74 -5.20 -12.51
N SER H 294 -6.79 -6.28 -11.73
CA SER H 294 -6.02 -7.48 -11.99
C SER H 294 -6.43 -8.56 -11.01
N ASP H 295 -6.48 -9.80 -11.49
CA ASP H 295 -6.30 -10.94 -10.61
C ASP H 295 -4.81 -11.12 -10.35
N LEU H 296 -4.48 -11.60 -9.15
CA LEU H 296 -3.12 -12.05 -8.91
C LEU H 296 -2.79 -13.24 -9.80
N VAL H 297 -3.75 -14.14 -9.98
CA VAL H 297 -3.53 -15.33 -10.78
C VAL H 297 -3.38 -14.98 -12.26
N GLU H 298 -4.18 -14.02 -12.75
CA GLU H 298 -4.08 -13.62 -14.14
C GLU H 298 -2.73 -12.99 -14.45
N GLN H 299 -2.25 -12.13 -13.56
CA GLN H 299 -0.93 -11.52 -13.74
C GLN H 299 0.17 -12.57 -13.68
N SER H 300 0.06 -13.53 -12.75
CA SER H 300 1.05 -14.59 -12.66
C SER H 300 1.07 -15.45 -13.93
N ILE H 301 -0.10 -15.76 -14.47
CA ILE H 301 -0.18 -16.56 -15.69
C ILE H 301 0.36 -15.78 -16.87
N GLY H 302 0.13 -14.46 -16.90
CA GLY H 302 0.71 -13.64 -17.96
C GLY H 302 2.22 -13.60 -17.93
N GLN H 303 2.79 -13.47 -16.73
CA GLN H 303 4.25 -13.53 -16.59
C GLN H 303 4.79 -14.89 -17.00
N LEU H 304 4.10 -15.96 -16.61
CA LEU H 304 4.50 -17.30 -17.02
C LEU H 304 4.48 -17.45 -18.54
N SER H 305 3.44 -16.92 -19.19
CA SER H 305 3.36 -17.01 -20.65
C SER H 305 4.45 -16.20 -21.33
N ASN H 306 4.76 -15.02 -20.79
CA ASN H 306 5.85 -14.22 -21.34
C ASN H 306 7.17 -14.99 -21.30
N TYR H 307 7.49 -15.57 -20.15
CA TYR H 307 8.75 -16.29 -20.04
C TYR H 307 8.75 -17.58 -20.85
N VAL H 308 7.60 -18.26 -20.94
CA VAL H 308 7.53 -19.47 -21.74
C VAL H 308 7.75 -19.16 -23.22
N ASN H 309 7.15 -18.06 -23.70
CA ASN H 309 7.37 -17.64 -25.08
C ASN H 309 8.83 -17.26 -25.31
N ASP H 310 9.44 -16.56 -24.36
CA ASP H 310 10.84 -16.18 -24.50
C ASP H 310 11.75 -17.40 -24.56
N ILE H 311 11.50 -18.39 -23.70
CA ILE H 311 12.32 -19.60 -23.72
C ILE H 311 12.10 -20.39 -25.01
N ARG H 312 10.86 -20.51 -25.47
CA ARG H 312 10.58 -21.27 -26.68
C ARG H 312 11.21 -20.63 -27.90
N LEU H 313 11.18 -19.29 -27.99
CA LEU H 313 11.82 -18.63 -29.12
C LEU H 313 13.34 -18.62 -28.97
N GLY H 314 13.85 -18.65 -27.76
CA GLY H 314 15.28 -18.58 -27.54
C GLY H 314 15.99 -19.91 -27.63
N TYR H 315 15.53 -20.89 -26.86
CA TYR H 315 16.14 -22.23 -26.86
C TYR H 315 15.29 -23.15 -27.74
N TYR H 316 15.45 -22.98 -29.05
CA TYR H 316 14.69 -23.72 -30.04
C TYR H 316 15.64 -24.58 -30.86
N ASP H 317 15.29 -25.85 -31.04
CA ASP H 317 16.07 -26.78 -31.83
C ASP H 317 15.14 -27.73 -32.55
N GLU H 318 15.30 -27.84 -33.86
CA GLU H 318 14.43 -28.69 -34.67
C GLU H 318 14.70 -30.18 -34.47
N GLN H 319 15.83 -30.55 -33.86
CA GLN H 319 16.12 -31.95 -33.62
C GLN H 319 15.18 -32.54 -32.57
N SER H 320 14.80 -31.76 -31.56
CA SER H 320 13.92 -32.24 -30.49
C SER H 320 13.01 -31.11 -30.06
N PRO H 321 11.81 -31.04 -30.60
CA PRO H 321 10.86 -29.99 -30.21
C PRO H 321 10.12 -30.38 -28.92
N VAL H 322 9.25 -29.47 -28.49
CA VAL H 322 8.43 -29.64 -27.31
C VAL H 322 6.98 -29.36 -27.66
N ILE H 323 6.09 -30.25 -27.23
CA ILE H 323 4.65 -30.10 -27.44
C ILE H 323 3.95 -30.15 -26.08
N GLY H 324 3.10 -29.17 -25.83
CA GLY H 324 2.47 -29.08 -24.54
C GLY H 324 1.02 -28.65 -24.62
N PHE H 325 0.26 -29.01 -23.59
CA PHE H 325 -1.14 -28.67 -23.46
C PHE H 325 -1.34 -27.77 -22.25
N TRP H 326 -2.30 -26.86 -22.36
CA TRP H 326 -2.60 -25.91 -21.29
C TRP H 326 -4.03 -26.13 -20.84
N PHE H 327 -4.22 -26.35 -19.53
CA PHE H 327 -5.54 -26.61 -18.97
C PHE H 327 -5.90 -25.51 -17.98
N SER H 328 -7.11 -24.99 -18.13
CA SER H 328 -7.71 -24.06 -17.19
C SER H 328 -9.15 -24.48 -16.97
N PRO H 329 -9.73 -24.20 -15.79
CA PRO H 329 -11.12 -24.63 -15.57
C PRO H 329 -12.11 -23.88 -16.45
N ASN H 330 -12.64 -24.58 -17.45
CA ASN H 330 -13.54 -24.02 -18.47
C ASN H 330 -12.91 -22.81 -19.16
N ASN H 331 -11.61 -22.90 -19.43
CA ASN H 331 -10.83 -21.86 -20.10
C ASN H 331 -10.97 -20.51 -19.40
N ARG H 332 -10.96 -20.54 -18.07
CA ARG H 332 -11.09 -19.31 -17.29
C ARG H 332 -9.87 -18.41 -17.47
N TYR H 333 -8.68 -19.00 -17.54
CA TYR H 333 -7.41 -18.26 -17.63
C TYR H 333 -6.62 -18.71 -18.85
N PRO H 334 -6.72 -18.02 -19.98
CA PRO H 334 -5.92 -18.40 -21.15
C PRO H 334 -4.46 -18.04 -20.94
N LEU H 335 -3.59 -18.78 -21.65
CA LEU H 335 -2.14 -18.64 -21.46
C LEU H 335 -1.68 -17.37 -22.14
N GLY H 336 -1.66 -16.28 -21.37
CA GLY H 336 -1.18 -15.02 -21.88
C GLY H 336 -2.13 -13.87 -21.61
N TYR H 337 -2.19 -12.94 -22.55
CA TYR H 337 -3.13 -11.82 -22.52
C TYR H 337 -3.94 -11.81 -23.81
N LYS H 338 -4.46 -12.99 -24.16
CA LYS H 338 -5.12 -13.25 -25.45
C LYS H 338 -4.23 -12.89 -26.63
N HIS H 339 -2.92 -13.12 -26.47
CA HIS H 339 -1.95 -12.84 -27.50
C HIS H 339 -0.74 -13.75 -27.29
N SER H 340 -0.06 -14.07 -28.39
CA SER H 340 1.13 -14.93 -28.40
C SER H 340 0.82 -16.29 -27.78
N LYS H 341 -0.11 -17.00 -28.40
CA LYS H 341 -0.47 -18.34 -27.95
C LYS H 341 0.64 -19.33 -28.29
N LEU H 342 0.86 -20.29 -27.40
CA LEU H 342 1.94 -21.25 -27.59
C LEU H 342 1.47 -22.69 -27.49
N ALA H 343 0.50 -22.95 -26.62
CA ALA H 343 0.09 -24.32 -26.32
C ALA H 343 -0.58 -24.97 -27.52
N SER H 344 -0.23 -26.23 -27.78
CA SER H 344 -0.80 -26.98 -28.89
C SER H 344 -2.24 -27.39 -28.65
N ARG H 345 -2.75 -27.23 -27.44
CA ARG H 345 -4.13 -27.57 -27.13
C ARG H 345 -4.61 -26.67 -26.00
N ASN H 346 -5.93 -26.63 -25.84
CA ASN H 346 -6.57 -25.85 -24.76
C ASN H 346 -7.67 -26.73 -24.17
N ILE H 347 -7.32 -27.51 -23.17
CA ILE H 347 -8.28 -28.40 -22.53
C ILE H 347 -9.10 -27.60 -21.53
N GLY H 348 -10.31 -28.08 -21.24
CA GLY H 348 -11.17 -27.42 -20.29
C GLY H 348 -11.71 -28.37 -19.23
N ASN H 349 -11.24 -29.61 -19.25
CA ASN H 349 -11.64 -30.62 -18.30
C ASN H 349 -10.40 -31.39 -17.87
N LEU H 350 -10.31 -31.70 -16.58
CA LEU H 350 -9.12 -32.36 -16.06
C LEU H 350 -9.01 -33.80 -16.57
N ASN H 351 -10.13 -34.51 -16.65
CA ASN H 351 -10.12 -35.89 -17.11
C ASN H 351 -9.68 -35.99 -18.56
N GLU H 352 -10.12 -35.04 -19.39
CA GLU H 352 -9.67 -34.99 -20.77
C GLU H 352 -8.17 -34.70 -20.84
N LEU H 353 -7.66 -33.88 -19.93
CA LEU H 353 -6.23 -33.59 -19.89
C LEU H 353 -5.42 -34.84 -19.56
N VAL H 354 -5.86 -35.60 -18.56
CA VAL H 354 -5.16 -36.83 -18.20
C VAL H 354 -5.26 -37.86 -19.32
N GLY H 355 -6.42 -37.93 -19.98
CA GLY H 355 -6.57 -38.83 -21.12
C GLY H 355 -5.66 -38.47 -22.27
N ALA H 356 -5.53 -37.18 -22.57
CA ALA H 356 -4.62 -36.74 -23.63
C ALA H 356 -3.17 -37.02 -23.27
N VAL H 357 -2.81 -36.84 -22.00
CA VAL H 357 -1.45 -37.12 -21.55
C VAL H 357 -1.13 -38.60 -21.72
N LEU H 358 -2.05 -39.47 -21.30
CA LEU H 358 -1.84 -40.91 -21.46
C LEU H 358 -1.82 -41.31 -22.92
N ASP H 359 -2.66 -40.68 -23.75
CA ASP H 359 -2.72 -40.97 -25.18
C ASP H 359 -1.40 -40.62 -25.86
N TYR H 360 -0.79 -39.50 -25.49
CA TYR H 360 0.51 -39.16 -26.06
C TYR H 360 1.59 -40.09 -25.52
N ILE H 361 1.51 -40.46 -24.24
CA ILE H 361 2.57 -41.26 -23.64
C ILE H 361 2.62 -42.66 -24.26
N GLY H 362 1.47 -43.33 -24.33
CA GLY H 362 1.48 -44.67 -24.87
C GLY H 362 0.25 -45.08 -25.67
N GLY H 363 -0.65 -44.13 -25.92
CA GLY H 363 -1.90 -44.46 -26.56
C GLY H 363 -2.90 -45.16 -25.68
N PHE H 364 -2.66 -45.21 -24.37
CA PHE H 364 -3.56 -45.87 -23.43
C PHE H 364 -4.79 -45.01 -23.20
N LYS H 365 -5.76 -45.60 -22.51
CA LYS H 365 -6.96 -44.91 -22.04
C LYS H 365 -7.00 -44.96 -20.53
N TRP H 366 -7.59 -43.92 -19.93
CA TRP H 366 -7.66 -43.87 -18.46
C TRP H 366 -8.58 -44.96 -17.92
N GLU H 367 -9.66 -45.28 -18.63
CA GLU H 367 -10.50 -46.40 -18.25
C GLU H 367 -9.86 -47.74 -18.55
N GLU H 368 -8.74 -47.76 -19.29
CA GLU H 368 -8.03 -48.98 -19.62
C GLU H 368 -6.88 -49.28 -18.66
N VAL H 369 -6.18 -48.26 -18.15
CA VAL H 369 -5.05 -48.50 -17.27
C VAL H 369 -5.45 -48.67 -15.81
N GLN H 370 -6.73 -48.50 -15.48
CA GLN H 370 -7.18 -48.77 -14.12
C GLN H 370 -7.18 -50.25 -13.77
N LYS H 371 -7.01 -51.12 -14.77
CA LYS H 371 -6.97 -52.56 -14.52
C LYS H 371 -5.65 -52.99 -13.89
N SER H 372 -4.60 -52.19 -14.00
CA SER H 372 -3.31 -52.48 -13.39
C SER H 372 -3.37 -52.02 -11.93
N LYS H 373 -3.80 -52.91 -11.06
CA LYS H 373 -4.02 -52.59 -9.66
C LYS H 373 -2.88 -53.15 -8.82
N ALA H 374 -2.27 -52.30 -8.01
CA ALA H 374 -1.20 -52.70 -7.10
C ALA H 374 -1.82 -53.10 -5.76
N TYR H 375 -0.97 -53.24 -4.74
CA TYR H 375 -1.44 -53.62 -3.41
C TYR H 375 -2.30 -52.50 -2.81
N ILE H 376 -3.48 -52.88 -2.30
CA ILE H 376 -4.41 -51.95 -1.69
C ILE H 376 -4.48 -52.12 -0.18
N GLY H 377 -4.57 -53.38 0.29
CA GLY H 377 -4.68 -53.65 1.70
C GLY H 377 -6.10 -53.68 2.20
N MET I 1 44.63 -17.23 -30.86
CA MET I 1 43.19 -17.33 -30.68
C MET I 1 42.84 -17.90 -29.31
N LEU I 2 41.93 -17.22 -28.60
CA LEU I 2 41.50 -17.67 -27.28
C LEU I 2 40.01 -17.33 -27.15
N ILE I 3 39.16 -18.33 -27.34
CA ILE I 3 37.72 -18.15 -27.20
C ILE I 3 37.37 -18.10 -25.72
N GLU I 4 36.59 -17.10 -25.31
CA GLU I 4 36.14 -16.97 -23.94
C GLU I 4 34.62 -16.92 -23.90
N ILE I 5 34.03 -17.63 -22.95
CA ILE I 5 32.58 -17.71 -22.81
C ILE I 5 32.21 -17.24 -21.41
N HIS I 6 31.27 -16.30 -21.34
CA HIS I 6 30.77 -15.78 -20.07
C HIS I 6 29.28 -16.03 -19.99
N MET I 7 28.80 -16.48 -18.84
CA MET I 7 27.40 -16.81 -18.66
C MET I 7 26.88 -16.22 -17.36
N ILE I 8 25.62 -15.80 -17.37
CA ILE I 8 24.91 -15.36 -16.18
C ILE I 8 23.70 -16.28 -16.03
N GLN I 9 23.61 -16.96 -14.89
CA GLN I 9 22.61 -18.01 -14.71
C GLN I 9 22.02 -17.92 -13.32
N ASN I 10 20.72 -17.62 -13.24
CA ASN I 10 20.02 -17.55 -11.96
C ASN I 10 19.37 -18.89 -11.67
N HIS I 11 19.52 -19.38 -10.43
CA HIS I 11 19.09 -20.72 -10.08
C HIS I 11 17.99 -20.68 -9.04
N SER I 12 17.12 -21.68 -9.08
CA SER I 12 16.10 -21.86 -8.07
C SER I 12 16.76 -22.27 -6.74
N PRO I 13 16.04 -22.11 -5.61
CA PRO I 13 16.56 -22.62 -4.34
C PRO I 13 16.97 -24.09 -4.40
N ALA I 14 18.26 -24.35 -4.24
CA ALA I 14 18.80 -25.69 -4.42
C ALA I 14 20.07 -25.84 -3.60
N ASN I 15 20.76 -26.95 -3.81
CA ASN I 15 22.04 -27.24 -3.15
C ASN I 15 22.85 -28.07 -4.14
N LEU I 16 23.66 -27.39 -4.96
CA LEU I 16 24.34 -28.06 -6.07
C LEU I 16 25.75 -28.52 -5.72
N ASN I 17 26.40 -27.88 -4.75
CA ASN I 17 27.68 -28.35 -4.23
C ASN I 17 27.62 -28.32 -2.71
N ARG I 18 28.38 -29.21 -2.08
CA ARG I 18 28.34 -29.35 -0.64
C ARG I 18 29.75 -29.46 -0.09
N ASP I 19 29.92 -29.01 1.16
CA ASP I 19 31.15 -29.28 1.91
C ASP I 19 31.07 -30.69 2.49
N ASP I 20 31.98 -31.00 3.41
CA ASP I 20 31.89 -32.25 4.15
C ASP I 20 30.79 -32.24 5.19
N LEU I 21 30.19 -31.08 5.46
CA LEU I 21 29.12 -30.95 6.45
C LEU I 21 27.73 -31.02 5.81
N GLY I 22 27.51 -30.28 4.73
CA GLY I 22 26.22 -30.33 4.06
C GLY I 22 25.75 -29.00 3.52
N ALA I 23 26.41 -27.91 3.93
CA ALA I 23 26.05 -26.58 3.48
C ALA I 23 26.43 -26.41 2.01
N PRO I 24 25.82 -25.44 1.32
CA PRO I 24 26.31 -25.09 -0.02
C PRO I 24 27.70 -24.48 0.05
N LYS I 25 28.48 -24.73 -1.00
CA LYS I 25 29.84 -24.21 -1.06
C LYS I 25 29.82 -22.70 -1.26
N THR I 26 30.67 -22.00 -0.51
CA THR I 26 30.74 -20.54 -0.57
C THR I 26 32.17 -20.08 -0.79
N CYS I 27 32.31 -18.76 -0.98
CA CYS I 27 33.60 -18.10 -1.12
C CYS I 27 33.43 -16.65 -0.69
N TYR I 28 34.53 -15.90 -0.74
CA TYR I 28 34.54 -14.51 -0.28
C TYR I 28 35.08 -13.62 -1.38
N PHE I 29 34.33 -12.56 -1.69
CA PHE I 29 34.73 -11.64 -2.76
C PHE I 29 33.99 -10.33 -2.59
N GLY I 30 34.72 -9.23 -2.52
CA GLY I 30 34.11 -7.92 -2.44
C GLY I 30 33.67 -7.49 -1.06
N GLY I 31 33.99 -8.27 -0.02
CA GLY I 31 33.61 -7.93 1.32
C GLY I 31 32.41 -8.66 1.87
N VAL I 32 31.83 -9.59 1.10
CA VAL I 32 30.68 -10.37 1.51
C VAL I 32 30.96 -11.83 1.19
N LEU I 33 30.00 -12.69 1.55
CA LEU I 33 30.04 -14.10 1.21
C LEU I 33 29.20 -14.35 -0.03
N ARG I 34 29.71 -15.18 -0.94
CA ARG I 34 29.05 -15.47 -2.20
C ARG I 34 28.93 -16.98 -2.37
N SER I 35 27.77 -17.43 -2.81
CA SER I 35 27.60 -18.86 -3.10
C SER I 35 28.46 -19.24 -4.30
N ARG I 36 29.06 -20.42 -4.24
CA ARG I 36 30.01 -20.84 -5.26
C ARG I 36 29.73 -22.27 -5.68
N ILE I 37 29.71 -22.50 -6.98
CA ILE I 37 29.74 -23.84 -7.54
C ILE I 37 31.16 -24.07 -8.05
N SER I 38 31.77 -25.14 -7.58
CA SER I 38 33.20 -25.34 -7.78
C SER I 38 33.53 -25.61 -9.25
N SER I 39 34.80 -25.43 -9.59
CA SER I 39 35.25 -25.64 -10.96
C SER I 39 35.16 -27.11 -11.36
N GLN I 40 35.58 -28.02 -10.48
CA GLN I 40 35.59 -29.43 -10.84
C GLN I 40 34.19 -30.04 -10.84
N CYS I 41 33.23 -29.38 -10.22
CA CYS I 41 31.84 -29.84 -10.33
C CYS I 41 31.27 -29.51 -11.70
N ILE I 42 31.58 -28.32 -12.22
CA ILE I 42 31.07 -27.91 -13.52
C ILE I 42 31.72 -28.72 -14.64
N LYS I 43 33.01 -29.03 -14.50
CA LYS I 43 33.68 -29.82 -15.53
C LYS I 43 33.18 -31.26 -15.56
N ARG I 44 32.77 -31.79 -14.43
CA ARG I 44 32.23 -33.15 -14.38
C ARG I 44 30.83 -33.22 -14.97
N SER I 45 30.05 -32.15 -14.85
CA SER I 45 28.71 -32.14 -15.45
C SER I 45 28.78 -32.01 -16.96
N ILE I 46 29.70 -31.18 -17.46
CA ILE I 46 29.84 -31.02 -18.91
C ILE I 46 30.36 -32.31 -19.54
N ARG I 47 31.40 -32.90 -18.95
CA ARG I 47 31.85 -34.21 -19.35
C ARG I 47 30.81 -35.26 -18.95
N THR I 48 30.92 -36.45 -19.56
CA THR I 48 30.08 -37.61 -19.23
C THR I 48 28.58 -37.29 -19.30
N SER I 49 28.21 -36.38 -20.19
CA SER I 49 26.82 -35.96 -20.32
C SER I 49 26.22 -36.59 -21.57
N ASN I 50 24.88 -36.73 -21.57
CA ASN I 50 24.19 -37.27 -22.74
C ASN I 50 24.30 -36.32 -23.93
N ASP I 51 24.34 -35.01 -23.68
CA ASP I 51 24.63 -34.07 -24.76
C ASP I 51 26.04 -34.26 -25.29
N PHE I 52 27.01 -34.47 -24.40
CA PHE I 52 28.38 -34.70 -24.82
C PHE I 52 28.64 -36.14 -25.24
N LYS I 53 27.66 -37.03 -25.08
CA LYS I 53 27.76 -38.38 -25.60
C LYS I 53 27.03 -38.56 -26.93
N ALA I 54 25.96 -37.79 -27.17
CA ALA I 54 25.27 -37.88 -28.45
C ALA I 54 26.10 -37.23 -29.56
N LEU I 55 26.36 -35.94 -29.44
CA LEU I 55 27.21 -35.22 -30.38
C LEU I 55 28.57 -34.95 -29.73
N LEU I 56 29.64 -35.34 -30.41
CA LEU I 56 30.98 -35.19 -29.89
C LEU I 56 32.00 -35.11 -31.01
N LEU I 138 41.90 -40.53 -30.59
CA LEU I 138 41.47 -39.37 -31.34
C LEU I 138 40.06 -38.95 -30.93
N ALA I 139 39.66 -39.36 -29.74
CA ALA I 139 38.32 -39.06 -29.25
C ALA I 139 38.21 -37.61 -28.79
N PRO I 140 37.06 -36.98 -28.99
CA PRO I 140 36.86 -35.63 -28.45
C PRO I 140 36.92 -35.54 -26.94
N ASP I 141 36.49 -36.59 -26.23
CA ASP I 141 36.43 -36.53 -24.77
C ASP I 141 37.80 -36.55 -24.12
N ILE I 142 38.84 -36.92 -24.86
CA ILE I 142 40.21 -36.93 -24.35
C ILE I 142 40.97 -35.68 -24.76
N ALA I 143 40.79 -35.24 -26.02
CA ALA I 143 41.55 -34.11 -26.53
C ALA I 143 41.12 -32.80 -25.88
N LEU I 144 39.81 -32.57 -25.78
CA LEU I 144 39.32 -31.31 -25.25
C LEU I 144 39.38 -31.28 -23.72
N CYS I 145 38.66 -32.20 -23.07
CA CYS I 145 38.56 -32.17 -21.61
C CYS I 145 39.89 -32.51 -20.94
N GLY I 146 40.64 -33.46 -21.49
CA GLY I 146 41.90 -33.86 -20.93
C GLY I 146 41.95 -35.36 -20.74
N ARG I 147 42.92 -35.80 -19.95
CA ARG I 147 43.11 -37.22 -19.68
C ARG I 147 41.91 -37.77 -18.92
N MET I 148 41.65 -39.08 -19.11
CA MET I 148 40.51 -39.70 -18.46
C MET I 148 40.67 -39.70 -16.94
N LEU I 149 41.81 -40.20 -16.45
CA LEU I 149 42.15 -40.14 -15.03
C LEU I 149 43.63 -40.48 -14.85
N THR I 166 52.29 -32.71 -23.31
CA THR I 166 51.79 -34.07 -23.22
C THR I 166 50.34 -34.15 -23.66
N VAL I 167 49.44 -34.30 -22.69
CA VAL I 167 48.01 -34.45 -22.96
C VAL I 167 47.34 -33.21 -22.38
N GLU I 168 48.02 -32.07 -22.45
CA GLU I 168 47.49 -30.83 -21.90
C GLU I 168 46.19 -30.45 -22.60
N ALA I 169 45.17 -30.13 -21.80
CA ALA I 169 43.82 -29.94 -22.31
C ALA I 169 43.66 -28.50 -22.81
N ALA I 170 42.42 -28.13 -23.13
CA ALA I 170 42.11 -26.79 -23.60
C ALA I 170 41.15 -26.03 -22.70
N LEU I 171 40.42 -26.71 -21.82
CA LEU I 171 39.39 -26.07 -21.03
C LEU I 171 39.96 -25.39 -19.79
N GLN I 172 39.34 -24.27 -19.42
CA GLN I 172 39.71 -23.48 -18.24
C GLN I 172 38.45 -23.14 -17.45
N VAL I 173 37.67 -24.16 -17.11
CA VAL I 173 36.48 -23.95 -16.30
C VAL I 173 36.87 -23.36 -14.95
N ALA I 174 36.39 -22.16 -14.67
CA ALA I 174 36.68 -21.45 -13.44
C ALA I 174 35.55 -21.64 -12.44
N HIS I 175 35.81 -21.23 -11.20
CA HIS I 175 34.81 -21.33 -10.15
C HIS I 175 33.68 -20.34 -10.40
N ALA I 176 32.45 -20.82 -10.29
CA ALA I 176 31.26 -20.00 -10.54
C ALA I 176 30.94 -19.23 -9.26
N ILE I 177 31.04 -17.90 -9.33
CA ILE I 177 30.89 -17.03 -8.16
C ILE I 177 29.67 -16.15 -8.38
N SER I 178 28.80 -16.11 -7.37
CA SER I 178 27.55 -15.36 -7.47
C SER I 178 27.82 -13.86 -7.48
N THR I 179 26.83 -13.10 -7.93
CA THR I 179 26.94 -11.67 -8.09
C THR I 179 26.28 -10.88 -6.97
N HIS I 180 25.96 -11.53 -5.85
CA HIS I 180 25.31 -10.85 -4.73
C HIS I 180 25.71 -11.54 -3.44
N ILE I 181 25.13 -11.07 -2.34
CA ILE I 181 25.37 -11.66 -1.03
C ILE I 181 24.76 -13.06 -1.00
N ALA I 182 25.55 -14.04 -0.54
CA ALA I 182 25.01 -15.37 -0.35
C ALA I 182 24.00 -15.36 0.78
N ARG I 183 22.89 -16.08 0.57
CA ARG I 183 21.81 -16.15 1.54
C ARG I 183 21.50 -17.61 1.83
N PRO I 184 22.28 -18.24 2.70
CA PRO I 184 22.00 -19.63 3.05
C PRO I 184 20.74 -19.73 3.91
N GLU I 185 19.91 -20.71 3.60
CA GLU I 185 18.69 -20.97 4.34
C GLU I 185 18.68 -22.41 4.83
N ILE I 186 17.88 -22.65 5.87
CA ILE I 186 17.85 -23.96 6.51
C ILE I 186 16.42 -24.49 6.49
N ASP I 187 16.31 -25.81 6.47
CA ASP I 187 15.03 -26.51 6.38
C ASP I 187 14.95 -27.50 7.52
N TYR I 188 13.83 -27.49 8.24
CA TYR I 188 13.60 -28.38 9.38
C TYR I 188 12.66 -29.50 8.95
N PHE I 189 13.25 -30.53 8.35
CA PHE I 189 12.46 -31.68 7.93
C PHE I 189 12.24 -32.62 9.11
N VAL I 190 11.20 -33.45 8.99
CA VAL I 190 10.86 -34.46 9.99
C VAL I 190 10.63 -35.77 9.27
N ALA I 191 11.36 -36.81 9.67
CA ALA I 191 11.20 -38.14 9.08
C ALA I 191 9.93 -38.75 9.66
N ALA I 192 8.81 -38.52 8.98
CA ALA I 192 7.52 -39.01 9.45
C ALA I 192 7.41 -40.52 9.26
N ASP I 193 6.55 -41.13 10.07
CA ASP I 193 6.34 -42.57 10.05
C ASP I 193 5.00 -42.89 9.41
N ASP I 194 5.01 -43.83 8.45
CA ASP I 194 3.78 -44.24 7.79
C ASP I 194 2.83 -44.92 8.77
N VAL I 195 3.36 -45.80 9.61
CA VAL I 195 2.56 -46.39 10.69
C VAL I 195 2.28 -45.33 11.73
N PRO I 196 1.02 -45.09 12.12
CA PRO I 196 0.71 -44.01 13.07
C PRO I 196 1.38 -44.20 14.43
N GLY I 197 1.09 -45.29 15.11
CA GLY I 197 1.70 -45.58 16.40
C GLY I 197 1.20 -44.70 17.52
N GLU I 198 1.37 -43.37 17.37
CA GLU I 198 0.95 -42.36 18.34
C GLU I 198 1.61 -42.57 19.69
N ASP I 199 2.83 -43.10 19.70
CA ASP I 199 3.58 -43.32 20.92
C ASP I 199 5.07 -43.30 20.59
N ALA I 200 5.87 -43.04 21.63
CA ALA I 200 7.33 -43.00 21.54
C ALA I 200 7.81 -42.01 20.48
N GLY I 201 7.52 -40.73 20.75
CA GLY I 201 7.82 -39.66 19.81
C GLY I 201 9.29 -39.54 19.44
N ALA I 202 10.12 -39.11 20.39
CA ALA I 202 11.58 -39.01 20.22
C ALA I 202 11.94 -38.22 18.96
N GLY I 203 11.61 -36.93 19.01
CA GLY I 203 11.53 -36.03 17.87
C GLY I 203 12.54 -36.17 16.75
N HIS I 204 12.04 -36.27 15.52
CA HIS I 204 12.86 -36.55 14.35
C HIS I 204 13.25 -35.28 13.59
N ILE I 205 13.45 -34.18 14.30
CA ILE I 205 13.78 -32.91 13.66
C ILE I 205 15.20 -32.98 13.11
N GLY I 206 15.35 -32.67 11.82
CA GLY I 206 16.66 -32.55 11.21
C GLY I 206 16.87 -31.18 10.61
N GLU I 207 17.95 -30.99 9.87
CA GLU I 207 18.23 -29.71 9.22
C GLU I 207 18.94 -29.98 7.90
N SER I 208 18.53 -29.25 6.86
CA SER I 208 19.20 -29.34 5.56
C SER I 208 19.30 -27.94 4.98
N MET I 209 20.48 -27.59 4.47
CA MET I 209 20.74 -26.23 4.01
C MET I 209 20.59 -26.14 2.49
N PHE I 210 20.01 -25.03 2.04
CA PHE I 210 19.83 -24.75 0.63
C PHE I 210 20.09 -23.27 0.38
N ALA I 211 20.23 -22.91 -0.90
CA ALA I 211 20.48 -21.53 -1.26
C ALA I 211 20.01 -21.30 -2.69
N SER I 212 19.85 -20.02 -3.04
CA SER I 212 19.50 -19.60 -4.39
C SER I 212 20.39 -18.43 -4.78
N ALA I 213 20.97 -18.48 -5.97
CA ALA I 213 21.94 -17.49 -6.36
C ALA I 213 21.95 -17.30 -7.86
N CYS I 214 22.55 -16.18 -8.29
CA CYS I 214 22.76 -15.84 -9.69
C CYS I 214 24.26 -15.91 -9.95
N PHE I 215 24.69 -16.99 -10.59
CA PHE I 215 26.10 -17.28 -10.80
C PHE I 215 26.62 -16.69 -12.09
N TYR I 216 27.87 -16.23 -12.06
CA TYR I 216 28.61 -15.81 -13.25
C TYR I 216 29.67 -16.86 -13.54
N LYS I 217 29.56 -17.51 -14.69
CA LYS I 217 30.44 -18.61 -15.05
C LYS I 217 31.34 -18.22 -16.21
N TYR I 218 32.59 -18.68 -16.17
CA TYR I 218 33.59 -18.32 -17.15
C TYR I 218 34.25 -19.58 -17.71
N PHE I 219 34.45 -19.61 -19.02
CA PHE I 219 35.08 -20.73 -19.71
C PHE I 219 36.07 -20.19 -20.73
N SER I 220 37.11 -20.97 -21.01
CA SER I 220 38.08 -20.63 -22.03
C SER I 220 38.40 -21.87 -22.85
N ILE I 221 38.72 -21.67 -24.12
CA ILE I 221 39.11 -22.75 -25.02
C ILE I 221 40.33 -22.32 -25.81
N ASP I 222 41.36 -23.16 -25.82
CA ASP I 222 42.57 -22.92 -26.59
C ASP I 222 42.41 -23.56 -27.97
N TRP I 223 42.41 -22.73 -29.01
CA TRP I 223 42.19 -23.26 -30.36
C TRP I 223 43.43 -23.99 -30.88
N GLU I 224 44.62 -23.42 -30.66
CA GLU I 224 45.84 -24.05 -31.13
C GLU I 224 46.10 -25.37 -30.43
N GLN I 225 45.86 -25.42 -29.12
CA GLN I 225 46.05 -26.66 -28.38
C GLN I 225 45.07 -27.73 -28.81
N LEU I 226 43.82 -27.35 -29.07
CA LEU I 226 42.82 -28.30 -29.54
C LEU I 226 43.17 -28.82 -30.93
N VAL I 227 43.65 -27.95 -31.81
CA VAL I 227 44.03 -28.36 -33.16
C VAL I 227 45.22 -29.32 -33.09
N LYS I 228 46.23 -29.01 -32.26
CA LYS I 228 47.35 -29.92 -32.09
C LYS I 228 46.91 -31.24 -31.47
N ASN I 229 45.91 -31.21 -30.60
CA ASN I 229 45.38 -32.45 -30.04
C ASN I 229 44.69 -33.29 -31.10
N LEU I 230 44.03 -32.66 -32.06
CA LEU I 230 43.43 -33.38 -33.17
C LEU I 230 44.34 -33.49 -34.38
N LYS I 231 45.52 -32.85 -34.34
CA LYS I 231 46.58 -32.96 -35.35
C LYS I 231 46.15 -32.47 -36.73
N GLY I 232 45.08 -31.68 -36.82
CA GLY I 232 44.73 -31.08 -38.11
C GLY I 232 43.27 -31.15 -38.50
N ASP I 233 42.47 -31.94 -37.79
CA ASP I 233 41.04 -32.05 -38.08
C ASP I 233 40.34 -30.79 -37.57
N THR I 234 40.37 -29.74 -38.39
CA THR I 234 39.78 -28.47 -37.98
C THR I 234 38.26 -28.54 -37.94
N ASN I 235 37.64 -29.34 -38.83
CA ASN I 235 36.20 -29.53 -38.77
C ASN I 235 35.78 -30.21 -37.48
N LEU I 236 36.54 -31.22 -37.05
CA LEU I 236 36.26 -31.87 -35.77
C LEU I 236 36.45 -30.91 -34.60
N ALA I 237 37.47 -30.04 -34.69
CA ALA I 237 37.67 -29.05 -33.65
C ALA I 237 36.50 -28.09 -33.56
N ALA I 238 36.00 -27.62 -34.71
CA ALA I 238 34.84 -26.74 -34.73
C ALA I 238 33.60 -27.43 -34.19
N HIS I 239 33.42 -28.71 -34.55
CA HIS I 239 32.27 -29.47 -34.03
C HIS I 239 32.35 -29.64 -32.52
N THR I 240 33.55 -29.88 -31.99
CA THR I 240 33.71 -30.01 -30.54
C THR I 240 33.45 -28.69 -29.84
N VAL I 241 33.89 -27.58 -30.44
CA VAL I 241 33.61 -26.27 -29.86
C VAL I 241 32.11 -26.01 -29.82
N GLY I 242 31.41 -26.34 -30.90
CA GLY I 242 29.95 -26.17 -30.92
C GLY I 242 29.25 -27.07 -29.92
N ALA I 243 29.71 -28.32 -29.80
CA ALA I 243 29.13 -29.24 -28.84
C ALA I 243 29.32 -28.76 -27.42
N PHE I 244 30.50 -28.22 -27.10
CA PHE I 244 30.72 -27.69 -25.77
C PHE I 244 29.87 -26.44 -25.54
N LEU I 245 29.70 -25.61 -26.57
CA LEU I 245 28.88 -24.42 -26.43
C LEU I 245 27.43 -24.78 -26.13
N LEU I 246 26.93 -25.87 -26.72
CA LEU I 246 25.58 -26.33 -26.39
C LEU I 246 25.54 -26.94 -24.99
N ALA I 247 26.52 -27.80 -24.67
CA ALA I 247 26.48 -28.56 -23.42
C ALA I 247 26.62 -27.65 -22.21
N ALA I 248 27.61 -26.75 -22.21
CA ALA I 248 27.82 -25.87 -21.07
C ALA I 248 26.66 -24.90 -20.88
N ALA I 249 25.82 -24.71 -21.89
CA ALA I 249 24.63 -23.89 -21.75
C ALA I 249 23.42 -24.68 -21.27
N LYS I 250 23.33 -25.96 -21.61
CA LYS I 250 22.16 -26.74 -21.23
C LYS I 250 22.51 -27.95 -20.36
N THR I 251 23.39 -27.76 -19.37
CA THR I 251 23.71 -28.81 -18.42
C THR I 251 23.89 -28.19 -17.03
N ASN I 252 23.33 -28.86 -16.03
CA ASN I 252 23.36 -28.42 -14.64
C ASN I 252 23.98 -29.51 -13.77
N PRO I 253 24.55 -29.15 -12.63
CA PRO I 253 25.06 -30.17 -11.71
C PRO I 253 23.94 -31.05 -11.17
N SER I 254 24.30 -32.26 -10.78
CA SER I 254 23.33 -33.25 -10.34
C SER I 254 23.18 -33.32 -8.83
N GLY I 255 23.75 -32.36 -8.10
CA GLY I 255 23.69 -32.41 -6.65
C GLY I 255 22.32 -32.04 -6.13
N LYS I 256 21.63 -32.99 -5.49
CA LYS I 256 20.35 -32.77 -4.81
C LYS I 256 19.28 -32.19 -5.75
N GLN I 257 19.24 -32.69 -6.97
CA GLN I 257 18.23 -32.26 -7.94
C GLN I 257 16.97 -33.10 -7.89
N ASN I 258 16.94 -34.15 -7.08
CA ASN I 258 15.73 -34.94 -6.89
C ASN I 258 14.83 -34.38 -5.81
N SER I 259 15.29 -33.36 -5.08
CA SER I 259 14.50 -32.71 -4.05
C SER I 259 14.30 -31.23 -4.27
N PHE I 260 15.09 -30.60 -5.14
CA PHE I 260 15.02 -29.17 -5.39
C PHE I 260 14.72 -28.84 -6.83
N ALA I 261 15.23 -29.61 -7.79
CA ALA I 261 14.89 -29.54 -9.21
C ALA I 261 15.10 -28.14 -9.78
N ALA I 262 16.33 -27.65 -9.66
CA ALA I 262 16.69 -26.34 -10.19
C ALA I 262 17.25 -26.49 -11.60
N HIS I 263 16.33 -26.74 -12.53
CA HIS I 263 16.69 -26.90 -13.93
C HIS I 263 16.46 -25.58 -14.67
N ASN I 264 17.33 -24.63 -14.37
CA ASN I 264 17.26 -23.29 -14.96
C ASN I 264 18.22 -23.17 -16.13
N TYR I 265 18.01 -22.12 -16.92
CA TYR I 265 18.74 -21.87 -18.15
C TYR I 265 19.46 -20.53 -18.08
N PRO I 266 20.56 -20.36 -18.81
CA PRO I 266 21.28 -19.08 -18.78
C PRO I 266 20.42 -17.94 -19.29
N ASP I 267 20.55 -16.79 -18.65
CA ASP I 267 19.86 -15.57 -19.06
C ASP I 267 20.78 -14.64 -19.82
N GLY I 268 21.69 -15.20 -20.61
CA GLY I 268 22.61 -14.40 -21.39
C GLY I 268 24.01 -14.97 -21.44
N ILE I 269 24.52 -15.17 -22.66
CA ILE I 269 25.84 -15.74 -22.90
C ILE I 269 26.60 -14.79 -23.81
N LEU I 270 27.83 -14.47 -23.44
CA LEU I 270 28.68 -13.57 -24.21
C LEU I 270 29.95 -14.32 -24.61
N VAL I 271 30.20 -14.41 -25.91
CA VAL I 271 31.38 -15.09 -26.44
C VAL I 271 32.31 -14.03 -26.99
N GLU I 272 33.57 -14.06 -26.55
CA GLU I 272 34.54 -13.03 -26.91
C GLU I 272 35.82 -13.67 -27.42
N PHE I 273 36.53 -12.92 -28.24
CA PHE I 273 37.82 -13.32 -28.79
C PHE I 273 38.83 -12.23 -28.50
N LYS I 274 39.94 -12.58 -27.87
CA LYS I 274 40.96 -11.60 -27.55
C LYS I 274 42.30 -12.31 -27.39
N ASN I 275 43.37 -11.51 -27.31
CA ASN I 275 44.71 -12.05 -27.16
C ASN I 275 45.00 -12.43 -25.71
N SER I 276 44.96 -11.45 -24.80
CA SER I 276 45.18 -11.71 -23.39
C SER I 276 43.90 -12.25 -22.75
N PRO I 277 44.02 -13.10 -21.74
CA PRO I 277 42.83 -13.57 -21.02
C PRO I 277 42.40 -12.60 -19.93
N ILE I 278 41.11 -12.65 -19.61
CA ILE I 278 40.54 -11.79 -18.59
C ILE I 278 39.23 -12.42 -18.12
N SER I 279 38.80 -12.05 -16.92
CA SER I 279 37.52 -12.45 -16.37
C SER I 279 36.83 -11.22 -15.80
N TYR I 280 35.55 -11.05 -16.12
CA TYR I 280 34.81 -9.89 -15.64
C TYR I 280 34.22 -10.14 -14.25
N ALA I 281 35.07 -10.61 -13.34
CA ALA I 281 34.64 -10.81 -11.96
C ALA I 281 34.69 -9.53 -11.15
N ASN I 282 35.50 -8.55 -11.57
CA ASN I 282 35.59 -7.28 -10.87
C ASN I 282 34.36 -6.40 -11.09
N ALA I 283 33.46 -6.79 -12.00
CA ALA I 283 32.23 -6.04 -12.19
C ALA I 283 31.35 -6.12 -10.95
N PHE I 284 31.23 -7.30 -10.36
CA PHE I 284 30.42 -7.50 -9.16
C PHE I 284 31.29 -7.46 -7.91
N VAL I 285 32.02 -6.37 -7.74
CA VAL I 285 32.66 -6.11 -6.46
C VAL I 285 31.70 -5.45 -5.49
N ARG I 286 30.72 -4.71 -6.01
CA ARG I 286 29.57 -4.28 -5.22
C ARG I 286 28.47 -5.32 -5.38
N PRO I 287 27.98 -5.91 -4.30
CA PRO I 287 26.87 -6.87 -4.42
C PRO I 287 25.65 -6.21 -5.01
N VAL I 288 24.94 -6.97 -5.86
CA VAL I 288 23.79 -6.44 -6.58
C VAL I 288 22.64 -6.24 -5.61
N SER I 289 22.13 -5.01 -5.52
CA SER I 289 20.98 -4.69 -4.71
C SER I 289 19.78 -4.46 -5.63
N VAL I 290 18.65 -5.09 -5.30
CA VAL I 290 17.47 -5.06 -6.16
C VAL I 290 16.66 -3.81 -5.87
N VAL I 291 16.09 -3.23 -6.92
CA VAL I 291 15.27 -2.02 -6.80
C VAL I 291 13.87 -2.31 -7.32
N LYS I 292 13.02 -1.29 -7.33
CA LYS I 292 11.60 -1.50 -7.65
C LYS I 292 11.41 -1.91 -9.09
N GLU I 293 11.96 -1.16 -10.04
CA GLU I 293 11.77 -1.43 -11.46
C GLU I 293 12.93 -2.23 -12.05
N SER I 294 13.26 -3.35 -11.41
CA SER I 294 14.29 -4.26 -11.90
C SER I 294 14.22 -5.56 -11.11
N ASP I 295 14.89 -6.58 -11.65
CA ASP I 295 15.13 -7.82 -10.95
C ASP I 295 16.63 -8.07 -10.89
N LEU I 296 17.00 -9.19 -10.26
CA LEU I 296 18.41 -9.50 -10.04
C LEU I 296 19.16 -9.74 -11.34
N VAL I 297 18.52 -10.45 -12.28
CA VAL I 297 19.18 -10.83 -13.52
C VAL I 297 19.49 -9.61 -14.36
N GLU I 298 18.53 -8.69 -14.49
CA GLU I 298 18.73 -7.50 -15.30
C GLU I 298 19.81 -6.61 -14.71
N GLN I 299 19.87 -6.51 -13.39
CA GLN I 299 20.90 -5.68 -12.76
C GLN I 299 22.28 -6.31 -12.90
N SER I 300 22.38 -7.64 -12.81
CA SER I 300 23.66 -8.30 -13.05
C SER I 300 24.14 -8.08 -14.48
N ILE I 301 23.22 -8.20 -15.44
CA ILE I 301 23.58 -7.98 -16.83
C ILE I 301 23.95 -6.52 -17.07
N GLY I 302 23.30 -5.59 -16.37
CA GLY I 302 23.65 -4.19 -16.49
C GLY I 302 25.03 -3.87 -15.94
N GLN I 303 25.39 -4.47 -14.80
CA GLN I 303 26.73 -4.28 -14.26
C GLN I 303 27.78 -4.89 -15.20
N LEU I 304 27.48 -6.03 -15.79
CA LEU I 304 28.38 -6.61 -16.79
C LEU I 304 28.53 -5.67 -18.00
N SER I 305 27.44 -5.05 -18.43
CA SER I 305 27.50 -4.10 -19.53
C SER I 305 28.36 -2.89 -19.19
N ASN I 306 28.21 -2.37 -17.97
CA ASN I 306 29.02 -1.22 -17.55
C ASN I 306 30.50 -1.57 -17.51
N TYR I 307 30.84 -2.77 -17.01
CA TYR I 307 32.24 -3.16 -16.97
C TYR I 307 32.80 -3.38 -18.38
N VAL I 308 31.99 -3.95 -19.28
CA VAL I 308 32.44 -4.13 -20.66
C VAL I 308 32.66 -2.78 -21.32
N ASN I 309 31.78 -1.81 -21.04
CA ASN I 309 31.91 -0.47 -21.58
C ASN I 309 33.21 0.17 -21.09
N ASP I 310 33.49 0.04 -19.79
CA ASP I 310 34.72 0.62 -19.24
C ASP I 310 35.96 -0.05 -19.81
N ILE I 311 35.92 -1.38 -19.97
CA ILE I 311 37.08 -2.09 -20.51
C ILE I 311 37.33 -1.69 -21.97
N ARG I 312 36.27 -1.63 -22.78
CA ARG I 312 36.44 -1.23 -24.17
C ARG I 312 36.79 0.25 -24.30
N LEU I 313 36.49 1.07 -23.29
CA LEU I 313 37.00 2.44 -23.29
C LEU I 313 38.46 2.50 -22.88
N GLY I 314 38.91 1.58 -22.03
CA GLY I 314 40.28 1.59 -21.56
C GLY I 314 41.23 0.65 -22.27
N TYR I 315 40.81 -0.60 -22.45
CA TYR I 315 41.63 -1.63 -23.09
C TYR I 315 41.00 -1.98 -24.43
N TYR I 316 41.49 -1.33 -25.49
CA TYR I 316 41.02 -1.54 -26.84
C TYR I 316 42.10 -1.03 -27.80
N ASP I 317 41.77 -1.00 -29.09
CA ASP I 317 42.62 -0.44 -30.16
C ASP I 317 43.91 -1.25 -30.20
N GLU I 318 45.09 -0.62 -30.10
CA GLU I 318 46.43 -1.19 -30.23
C GLU I 318 46.52 -2.23 -31.35
N GLN I 319 45.87 -1.94 -32.48
CA GLN I 319 45.75 -2.86 -33.62
C GLN I 319 45.19 -4.20 -33.19
N SER I 320 44.17 -4.18 -32.34
CA SER I 320 43.52 -5.39 -31.85
C SER I 320 42.10 -5.09 -31.39
N PRO I 321 41.14 -4.94 -32.29
CA PRO I 321 39.75 -4.78 -31.86
C PRO I 321 39.19 -6.07 -31.30
N VAL I 322 38.26 -5.93 -30.35
CA VAL I 322 37.64 -7.07 -29.71
C VAL I 322 36.27 -7.30 -30.35
N ILE I 323 35.80 -8.55 -30.26
CA ILE I 323 34.55 -8.97 -30.90
C ILE I 323 33.68 -9.63 -29.85
N GLY I 324 32.43 -9.18 -29.73
CA GLY I 324 31.47 -9.76 -28.82
C GLY I 324 30.35 -10.43 -29.57
N PHE I 325 29.72 -11.42 -28.94
CA PHE I 325 28.63 -12.17 -29.55
C PHE I 325 27.51 -12.40 -28.54
N TRP I 326 27.06 -11.32 -27.91
CA TRP I 326 26.06 -11.41 -26.85
C TRP I 326 24.77 -12.08 -27.35
N PHE I 327 24.27 -13.00 -26.52
CA PHE I 327 23.07 -13.78 -26.82
C PHE I 327 22.13 -13.71 -25.62
N SER I 328 20.83 -13.73 -25.90
CA SER I 328 19.83 -13.72 -24.86
C SER I 328 18.58 -14.37 -25.43
N PRO I 329 17.83 -15.16 -24.65
CA PRO I 329 16.66 -15.86 -25.20
C PRO I 329 15.57 -14.90 -25.64
N ASN I 330 15.33 -14.87 -26.96
CA ASN I 330 14.37 -13.95 -27.60
C ASN I 330 14.70 -12.48 -27.31
N ASN I 331 15.98 -12.19 -27.06
CA ASN I 331 16.50 -10.84 -26.85
C ASN I 331 15.76 -10.11 -25.74
N ARG I 332 15.43 -10.84 -24.68
CA ARG I 332 14.73 -10.22 -23.55
C ARG I 332 15.68 -9.47 -22.62
N TYR I 333 16.99 -9.70 -22.74
CA TYR I 333 17.99 -9.05 -21.88
C TYR I 333 19.11 -8.51 -22.76
N PRO I 334 18.93 -7.34 -23.35
CA PRO I 334 20.03 -6.73 -24.12
C PRO I 334 21.16 -6.29 -23.23
N LEU I 335 22.38 -6.35 -23.77
CA LEU I 335 23.58 -5.96 -23.03
C LEU I 335 23.77 -4.46 -23.19
N GLY I 336 23.15 -3.71 -22.30
CA GLY I 336 23.23 -2.26 -22.35
C GLY I 336 22.35 -1.69 -23.46
N TYR I 337 22.40 -0.37 -23.58
CA TYR I 337 21.60 0.35 -24.57
C TYR I 337 22.51 1.31 -25.31
N LYS I 338 22.43 1.27 -26.64
CA LYS I 338 23.29 2.04 -27.57
C LYS I 338 24.75 1.65 -27.26
N HIS I 339 25.69 2.61 -27.35
CA HIS I 339 27.12 2.36 -27.19
C HIS I 339 27.60 1.25 -28.14
N SER I 340 27.14 1.33 -29.38
CA SER I 340 27.38 0.31 -30.41
C SER I 340 26.91 -1.07 -29.95
N LYS I 341 25.79 -1.10 -29.22
CA LYS I 341 25.16 -2.29 -28.66
C LYS I 341 26.08 -3.08 -27.71
N LEU I 342 27.18 -2.47 -27.27
CA LEU I 342 28.18 -3.00 -26.35
C LEU I 342 28.98 -4.17 -26.92
N ALA I 343 28.63 -4.64 -28.12
CA ALA I 343 29.27 -5.79 -28.77
C ALA I 343 28.80 -5.81 -30.21
N SER I 344 29.06 -6.90 -30.91
CA SER I 344 28.46 -7.15 -32.22
C SER I 344 27.03 -7.66 -32.04
N ARG I 345 26.47 -8.26 -33.09
CA ARG I 345 25.04 -8.54 -33.20
C ARG I 345 24.47 -9.26 -31.97
N ASN I 346 23.37 -8.72 -31.44
CA ASN I 346 22.64 -9.33 -30.34
C ASN I 346 21.62 -10.29 -30.94
N ILE I 347 21.88 -11.59 -30.81
CA ILE I 347 21.07 -12.61 -31.43
C ILE I 347 20.32 -13.39 -30.36
N GLY I 348 19.23 -14.02 -30.77
CA GLY I 348 18.32 -14.64 -29.82
C GLY I 348 18.07 -16.11 -30.04
N ASN I 349 19.10 -16.86 -30.40
CA ASN I 349 18.97 -18.30 -30.56
C ASN I 349 20.32 -18.96 -30.33
N LEU I 350 20.31 -20.09 -29.63
CA LEU I 350 21.55 -20.80 -29.33
C LEU I 350 22.20 -21.34 -30.59
N ASN I 351 21.39 -21.89 -31.50
CA ASN I 351 21.92 -22.40 -32.77
C ASN I 351 22.55 -21.28 -33.58
N GLU I 352 21.93 -20.10 -33.57
CA GLU I 352 22.50 -18.96 -34.27
C GLU I 352 23.81 -18.52 -33.63
N LEU I 353 23.93 -18.62 -32.30
CA LEU I 353 25.18 -18.28 -31.64
C LEU I 353 26.30 -19.24 -32.00
N VAL I 354 26.01 -20.54 -31.99
CA VAL I 354 27.00 -21.54 -32.38
C VAL I 354 27.41 -21.33 -33.83
N GLY I 355 26.43 -21.07 -34.71
CA GLY I 355 26.75 -20.81 -36.10
C GLY I 355 27.58 -19.57 -36.30
N ALA I 356 27.28 -18.51 -35.54
CA ALA I 356 28.03 -17.26 -35.66
C ALA I 356 29.49 -17.45 -35.23
N VAL I 357 29.71 -18.16 -34.12
CA VAL I 357 31.08 -18.41 -33.67
C VAL I 357 31.82 -19.30 -34.67
N LEU I 358 31.16 -20.34 -35.17
CA LEU I 358 31.80 -21.26 -36.11
C LEU I 358 32.16 -20.56 -37.42
N ASP I 359 31.27 -19.71 -37.92
CA ASP I 359 31.55 -18.98 -39.14
C ASP I 359 32.54 -17.83 -38.92
N TYR I 360 32.69 -17.37 -37.67
CA TYR I 360 33.74 -16.40 -37.41
C TYR I 360 35.12 -17.05 -37.37
N ILE I 361 35.22 -18.26 -36.80
CA ILE I 361 36.53 -18.85 -36.55
C ILE I 361 37.27 -19.12 -37.86
N GLY I 362 36.62 -19.81 -38.79
CA GLY I 362 37.21 -20.06 -40.09
C GLY I 362 36.20 -20.13 -41.21
N GLY I 363 34.99 -19.63 -40.96
CA GLY I 363 33.90 -19.86 -41.89
C GLY I 363 33.48 -21.31 -41.97
N PHE I 364 33.41 -21.99 -40.83
CA PHE I 364 33.13 -23.41 -40.79
C PHE I 364 31.64 -23.66 -41.03
N LYS I 365 31.23 -24.92 -40.89
CA LYS I 365 29.84 -25.30 -41.12
C LYS I 365 29.02 -25.18 -39.84
N HIS J 79 83.51 -55.04 -8.11
CA HIS J 79 82.27 -54.89 -7.35
C HIS J 79 81.68 -53.50 -7.54
N VAL J 80 80.89 -53.06 -6.56
CA VAL J 80 80.28 -51.74 -6.56
C VAL J 80 80.71 -51.02 -5.29
N MET J 81 81.28 -49.84 -5.45
CA MET J 81 81.78 -49.05 -4.33
C MET J 81 80.91 -47.81 -4.15
N TYR J 82 80.39 -47.63 -2.94
CA TYR J 82 79.65 -46.40 -2.60
C TYR J 82 79.72 -46.22 -1.09
N ASN J 83 80.48 -45.23 -0.65
CA ASN J 83 80.62 -44.91 0.76
C ASN J 83 79.91 -43.60 1.07
N LEU J 84 79.43 -43.47 2.31
CA LEU J 84 78.75 -42.25 2.72
C LEU J 84 79.71 -41.05 2.69
N LEU J 85 80.93 -41.23 3.16
CA LEU J 85 81.88 -40.12 3.24
C LEU J 85 82.46 -39.78 1.88
N CYS J 86 82.70 -40.79 1.04
CA CYS J 86 83.43 -40.56 -0.20
C CYS J 86 82.57 -39.90 -1.28
N ASP J 87 81.27 -40.15 -1.28
CA ASP J 87 80.40 -39.71 -2.35
C ASP J 87 79.41 -38.66 -1.85
N ASN J 88 79.07 -37.71 -2.71
CA ASN J 88 78.21 -36.59 -2.34
C ASN J 88 76.76 -37.04 -2.29
N TRP J 89 76.15 -36.96 -1.11
CA TRP J 89 74.75 -37.35 -0.96
C TRP J 89 73.95 -36.45 -0.03
N VAL J 90 74.52 -35.34 0.45
CA VAL J 90 73.82 -34.40 1.31
C VAL J 90 73.73 -33.06 0.60
N ASN J 91 72.53 -32.56 0.40
CA ASN J 91 72.31 -31.28 -0.26
C ASN J 91 72.12 -30.18 0.77
N VAL J 92 72.94 -29.14 0.67
CA VAL J 92 72.94 -28.03 1.62
C VAL J 92 72.93 -26.72 0.84
N VAL J 93 72.77 -25.63 1.58
CA VAL J 93 72.84 -24.28 1.01
C VAL J 93 73.73 -23.43 1.91
N TYR J 94 74.70 -22.76 1.30
CA TYR J 94 75.59 -21.89 2.04
C TYR J 94 74.93 -20.52 2.27
N LEU J 95 75.43 -19.80 3.27
CA LEU J 95 74.88 -18.49 3.59
C LEU J 95 75.18 -17.45 2.52
N SER J 96 76.07 -17.75 1.57
CA SER J 96 76.32 -16.87 0.44
C SER J 96 75.32 -17.06 -0.69
N GLY J 97 74.36 -17.98 -0.54
CA GLY J 97 73.31 -18.15 -1.52
C GLY J 97 73.55 -19.20 -2.58
N LYS J 98 74.54 -20.07 -2.40
CA LYS J 98 74.85 -21.07 -3.41
C LYS J 98 74.42 -22.45 -2.93
N PRO J 99 73.34 -23.01 -3.49
CA PRO J 99 73.00 -24.41 -3.16
C PRO J 99 74.03 -25.37 -3.75
N ASP J 100 74.22 -26.49 -3.05
CA ASP J 100 75.21 -27.46 -3.49
C ASP J 100 74.87 -28.83 -2.92
N ARG J 101 75.46 -29.85 -3.51
CA ARG J 101 75.43 -31.20 -2.97
C ARG J 101 76.86 -31.61 -2.64
N ILE J 102 77.08 -32.02 -1.39
CA ILE J 102 78.40 -32.37 -0.88
C ILE J 102 78.29 -33.68 -0.12
N SER J 103 79.45 -34.21 0.25
CA SER J 103 79.54 -35.50 0.94
C SER J 103 79.50 -35.29 2.44
N LEU J 104 79.77 -36.36 3.20
CA LEU J 104 79.77 -36.25 4.65
C LEU J 104 81.02 -35.57 5.18
N VAL J 105 82.18 -35.82 4.55
CA VAL J 105 83.44 -35.27 5.05
C VAL J 105 83.47 -33.76 4.87
N GLN J 106 82.91 -33.26 3.77
CA GLN J 106 82.86 -31.82 3.55
C GLN J 106 81.79 -31.17 4.44
N THR J 107 80.73 -31.90 4.76
CA THR J 107 79.63 -31.34 5.53
C THR J 107 80.08 -30.94 6.93
N LEU J 108 80.71 -31.87 7.66
CA LEU J 108 81.15 -31.58 9.01
C LEU J 108 82.44 -30.77 9.04
N LYS J 109 83.18 -30.72 7.94
CA LYS J 109 84.33 -29.82 7.85
C LYS J 109 83.88 -28.36 7.86
N ASP J 110 82.77 -28.06 7.19
CA ASP J 110 82.23 -26.71 7.10
C ASP J 110 80.81 -26.67 7.67
N ALA J 111 80.60 -27.30 8.82
CA ALA J 111 79.28 -27.33 9.45
C ALA J 111 78.83 -25.97 9.97
N HIS J 112 79.73 -24.99 10.05
CA HIS J 112 79.41 -23.67 10.56
C HIS J 112 79.17 -22.66 9.45
N CYS J 113 79.13 -23.08 8.19
CA CYS J 113 78.97 -22.16 7.07
C CYS J 113 77.85 -22.55 6.12
N LEU J 114 77.04 -23.54 6.46
CA LEU J 114 75.97 -23.99 5.57
C LEU J 114 74.73 -24.33 6.41
N GLN J 115 73.68 -24.73 5.71
CA GLN J 115 72.43 -25.13 6.32
C GLN J 115 71.82 -26.26 5.51
N LEU J 116 71.28 -27.27 6.22
CA LEU J 116 70.60 -28.37 5.55
C LEU J 116 69.32 -27.86 4.90
N ALA J 117 69.09 -28.25 3.64
CA ALA J 117 67.96 -27.78 2.86
C ALA J 117 67.24 -28.98 2.25
N TYR J 118 66.15 -29.40 2.89
CA TYR J 118 65.34 -30.49 2.40
C TYR J 118 63.90 -30.02 2.27
N SER J 119 63.25 -30.43 1.18
CA SER J 119 61.88 -29.99 0.92
C SER J 119 60.92 -30.53 1.97
N ASN J 120 60.99 -31.83 2.24
CA ASN J 120 60.14 -32.43 3.27
C ASN J 120 60.76 -32.20 4.64
N PRO J 121 60.02 -31.62 5.60
CA PRO J 121 60.60 -31.36 6.93
C PRO J 121 61.05 -32.62 7.65
N MET J 122 60.36 -33.74 7.46
CA MET J 122 60.78 -34.98 8.10
C MET J 122 62.14 -35.45 7.61
N ASP J 123 62.47 -35.16 6.33
CA ASP J 123 63.76 -35.57 5.79
C ASP J 123 64.90 -34.86 6.51
N ARG J 124 64.80 -33.54 6.66
CA ARG J 124 65.86 -32.80 7.34
C ARG J 124 65.87 -33.10 8.84
N PHE J 125 64.71 -33.42 9.42
CA PHE J 125 64.69 -33.82 10.83
C PHE J 125 65.45 -35.12 11.05
N THR J 126 65.22 -36.13 10.20
CA THR J 126 65.95 -37.38 10.35
C THR J 126 67.42 -37.23 10.00
N VAL J 127 67.75 -36.35 9.04
CA VAL J 127 69.15 -36.10 8.73
C VAL J 127 69.86 -35.49 9.94
N PHE J 128 69.22 -34.51 10.59
CA PHE J 128 69.80 -33.92 11.79
C PHE J 128 69.91 -34.93 12.91
N ARG J 129 68.91 -35.81 13.06
CA ARG J 129 68.96 -36.81 14.12
C ARG J 129 70.10 -37.80 13.90
N PHE J 130 70.31 -38.24 12.66
CA PHE J 130 71.44 -39.12 12.37
C PHE J 130 72.77 -38.41 12.60
N LEU J 131 72.86 -37.13 12.21
CA LEU J 131 74.08 -36.37 12.46
C LEU J 131 74.36 -36.25 13.96
N LEU J 132 73.32 -36.00 14.74
CA LEU J 132 73.47 -35.90 16.20
C LEU J 132 73.90 -37.24 16.80
N ALA J 133 73.32 -38.34 16.32
CA ALA J 133 73.71 -39.65 16.83
C ALA J 133 75.16 -39.98 16.50
N LEU J 134 75.58 -39.66 15.27
CA LEU J 134 76.98 -39.87 14.89
C LEU J 134 77.92 -39.03 15.73
N GLY J 135 77.55 -37.77 15.98
CA GLY J 135 78.36 -36.93 16.86
C GLY J 135 78.41 -37.47 18.28
N TYR J 136 77.29 -38.01 18.77
CA TYR J 136 77.28 -38.60 20.10
C TYR J 136 78.21 -39.79 20.19
N TRP J 137 78.21 -40.65 19.17
CA TRP J 137 79.11 -41.81 19.18
C TRP J 137 80.56 -41.37 19.14
N CYS J 138 80.89 -40.43 18.26
CA CYS J 138 82.28 -40.01 18.14
C CYS J 138 82.76 -39.30 19.41
N PHE J 139 81.89 -38.50 20.04
CA PHE J 139 82.23 -37.90 21.33
C PHE J 139 82.40 -38.97 22.40
N ALA J 140 81.57 -40.01 22.37
CA ALA J 140 81.71 -41.10 23.32
C ALA J 140 83.03 -41.83 23.13
N ASN J 141 83.57 -41.84 21.90
CA ASN J 141 84.84 -42.48 21.63
C ASN J 141 86.00 -41.50 21.46
N THR J 142 85.78 -40.19 21.66
CA THR J 142 86.87 -39.22 21.66
C THR J 142 86.86 -38.27 22.84
N ASN J 143 85.75 -38.14 23.57
CA ASN J 143 85.63 -37.29 24.76
C ASN J 143 85.98 -35.83 24.48
N VAL J 144 85.42 -35.32 23.38
CA VAL J 144 85.56 -33.91 23.01
C VAL J 144 84.16 -33.30 22.93
N GLU J 145 83.95 -32.22 23.68
CA GLU J 145 82.67 -31.52 23.66
C GLU J 145 82.70 -30.39 22.64
N PRO J 146 81.77 -30.35 21.68
CA PRO J 146 81.78 -29.27 20.69
C PRO J 146 81.50 -27.92 21.31
N GLU J 147 82.11 -26.89 20.73
CA GLU J 147 81.98 -25.50 21.14
C GLU J 147 81.19 -24.72 20.11
N PRO J 148 80.41 -23.71 20.53
CA PRO J 148 79.71 -22.87 19.55
C PRO J 148 80.66 -22.08 18.68
N ASP J 149 80.20 -21.84 17.44
CA ASP J 149 80.83 -21.01 16.40
C ASP J 149 82.06 -21.68 15.81
N LYS J 150 82.46 -22.81 16.37
CA LYS J 150 83.51 -23.59 15.73
C LYS J 150 82.92 -24.38 14.56
N PRO J 151 83.73 -24.71 13.55
CA PRO J 151 83.22 -25.58 12.47
C PRO J 151 82.79 -26.93 13.02
N LEU J 152 83.74 -27.63 13.64
CA LEU J 152 83.50 -28.78 14.50
C LEU J 152 84.72 -28.98 15.37
N PRO J 153 84.61 -29.72 16.47
CA PRO J 153 85.80 -30.07 17.25
C PRO J 153 86.80 -30.88 16.43
N VAL J 154 88.08 -30.64 16.69
CA VAL J 154 89.15 -31.32 15.98
C VAL J 154 89.20 -32.78 16.44
N SER J 155 89.82 -33.64 15.60
CA SER J 155 89.91 -35.09 15.81
C SER J 155 88.54 -35.76 15.74
N TRP J 156 87.72 -35.31 14.81
CA TRP J 156 86.45 -35.94 14.47
C TRP J 156 86.42 -36.43 13.03
N ILE J 157 86.88 -35.60 12.10
CA ILE J 157 87.05 -36.05 10.71
C ILE J 157 88.06 -37.19 10.59
N PRO J 158 89.27 -37.11 11.19
CA PRO J 158 90.17 -38.28 11.09
C PRO J 158 89.61 -39.53 11.76
N TRP J 159 88.86 -39.37 12.85
CA TRP J 159 88.25 -40.54 13.49
C TRP J 159 87.21 -41.17 12.59
N LEU J 160 86.40 -40.35 11.91
CA LEU J 160 85.43 -40.91 10.97
C LEU J 160 86.11 -41.51 9.75
N GLU J 161 87.30 -41.01 9.40
CA GLU J 161 88.05 -41.63 8.31
C GLU J 161 88.70 -42.94 8.75
N GLU J 162 88.93 -43.13 10.05
CA GLU J 162 89.50 -44.38 10.54
C GLU J 162 88.60 -45.56 10.24
N ASN J 163 87.29 -45.39 10.43
CA ASN J 163 86.30 -46.45 10.28
C ASN J 163 85.42 -46.21 9.05
N LYS J 164 86.02 -45.77 7.94
CA LYS J 164 85.28 -45.44 6.75
C LYS J 164 84.64 -46.66 6.09
N GLU J 165 85.15 -47.87 6.37
CA GLU J 165 84.57 -49.07 5.81
C GLU J 165 83.22 -49.41 6.43
N TYR J 166 82.92 -48.86 7.61
CA TYR J 166 81.66 -49.17 8.27
C TYR J 166 80.46 -48.50 7.58
N PHE J 167 80.70 -47.40 6.88
CA PHE J 167 79.63 -46.66 6.20
C PHE J 167 79.52 -47.11 4.75
N GLU J 168 79.28 -48.40 4.57
CA GLU J 168 79.34 -49.03 3.25
C GLU J 168 77.93 -49.34 2.76
N LEU J 169 77.69 -49.06 1.48
CA LEU J 169 76.45 -49.39 0.81
C LEU J 169 76.78 -50.10 -0.50
N PHE J 170 75.97 -51.13 -0.82
CA PHE J 170 76.20 -52.02 -1.97
C PHE J 170 77.56 -52.70 -1.88
N GLY J 171 77.94 -53.09 -0.66
CA GLY J 171 79.21 -53.75 -0.42
C GLY J 171 79.14 -55.24 -0.70
N ASP J 172 79.94 -55.98 0.06
CA ASP J 172 79.98 -57.44 -0.05
C ASP J 172 79.45 -58.11 1.21
N GLY J 173 80.04 -57.81 2.36
CA GLY J 173 79.59 -58.41 3.60
C GLY J 173 79.18 -57.38 4.65
N LYS J 174 79.72 -56.17 4.53
CA LYS J 174 79.46 -55.09 5.46
C LYS J 174 78.55 -54.06 4.80
N ARG J 175 77.42 -53.76 5.45
CA ARG J 175 76.46 -52.81 4.92
C ARG J 175 75.98 -51.89 6.03
N PHE J 176 75.55 -50.69 5.65
CA PHE J 176 75.12 -49.67 6.58
C PHE J 176 73.60 -49.64 6.62
N PHE J 177 73.03 -49.79 7.82
CA PHE J 177 71.58 -49.78 8.05
C PHE J 177 70.87 -50.84 7.21
N GLN J 178 71.44 -52.03 7.15
CA GLN J 178 70.88 -53.12 6.34
C GLN J 178 71.03 -54.44 7.09
N ALA J 179 70.51 -55.51 6.51
CA ALA J 179 70.44 -56.80 7.19
C ALA J 179 70.51 -57.91 6.14
N ASP J 180 70.11 -59.11 6.56
CA ASP J 180 70.26 -60.32 5.74
C ASP J 180 69.31 -60.31 4.54
N PRO J 181 69.67 -61.02 3.46
CA PRO J 181 68.78 -61.09 2.26
C PRO J 181 67.56 -61.99 2.41
N SER J 182 66.50 -61.41 2.94
CA SER J 182 65.23 -62.12 3.04
C SER J 182 64.65 -62.38 1.65
N SER J 183 63.91 -63.49 1.55
CA SER J 183 63.36 -63.91 0.26
C SER J 183 62.23 -63.00 -0.22
N ARG J 184 61.58 -62.29 0.68
CA ARG J 184 60.51 -61.37 0.29
C ARG J 184 61.08 -60.19 -0.49
N ILE J 185 60.39 -59.81 -1.56
CA ILE J 185 60.83 -58.74 -2.45
C ILE J 185 59.75 -57.67 -2.48
N ARG J 186 60.18 -56.41 -2.30
CA ARG J 186 59.28 -55.27 -2.34
C ARG J 186 59.89 -54.16 -3.19
N ALA J 187 59.01 -53.29 -3.70
CA ALA J 187 59.45 -52.16 -4.49
C ALA J 187 60.18 -51.14 -3.62
N ILE J 188 61.06 -50.35 -4.26
CA ILE J 188 61.83 -49.34 -3.55
C ILE J 188 61.00 -48.16 -3.08
N THR J 189 59.76 -48.04 -3.57
CA THR J 189 58.90 -46.93 -3.20
C THR J 189 58.14 -47.17 -1.89
N ASP J 190 58.32 -48.32 -1.25
CA ASP J 190 57.64 -48.55 0.02
C ASP J 190 58.29 -47.77 1.15
N LEU J 191 59.59 -47.49 1.04
CA LEU J 191 60.28 -46.72 2.07
C LEU J 191 59.97 -45.24 2.00
N ILE J 192 59.30 -44.77 0.95
CA ILE J 192 58.93 -43.37 0.80
C ILE J 192 57.42 -43.27 0.97
N HIS J 193 57.00 -42.48 1.96
CA HIS J 193 55.57 -42.39 2.27
C HIS J 193 54.83 -41.57 1.23
N GLU J 194 55.43 -40.46 0.78
CA GLU J 194 54.74 -39.57 -0.15
C GLU J 194 54.55 -40.20 -1.52
N ILE J 195 55.42 -41.14 -1.88
CA ILE J 195 55.31 -41.86 -3.16
C ILE J 195 54.46 -43.10 -2.94
N PRO J 196 53.34 -43.26 -3.63
CA PRO J 196 52.46 -44.40 -3.36
C PRO J 196 53.08 -45.72 -3.80
N THR J 197 52.61 -46.79 -3.17
CA THR J 197 53.11 -48.14 -3.37
C THR J 197 51.91 -49.02 -3.75
N ALA J 198 52.10 -50.34 -3.71
CA ALA J 198 51.09 -51.31 -4.09
C ALA J 198 49.76 -51.11 -3.35
N HIS J 199 48.68 -51.59 -3.95
CA HIS J 199 47.29 -51.35 -3.53
C HIS J 199 47.04 -49.84 -3.58
N ASN J 200 46.10 -49.36 -2.76
CA ASN J 200 45.63 -47.97 -2.66
C ASN J 200 45.50 -47.27 -4.01
N LEU J 201 45.91 -46.00 -4.08
CA LEU J 201 45.77 -45.17 -5.27
C LEU J 201 47.13 -44.61 -5.68
N CYS J 202 47.15 -43.93 -6.83
CA CYS J 202 48.40 -43.38 -7.35
C CYS J 202 48.24 -41.94 -7.82
N HIS J 203 47.23 -41.23 -7.36
CA HIS J 203 47.07 -39.83 -7.71
C HIS J 203 48.10 -38.97 -7.00
N PHE J 204 48.34 -37.77 -7.56
CA PHE J 204 49.31 -36.76 -7.13
C PHE J 204 50.75 -37.18 -7.35
N LYS J 205 51.00 -38.42 -7.78
CA LYS J 205 52.36 -38.88 -8.05
C LYS J 205 52.23 -40.01 -9.08
N HIS J 206 52.42 -39.68 -10.35
CA HIS J 206 52.15 -40.61 -11.44
C HIS J 206 53.39 -41.47 -11.67
N VAL J 207 53.39 -42.64 -11.02
CA VAL J 207 54.48 -43.59 -11.10
C VAL J 207 53.88 -45.00 -11.13
N THR J 208 54.75 -45.99 -11.35
CA THR J 208 54.36 -47.40 -11.27
C THR J 208 55.51 -48.16 -10.63
N ASP J 209 55.18 -49.30 -10.02
CA ASP J 209 56.17 -50.08 -9.30
C ASP J 209 57.15 -50.73 -10.26
N TYR J 210 58.42 -50.81 -9.84
CA TYR J 210 59.54 -51.49 -10.48
C TYR J 210 60.00 -50.81 -11.77
N ILE J 211 59.33 -49.75 -12.23
CA ILE J 211 59.79 -49.00 -13.38
C ILE J 211 60.40 -47.66 -12.98
N ASP J 212 60.00 -47.09 -11.85
CA ASP J 212 60.58 -45.86 -11.33
C ASP J 212 61.44 -46.18 -10.13
N GLY J 213 62.67 -45.69 -10.13
CA GLY J 213 63.62 -46.03 -9.08
C GLY J 213 64.11 -44.85 -8.27
N LEU J 214 65.10 -45.07 -7.42
CA LEU J 214 65.66 -44.05 -6.55
C LEU J 214 67.17 -43.96 -6.76
N CYS J 215 67.70 -42.74 -6.69
CA CYS J 215 69.11 -42.51 -6.94
C CYS J 215 69.93 -42.88 -5.71
N GLU J 216 71.20 -42.50 -5.71
CA GLU J 216 72.14 -42.92 -4.67
C GLU J 216 72.07 -42.07 -3.41
N ALA J 217 71.21 -41.05 -3.37
CA ALA J 217 71.01 -40.24 -2.17
C ALA J 217 69.63 -40.41 -1.56
N CYS J 218 68.59 -40.53 -2.39
CA CYS J 218 67.24 -40.73 -1.89
C CYS J 218 67.06 -42.09 -1.23
N CYS J 219 67.84 -43.09 -1.63
CA CYS J 219 67.81 -44.37 -0.92
C CYS J 219 68.29 -44.21 0.51
N ILE J 220 69.36 -43.44 0.70
CA ILE J 220 69.85 -43.17 2.06
C ILE J 220 68.86 -42.28 2.80
N LYS J 221 68.16 -41.39 2.09
CA LYS J 221 67.09 -40.62 2.68
C LYS J 221 66.00 -41.52 3.25
N GLY J 222 65.58 -42.52 2.47
CA GLY J 222 64.60 -43.47 2.95
C GLY J 222 65.13 -44.33 4.09
N LEU J 223 66.41 -44.67 4.04
CA LEU J 223 67.02 -45.49 5.10
C LEU J 223 67.07 -44.73 6.42
N LEU J 224 67.40 -43.44 6.38
CA LEU J 224 67.49 -42.66 7.61
C LEU J 224 66.14 -42.36 8.23
N ARG J 225 65.05 -42.54 7.47
CA ARG J 225 63.71 -42.28 7.96
C ARG J 225 63.12 -43.46 8.74
N LEU J 226 63.83 -44.58 8.78
CA LEU J 226 63.30 -45.79 9.43
C LEU J 226 63.01 -45.66 10.92
N PRO J 227 63.93 -45.19 11.78
CA PRO J 227 63.71 -45.39 13.22
C PRO J 227 62.65 -44.49 13.84
N VAL J 228 62.22 -43.42 13.16
CA VAL J 228 61.39 -42.42 13.80
C VAL J 228 60.06 -42.19 13.10
N PHE J 229 59.87 -42.62 11.85
CA PHE J 229 58.64 -42.33 11.13
C PHE J 229 58.06 -43.59 10.52
N THR J 230 58.12 -44.70 11.26
CA THR J 230 57.58 -45.97 10.78
C THR J 230 56.13 -46.11 11.22
N THR J 231 55.23 -46.22 10.25
CA THR J 231 53.81 -46.30 10.52
C THR J 231 53.43 -47.69 11.05
N VAL J 232 52.20 -47.80 11.55
CA VAL J 232 51.72 -49.06 12.11
C VAL J 232 51.58 -50.11 11.02
N GLY J 233 50.94 -49.75 9.92
CA GLY J 233 50.76 -50.68 8.82
C GLY J 233 49.57 -51.61 9.02
N GLY J 234 49.43 -52.54 8.07
CA GLY J 234 48.37 -53.52 8.12
C GLY J 234 48.79 -54.73 8.93
N ARG J 235 48.81 -55.90 8.31
CA ARG J 235 49.42 -57.06 8.96
C ARG J 235 50.90 -56.78 9.19
N GLY J 236 51.36 -57.05 10.42
CA GLY J 236 52.63 -56.52 10.86
C GLY J 236 52.40 -55.20 11.57
N ILE J 237 51.55 -55.25 12.61
CA ILE J 237 51.09 -54.04 13.28
C ILE J 237 52.25 -53.31 13.96
N GLY J 238 53.21 -54.06 14.50
CA GLY J 238 54.36 -53.51 15.19
C GLY J 238 55.15 -52.48 14.39
N ALA J 239 55.07 -51.22 14.82
CA ALA J 239 55.64 -50.10 14.08
C ALA J 239 57.10 -49.87 14.42
N GLY J 240 57.38 -49.59 15.70
CA GLY J 240 58.75 -49.30 16.09
C GLY J 240 58.82 -48.91 17.55
N ILE J 241 59.90 -48.21 17.90
CA ILE J 241 60.16 -47.86 19.28
C ILE J 241 59.20 -46.80 19.80
N ASN J 242 58.50 -46.10 18.90
CA ASN J 242 57.52 -45.08 19.31
C ASN J 242 56.11 -45.41 18.87
N ASN J 243 55.88 -46.58 18.26
CA ASN J 243 54.59 -47.01 17.75
C ASN J 243 54.00 -45.97 16.79
N THR J 244 52.94 -45.30 17.22
CA THR J 244 52.39 -44.20 16.43
C THR J 244 53.36 -43.02 16.50
N PRO J 245 53.80 -42.48 15.37
CA PRO J 245 54.80 -41.40 15.39
C PRO J 245 54.23 -40.13 16.00
N PRO J 246 54.84 -39.64 17.08
CA PRO J 246 54.34 -38.42 17.73
C PRO J 246 54.96 -37.15 17.17
N PHE J 247 54.62 -36.01 17.77
CA PHE J 247 55.25 -34.75 17.44
C PHE J 247 56.73 -34.78 17.83
N TYR J 248 57.57 -34.15 17.04
CA TYR J 248 59.00 -34.07 17.32
C TYR J 248 59.39 -32.61 17.44
N LEU J 249 59.81 -32.21 18.63
CA LEU J 249 60.10 -30.82 18.93
C LEU J 249 61.58 -30.64 19.24
N LEU J 250 62.18 -29.58 18.69
CA LEU J 250 63.61 -29.37 18.85
C LEU J 250 63.91 -27.91 18.63
N TRP J 251 65.04 -27.45 19.16
CA TRP J 251 65.37 -26.03 19.13
C TRP J 251 66.18 -25.68 17.90
N HIS J 252 65.84 -24.55 17.29
CA HIS J 252 66.38 -24.13 16.00
C HIS J 252 67.57 -23.21 16.16
N ALA J 253 68.28 -23.01 15.05
CA ALA J 253 69.39 -22.07 14.97
C ALA J 253 69.51 -21.61 13.51
N ASN J 254 70.61 -20.92 13.21
CA ASN J 254 70.84 -20.43 11.85
C ASN J 254 72.00 -21.10 11.14
N ASP J 255 72.67 -22.06 11.78
CA ASP J 255 73.79 -22.77 11.17
C ASP J 255 73.81 -24.21 11.67
N LEU J 256 74.35 -25.10 10.85
CA LEU J 256 74.32 -26.53 11.17
C LEU J 256 75.17 -26.84 12.40
N ALA J 257 76.37 -26.27 12.48
CA ALA J 257 77.18 -26.43 13.68
C ALA J 257 76.52 -25.74 14.87
N GLY J 258 75.89 -24.59 14.62
CA GLY J 258 75.10 -23.94 15.65
C GLY J 258 73.87 -24.74 16.04
N MET J 259 73.23 -25.41 15.08
CA MET J 259 72.03 -26.18 15.37
C MET J 259 72.32 -27.35 16.32
N LEU J 260 73.48 -27.98 16.16
CA LEU J 260 73.84 -29.10 17.02
C LEU J 260 74.12 -28.67 18.46
N ALA J 261 74.47 -27.40 18.68
CA ALA J 261 74.82 -26.95 20.03
C ALA J 261 73.60 -26.86 20.94
N GLN J 262 72.48 -26.36 20.41
CA GLN J 262 71.27 -26.21 21.22
C GLN J 262 70.73 -27.56 21.68
N ASN J 263 70.78 -28.57 20.81
CA ASN J 263 70.25 -29.90 21.11
C ASN J 263 71.34 -30.88 21.48
N TRP J 264 72.41 -30.41 22.13
CA TRP J 264 73.51 -31.25 22.59
C TRP J 264 73.27 -31.58 24.06
N GLN J 265 72.68 -32.74 24.32
CA GLN J 265 72.36 -33.19 25.68
C GLN J 265 72.89 -34.60 25.87
N PRO J 266 74.17 -34.75 26.20
CA PRO J 266 74.72 -36.07 26.48
C PRO J 266 74.09 -36.70 27.71
N TRP J 267 73.97 -38.02 27.70
CA TRP J 267 73.36 -38.76 28.78
C TRP J 267 74.44 -39.40 29.65
N ASP J 268 73.99 -40.17 30.64
CA ASP J 268 74.92 -40.87 31.52
C ASP J 268 75.63 -42.01 30.78
N ASN J 269 74.88 -42.83 30.05
CA ASN J 269 75.43 -43.90 29.25
C ASN J 269 75.02 -43.71 27.80
N MET J 270 75.97 -43.86 26.89
CA MET J 270 75.69 -43.75 25.46
C MET J 270 75.36 -45.11 24.85
N GLY J 271 74.46 -45.85 25.51
CA GLY J 271 73.92 -47.11 25.05
C GLY J 271 74.88 -48.11 24.42
N ILE J 272 74.61 -48.45 23.17
CA ILE J 272 75.43 -49.38 22.40
C ILE J 272 75.22 -49.03 20.93
N PRO J 273 76.22 -49.23 20.06
CA PRO J 273 75.99 -49.00 18.63
C PRO J 273 74.96 -49.97 18.06
N ALA J 274 74.13 -49.46 17.15
CA ALA J 274 73.13 -50.26 16.46
C ALA J 274 73.30 -50.24 14.95
N TRP J 275 74.35 -49.60 14.43
CA TRP J 275 74.65 -49.58 13.00
C TRP J 275 76.05 -50.08 12.71
N LEU J 276 76.69 -50.72 13.70
CA LEU J 276 78.06 -51.19 13.57
C LEU J 276 78.14 -52.60 12.97
N GLY J 277 77.13 -53.01 12.22
CA GLY J 277 77.10 -54.34 11.65
C GLY J 277 76.67 -55.43 12.61
N SER J 278 76.15 -55.06 13.79
CA SER J 278 75.70 -56.01 14.79
C SER J 278 74.23 -55.77 15.08
N PHE J 279 73.43 -56.83 15.02
CA PHE J 279 72.02 -56.72 15.36
C PHE J 279 71.84 -56.42 16.85
N GLN J 280 72.71 -56.98 17.69
CA GLN J 280 72.91 -56.56 19.09
C GLN J 280 71.62 -56.67 19.91
N LYS J 281 71.20 -57.91 20.13
CA LYS J 281 70.11 -58.17 21.05
C LYS J 281 70.49 -57.68 22.45
N GLU J 282 69.84 -56.61 22.91
CA GLU J 282 70.15 -55.99 24.18
C GLU J 282 69.21 -56.49 25.27
N SER J 283 69.25 -55.84 26.43
CA SER J 283 68.37 -56.15 27.54
C SER J 283 67.12 -55.28 27.43
N ARG J 284 66.32 -55.25 28.50
CA ARG J 284 65.13 -54.41 28.53
C ARG J 284 65.48 -52.93 28.44
N GLU J 285 66.51 -52.50 29.17
CA GLU J 285 66.93 -51.10 29.13
C GLU J 285 67.85 -50.86 27.94
N VAL J 286 67.51 -49.85 27.14
CA VAL J 286 68.27 -49.53 25.94
C VAL J 286 68.92 -48.16 26.12
N GLY J 287 69.70 -47.73 25.12
CA GLY J 287 70.40 -46.48 25.21
C GLY J 287 70.24 -45.56 24.02
N LEU J 288 70.99 -44.46 24.00
CA LEU J 288 70.82 -43.44 22.98
C LEU J 288 71.29 -43.92 21.61
N LEU J 289 72.49 -44.50 21.54
CA LEU J 289 73.01 -44.94 20.26
C LEU J 289 72.26 -46.15 19.73
N ALA J 290 71.65 -46.94 20.62
CA ALA J 290 70.82 -48.05 20.21
C ALA J 290 69.35 -47.67 20.04
N GLY J 291 68.98 -46.44 20.40
CA GLY J 291 67.61 -46.00 20.27
C GLY J 291 67.39 -45.10 19.07
N MET J 292 68.34 -44.20 18.81
CA MET J 292 68.21 -43.29 17.68
C MET J 292 68.47 -43.98 16.34
N THR J 293 69.05 -45.18 16.36
CA THR J 293 69.40 -45.91 15.14
C THR J 293 68.68 -47.25 15.09
N TRP J 294 67.40 -47.26 15.45
CA TRP J 294 66.62 -48.49 15.44
C TRP J 294 66.33 -48.94 14.00
N LEU J 295 66.18 -50.24 13.83
CA LEU J 295 65.89 -50.85 12.54
C LEU J 295 64.64 -51.72 12.67
N PRO J 296 63.45 -51.12 12.60
CA PRO J 296 62.21 -51.90 12.77
C PRO J 296 61.97 -52.93 11.69
N ARG J 297 62.60 -52.82 10.51
CA ARG J 297 62.41 -53.75 9.42
C ARG J 297 63.75 -54.14 8.83
N LYS J 298 63.90 -55.43 8.50
CA LYS J 298 65.08 -55.88 7.79
C LYS J 298 65.04 -55.40 6.35
N VAL J 299 66.15 -54.81 5.89
CA VAL J 299 66.20 -54.10 4.62
C VAL J 299 67.47 -54.49 3.88
N TYR J 300 67.33 -54.72 2.57
CA TYR J 300 68.47 -55.04 1.71
C TYR J 300 68.20 -54.43 0.34
N LEU J 301 69.10 -53.56 -0.12
CA LEU J 301 68.94 -52.87 -1.39
C LEU J 301 69.68 -53.61 -2.50
N HIS J 302 69.03 -53.71 -3.65
CA HIS J 302 69.60 -54.41 -4.80
C HIS J 302 70.64 -53.53 -5.49
N ASP J 303 71.38 -54.14 -6.42
CA ASP J 303 72.44 -53.45 -7.13
C ASP J 303 71.87 -52.39 -8.07
N PRO J 304 72.65 -51.36 -8.41
CA PRO J 304 72.16 -50.34 -9.34
C PRO J 304 71.97 -50.89 -10.74
N VAL J 305 71.07 -50.25 -11.47
CA VAL J 305 70.73 -50.61 -12.85
C VAL J 305 71.20 -49.48 -13.76
N PRO J 306 71.93 -49.77 -14.84
CA PRO J 306 72.35 -48.70 -15.75
C PRO J 306 71.16 -48.07 -16.47
N GLY J 307 71.32 -46.79 -16.80
CA GLY J 307 70.27 -46.06 -17.47
C GLY J 307 70.56 -44.57 -17.46
N GLN J 308 69.52 -43.79 -17.74
CA GLN J 308 69.64 -42.34 -17.76
C GLN J 308 68.49 -41.61 -17.07
N ALA J 309 67.42 -42.31 -16.68
CA ALA J 309 66.24 -41.65 -16.13
C ALA J 309 66.52 -41.11 -14.73
N ALA J 310 65.66 -40.18 -14.31
CA ALA J 310 65.75 -39.57 -12.99
C ALA J 310 64.89 -40.35 -11.99
N CYS J 311 65.10 -40.06 -10.71
CA CYS J 311 64.34 -40.73 -9.67
C CYS J 311 63.00 -40.03 -9.45
N CYS J 312 62.15 -40.65 -8.65
CA CYS J 312 60.80 -40.16 -8.41
C CYS J 312 60.68 -39.29 -7.16
N SER J 313 61.79 -39.04 -6.45
CA SER J 313 61.77 -38.23 -5.25
C SER J 313 62.37 -36.85 -5.47
N CYS J 314 63.61 -36.77 -5.93
CA CYS J 314 64.26 -35.48 -6.16
C CYS J 314 64.30 -35.07 -7.62
N GLY J 315 64.21 -36.02 -8.54
CA GLY J 315 64.04 -35.71 -9.95
C GLY J 315 65.30 -35.35 -10.71
N LEU J 316 66.46 -35.43 -10.08
CA LEU J 316 67.70 -35.13 -10.81
C LEU J 316 68.07 -36.29 -11.72
N PRO J 317 68.33 -36.04 -13.00
CA PRO J 317 68.81 -37.12 -13.88
C PRO J 317 70.15 -37.67 -13.41
N SER J 318 70.30 -38.98 -13.55
CA SER J 318 71.48 -39.68 -13.06
C SER J 318 71.86 -40.76 -14.06
N GLU J 319 72.74 -41.66 -13.63
CA GLU J 319 73.15 -42.81 -14.44
C GLU J 319 72.71 -44.14 -13.86
N ALA J 320 72.57 -44.24 -12.55
CA ALA J 320 72.20 -45.48 -11.89
C ALA J 320 71.00 -45.25 -10.98
N LEU J 321 70.20 -46.30 -10.81
CA LEU J 321 69.02 -46.25 -9.96
C LEU J 321 68.83 -47.59 -9.28
N VAL J 322 68.06 -47.59 -8.20
CA VAL J 322 67.74 -48.80 -7.45
C VAL J 322 66.23 -49.03 -7.56
N TYR J 323 65.84 -50.24 -7.95
CA TYR J 323 64.45 -50.50 -8.32
C TYR J 323 63.73 -51.48 -7.40
N SER J 324 64.43 -52.18 -6.50
CA SER J 324 63.76 -53.13 -5.64
C SER J 324 64.54 -53.32 -4.35
N CYS J 325 63.88 -53.88 -3.35
CA CYS J 325 64.46 -54.08 -2.03
C CYS J 325 63.80 -55.27 -1.36
N SER J 326 64.41 -55.75 -0.28
CA SER J 326 63.91 -56.89 0.48
C SER J 326 63.51 -56.40 1.87
N ILE J 327 62.19 -56.30 2.09
CA ILE J 327 61.63 -55.77 3.33
C ILE J 327 60.73 -56.84 3.94
N GLU J 328 60.95 -57.14 5.22
CA GLU J 328 60.07 -58.01 5.98
C GLU J 328 59.98 -57.50 7.41
N VAL J 329 58.76 -57.51 7.95
CA VAL J 329 58.49 -56.80 9.20
C VAL J 329 59.11 -57.55 10.38
N GLU J 330 59.42 -56.80 11.44
CA GLU J 330 60.03 -57.35 12.64
C GLU J 330 59.40 -56.64 13.84
N PRO J 331 58.94 -57.38 14.85
CA PRO J 331 58.38 -56.72 16.03
C PRO J 331 59.41 -56.43 17.12
N VAL J 332 59.27 -55.25 17.73
CA VAL J 332 60.11 -54.86 18.85
C VAL J 332 59.71 -55.71 20.05
N PRO J 333 60.62 -56.02 20.97
CA PRO J 333 60.23 -56.75 22.18
C PRO J 333 59.27 -55.92 23.03
N LYS J 334 58.28 -56.60 23.60
CA LYS J 334 57.25 -55.93 24.38
C LYS J 334 57.81 -55.48 25.72
N GLY J 335 57.27 -54.36 26.22
CA GLY J 335 57.69 -53.84 27.51
C GLY J 335 59.04 -53.17 27.51
N LEU J 336 59.53 -52.72 26.36
CA LEU J 336 60.80 -52.02 26.31
C LEU J 336 60.70 -50.66 27.00
N GLU J 337 61.79 -50.26 27.64
CA GLU J 337 61.88 -48.97 28.31
C GLU J 337 62.75 -48.05 27.46
N TRP J 338 62.13 -47.03 26.87
CA TRP J 338 62.85 -46.06 26.04
C TRP J 338 62.05 -44.78 25.99
N LYS J 339 62.63 -43.70 26.51
CA LYS J 339 62.04 -42.37 26.40
C LYS J 339 62.77 -41.61 25.30
N ASP J 340 62.02 -41.22 24.26
CA ASP J 340 62.63 -40.51 23.14
C ASP J 340 63.06 -39.11 23.58
N PRO J 341 64.29 -38.69 23.28
CA PRO J 341 64.70 -37.33 23.65
C PRO J 341 63.87 -36.23 22.99
N HIS J 342 63.31 -36.48 21.82
CA HIS J 342 62.56 -35.46 21.09
C HIS J 342 61.08 -35.79 20.99
N GLY J 343 60.57 -36.72 21.79
CA GLY J 343 59.18 -37.09 21.73
C GLY J 343 58.30 -36.28 22.67
N VAL J 344 56.98 -36.48 22.54
CA VAL J 344 55.99 -35.85 23.40
C VAL J 344 54.96 -36.91 23.78
N TYR J 345 54.68 -37.02 25.08
CA TYR J 345 53.77 -38.03 25.60
C TYR J 345 52.66 -37.37 26.41
N THR J 346 51.48 -37.99 26.40
CA THR J 346 50.30 -37.33 26.96
C THR J 346 50.25 -37.45 28.48
N ASP J 347 50.04 -38.66 28.99
CA ASP J 347 50.02 -38.89 30.44
C ASP J 347 50.71 -40.17 30.88
N GLN J 348 50.83 -41.19 30.02
CA GLN J 348 51.34 -42.48 30.44
C GLN J 348 52.29 -43.08 29.39
N GLY J 349 52.99 -42.22 28.65
CA GLY J 349 53.88 -42.69 27.63
C GLY J 349 53.24 -42.92 26.27
N LYS J 350 51.93 -42.78 26.16
CA LYS J 350 51.27 -42.86 24.86
C LYS J 350 51.68 -41.66 24.01
N SER J 351 51.95 -41.92 22.74
CA SER J 351 52.47 -40.90 21.85
C SER J 351 51.39 -39.87 21.51
N LEU J 352 51.76 -38.59 21.57
CA LEU J 352 50.86 -37.50 21.19
C LEU J 352 51.07 -37.25 19.70
N GLN J 353 50.15 -37.76 18.89
CA GLN J 353 50.23 -37.58 17.44
C GLN J 353 49.48 -36.31 17.06
N SER J 354 49.33 -36.08 15.75
CA SER J 354 48.60 -34.92 15.24
C SER J 354 47.21 -35.38 14.82
N LYS J 355 46.19 -34.79 15.45
CA LYS J 355 44.81 -35.14 15.15
C LYS J 355 44.22 -34.21 14.09
N ILE J 356 44.91 -34.09 12.96
CA ILE J 356 44.45 -33.28 11.84
C ILE J 356 43.99 -34.21 10.73
N LYS J 357 42.76 -34.03 10.27
CA LYS J 357 42.20 -34.86 9.21
C LYS J 357 41.67 -33.99 8.08
N LEU J 358 40.99 -34.60 7.12
CA LEU J 358 40.41 -33.86 6.01
C LEU J 358 38.93 -33.57 6.20
N MET J 359 38.18 -34.53 6.71
CA MET J 359 36.74 -34.38 6.92
C MET J 359 36.46 -33.74 8.27
N SER J 360 35.46 -32.87 8.30
CA SER J 360 34.94 -32.34 9.56
C SER J 360 33.79 -33.24 10.00
N ASN J 361 33.92 -33.82 11.19
CA ASN J 361 32.90 -34.70 11.73
C ASN J 361 32.50 -34.21 13.11
N ASP J 362 31.79 -35.06 13.87
CA ASP J 362 31.56 -34.75 15.27
C ASP J 362 32.89 -34.73 16.03
N ARG J 363 32.93 -33.89 17.07
CA ARG J 363 34.06 -33.70 17.99
C ARG J 363 35.38 -33.33 17.28
N TYR J 364 35.30 -32.84 16.05
CA TYR J 364 36.49 -32.32 15.36
C TYR J 364 36.06 -31.38 14.25
N THR J 365 36.51 -30.13 14.32
CA THR J 365 36.33 -29.17 13.23
C THR J 365 37.70 -28.82 12.68
N PHE J 366 37.85 -28.94 11.36
CA PHE J 366 39.16 -28.78 10.73
C PHE J 366 39.61 -27.33 10.80
N ALA J 367 40.72 -27.09 11.49
CA ALA J 367 41.27 -25.76 11.66
C ALA J 367 42.71 -25.63 11.20
N ASP J 368 43.40 -26.74 10.93
CA ASP J 368 44.77 -26.81 10.42
C ASP J 368 45.80 -26.27 11.42
N ARG J 369 47.07 -26.67 11.25
CA ARG J 369 48.21 -26.17 12.02
C ARG J 369 48.01 -26.41 13.52
N ASP J 370 48.05 -27.70 13.88
CA ASP J 370 47.94 -28.13 15.28
C ASP J 370 49.26 -27.86 16.02
N TRP J 371 49.60 -26.58 16.11
CA TRP J 371 50.80 -26.18 16.85
C TRP J 371 50.54 -26.11 18.34
N TYR J 372 49.30 -25.84 18.74
CA TYR J 372 48.96 -25.66 20.15
C TYR J 372 48.90 -26.98 20.92
N SER J 373 48.72 -28.10 20.22
CA SER J 373 48.54 -29.38 20.90
C SER J 373 49.75 -29.84 21.72
N PRO J 374 50.99 -29.88 21.21
CA PRO J 374 52.09 -30.42 22.03
C PRO J 374 52.83 -29.39 22.87
N LEU J 375 52.30 -28.17 23.03
CA LEU J 375 52.97 -27.13 23.78
C LEU J 375 52.64 -27.16 25.26
N PHE J 376 52.19 -28.29 25.78
CA PHE J 376 52.00 -28.49 27.21
C PHE J 376 52.93 -29.55 27.77
N SER J 377 52.96 -30.74 27.17
CA SER J 377 53.78 -31.83 27.67
C SER J 377 55.26 -31.54 27.49
N TYR J 378 55.64 -30.91 26.36
CA TYR J 378 57.03 -30.59 26.15
C TYR J 378 57.50 -29.48 27.07
N LEU J 379 56.60 -28.60 27.49
CA LEU J 379 56.91 -27.52 28.42
C LEU J 379 56.59 -27.89 29.86
N HIS J 380 56.66 -29.18 30.19
CA HIS J 380 56.34 -29.66 31.53
C HIS J 380 57.36 -30.63 32.11
N ALA J 381 58.33 -31.10 31.33
CA ALA J 381 59.32 -32.08 31.79
C ALA J 381 60.71 -31.62 31.37
N GLU J 382 61.33 -30.80 32.21
CA GLU J 382 62.70 -30.31 32.01
C GLU J 382 62.87 -29.61 30.66
N GLY J 383 61.85 -28.86 30.25
CA GLY J 383 61.90 -28.16 28.98
C GLY J 383 61.45 -26.72 29.08
N ASN J 384 61.31 -26.23 30.30
CA ASN J 384 60.82 -24.86 30.52
C ASN J 384 61.95 -23.85 30.45
N SER J 385 62.72 -23.88 29.37
CA SER J 385 63.76 -22.90 29.09
C SER J 385 63.42 -22.19 27.79
N ARG J 386 64.35 -21.37 27.30
CA ARG J 386 64.16 -20.68 26.04
C ARG J 386 64.96 -21.30 24.90
N GLN J 387 66.27 -21.49 25.07
CA GLN J 387 67.17 -22.14 24.11
C GLN J 387 66.99 -21.64 22.67
N GLY J 388 66.67 -20.35 22.52
CA GLY J 388 66.42 -19.80 21.20
C GLY J 388 64.96 -19.98 20.80
N LYS J 389 64.74 -20.53 19.59
CA LYS J 389 63.42 -20.68 19.02
C LYS J 389 63.09 -22.16 18.86
N LEU J 390 61.82 -22.49 19.05
CA LEU J 390 61.35 -23.87 18.98
C LEU J 390 60.89 -24.21 17.57
N TRP J 391 60.97 -25.49 17.24
CA TRP J 391 60.62 -26.00 15.92
C TRP J 391 59.88 -27.32 16.11
N LEU J 392 58.64 -27.37 15.65
CA LEU J 392 57.77 -28.53 15.78
C LEU J 392 57.63 -29.20 14.41
N VAL J 393 57.87 -30.51 14.37
CA VAL J 393 57.68 -31.33 13.18
C VAL J 393 56.54 -32.30 13.49
N GLY J 394 55.46 -32.20 12.71
CA GLY J 394 54.29 -33.02 12.96
C GLY J 394 53.89 -33.87 11.78
N PHE J 395 53.86 -35.18 11.98
CA PHE J 395 53.44 -36.15 10.97
C PHE J 395 52.14 -36.79 11.44
N ALA J 396 51.10 -36.69 10.63
CA ALA J 396 49.77 -37.18 10.97
C ALA J 396 49.39 -38.31 10.04
N SER J 397 48.93 -39.41 10.62
CA SER J 397 48.53 -40.61 9.90
C SER J 397 47.51 -41.37 10.72
N ASP J 398 46.64 -42.10 10.03
CA ASP J 398 45.71 -43.02 10.69
C ASP J 398 46.05 -44.45 10.31
N LYS J 399 46.31 -45.29 11.32
CA LYS J 399 46.67 -46.69 11.16
C LYS J 399 47.84 -46.86 10.19
N ALA J 400 47.55 -47.18 8.93
CA ALA J 400 48.57 -47.32 7.90
C ALA J 400 48.65 -46.15 6.93
N LYS J 401 47.55 -45.43 6.72
CA LYS J 401 47.51 -44.37 5.72
C LYS J 401 48.05 -43.08 6.30
N SER J 402 48.98 -42.46 5.58
CA SER J 402 49.54 -41.18 5.99
C SER J 402 48.65 -40.04 5.52
N ILE J 403 48.47 -39.04 6.37
CA ILE J 403 47.57 -37.93 6.11
C ILE J 403 48.33 -36.65 5.75
N ASP J 404 49.28 -36.26 6.58
CA ASP J 404 49.94 -34.97 6.35
C ASP J 404 51.29 -34.94 7.06
N ILE J 405 52.14 -34.00 6.63
CA ILE J 405 53.37 -33.65 7.33
C ILE J 405 53.52 -32.13 7.28
N TRP J 406 53.82 -31.51 8.41
CA TRP J 406 54.03 -30.07 8.44
C TRP J 406 55.04 -29.73 9.53
N ASP J 407 55.38 -28.44 9.59
CA ASP J 407 56.30 -27.98 10.61
C ASP J 407 55.95 -26.54 10.98
N LYS J 408 56.39 -26.09 12.15
CA LYS J 408 56.12 -24.75 12.63
C LYS J 408 57.31 -24.23 13.42
N ILE J 409 57.66 -22.97 13.20
CA ILE J 409 58.69 -22.31 14.00
C ILE J 409 57.99 -21.37 14.98
N ILE J 410 58.58 -21.22 16.16
CA ILE J 410 57.99 -20.40 17.22
C ILE J 410 59.12 -19.66 17.93
N GLU J 411 59.00 -18.34 18.04
CA GLU J 411 59.93 -17.56 18.83
C GLU J 411 59.59 -17.73 20.31
N LEU J 412 60.51 -18.33 21.07
CA LEU J 412 60.25 -18.75 22.44
C LEU J 412 61.29 -18.19 23.39
N GLU J 413 61.52 -16.87 23.33
CA GLU J 413 62.42 -16.19 24.25
C GLU J 413 61.66 -15.49 25.38
N GLY J 414 60.58 -16.09 25.86
CA GLY J 414 59.82 -15.56 26.97
C GLY J 414 60.14 -16.25 28.28
N THR J 415 59.36 -15.88 29.31
CA THR J 415 59.53 -16.40 30.65
C THR J 415 58.63 -17.62 30.87
N ASP J 416 58.50 -18.04 32.13
CA ASP J 416 57.62 -19.15 32.47
C ASP J 416 56.15 -18.70 32.41
N THR J 417 55.26 -19.69 32.46
CA THR J 417 53.84 -19.47 32.26
C THR J 417 53.07 -20.24 33.32
N ASN J 418 51.89 -19.73 33.68
CA ASN J 418 51.00 -20.47 34.57
C ASN J 418 50.43 -21.69 33.85
N ASP J 419 50.28 -22.78 34.59
CA ASP J 419 49.91 -24.06 33.99
C ASP J 419 48.46 -24.06 33.51
N GLU J 420 47.57 -23.35 34.20
CA GLU J 420 46.16 -23.38 33.85
C GLU J 420 45.89 -22.75 32.50
N LEU J 421 46.45 -21.55 32.26
CA LEU J 421 46.22 -20.87 30.99
C LEU J 421 46.88 -21.62 29.83
N LEU J 422 48.03 -22.23 30.08
CA LEU J 422 48.70 -23.02 29.05
C LEU J 422 47.90 -24.28 28.72
N ALA J 423 47.31 -24.91 29.73
CA ALA J 423 46.47 -26.07 29.49
C ALA J 423 45.20 -25.67 28.73
N GLN J 424 44.67 -24.47 29.01
CA GLN J 424 43.54 -23.98 28.23
C GLN J 424 43.96 -23.69 26.79
N LEU J 425 45.17 -23.20 26.59
CA LEU J 425 45.68 -22.98 25.24
C LEU J 425 45.80 -24.28 24.47
N ALA J 426 46.26 -25.34 25.13
CA ALA J 426 46.32 -26.63 24.46
C ALA J 426 44.98 -27.37 24.50
N ASN J 427 43.89 -26.66 24.16
CA ASN J 427 42.58 -27.27 23.98
C ASN J 427 41.79 -26.57 22.88
N ARG J 428 42.47 -25.89 21.95
CA ARG J 428 41.80 -25.06 20.96
C ARG J 428 40.96 -25.89 20.01
N ALA J 429 41.35 -27.14 19.74
CA ALA J 429 40.55 -27.98 18.85
C ALA J 429 39.17 -28.24 19.44
N THR J 430 39.11 -28.61 20.72
CA THR J 430 37.83 -28.84 21.38
C THR J 430 37.06 -27.53 21.52
N ALA J 431 37.75 -26.42 21.79
CA ALA J 431 37.08 -25.14 21.90
C ALA J 431 36.41 -24.74 20.58
N LEU J 432 37.13 -24.92 19.46
CA LEU J 432 36.57 -24.58 18.16
C LEU J 432 35.47 -25.54 17.74
N ASN J 433 35.58 -26.82 18.10
CA ASN J 433 34.49 -27.75 17.81
C ASN J 433 33.24 -27.39 18.60
N ALA J 434 33.40 -26.96 19.86
CA ALA J 434 32.25 -26.50 20.63
C ALA J 434 31.66 -25.22 20.05
N MET J 435 32.52 -24.35 19.51
CA MET J 435 32.02 -23.18 18.78
C MET J 435 31.19 -23.57 17.57
N ARG J 436 31.69 -24.50 16.76
CA ARG J 436 31.02 -24.86 15.52
C ARG J 436 29.74 -25.65 15.76
N LYS J 437 29.69 -26.47 16.81
CA LYS J 437 28.56 -27.37 17.02
C LYS J 437 27.30 -26.64 17.48
N LYS J 438 27.39 -25.40 17.92
CA LYS J 438 26.21 -24.67 18.38
C LYS J 438 25.36 -24.26 17.18
N PRO J 439 24.08 -24.65 17.13
CA PRO J 439 23.25 -24.31 15.97
C PRO J 439 22.86 -22.83 15.92
N LEU J 440 22.10 -22.45 14.90
CA LEU J 440 21.80 -21.04 14.66
C LEU J 440 20.80 -20.49 15.68
N ARG J 441 19.64 -21.15 15.82
CA ARG J 441 18.61 -20.68 16.73
C ARG J 441 18.37 -21.61 17.90
N GLY J 442 18.94 -22.81 17.89
CA GLY J 442 18.79 -23.74 18.99
C GLY J 442 17.91 -24.91 18.67
N ASP J 443 18.52 -26.04 18.30
CA ASP J 443 17.76 -27.24 17.94
C ASP J 443 18.29 -28.48 18.64
N PHE J 444 19.58 -28.49 18.96
CA PHE J 444 20.28 -29.58 19.63
C PHE J 444 20.16 -30.85 18.79
N LYS J 445 19.72 -31.97 19.36
CA LYS J 445 19.70 -33.30 18.75
C LYS J 445 21.13 -33.65 18.30
N LYS J 446 21.45 -33.52 17.01
CA LYS J 446 22.75 -33.91 16.49
C LYS J 446 23.23 -32.97 15.37
N SER J 447 22.73 -31.75 15.34
CA SER J 447 22.98 -30.84 14.22
C SER J 447 24.45 -30.48 14.11
N VAL J 448 24.85 -30.09 12.91
CA VAL J 448 26.24 -29.76 12.61
C VAL J 448 26.51 -28.31 12.98
N GLY J 449 25.56 -27.66 13.63
CA GLY J 449 25.71 -26.28 14.02
C GLY J 449 25.65 -25.34 12.84
N THR J 450 26.57 -24.40 12.77
CA THR J 450 26.65 -23.47 11.65
C THR J 450 27.86 -23.83 10.80
N PRO J 451 27.67 -24.45 9.63
CA PRO J 451 28.83 -24.78 8.78
C PRO J 451 29.52 -23.57 8.18
N GLN J 452 28.85 -22.41 8.12
CA GLN J 452 29.49 -21.22 7.59
C GLN J 452 30.55 -20.67 8.53
N ILE J 453 30.45 -20.98 9.84
CA ILE J 453 31.51 -20.62 10.77
C ILE J 453 32.75 -21.45 10.50
N ALA J 454 32.57 -22.72 10.14
CA ALA J 454 33.69 -23.61 9.88
C ALA J 454 34.51 -23.19 8.67
N ASP J 455 33.94 -22.39 7.77
CA ASP J 455 34.68 -21.91 6.61
C ASP J 455 35.64 -20.78 6.97
N ILE J 456 35.31 -19.99 7.99
CA ILE J 456 36.16 -18.85 8.38
C ILE J 456 37.14 -19.19 9.50
N ILE J 457 37.03 -20.37 10.10
CA ILE J 457 37.95 -20.74 11.17
C ILE J 457 39.39 -20.88 10.70
N PRO J 458 39.71 -21.58 9.59
CA PRO J 458 41.13 -21.70 9.19
C PRO J 458 41.79 -20.39 8.81
N HIS J 459 41.05 -19.35 8.47
CA HIS J 459 41.69 -18.06 8.21
C HIS J 459 41.97 -17.31 9.50
N ALA J 460 41.06 -17.37 10.46
CA ALA J 460 41.27 -16.67 11.73
C ALA J 460 42.36 -17.34 12.56
N GLU J 461 42.52 -18.66 12.43
CA GLU J 461 43.58 -19.34 13.16
C GLU J 461 44.95 -19.10 12.55
N ASN J 462 45.02 -18.81 11.25
CA ASN J 462 46.29 -18.47 10.64
C ASN J 462 46.74 -17.06 11.02
N ARG J 463 45.79 -16.17 11.32
CA ARG J 463 46.15 -14.84 11.78
C ARG J 463 46.62 -14.85 13.22
N ILE J 464 46.03 -15.73 14.05
CA ILE J 464 46.45 -15.86 15.43
C ILE J 464 47.87 -16.42 15.51
N ALA J 465 48.18 -17.38 14.64
CA ALA J 465 49.47 -18.06 14.66
C ALA J 465 50.65 -17.16 14.31
N ILE J 466 50.40 -15.96 13.79
CA ILE J 466 51.49 -15.02 13.57
C ILE J 466 52.14 -14.63 14.90
N ASN J 467 51.31 -14.30 15.89
CA ASN J 467 51.78 -14.01 17.24
C ASN J 467 51.60 -15.26 18.12
N ALA J 468 52.34 -16.30 17.76
CA ALA J 468 52.27 -17.55 18.52
C ALA J 468 53.25 -17.58 19.68
N GLY J 469 54.37 -16.85 19.58
CA GLY J 469 55.29 -16.76 20.70
C GLY J 469 54.71 -15.98 21.88
N LYS J 470 54.02 -14.88 21.59
CA LYS J 470 53.38 -14.11 22.65
C LYS J 470 52.22 -14.85 23.27
N MET J 471 51.50 -15.65 22.47
CA MET J 471 50.29 -16.31 22.95
C MET J 471 50.58 -17.36 24.01
N THR J 472 51.70 -18.07 23.87
CA THR J 472 51.99 -19.18 24.78
C THR J 472 52.29 -18.68 26.19
N GLU J 473 53.14 -17.66 26.32
CA GLU J 473 53.61 -17.20 27.61
C GLU J 473 52.87 -15.97 28.12
N ASN J 474 51.84 -15.52 27.41
CA ASN J 474 51.00 -14.37 27.80
C ASN J 474 51.83 -13.11 28.01
N ARG J 475 52.82 -12.90 27.15
CA ARG J 475 53.70 -11.75 27.22
C ARG J 475 53.29 -10.65 26.25
N GLY J 476 51.99 -10.48 26.05
CA GLY J 476 51.48 -9.48 25.14
C GLY J 476 50.27 -9.98 24.37
N TYR J 477 49.90 -11.23 24.59
CA TYR J 477 48.79 -11.86 23.90
C TYR J 477 48.03 -12.74 24.88
N SER J 478 46.77 -13.02 24.53
CA SER J 478 45.91 -13.83 25.38
C SER J 478 44.80 -14.43 24.53
N TRP J 479 44.07 -15.38 25.13
CA TRP J 479 42.89 -15.94 24.49
C TRP J 479 41.84 -14.87 24.22
N GLN J 480 41.64 -13.98 25.19
CA GLN J 480 40.71 -12.87 25.00
C GLN J 480 41.21 -11.89 23.94
N ASP J 481 42.53 -11.81 23.75
CA ASP J 481 43.07 -11.02 22.66
C ASP J 481 42.80 -11.71 21.33
N ALA J 482 42.91 -13.04 21.29
CA ALA J 482 42.65 -13.78 20.08
C ALA J 482 41.18 -13.83 19.71
N ASP J 483 40.29 -13.60 20.68
CA ASP J 483 38.86 -13.62 20.39
C ASP J 483 38.41 -12.46 19.51
N THR J 484 39.22 -11.39 19.42
CA THR J 484 38.84 -10.24 18.60
C THR J 484 39.10 -10.47 17.12
N GLU J 485 39.85 -11.51 16.75
CA GLU J 485 40.08 -11.78 15.33
C GLU J 485 38.82 -12.28 14.64
N TYR J 486 37.95 -12.98 15.37
CA TYR J 486 36.73 -13.49 14.78
C TYR J 486 35.68 -12.41 14.57
N GLY J 487 35.85 -11.24 15.19
CA GLY J 487 34.87 -10.18 15.06
C GLY J 487 34.80 -9.59 13.66
N GLU J 488 35.93 -9.51 12.96
CA GLU J 488 35.94 -8.93 11.62
C GLU J 488 35.19 -9.81 10.63
N LEU J 489 35.18 -11.12 10.85
CA LEU J 489 34.56 -12.05 9.90
C LEU J 489 33.18 -12.51 10.32
N LEU J 490 32.87 -12.52 11.62
CA LEU J 490 31.55 -12.95 12.05
C LEU J 490 30.48 -11.95 11.66
N THR J 491 30.84 -10.67 11.52
CA THR J 491 29.89 -9.69 10.98
C THR J 491 29.54 -10.00 9.53
N LYS J 492 30.54 -10.37 8.72
CA LYS J 492 30.28 -10.72 7.33
C LYS J 492 29.51 -12.03 7.22
N VAL J 493 29.70 -12.95 8.17
CA VAL J 493 28.88 -14.16 8.18
C VAL J 493 27.45 -13.83 8.58
N ALA J 494 27.27 -12.92 9.55
CA ALA J 494 25.93 -12.59 10.05
C ALA J 494 25.13 -11.79 9.03
N TYR J 495 25.79 -10.99 8.20
CA TYR J 495 25.08 -10.31 7.13
C TYR J 495 24.52 -11.28 6.10
N SER J 496 25.09 -12.47 5.99
CA SER J 496 24.58 -13.51 5.11
C SER J 496 23.57 -14.41 5.78
N LEU J 497 23.74 -14.69 7.08
CA LEU J 497 22.84 -15.60 7.78
C LEU J 497 21.51 -14.95 8.13
N GLU J 498 21.49 -13.64 8.35
CA GLU J 498 20.25 -12.91 8.66
C GLU J 498 20.13 -11.75 7.69
N PRO J 499 19.74 -12.01 6.44
CA PRO J 499 19.79 -10.99 5.40
C PRO J 499 18.61 -10.02 5.40
N ALA J 500 17.63 -10.22 6.27
CA ALA J 500 16.46 -9.36 6.29
C ALA J 500 16.81 -7.97 6.80
N GLN J 501 16.12 -6.97 6.26
CA GLN J 501 16.32 -5.58 6.67
C GLN J 501 15.37 -5.17 7.77
N THR J 502 14.72 -6.12 8.43
CA THR J 502 13.76 -5.80 9.50
C THR J 502 14.52 -5.52 10.79
N VAL J 503 13.78 -5.49 11.90
CA VAL J 503 14.33 -5.08 13.18
C VAL J 503 14.76 -6.28 14.02
N ASP J 504 13.96 -7.35 14.02
CA ASP J 504 14.38 -8.56 14.73
C ASP J 504 15.61 -9.19 14.10
N ALA J 505 15.79 -9.00 12.79
CA ALA J 505 17.00 -9.48 12.12
C ALA J 505 18.24 -8.75 12.64
N ARG J 506 18.11 -7.46 12.92
CA ARG J 506 19.23 -6.70 13.47
C ARG J 506 19.63 -7.22 14.85
N LEU J 507 18.64 -7.53 15.70
CA LEU J 507 18.93 -8.09 17.01
C LEU J 507 19.53 -9.48 16.91
N LYS J 508 19.05 -10.28 15.95
CA LYS J 508 19.63 -11.60 15.73
C LYS J 508 21.09 -11.50 15.28
N ARG J 509 21.40 -10.54 14.40
CA ARG J 509 22.78 -10.31 13.99
C ARG J 509 23.64 -9.87 15.17
N GLY J 510 23.11 -8.98 16.01
CA GLY J 510 23.86 -8.51 17.17
C GLY J 510 24.15 -9.63 18.15
N ASN J 511 23.20 -10.56 18.32
CA ASN J 511 23.44 -11.70 19.19
C ASN J 511 24.39 -12.72 18.56
N PHE J 512 24.35 -12.88 17.22
CA PHE J 512 25.21 -13.84 16.56
C PHE J 512 26.65 -13.35 16.47
N ILE J 513 26.87 -12.04 16.45
CA ILE J 513 28.23 -11.50 16.31
C ILE J 513 29.08 -11.86 17.51
N SER J 514 28.49 -11.90 18.70
CA SER J 514 29.18 -12.08 19.98
C SER J 514 29.74 -13.49 20.19
N ARG J 515 29.76 -14.41 19.23
CA ARG J 515 30.26 -15.75 19.50
C ARG J 515 31.78 -15.76 19.62
N LYS J 516 32.28 -16.37 20.68
CA LYS J 516 33.71 -16.50 20.94
C LYS J 516 33.99 -17.91 21.43
N PRO J 517 35.19 -18.44 21.17
CA PRO J 517 35.53 -19.77 21.69
C PRO J 517 35.62 -19.76 23.22
N TRP J 518 35.23 -20.89 23.81
CA TRP J 518 35.20 -21.00 25.26
C TRP J 518 36.28 -21.96 25.74
N PRO J 519 37.25 -21.50 26.52
CA PRO J 519 38.33 -22.39 26.98
C PRO J 519 37.81 -23.37 28.03
N ILE J 520 38.01 -24.66 27.75
CA ILE J 520 37.65 -25.73 28.67
C ILE J 520 38.82 -26.70 28.75
N ILE J 521 38.86 -27.47 29.84
CA ILE J 521 39.92 -28.44 30.05
C ILE J 521 39.35 -29.86 29.97
N ASN K 2 14.64 18.10 -0.14
CA ASN K 2 13.73 18.38 -1.24
C ASN K 2 12.94 19.67 -0.98
N ARG K 3 12.28 20.17 -2.02
CA ARG K 3 11.43 21.35 -1.91
C ARG K 3 10.00 21.10 -2.33
N GLY K 4 9.75 20.17 -3.25
CA GLY K 4 8.39 19.80 -3.56
C GLY K 4 7.67 19.17 -2.38
N THR K 5 8.38 18.38 -1.59
CA THR K 5 7.80 17.78 -0.39
C THR K 5 7.45 18.84 0.65
N VAL K 6 8.33 19.80 0.87
CA VAL K 6 8.09 20.85 1.86
C VAL K 6 6.89 21.69 1.45
N ASP K 7 6.82 22.06 0.17
CA ASP K 7 5.69 22.83 -0.33
C ASP K 7 4.39 22.03 -0.26
N PHE K 8 4.46 20.72 -0.53
CA PHE K 8 3.28 19.87 -0.42
C PHE K 8 2.77 19.81 1.00
N ILE K 9 3.68 19.66 1.97
CA ILE K 9 3.26 19.59 3.37
C ILE K 9 2.68 20.93 3.82
N ALA K 10 3.31 22.04 3.41
CA ALA K 10 2.79 23.35 3.77
C ALA K 10 1.40 23.56 3.18
N SER K 11 1.19 23.13 1.94
CA SER K 11 -0.13 23.23 1.32
C SER K 11 -1.16 22.36 2.04
N LEU K 12 -0.74 21.17 2.48
CA LEU K 12 -1.67 20.30 3.22
C LEU K 12 -2.06 20.91 4.56
N GLU K 13 -1.10 21.52 5.27
CA GLU K 13 -1.43 22.18 6.52
C GLU K 13 -2.17 23.50 6.30
N ASN K 14 -2.18 24.04 5.08
CA ASN K 14 -2.96 25.24 4.81
C ASN K 14 -4.45 24.97 4.67
N LEU K 15 -4.87 23.70 4.63
CA LEU K 15 -6.27 23.35 4.42
C LEU K 15 -7.10 23.68 5.66
N LYS K 16 -8.41 23.78 5.44
CA LYS K 16 -9.38 24.05 6.49
C LYS K 16 -10.23 22.80 6.74
N GLU K 17 -11.25 22.94 7.58
CA GLU K 17 -11.99 21.78 8.07
C GLU K 17 -12.81 21.12 6.96
N GLY K 18 -13.32 21.91 6.01
CA GLY K 18 -14.13 21.33 4.95
C GLY K 18 -13.35 20.41 4.04
N ASP K 19 -12.17 20.85 3.59
CA ASP K 19 -11.35 20.02 2.72
C ASP K 19 -10.74 18.86 3.48
N LEU K 20 -10.41 19.05 4.75
CA LEU K 20 -9.95 17.94 5.58
C LEU K 20 -11.03 16.89 5.73
N GLY K 21 -12.29 17.32 5.89
CA GLY K 21 -13.38 16.36 5.91
C GLY K 21 -13.59 15.67 4.58
N ILE K 22 -13.39 16.40 3.48
CA ILE K 22 -13.47 15.81 2.15
C ILE K 22 -12.44 14.69 2.00
N LEU K 23 -11.22 14.94 2.47
CA LEU K 23 -10.19 13.90 2.40
C LEU K 23 -10.45 12.79 3.40
N ARG K 24 -11.04 13.12 4.56
CA ARG K 24 -11.29 12.13 5.60
C ARG K 24 -12.38 11.15 5.19
N LYS K 25 -13.36 11.59 4.40
CA LYS K 25 -14.40 10.69 3.92
C LYS K 25 -13.88 9.66 2.93
N LEU K 26 -12.65 9.81 2.42
CA LEU K 26 -12.14 9.00 1.32
C LEU K 26 -11.04 8.04 1.75
N ARG K 27 -10.90 7.76 3.04
CA ARG K 27 -9.87 6.84 3.47
C ARG K 27 -10.22 5.41 3.08
N GLY K 28 -9.21 4.67 2.62
CA GLY K 28 -9.41 3.34 2.09
C GLY K 28 -9.82 3.30 0.63
N ALA K 29 -9.82 4.43 -0.06
CA ALA K 29 -10.24 4.51 -1.45
C ALA K 29 -9.09 4.97 -2.33
N ARG K 30 -9.24 4.74 -3.63
CA ARG K 30 -8.24 5.14 -4.61
C ARG K 30 -8.41 6.61 -4.95
N LEU K 31 -7.72 7.07 -6.00
CA LEU K 31 -7.80 8.46 -6.43
C LEU K 31 -8.76 8.66 -7.59
N ASP K 32 -8.93 7.65 -8.45
CA ASP K 32 -9.79 7.77 -9.63
C ASP K 32 -11.23 7.35 -9.36
N GLU K 33 -11.69 7.45 -8.12
CA GLU K 33 -13.02 7.00 -7.76
C GLU K 33 -14.00 8.16 -7.56
N LYS K 34 -13.67 9.12 -6.69
CA LYS K 34 -14.56 10.23 -6.37
C LYS K 34 -14.02 11.52 -6.93
N LEU K 35 -14.87 12.26 -7.64
CA LEU K 35 -14.45 13.50 -8.29
C LEU K 35 -14.02 14.61 -7.33
N PRO K 36 -14.71 14.90 -6.20
CA PRO K 36 -14.20 15.97 -5.31
C PRO K 36 -12.81 15.72 -4.75
N GLY K 37 -12.50 14.48 -4.39
CA GLY K 37 -11.16 14.18 -3.90
C GLY K 37 -10.10 14.34 -4.98
N PHE K 38 -10.41 13.87 -6.19
CA PHE K 38 -9.48 14.04 -7.30
C PHE K 38 -9.25 15.51 -7.60
N ASP K 39 -10.32 16.32 -7.59
CA ASP K 39 -10.18 17.75 -7.86
C ASP K 39 -9.35 18.44 -6.80
N LEU K 40 -9.60 18.13 -5.52
CA LEU K 40 -8.86 18.76 -4.45
C LEU K 40 -7.38 18.38 -4.50
N PHE K 41 -7.09 17.09 -4.68
CA PHE K 41 -5.70 16.65 -4.72
C PHE K 41 -4.97 17.19 -5.94
N SER K 42 -5.65 17.23 -7.09
CA SER K 42 -5.04 17.79 -8.30
C SER K 42 -4.72 19.26 -8.11
N ALA K 43 -5.68 20.03 -7.60
CA ALA K 43 -5.45 21.45 -7.39
C ALA K 43 -4.43 21.73 -6.29
N LEU K 44 -4.17 20.77 -5.42
CA LEU K 44 -3.12 20.94 -4.42
C LEU K 44 -1.75 20.49 -4.91
N TRP K 45 -1.68 19.53 -5.82
CA TRP K 45 -0.42 18.87 -6.16
C TRP K 45 0.14 19.21 -7.53
N TRP K 46 -0.72 19.43 -8.54
CA TRP K 46 -0.23 19.57 -9.91
C TRP K 46 0.70 20.76 -10.15
N PRO K 47 0.45 22.00 -9.63
CA PRO K 47 1.45 23.06 -9.83
C PRO K 47 2.82 22.73 -9.25
N LEU K 48 2.85 22.04 -8.12
CA LEU K 48 4.12 21.66 -7.52
C LEU K 48 4.86 20.64 -8.38
N ARG K 49 4.12 19.69 -8.97
CA ARG K 49 4.74 18.71 -9.86
C ARG K 49 5.26 19.37 -11.13
N GLN K 50 4.49 20.31 -11.70
CA GLN K 50 4.93 20.97 -12.91
C GLN K 50 6.06 21.97 -12.65
N LYS K 51 6.25 22.40 -11.40
CA LYS K 51 7.38 23.26 -11.08
C LYS K 51 8.62 22.46 -10.72
N ASN K 52 8.53 21.63 -9.68
CA ASN K 52 9.67 20.86 -9.19
C ASN K 52 9.69 19.48 -9.85
N GLN K 53 10.86 19.10 -10.37
CA GLN K 53 10.96 17.81 -11.06
C GLN K 53 10.97 16.64 -10.07
N ARG K 54 11.42 16.86 -8.84
CA ARG K 54 11.52 15.79 -7.85
C ARG K 54 10.42 15.87 -6.81
N ALA K 55 9.23 16.28 -7.23
CA ALA K 55 8.06 16.26 -6.36
C ALA K 55 7.66 14.81 -6.08
N PRO K 56 6.97 14.56 -4.97
CA PRO K 56 6.54 13.18 -4.66
C PRO K 56 5.59 12.64 -5.72
N LYS K 57 5.62 11.32 -5.90
CA LYS K 57 4.76 10.67 -6.86
C LYS K 57 3.30 10.76 -6.41
N ARG K 58 2.40 10.44 -7.33
CA ARG K 58 0.97 10.60 -7.06
C ARG K 58 0.48 9.69 -5.94
N GLU K 59 0.93 8.43 -5.95
CA GLU K 59 0.47 7.47 -4.94
C GLU K 59 0.97 7.85 -3.55
N VAL K 60 2.25 8.22 -3.43
CA VAL K 60 2.81 8.62 -2.15
C VAL K 60 2.14 9.87 -1.62
N ALA K 61 1.93 10.87 -2.49
CA ALA K 61 1.30 12.11 -2.07
C ALA K 61 -0.15 11.87 -1.65
N TRP K 62 -0.86 11.00 -2.36
CA TRP K 62 -2.23 10.66 -1.98
C TRP K 62 -2.27 9.99 -0.61
N LEU K 63 -1.33 9.07 -0.37
CA LEU K 63 -1.30 8.36 0.90
C LEU K 63 -1.00 9.32 2.06
N ILE K 64 -0.04 10.23 1.86
CA ILE K 64 0.27 11.21 2.90
C ILE K 64 -0.90 12.17 3.11
N ALA K 65 -1.62 12.51 2.04
CA ALA K 65 -2.79 13.37 2.18
C ALA K 65 -3.87 12.72 3.04
N LYS K 66 -4.16 11.45 2.79
CA LYS K 66 -5.17 10.75 3.58
C LYS K 66 -4.73 10.59 5.04
N LEU K 67 -3.45 10.24 5.25
CA LEU K 67 -2.94 10.08 6.61
C LEU K 67 -2.96 11.39 7.37
N PHE K 68 -2.67 12.51 6.69
CA PHE K 68 -2.77 13.81 7.33
C PHE K 68 -4.22 14.16 7.62
N ALA K 69 -5.14 13.75 6.76
CA ALA K 69 -6.56 14.02 7.00
C ALA K 69 -7.05 13.35 8.26
N GLU K 70 -6.77 12.05 8.42
CA GLU K 70 -7.32 11.35 9.59
C GLU K 70 -6.47 11.55 10.84
N PHE K 71 -5.16 11.77 10.69
CA PHE K 71 -4.23 11.78 11.81
C PHE K 71 -3.45 13.09 11.86
N ARG K 72 -4.16 14.22 11.88
CA ARG K 72 -3.54 15.53 11.78
C ARG K 72 -2.50 15.78 12.87
N PHE K 73 -1.24 15.86 12.48
CA PHE K 73 -0.12 16.12 13.37
C PHE K 73 0.66 17.31 12.85
N GLU K 74 1.11 18.16 13.76
CA GLU K 74 1.91 19.32 13.36
C GLU K 74 3.27 18.88 12.86
N GLN K 75 3.76 19.54 11.82
CA GLN K 75 5.04 19.19 11.23
C GLN K 75 6.18 19.69 12.09
N ARG K 76 7.07 18.78 12.48
CA ARG K 76 8.25 19.11 13.26
C ARG K 76 9.41 18.26 12.76
N GLU K 77 10.62 18.81 12.84
CA GLU K 77 11.80 18.10 12.41
C GLU K 77 12.41 17.33 13.57
N GLY K 78 12.90 16.13 13.28
CA GLY K 78 13.46 15.29 14.32
C GLY K 78 12.45 14.45 15.08
N ALA K 79 11.26 14.24 14.51
CA ALA K 79 10.20 13.45 15.12
C ALA K 79 9.75 12.37 14.16
N THR K 80 10.72 11.65 13.59
CA THR K 80 10.44 10.61 12.61
C THR K 80 9.70 9.45 13.25
N LEU K 81 9.06 8.64 12.40
CA LEU K 81 8.27 7.50 12.87
C LEU K 81 9.08 6.47 13.65
N PRO K 82 10.27 6.00 13.20
CA PRO K 82 11.00 5.04 14.04
C PRO K 82 11.43 5.59 15.38
N ILE K 83 11.73 6.88 15.48
CA ILE K 83 12.16 7.47 16.75
C ILE K 83 11.03 7.44 17.76
N LEU K 84 9.83 7.83 17.34
CA LEU K 84 8.68 7.83 18.23
C LEU K 84 8.25 6.40 18.57
N MET K 85 8.36 5.48 17.60
CA MET K 85 8.05 4.09 17.90
C MET K 85 9.04 3.50 18.89
N GLY K 86 10.31 3.87 18.80
CA GLY K 86 11.28 3.44 19.78
C GLY K 86 11.04 4.03 21.16
N GLY K 87 10.66 5.30 21.20
CA GLY K 87 10.34 5.93 22.48
C GLY K 87 9.15 5.30 23.16
N ILE K 88 8.12 4.94 22.38
CA ILE K 88 6.95 4.27 22.95
C ILE K 88 7.28 2.85 23.35
N CYS K 89 8.02 2.12 22.51
CA CYS K 89 8.24 0.69 22.71
C CYS K 89 9.05 0.39 23.97
N ARG K 90 9.92 1.31 24.38
CA ARG K 90 10.72 1.10 25.59
C ARG K 90 9.99 1.62 26.83
N LYS K 91 8.73 1.22 26.97
CA LYS K 91 7.96 1.49 28.17
C LYS K 91 7.04 0.34 28.57
N LEU K 92 7.00 -0.73 27.79
CA LEU K 92 6.11 -1.86 28.03
C LEU K 92 6.93 -3.06 28.48
N GLU K 93 6.22 -4.09 28.95
CA GLU K 93 6.88 -5.32 29.34
C GLU K 93 7.44 -6.04 28.11
N PRO K 94 8.57 -6.71 28.24
CA PRO K 94 9.21 -7.35 27.07
C PRO K 94 8.78 -8.77 26.78
N LYS K 95 7.71 -9.26 27.39
CA LYS K 95 7.29 -10.64 27.21
C LYS K 95 6.13 -10.80 26.24
N LYS K 96 5.09 -9.96 26.37
CA LYS K 96 3.90 -10.10 25.53
C LYS K 96 3.67 -8.90 24.62
N GLU K 97 3.57 -7.69 25.18
CA GLU K 97 3.14 -6.53 24.39
C GLU K 97 4.24 -6.08 23.42
N LEU K 98 5.49 -6.03 23.90
CA LEU K 98 6.58 -5.57 23.06
C LEU K 98 6.80 -6.41 21.80
N PRO K 99 6.79 -7.76 21.84
CA PRO K 99 6.85 -8.50 20.57
C PRO K 99 5.69 -8.21 19.63
N ARG K 100 4.50 -7.95 20.16
CA ARG K 100 3.36 -7.64 19.31
C ARG K 100 3.55 -6.31 18.59
N VAL K 101 3.97 -5.27 19.33
CA VAL K 101 4.20 -3.97 18.69
C VAL K 101 5.39 -4.06 17.73
N LEU K 102 6.40 -4.84 18.07
CA LEU K 102 7.55 -5.03 17.19
C LEU K 102 7.15 -5.71 15.88
N ALA K 103 6.27 -6.72 15.97
CA ALA K 103 5.78 -7.38 14.77
C ALA K 103 4.95 -6.44 13.92
N ARG K 104 4.14 -5.60 14.56
CA ARG K 104 3.35 -4.61 13.82
C ARG K 104 4.26 -3.62 13.09
N PHE K 105 5.35 -3.20 13.74
CA PHE K 105 6.28 -2.28 13.09
C PHE K 105 7.05 -2.96 11.98
N ASP K 106 7.38 -4.25 12.14
CA ASP K 106 8.16 -4.98 11.16
C ASP K 106 7.35 -5.49 9.98
N GLN K 107 6.02 -5.46 10.06
CA GLN K 107 5.22 -5.86 8.91
C GLN K 107 5.44 -4.94 7.71
N LEU K 108 5.79 -3.67 7.96
CA LEU K 108 5.89 -2.66 6.91
C LEU K 108 6.99 -2.96 5.89
N ALA K 109 7.99 -3.76 6.24
CA ALA K 109 9.10 -4.01 5.33
C ALA K 109 8.70 -4.91 4.17
N SER K 110 7.62 -5.67 4.30
CA SER K 110 7.20 -6.61 3.26
C SER K 110 6.01 -6.09 2.46
N LEU K 111 5.66 -4.82 2.60
CA LEU K 111 4.52 -4.24 1.90
C LEU K 111 5.01 -3.18 0.92
N ASP K 112 4.32 -3.07 -0.20
CA ASP K 112 4.60 -2.04 -1.18
C ASP K 112 3.82 -0.77 -0.80
N ILE K 113 3.85 0.23 -1.67
CA ILE K 113 3.30 1.53 -1.31
C ILE K 113 1.77 1.58 -1.42
N MET K 114 1.17 0.67 -2.18
CA MET K 114 -0.29 0.68 -2.28
C MET K 114 -0.95 0.12 -1.03
N GLN K 115 -0.43 -0.99 -0.50
CA GLN K 115 -1.01 -1.66 0.65
C GLN K 115 -0.30 -1.25 1.94
N MET K 116 -0.28 0.05 2.20
CA MET K 116 0.43 0.55 3.36
C MET K 116 -0.32 1.67 4.09
N GLU K 117 -1.56 1.96 3.71
CA GLU K 117 -2.32 2.99 4.42
C GLU K 117 -2.78 2.49 5.78
N GLU K 118 -3.22 1.24 5.85
CA GLU K 118 -3.81 0.68 7.06
C GLU K 118 -2.79 0.35 8.16
N PRO K 119 -1.65 -0.32 7.86
CA PRO K 119 -0.64 -0.46 8.93
C PRO K 119 -0.09 0.87 9.43
N LEU K 120 0.11 1.84 8.54
CA LEU K 120 0.56 3.15 8.98
C LEU K 120 -0.51 3.84 9.81
N SER K 121 -1.78 3.63 9.47
CA SER K 121 -2.87 4.15 10.29
C SER K 121 -2.88 3.52 11.67
N VAL K 122 -2.57 2.22 11.75
CA VAL K 122 -2.48 1.54 13.04
C VAL K 122 -1.34 2.11 13.88
N ILE K 123 -0.17 2.31 13.25
CA ILE K 123 0.97 2.87 13.97
C ILE K 123 0.68 4.28 14.46
N MET K 124 0.07 5.11 13.61
CA MET K 124 -0.28 6.46 14.03
C MET K 124 -1.39 6.48 15.06
N GLY K 125 -2.28 5.49 15.07
CA GLY K 125 -3.25 5.39 16.15
C GLY K 125 -2.59 5.05 17.46
N ILE K 126 -1.57 4.19 17.43
CA ILE K 126 -0.77 3.92 18.63
C ILE K 126 -0.07 5.19 19.10
N LEU K 127 0.46 5.98 18.15
CA LEU K 127 1.10 7.25 18.50
C LEU K 127 0.10 8.22 19.12
N ARG K 128 -1.10 8.30 18.56
CA ARG K 128 -2.12 9.22 19.08
C ARG K 128 -2.64 8.79 20.44
N LYS K 129 -2.66 7.48 20.70
CA LYS K 129 -3.10 6.99 22.00
C LYS K 129 -2.13 7.35 23.12
N HIS K 130 -0.87 7.65 22.78
CA HIS K 130 0.16 7.96 23.76
C HIS K 130 0.47 9.45 23.82
N GLN K 131 -0.53 10.29 23.50
CA GLN K 131 -0.45 11.75 23.56
C GLN K 131 0.75 12.31 22.78
N GLN K 132 0.70 12.11 21.48
CA GLN K 132 1.68 12.68 20.56
C GLN K 132 0.99 13.74 19.71
N VAL K 133 1.68 14.86 19.48
CA VAL K 133 1.08 15.97 18.74
C VAL K 133 2.01 16.48 17.65
N CYS K 134 3.08 15.73 17.36
CA CYS K 134 4.04 16.14 16.35
C CYS K 134 4.48 14.94 15.51
N LEU K 135 4.89 15.23 14.29
CA LEU K 135 5.41 14.21 13.38
C LEU K 135 6.22 14.90 12.30
N ASP K 136 7.14 14.14 11.69
CA ASP K 136 7.92 14.60 10.55
C ASP K 136 7.27 14.04 9.29
N TRP K 137 6.43 14.84 8.65
CA TRP K 137 5.76 14.39 7.44
C TRP K 137 6.69 14.37 6.24
N VAL K 138 7.65 15.31 6.18
CA VAL K 138 8.54 15.41 5.03
C VAL K 138 9.46 14.20 4.94
N GLY K 139 10.08 13.84 6.08
CA GLY K 139 10.98 12.69 6.08
C GLY K 139 10.26 11.39 5.77
N LEU K 140 9.05 11.23 6.30
CA LEU K 140 8.24 10.06 5.98
C LEU K 140 7.89 10.03 4.50
N THR K 141 7.58 11.20 3.92
CA THR K 141 7.26 11.25 2.49
C THR K 141 8.46 10.85 1.64
N ASP K 142 9.66 11.34 1.99
CA ASP K 142 10.85 10.95 1.23
C ASP K 142 11.15 9.45 1.39
N VAL K 143 11.01 8.93 2.61
CA VAL K 143 11.27 7.51 2.86
C VAL K 143 10.30 6.65 2.07
N LEU K 144 9.03 7.05 2.02
CA LEU K 144 8.06 6.30 1.23
C LEU K 144 8.31 6.44 -0.27
N SER K 145 8.81 7.61 -0.70
CA SER K 145 9.12 7.79 -2.12
C SER K 145 10.25 6.89 -2.57
N PHE K 146 11.30 6.76 -1.76
CA PHE K 146 12.41 5.85 -2.05
C PHE K 146 12.35 4.73 -1.01
N TRP K 147 11.59 3.68 -1.30
CA TRP K 147 11.29 2.65 -0.31
C TRP K 147 11.87 1.29 -0.66
N GLU K 148 11.83 0.87 -1.92
CA GLU K 148 12.29 -0.48 -2.28
C GLU K 148 13.80 -0.63 -2.21
N GLN K 149 14.54 0.46 -2.05
CA GLN K 149 15.98 0.37 -1.86
C GLN K 149 16.32 -0.24 -0.51
N GLU K 150 17.55 -0.72 -0.40
CA GLU K 150 18.07 -1.29 0.85
C GLU K 150 18.57 -0.24 1.86
N PRO K 151 19.34 0.80 1.47
CA PRO K 151 19.83 1.74 2.50
C PRO K 151 18.73 2.48 3.26
N VAL K 152 17.59 2.75 2.63
CA VAL K 152 16.51 3.43 3.31
C VAL K 152 15.92 2.56 4.41
N LYS K 153 15.72 1.27 4.13
CA LYS K 153 15.24 0.36 5.16
C LYS K 153 16.28 0.13 6.25
N ARG K 154 17.56 0.11 5.86
CA ARG K 154 18.63 0.00 6.84
C ARG K 154 18.64 1.19 7.79
N GLU K 155 18.47 2.40 7.25
CA GLU K 155 18.42 3.59 8.09
C GLU K 155 17.17 3.62 8.96
N TRP K 156 16.04 3.13 8.42
CA TRP K 156 14.81 2.98 9.19
C TRP K 156 15.02 2.12 10.43
N SER K 157 15.57 0.91 10.22
CA SER K 157 15.80 -0.01 11.33
C SER K 157 16.88 0.50 12.27
N ASP K 158 17.90 1.18 11.73
CA ASP K 158 18.95 1.73 12.58
C ASP K 158 18.42 2.84 13.48
N SER K 159 17.55 3.70 12.95
CA SER K 159 16.92 4.72 13.77
C SER K 159 16.04 4.10 14.83
N PHE K 160 15.32 3.03 14.49
CA PHE K 160 14.51 2.34 15.47
C PHE K 160 15.37 1.76 16.59
N ILE K 161 16.50 1.14 16.24
CA ILE K 161 17.38 0.57 17.26
C ILE K 161 17.97 1.68 18.14
N LYS K 162 18.37 2.79 17.52
CA LYS K 162 18.98 3.89 18.28
C LYS K 162 17.97 4.51 19.24
N ALA K 163 16.70 4.59 18.85
CA ALA K 163 15.68 5.08 19.76
C ALA K 163 15.33 4.05 20.84
N TYR K 164 15.39 2.76 20.50
CA TYR K 164 15.00 1.72 21.43
C TYR K 164 16.05 1.45 22.50
N LYS K 165 17.33 1.59 22.17
CA LYS K 165 18.41 1.24 23.09
C LYS K 165 19.05 2.47 23.74
N ILE K 166 18.26 3.46 24.08
CA ILE K 166 18.77 4.63 24.78
C ILE K 166 18.95 4.30 26.26
#